data_9M68
#
_entry.id   9M68
#
_cell.length_a   1.00
_cell.length_b   1.00
_cell.length_c   1.00
_cell.angle_alpha   90.00
_cell.angle_beta   90.00
_cell.angle_gamma   90.00
#
_symmetry.space_group_name_H-M   'P 1'
#
loop_
_entity.id
_entity.type
_entity.pdbx_description
1 polymer 'Flagellar hook-associated protein 2'
2 polymer 'Flagellar hook-associated protein 3'
#
loop_
_entity_poly.entity_id
_entity_poly.type
_entity_poly.pdbx_seq_one_letter_code
_entity_poly.pdbx_strand_id
1 'polypeptide(L)'
;LTDLTKNEKGRLTPITKQQSANSAKLTAYGTLKSALEKFQTANTALNKADLFKSTVASSTTEDLKVSTTAGAAAGTYKIN
VTQLAAAQSLATKTTFATTKEQLGDTSVTSRTIKIEQPGRKEPLEIKLDKGDTSMEAIRDAINDADSGIAASIVKVKENE
FQLVLTANSGTDNTMKITVEGDTKLNDLLAYDSTTNTGNMQELVKAENAKLNVNGIDIERQSNTVTDAPQGITLTLTKKV
TDATVTVTKDDTKAKEAIKSWVDAYNSLVDTFSSLTKYTAVEPGEEASDKNGALLGDSVVRTIQTGIRAQFANSGSNSAF
KTMAEIGITQDGTSGKLKIDDDKLTKVLKDNTAAARELLVGDGKETGITTKIATEVKSYLADDGIIDNAQDNVNATLKSL
TKQYLSVSNSIDETV
;
A,B,D,G,I
2 'polypeptide(L)'
;VLSQAQAQNSQYALARTFATQKVSLEESVLSQVTTAIQTAQEKIVYAGNGTLSDDDRASLATDLQGIRDQLMNLANSTDG
NGRYIFAGYKTEAAPFDQATGGYHGGEKSVTQQVDSARTMVIGHTGAQIFNSITSNAVPEPDGSDSEKNLFVMLDTAIAA
LKTPVEGNNVEKEKAAAAIDKTNRGLKNSLNNVLTVRAELGTQLSELSTLDSLGSDRALGQKL
;
F,C,E,H,J
#
# COMPACT_ATOMS: atom_id res chain seq x y z
N LEU A 1 23.57 61.05 -9.41
CA LEU A 1 24.27 59.86 -8.94
C LEU A 1 23.53 58.60 -9.35
N THR A 2 22.20 58.71 -9.45
CA THR A 2 21.39 57.56 -9.87
C THR A 2 21.71 57.16 -11.30
N ASP A 3 21.92 58.14 -12.18
CA ASP A 3 22.24 57.83 -13.57
C ASP A 3 23.59 57.11 -13.69
N LEU A 4 24.58 57.54 -12.89
CA LEU A 4 25.88 56.87 -12.92
C LEU A 4 25.78 55.43 -12.45
N THR A 5 25.02 55.19 -11.37
CA THR A 5 24.82 53.82 -10.89
C THR A 5 24.06 52.99 -11.92
N LYS A 6 23.09 53.60 -12.59
CA LYS A 6 22.35 52.89 -13.65
C LYS A 6 23.27 52.52 -14.80
N ASN A 7 24.16 53.43 -15.20
CA ASN A 7 25.10 53.11 -16.28
C ASN A 7 26.10 52.04 -15.86
N GLU A 8 26.53 52.08 -14.59
CA GLU A 8 27.39 51.02 -14.08
C GLU A 8 26.69 49.66 -14.11
N LYS A 9 25.41 49.63 -13.71
CA LYS A 9 24.65 48.40 -13.80
C LYS A 9 24.47 47.96 -15.25
N GLY A 10 24.31 48.92 -16.16
CA GLY A 10 24.22 48.56 -17.57
C GLY A 10 25.48 47.93 -18.09
N ARG A 11 26.63 48.48 -17.71
CA ARG A 11 27.90 47.86 -18.09
C ARG A 11 28.07 46.50 -17.44
N LEU A 12 27.63 46.36 -16.18
CA LEU A 12 27.75 45.09 -15.47
C LEU A 12 26.77 44.05 -16.02
N THR A 13 25.73 44.50 -16.74
CA THR A 13 24.73 43.56 -17.25
C THR A 13 25.34 42.45 -18.08
N PRO A 14 26.22 42.71 -19.07
CA PRO A 14 26.97 41.58 -19.64
C PRO A 14 27.82 40.87 -18.61
N ILE A 15 28.41 41.62 -17.67
CA ILE A 15 29.30 41.00 -16.68
C ILE A 15 28.51 40.15 -15.70
N THR A 16 27.38 40.66 -15.21
CA THR A 16 26.59 39.88 -14.26
C THR A 16 25.88 38.73 -14.96
N LYS A 17 25.52 38.92 -16.23
CA LYS A 17 24.96 37.80 -17.01
C LYS A 17 26.01 36.72 -17.20
N GLN A 18 27.27 37.12 -17.42
CA GLN A 18 28.34 36.13 -17.54
C GLN A 18 28.60 35.46 -16.20
N GLN A 19 28.43 36.18 -15.09
CA GLN A 19 28.59 35.58 -13.78
C GLN A 19 27.51 34.53 -13.53
N SER A 20 26.26 34.87 -13.86
CA SER A 20 25.18 33.88 -13.73
C SER A 20 25.39 32.71 -14.68
N ALA A 21 25.90 32.98 -15.87
CA ALA A 21 26.21 31.89 -16.80
C ALA A 21 27.32 31.01 -16.28
N ASN A 22 28.31 31.59 -15.58
CA ASN A 22 29.38 30.80 -15.00
C ASN A 22 28.86 29.94 -13.86
N SER A 23 27.96 30.49 -13.04
CA SER A 23 27.33 29.69 -11.99
C SER A 23 26.52 28.54 -12.60
N ALA A 24 25.78 28.83 -13.68
CA ALA A 24 25.02 27.78 -14.35
C ALA A 24 25.95 26.74 -14.96
N LYS A 25 27.09 27.18 -15.50
CA LYS A 25 28.08 26.25 -16.04
C LYS A 25 28.65 25.36 -14.96
N LEU A 26 28.92 25.93 -13.78
CA LEU A 26 29.44 25.13 -12.68
C LEU A 26 28.41 24.12 -12.20
N THR A 27 27.15 24.52 -12.10
CA THR A 27 26.09 23.57 -11.74
C THR A 27 25.94 22.49 -12.81
N ALA A 28 26.04 22.88 -14.08
CA ALA A 28 25.98 21.91 -15.17
C ALA A 28 27.14 20.94 -15.10
N TYR A 29 28.34 21.42 -14.77
CA TYR A 29 29.48 20.53 -14.62
C TYR A 29 29.29 19.58 -13.45
N GLY A 30 28.73 20.06 -12.34
CA GLY A 30 28.46 19.18 -11.22
C GLY A 30 27.46 18.09 -11.58
N THR A 31 26.36 18.47 -12.24
CA THR A 31 25.36 17.49 -12.65
C THR A 31 25.93 16.52 -13.69
N LEU A 32 26.73 17.03 -14.62
CA LEU A 32 27.35 16.19 -15.63
C LEU A 32 28.32 15.20 -15.01
N LYS A 33 29.09 15.64 -14.01
CA LYS A 33 30.00 14.73 -13.33
C LYS A 33 29.22 13.69 -12.53
N SER A 34 28.10 14.08 -11.92
CA SER A 34 27.28 13.11 -11.22
C SER A 34 26.74 12.05 -12.18
N ALA A 35 26.21 12.48 -13.33
CA ALA A 35 25.70 11.53 -14.31
C ALA A 35 26.82 10.67 -14.90
N LEU A 36 27.97 11.29 -15.15
CA LEU A 36 29.11 10.55 -15.69
C LEU A 36 29.61 9.51 -14.70
N GLU A 37 29.59 9.82 -13.40
CA GLU A 37 30.03 8.85 -12.42
C GLU A 37 29.00 7.75 -12.22
N LYS A 38 27.72 8.07 -12.36
CA LYS A 38 26.71 7.02 -12.40
C LYS A 38 26.94 6.09 -13.58
N PHE A 39 27.25 6.66 -14.74
CA PHE A 39 27.53 5.83 -15.91
C PHE A 39 28.80 5.01 -15.71
N GLN A 40 29.82 5.58 -15.06
CA GLN A 40 31.03 4.83 -14.78
C GLN A 40 30.75 3.67 -13.83
N THR A 41 29.89 3.90 -12.85
CA THR A 41 29.46 2.82 -11.96
C THR A 41 28.77 1.71 -12.75
N ALA A 42 27.86 2.07 -13.64
CA ALA A 42 27.16 1.07 -14.45
C ALA A 42 28.14 0.33 -15.35
N ASN A 43 29.07 1.05 -15.97
CA ASN A 43 30.05 0.44 -16.86
C ASN A 43 30.93 -0.56 -16.12
N THR A 44 31.42 -0.18 -14.94
CA THR A 44 32.26 -1.08 -14.17
C THR A 44 31.46 -2.28 -13.66
N ALA A 45 30.18 -2.06 -13.33
CA ALA A 45 29.31 -3.18 -12.99
C ALA A 45 29.18 -4.15 -14.16
N LEU A 46 29.21 -3.62 -15.39
CA LEU A 46 29.21 -4.50 -16.56
C LEU A 46 30.56 -5.14 -16.79
N ASN A 47 31.65 -4.51 -16.34
CA ASN A 47 32.99 -4.99 -16.68
C ASN A 47 33.33 -6.31 -16.00
N LYS A 48 32.54 -6.74 -15.01
CA LYS A 48 32.82 -8.00 -14.34
C LYS A 48 32.40 -9.18 -15.22
N ALA A 49 33.28 -10.15 -15.37
CA ALA A 49 33.05 -11.28 -16.27
C ALA A 49 32.25 -12.41 -15.65
N ASP A 50 32.23 -12.52 -14.32
CA ASP A 50 31.54 -13.64 -13.67
C ASP A 50 30.04 -13.62 -13.93
N LEU A 51 29.50 -12.50 -14.41
CA LEU A 51 28.08 -12.47 -14.75
C LEU A 51 27.79 -13.40 -15.92
N PHE A 52 28.74 -13.55 -16.84
CA PHE A 52 28.51 -14.42 -17.99
C PHE A 52 28.67 -15.89 -17.62
N LYS A 53 29.47 -16.18 -16.60
CA LYS A 53 29.56 -17.53 -16.05
C LYS A 53 28.72 -17.62 -14.77
N SER A 54 27.40 -17.66 -14.97
CA SER A 54 26.45 -17.70 -13.87
C SER A 54 25.51 -18.88 -14.07
N THR A 55 25.32 -19.66 -13.01
CA THR A 55 24.48 -20.85 -13.06
C THR A 55 23.69 -20.96 -11.76
N VAL A 56 22.65 -21.78 -11.78
CA VAL A 56 21.85 -22.05 -10.61
C VAL A 56 21.68 -23.55 -10.47
N ALA A 57 21.70 -24.03 -9.23
CA ALA A 57 21.66 -25.45 -8.95
C ALA A 57 20.44 -25.80 -8.12
N SER A 58 19.97 -27.03 -8.29
CA SER A 58 18.82 -27.54 -7.56
C SER A 58 19.09 -28.98 -7.17
N SER A 59 18.46 -29.41 -6.08
CA SER A 59 18.61 -30.76 -5.55
C SER A 59 17.25 -31.41 -5.41
N THR A 60 17.20 -32.72 -5.64
CA THR A 60 15.95 -33.46 -5.47
C THR A 60 15.61 -33.62 -3.99
N THR A 61 16.58 -34.01 -3.18
CA THR A 61 16.38 -34.29 -1.77
C THR A 61 16.53 -33.02 -0.96
N GLU A 62 15.77 -32.93 0.13
CA GLU A 62 15.88 -31.78 1.02
C GLU A 62 17.06 -31.92 1.98
N ASP A 63 17.51 -33.16 2.23
CA ASP A 63 18.62 -33.38 3.15
C ASP A 63 19.91 -32.74 2.62
N LEU A 64 20.18 -32.91 1.34
CA LEU A 64 21.35 -32.29 0.73
C LEU A 64 21.02 -30.87 0.30
N LYS A 65 21.94 -29.94 0.57
CA LYS A 65 21.78 -28.56 0.13
C LYS A 65 22.90 -28.20 -0.82
N VAL A 66 22.60 -27.43 -1.85
CA VAL A 66 23.55 -27.12 -2.90
C VAL A 66 23.54 -25.61 -3.17
N SER A 67 24.72 -25.02 -3.28
CA SER A 67 24.90 -23.63 -3.66
C SER A 67 25.98 -23.58 -4.73
N THR A 68 25.92 -22.55 -5.58
CA THR A 68 26.82 -22.48 -6.73
C THR A 68 27.66 -21.21 -6.66
N THR A 69 28.97 -21.39 -6.52
CA THR A 69 29.92 -20.31 -6.74
C THR A 69 30.12 -20.10 -8.23
N ALA A 70 30.53 -18.90 -8.61
CA ALA A 70 30.71 -18.58 -10.02
C ALA A 70 31.79 -19.47 -10.64
N GLY A 71 31.55 -19.87 -11.89
CA GLY A 71 32.47 -20.71 -12.61
C GLY A 71 32.08 -22.17 -12.75
N ALA A 72 30.92 -22.55 -12.22
CA ALA A 72 30.49 -23.94 -12.32
C ALA A 72 30.09 -24.28 -13.75
N ALA A 73 30.21 -25.56 -14.10
CA ALA A 73 29.79 -26.06 -15.41
C ALA A 73 28.45 -26.76 -15.27
N ALA A 74 27.55 -26.53 -16.21
CA ALA A 74 26.22 -27.10 -16.14
C ALA A 74 26.27 -28.61 -16.27
N GLY A 75 25.32 -29.30 -15.64
CA GLY A 75 25.31 -30.74 -15.72
C GLY A 75 24.39 -31.32 -14.67
N THR A 76 24.42 -32.64 -14.55
CA THR A 76 23.74 -33.36 -13.48
C THR A 76 24.74 -34.27 -12.77
N TYR A 77 24.67 -34.29 -11.45
CA TYR A 77 25.59 -35.06 -10.63
C TYR A 77 24.81 -36.02 -9.74
N LYS A 78 25.33 -37.24 -9.62
CA LYS A 78 24.73 -38.26 -8.78
C LYS A 78 25.57 -38.40 -7.52
N ILE A 79 24.96 -38.15 -6.37
CA ILE A 79 25.68 -37.97 -5.11
C ILE A 79 25.22 -39.02 -4.12
N ASN A 80 26.17 -39.71 -3.51
CA ASN A 80 25.92 -40.69 -2.45
C ASN A 80 26.75 -40.28 -1.24
N VAL A 81 26.09 -39.94 -0.14
CA VAL A 81 26.76 -39.48 1.07
C VAL A 81 26.92 -40.69 1.98
N THR A 82 28.06 -41.36 1.87
CA THR A 82 28.29 -42.57 2.67
C THR A 82 28.35 -42.26 4.16
N GLN A 83 29.06 -41.20 4.55
CA GLN A 83 29.32 -40.93 5.95
C GLN A 83 29.14 -39.45 6.23
N LEU A 84 29.15 -39.10 7.51
CA LEU A 84 29.04 -37.73 7.96
C LEU A 84 30.13 -37.45 8.99
N ALA A 85 30.62 -36.22 9.00
CA ALA A 85 31.73 -35.87 9.88
C ALA A 85 31.22 -35.48 11.25
N ALA A 86 31.99 -35.85 12.27
CA ALA A 86 31.63 -35.57 13.66
C ALA A 86 32.85 -35.09 14.40
N ALA A 87 32.60 -34.32 15.46
CA ALA A 87 33.64 -33.66 16.22
C ALA A 87 33.83 -34.35 17.57
N GLN A 88 35.07 -34.61 17.93
CA GLN A 88 35.36 -35.33 19.17
C GLN A 88 34.80 -34.56 20.36
N SER A 89 34.32 -35.28 21.37
CA SER A 89 33.88 -34.66 22.60
C SER A 89 34.45 -35.42 23.78
N LEU A 90 34.91 -34.69 24.79
CA LEU A 90 35.54 -35.28 25.96
C LEU A 90 34.81 -34.78 27.21
N ALA A 91 34.41 -35.70 28.07
CA ALA A 91 33.70 -35.34 29.28
C ALA A 91 34.45 -35.87 30.50
N THR A 92 34.44 -35.09 31.58
CA THR A 92 35.13 -35.49 32.79
C THR A 92 34.49 -36.76 33.34
N LYS A 93 35.32 -37.63 33.92
CA LYS A 93 34.83 -38.93 34.37
C LYS A 93 33.88 -38.79 35.56
N THR A 94 34.10 -37.78 36.40
CA THR A 94 33.30 -37.62 37.59
C THR A 94 32.26 -36.51 37.41
N THR A 95 31.48 -36.28 38.47
CA THR A 95 30.47 -35.23 38.51
C THR A 95 30.69 -34.38 39.75
N PHE A 96 30.45 -33.08 39.63
CA PHE A 96 30.73 -32.14 40.70
C PHE A 96 29.45 -31.57 41.28
N ALA A 97 29.53 -31.19 42.56
CA ALA A 97 28.34 -30.72 43.28
C ALA A 97 27.81 -29.43 42.67
N THR A 98 28.68 -28.50 42.31
CA THR A 98 28.26 -27.25 41.71
C THR A 98 29.43 -26.60 40.99
N THR A 99 29.12 -25.65 40.11
CA THR A 99 30.17 -24.98 39.34
C THR A 99 31.09 -24.17 40.24
N LYS A 100 30.51 -23.50 41.25
CA LYS A 100 31.30 -22.61 42.09
C LYS A 100 32.36 -23.35 42.88
N GLU A 101 32.20 -24.65 43.07
CA GLU A 101 33.21 -25.44 43.77
C GLU A 101 34.52 -25.44 42.99
N GLN A 102 35.63 -25.28 43.71
CA GLN A 102 36.95 -25.19 43.08
C GLN A 102 37.46 -26.59 42.78
N LEU A 103 37.97 -26.79 41.55
CA LEU A 103 38.39 -28.11 41.12
C LEU A 103 39.87 -28.35 41.43
N GLY A 104 40.73 -27.40 41.09
CA GLY A 104 42.16 -27.61 41.22
C GLY A 104 42.71 -27.25 42.59
N ASP A 105 44.03 -27.35 42.70
CA ASP A 105 44.70 -27.09 43.98
C ASP A 105 44.76 -25.60 44.26
N THR A 106 44.59 -25.25 45.53
CA THR A 106 44.55 -23.84 45.92
C THR A 106 45.94 -23.22 45.98
N SER A 107 46.96 -24.02 46.34
CA SER A 107 48.28 -23.47 46.59
C SER A 107 48.89 -22.86 45.34
N VAL A 108 48.74 -23.51 44.19
CA VAL A 108 49.36 -23.06 42.95
C VAL A 108 48.70 -21.76 42.53
N THR A 109 49.52 -20.82 42.00
CA THR A 109 48.98 -19.52 41.62
C THR A 109 48.88 -19.37 40.10
N SER A 110 49.68 -20.13 39.34
CA SER A 110 49.70 -20.03 37.89
C SER A 110 49.45 -21.40 37.28
N ARG A 111 48.51 -21.45 36.33
CA ARG A 111 48.05 -22.71 35.73
C ARG A 111 48.11 -22.58 34.22
N THR A 112 48.53 -23.64 33.53
CA THR A 112 48.53 -23.64 32.07
C THR A 112 47.86 -24.91 31.57
N ILE A 113 47.09 -24.77 30.50
CA ILE A 113 46.47 -25.90 29.81
C ILE A 113 47.04 -25.94 28.40
N LYS A 114 47.77 -27.00 28.07
CA LYS A 114 48.41 -27.16 26.78
C LYS A 114 47.64 -28.20 25.99
N ILE A 115 47.05 -27.77 24.87
CA ILE A 115 46.24 -28.62 24.02
C ILE A 115 46.94 -28.74 22.68
N GLU A 116 47.30 -29.96 22.31
CA GLU A 116 48.04 -30.24 21.09
C GLU A 116 47.18 -31.07 20.15
N GLN A 117 47.02 -30.60 18.92
CA GLN A 117 46.23 -31.27 17.91
C GLN A 117 47.09 -31.56 16.68
N PRO A 118 46.75 -32.60 15.90
CA PRO A 118 47.44 -32.77 14.61
C PRO A 118 47.21 -31.61 13.66
N GLY A 119 46.14 -30.86 13.84
CA GLY A 119 45.83 -29.79 12.89
C GLY A 119 46.74 -28.59 13.02
N ARG A 120 46.97 -28.12 14.24
CA ARG A 120 47.71 -26.88 14.44
C ARG A 120 49.19 -27.16 14.72
N LYS A 121 50.04 -26.25 14.25
CA LYS A 121 51.48 -26.42 14.39
C LYS A 121 51.93 -26.22 15.83
N GLU A 122 51.50 -25.14 16.47
CA GLU A 122 51.96 -24.79 17.80
C GLU A 122 50.87 -25.07 18.83
N PRO A 123 51.17 -25.83 19.89
CA PRO A 123 50.13 -26.19 20.86
C PRO A 123 49.52 -24.96 21.52
N LEU A 124 48.23 -25.04 21.82
CA LEU A 124 47.53 -23.93 22.43
C LEU A 124 47.78 -23.90 23.94
N GLU A 125 48.02 -22.70 24.46
CA GLU A 125 48.24 -22.48 25.89
C GLU A 125 47.10 -21.65 26.46
N ILE A 126 46.48 -22.15 27.52
CA ILE A 126 45.44 -21.45 28.24
C ILE A 126 45.98 -21.07 29.61
N LYS A 127 45.84 -19.80 29.98
CA LYS A 127 46.41 -19.24 31.20
C LYS A 127 45.32 -19.10 32.25
N LEU A 128 45.59 -19.60 33.45
CA LEU A 128 44.66 -19.50 34.57
C LEU A 128 45.38 -18.93 35.78
N ASP A 129 44.73 -18.01 36.48
CA ASP A 129 45.26 -17.40 37.68
C ASP A 129 45.07 -18.33 38.88
N LYS A 130 45.29 -17.79 40.07
CA LYS A 130 45.22 -18.60 41.29
C LYS A 130 43.79 -19.02 41.60
N GLY A 131 42.84 -18.10 41.49
CA GLY A 131 41.47 -18.35 41.90
C GLY A 131 40.53 -18.83 40.82
N ASP A 132 41.05 -19.35 39.70
CA ASP A 132 40.23 -19.71 38.57
C ASP A 132 40.01 -21.21 38.41
N THR A 133 40.22 -22.00 39.47
CA THR A 133 39.88 -23.42 39.39
C THR A 133 38.39 -23.67 39.32
N SER A 134 37.56 -22.64 39.51
CA SER A 134 36.13 -22.79 39.37
C SER A 134 35.77 -23.21 37.95
N MET A 135 34.78 -24.09 37.85
CA MET A 135 34.43 -24.68 36.55
C MET A 135 33.99 -23.63 35.56
N GLU A 136 33.24 -22.62 36.03
CA GLU A 136 32.87 -21.52 35.15
C GLU A 136 34.10 -20.75 34.68
N ALA A 137 35.11 -20.60 35.54
CA ALA A 137 36.33 -19.92 35.15
C ALA A 137 37.06 -20.68 34.05
N ILE A 138 37.13 -22.01 34.16
CA ILE A 138 37.78 -22.81 33.13
C ILE A 138 37.01 -22.72 31.81
N ARG A 139 35.68 -22.78 31.89
CA ARG A 139 34.89 -22.62 30.67
C ARG A 139 35.16 -21.28 30.00
N ASP A 140 35.20 -20.21 30.79
CA ASP A 140 35.43 -18.88 30.20
C ASP A 140 36.85 -18.76 29.66
N ALA A 141 37.83 -19.36 30.33
CA ALA A 141 39.20 -19.33 29.82
C ALA A 141 39.30 -20.03 28.48
N ILE A 142 38.69 -21.22 28.36
CA ILE A 142 38.81 -21.98 27.12
C ILE A 142 37.99 -21.34 26.01
N ASN A 143 36.86 -20.72 26.34
CA ASN A 143 36.06 -20.08 25.29
C ASN A 143 36.68 -18.78 24.81
N ASP A 144 37.21 -17.96 25.73
CA ASP A 144 37.64 -16.61 25.36
C ASP A 144 38.90 -16.64 24.51
N ALA A 145 39.66 -17.74 24.55
CA ALA A 145 40.83 -17.85 23.70
C ALA A 145 40.45 -17.94 22.24
N ASP A 146 39.22 -18.36 21.94
CA ASP A 146 38.71 -18.42 20.57
C ASP A 146 39.61 -19.25 19.66
N SER A 147 40.02 -20.42 20.13
CA SER A 147 40.93 -21.27 19.40
C SER A 147 40.24 -22.34 18.56
N GLY A 148 38.92 -22.43 18.59
CA GLY A 148 38.20 -23.49 17.93
C GLY A 148 37.76 -24.61 18.86
N ILE A 149 38.28 -24.67 20.07
CA ILE A 149 37.90 -25.66 21.08
C ILE A 149 36.85 -25.01 21.98
N ALA A 150 35.67 -25.64 22.06
CA ALA A 150 34.55 -25.08 22.80
C ALA A 150 34.32 -25.89 24.06
N ALA A 151 34.38 -25.23 25.22
CA ALA A 151 34.11 -25.87 26.50
C ALA A 151 32.71 -25.50 26.96
N SER A 152 32.04 -26.44 27.60
CA SER A 152 30.65 -26.30 28.01
C SER A 152 30.41 -27.05 29.30
N ILE A 153 29.30 -26.72 29.96
CA ILE A 153 28.92 -27.37 31.21
C ILE A 153 27.53 -27.97 31.03
N VAL A 154 27.41 -29.26 31.34
CA VAL A 154 26.17 -30.00 31.21
C VAL A 154 25.83 -30.56 32.57
N LYS A 155 24.67 -30.19 33.11
CA LYS A 155 24.21 -30.73 34.37
C LYS A 155 23.38 -31.99 34.09
N VAL A 156 23.89 -33.14 34.51
CA VAL A 156 23.20 -34.40 34.22
C VAL A 156 21.85 -34.44 34.92
N LYS A 157 21.82 -34.04 36.19
CA LYS A 157 20.57 -33.90 36.91
C LYS A 157 20.80 -32.90 38.04
N GLU A 158 19.75 -32.65 38.81
CA GLU A 158 19.81 -31.63 39.84
C GLU A 158 20.93 -31.94 40.84
N ASN A 159 21.81 -30.96 41.03
CA ASN A 159 22.98 -30.98 41.92
C ASN A 159 24.13 -31.82 41.40
N GLU A 160 24.25 -32.02 40.08
CA GLU A 160 25.41 -32.69 39.49
C GLU A 160 25.78 -31.98 38.19
N PHE A 161 27.07 -31.78 37.96
CA PHE A 161 27.55 -31.06 36.80
C PHE A 161 28.72 -31.79 36.17
N GLN A 162 28.90 -31.59 34.86
CA GLN A 162 29.98 -32.19 34.08
C GLN A 162 30.54 -31.15 33.11
N LEU A 163 31.81 -31.30 32.80
CA LEU A 163 32.53 -30.41 31.88
C LEU A 163 32.79 -31.15 30.58
N VAL A 164 32.48 -30.50 29.45
CA VAL A 164 32.58 -31.12 28.14
C VAL A 164 33.44 -30.23 27.25
N LEU A 165 34.43 -30.82 26.60
CA LEU A 165 35.29 -30.12 25.66
C LEU A 165 35.04 -30.68 24.28
N THR A 166 34.68 -29.83 23.33
CA THR A 166 34.36 -30.26 21.98
C THR A 166 35.30 -29.58 20.99
N ALA A 167 35.98 -30.39 20.17
CA ALA A 167 36.85 -29.85 19.14
C ALA A 167 36.02 -29.54 17.89
N ASN A 168 36.71 -29.28 16.79
CA ASN A 168 36.03 -29.06 15.52
C ASN A 168 35.84 -30.38 14.78
N SER A 169 35.03 -30.31 13.72
CA SER A 169 34.76 -31.47 12.90
C SER A 169 36.01 -31.93 12.16
N GLY A 170 36.26 -33.24 12.19
CA GLY A 170 37.38 -33.81 11.46
C GLY A 170 38.23 -34.71 12.33
N THR A 171 39.01 -35.57 11.68
CA THR A 171 39.86 -36.49 12.42
C THR A 171 41.26 -35.94 12.59
N ASP A 172 41.56 -34.78 12.01
CA ASP A 172 42.82 -34.11 12.27
C ASP A 172 42.74 -33.29 13.55
N ASN A 173 41.53 -33.00 14.00
CA ASN A 173 41.31 -32.17 15.18
C ASN A 173 40.99 -33.04 16.39
N THR A 174 41.96 -33.87 16.79
CA THR A 174 41.84 -34.70 17.98
C THR A 174 42.73 -34.14 19.07
N MET A 175 42.12 -33.77 20.19
CA MET A 175 42.82 -33.06 21.25
C MET A 175 43.77 -33.97 22.01
N LYS A 176 44.89 -33.40 22.45
CA LYS A 176 45.79 -34.02 23.41
C LYS A 176 46.04 -32.99 24.51
N ILE A 177 45.50 -33.25 25.70
CA ILE A 177 45.41 -32.25 26.76
C ILE A 177 46.41 -32.58 27.84
N THR A 178 47.17 -31.58 28.29
CA THR A 178 48.07 -31.71 29.42
C THR A 178 48.04 -30.42 30.23
N VAL A 179 47.88 -30.54 31.55
CA VAL A 179 47.86 -29.38 32.44
C VAL A 179 49.23 -29.26 33.09
N GLU A 180 49.81 -28.06 32.99
CA GLU A 180 51.16 -27.80 33.49
C GLU A 180 51.10 -26.75 34.58
N GLY A 181 51.85 -26.99 35.66
CA GLY A 181 51.89 -26.11 36.81
C GLY A 181 51.04 -26.57 37.98
N ASP A 182 50.08 -27.46 37.74
CA ASP A 182 49.17 -27.93 38.77
C ASP A 182 49.02 -29.44 38.64
N THR A 183 48.85 -30.13 39.77
CA THR A 183 48.77 -31.58 39.72
C THR A 183 47.32 -32.07 39.80
N LYS A 184 46.47 -31.37 40.54
CA LYS A 184 45.07 -31.76 40.64
C LYS A 184 44.35 -31.54 39.32
N LEU A 185 44.56 -30.38 38.70
CA LEU A 185 43.92 -30.09 37.43
C LEU A 185 44.38 -31.07 36.35
N ASN A 186 45.67 -31.42 36.37
CA ASN A 186 46.17 -32.44 35.46
C ASN A 186 45.53 -33.79 35.76
N ASP A 187 45.30 -34.09 37.04
CA ASP A 187 44.61 -35.32 37.39
C ASP A 187 43.19 -35.33 36.85
N LEU A 188 42.59 -34.14 36.70
CA LEU A 188 41.20 -34.07 36.24
C LEU A 188 41.12 -33.87 34.72
N LEU A 189 42.07 -33.13 34.14
CA LEU A 189 42.09 -32.86 32.70
C LEU A 189 43.37 -33.45 32.10
N ALA A 190 43.28 -34.68 31.62
CA ALA A 190 44.43 -35.35 31.01
C ALA A 190 43.94 -36.38 30.01
N TYR A 191 44.27 -36.18 28.73
CA TYR A 191 43.89 -37.11 27.68
C TYR A 191 44.99 -37.19 26.65
N ASP A 192 45.35 -38.42 26.26
CA ASP A 192 46.30 -38.67 25.19
C ASP A 192 45.55 -39.38 24.07
N SER A 193 45.17 -38.63 23.04
CA SER A 193 44.34 -39.21 21.98
C SER A 193 45.13 -40.13 21.08
N THR A 194 46.45 -39.96 21.03
CA THR A 194 47.29 -40.85 20.23
C THR A 194 47.24 -42.27 20.78
N THR A 195 47.31 -42.42 22.10
CA THR A 195 47.20 -43.72 22.75
C THR A 195 45.79 -44.02 23.25
N ASN A 196 44.85 -43.07 23.09
CA ASN A 196 43.45 -43.27 23.44
C ASN A 196 43.24 -43.60 24.92
N THR A 197 44.02 -42.99 25.80
CA THR A 197 43.87 -43.18 27.24
C THR A 197 44.02 -41.84 27.94
N GLY A 198 43.32 -41.68 29.06
CA GLY A 198 43.40 -40.44 29.81
C GLY A 198 42.36 -40.42 30.91
N ASN A 199 42.37 -39.33 31.68
CA ASN A 199 41.43 -39.19 32.78
C ASN A 199 40.03 -38.83 32.30
N MET A 200 39.93 -38.10 31.19
CA MET A 200 38.64 -37.82 30.59
C MET A 200 38.19 -39.01 29.75
N GLN A 201 36.90 -39.04 29.42
CA GLN A 201 36.35 -40.08 28.58
C GLN A 201 35.81 -39.45 27.30
N GLU A 202 35.81 -40.23 26.22
CA GLU A 202 35.42 -39.76 24.90
C GLU A 202 33.96 -40.14 24.67
N LEU A 203 33.11 -39.14 24.47
CA LEU A 203 31.70 -39.40 24.21
C LEU A 203 31.42 -39.55 22.73
N VAL A 204 31.98 -38.67 21.91
CA VAL A 204 31.78 -38.67 20.47
C VAL A 204 33.14 -38.75 19.81
N LYS A 205 33.25 -39.65 18.83
CA LYS A 205 34.50 -39.94 18.13
C LYS A 205 34.55 -39.16 16.81
N ALA A 206 35.75 -38.81 16.39
CA ALA A 206 35.93 -37.92 15.25
C ALA A 206 35.92 -38.71 13.94
N GLU A 207 35.26 -38.16 12.93
CA GLU A 207 35.11 -38.84 11.66
C GLU A 207 35.19 -37.83 10.51
N ASN A 208 35.59 -38.33 9.35
CA ASN A 208 35.68 -37.55 8.12
C ASN A 208 34.41 -37.74 7.31
N ALA A 209 33.99 -36.70 6.60
CA ALA A 209 32.91 -36.86 5.65
C ALA A 209 33.40 -37.65 4.45
N LYS A 210 32.59 -38.59 3.98
CA LYS A 210 32.92 -39.38 2.81
C LYS A 210 31.71 -39.44 1.90
N LEU A 211 31.89 -39.02 0.66
CA LEU A 211 30.81 -39.09 -0.31
C LEU A 211 31.38 -39.55 -1.65
N ASN A 212 30.51 -39.58 -2.66
CA ASN A 212 30.84 -40.12 -3.97
C ASN A 212 30.07 -39.32 -4.99
N VAL A 213 30.78 -38.59 -5.84
CA VAL A 213 30.18 -37.73 -6.84
C VAL A 213 30.54 -38.28 -8.21
N ASN A 214 29.53 -38.74 -8.96
CA ASN A 214 29.68 -39.26 -10.32
C ASN A 214 30.78 -40.32 -10.39
N GLY A 215 30.83 -41.18 -9.39
CA GLY A 215 31.81 -42.25 -9.39
C GLY A 215 33.18 -41.88 -8.90
N ILE A 216 33.36 -40.69 -8.33
CA ILE A 216 34.64 -40.29 -7.75
C ILE A 216 34.47 -40.19 -6.24
N ASP A 217 35.39 -40.80 -5.50
CA ASP A 217 35.31 -40.82 -4.05
C ASP A 217 35.94 -39.55 -3.45
N ILE A 218 35.18 -38.88 -2.58
CA ILE A 218 35.58 -37.61 -1.99
C ILE A 218 35.62 -37.79 -0.48
N GLU A 219 36.70 -37.37 0.15
CA GLU A 219 36.83 -37.40 1.61
C GLU A 219 37.23 -36.03 2.11
N ARG A 220 36.44 -35.49 3.04
CA ARG A 220 36.65 -34.16 3.58
C ARG A 220 36.66 -34.22 5.10
N GLN A 221 37.04 -33.10 5.72
CA GLN A 221 37.10 -32.98 7.16
C GLN A 221 35.83 -32.39 7.76
N SER A 222 34.90 -31.92 6.93
CA SER A 222 33.73 -31.21 7.42
C SER A 222 32.53 -31.57 6.57
N ASN A 223 31.36 -31.07 6.96
CA ASN A 223 30.13 -31.34 6.24
C ASN A 223 29.81 -30.29 5.20
N THR A 224 30.76 -29.41 4.87
CA THR A 224 30.61 -28.46 3.78
C THR A 224 31.67 -28.78 2.74
N VAL A 225 31.27 -29.49 1.69
CA VAL A 225 32.16 -29.92 0.63
C VAL A 225 32.12 -28.87 -0.47
N THR A 226 33.29 -28.42 -0.94
CA THR A 226 33.28 -27.27 -1.88
C THR A 226 34.03 -27.51 -3.20
N ASP A 227 35.09 -28.32 -3.20
CA ASP A 227 35.91 -28.42 -4.44
C ASP A 227 35.56 -29.61 -5.33
N ALA A 228 34.45 -30.31 -5.08
CA ALA A 228 34.03 -31.39 -6.01
C ALA A 228 32.62 -31.10 -6.51
N PRO A 229 32.38 -30.92 -7.83
CA PRO A 229 33.34 -30.29 -8.74
C PRO A 229 33.64 -28.83 -8.38
N GLN A 230 34.79 -28.28 -8.81
CA GLN A 230 35.16 -26.91 -8.39
C GLN A 230 34.04 -25.93 -8.76
N GLY A 231 33.56 -25.15 -7.79
CA GLY A 231 32.47 -24.19 -8.02
C GLY A 231 31.11 -24.67 -7.52
N ILE A 232 31.04 -25.79 -6.81
CA ILE A 232 29.75 -26.25 -6.22
C ILE A 232 29.94 -26.52 -4.72
N THR A 233 29.20 -25.82 -3.85
CA THR A 233 29.28 -26.00 -2.42
C THR A 233 28.11 -26.86 -1.94
N LEU A 234 28.43 -28.01 -1.34
CA LEU A 234 27.42 -28.95 -0.87
C LEU A 234 27.41 -28.95 0.65
N THR A 235 26.23 -28.79 1.23
CA THR A 235 26.03 -28.94 2.66
C THR A 235 25.34 -30.27 2.90
N LEU A 236 25.99 -31.14 3.66
CA LEU A 236 25.52 -32.49 3.95
C LEU A 236 24.81 -32.46 5.30
N THR A 237 23.59 -32.98 5.34
CA THR A 237 22.85 -33.05 6.60
C THR A 237 22.65 -34.48 7.09
N LYS A 238 22.31 -35.40 6.18
CA LYS A 238 22.14 -36.81 6.53
C LYS A 238 22.58 -37.67 5.36
N LYS A 239 22.78 -38.95 5.63
CA LYS A 239 23.19 -39.88 4.58
C LYS A 239 22.11 -39.99 3.51
N VAL A 240 22.56 -40.02 2.25
CA VAL A 240 21.68 -39.96 1.10
C VAL A 240 22.12 -41.05 0.13
N THR A 241 21.18 -41.51 -0.70
CA THR A 241 21.47 -42.47 -1.77
C THR A 241 20.96 -41.92 -3.09
N ASP A 242 21.86 -41.83 -4.07
CA ASP A 242 21.52 -41.48 -5.45
C ASP A 242 20.74 -40.17 -5.54
N ALA A 243 21.20 -39.14 -4.83
CA ALA A 243 20.62 -37.83 -5.03
C ALA A 243 21.09 -37.25 -6.35
N THR A 244 20.28 -36.36 -6.92
CA THR A 244 20.62 -35.71 -8.18
C THR A 244 20.70 -34.21 -7.95
N VAL A 245 21.82 -33.63 -8.37
CA VAL A 245 22.02 -32.18 -8.33
C VAL A 245 22.12 -31.70 -9.76
N THR A 246 21.25 -30.78 -10.15
CA THR A 246 21.21 -30.27 -11.51
C THR A 246 21.63 -28.81 -11.52
N VAL A 247 22.64 -28.49 -12.32
CA VAL A 247 23.14 -27.14 -12.48
C VAL A 247 22.84 -26.68 -13.89
N THR A 248 22.11 -25.58 -14.02
CA THR A 248 21.70 -25.05 -15.31
C THR A 248 22.07 -23.57 -15.41
N LYS A 249 22.40 -23.14 -16.62
CA LYS A 249 22.91 -21.79 -16.81
C LYS A 249 21.78 -20.77 -16.82
N ASP A 250 21.98 -19.68 -16.07
CA ASP A 250 21.06 -18.56 -16.05
C ASP A 250 21.78 -17.30 -16.48
N ASP A 251 21.12 -16.50 -17.33
CA ASP A 251 21.69 -15.27 -17.87
C ASP A 251 21.00 -14.01 -17.35
N THR A 252 20.25 -14.11 -16.26
CA THR A 252 19.54 -12.95 -15.73
C THR A 252 20.51 -11.86 -15.29
N LYS A 253 21.60 -12.24 -14.64
CA LYS A 253 22.54 -11.23 -14.12
C LYS A 253 23.12 -10.39 -15.23
N ALA A 254 23.53 -11.02 -16.33
CA ALA A 254 24.12 -10.28 -17.44
C ALA A 254 23.10 -9.35 -18.09
N LYS A 255 21.86 -9.82 -18.28
CA LYS A 255 20.86 -8.98 -18.92
C LYS A 255 20.48 -7.80 -18.04
N GLU A 256 20.39 -8.01 -16.72
CA GLU A 256 20.14 -6.89 -15.82
C GLU A 256 21.28 -5.87 -15.86
N ALA A 257 22.52 -6.35 -15.87
CA ALA A 257 23.65 -5.42 -15.95
C ALA A 257 23.63 -4.63 -17.25
N ILE A 258 23.34 -5.30 -18.36
CA ILE A 258 23.28 -4.61 -19.65
C ILE A 258 22.16 -3.58 -19.66
N LYS A 259 20.98 -3.95 -19.12
CA LYS A 259 19.86 -3.03 -19.09
C LYS A 259 20.16 -1.79 -18.25
N SER A 260 20.78 -1.99 -17.08
CA SER A 260 21.13 -0.84 -16.25
C SER A 260 22.19 0.01 -16.93
N TRP A 261 23.13 -0.61 -17.63
CA TRP A 261 24.14 0.16 -18.37
C TRP A 261 23.48 1.00 -19.46
N VAL A 262 22.53 0.42 -20.19
CA VAL A 262 21.82 1.15 -21.23
C VAL A 262 21.01 2.30 -20.64
N ASP A 263 20.34 2.06 -19.51
CA ASP A 263 19.57 3.11 -18.85
C ASP A 263 20.47 4.25 -18.41
N ALA A 264 21.63 3.93 -17.82
CA ALA A 264 22.55 4.97 -17.41
C ALA A 264 23.04 5.77 -18.62
N TYR A 265 23.33 5.08 -19.73
CA TYR A 265 23.75 5.79 -20.93
C TYR A 265 22.67 6.72 -21.45
N ASN A 266 21.41 6.25 -21.44
CA ASN A 266 20.31 7.08 -21.91
C ASN A 266 20.14 8.31 -21.02
N SER A 267 20.26 8.15 -19.70
CA SER A 267 20.19 9.30 -18.82
C SER A 267 21.33 10.28 -19.08
N LEU A 268 22.54 9.75 -19.31
CA LEU A 268 23.66 10.61 -19.62
C LEU A 268 23.42 11.39 -20.91
N VAL A 269 22.87 10.73 -21.93
CA VAL A 269 22.60 11.40 -23.20
C VAL A 269 21.51 12.46 -23.03
N ASP A 270 20.51 12.17 -22.20
CA ASP A 270 19.49 13.18 -21.92
C ASP A 270 20.10 14.42 -21.28
N THR A 271 20.98 14.23 -20.30
CA THR A 271 21.65 15.37 -19.67
C THR A 271 22.52 16.11 -20.68
N PHE A 272 23.25 15.37 -21.53
CA PHE A 272 24.11 16.01 -22.52
C PHE A 272 23.29 16.84 -23.51
N SER A 273 22.14 16.34 -23.93
CA SER A 273 21.28 17.10 -24.84
C SER A 273 20.68 18.30 -24.13
N SER A 274 20.34 18.16 -22.85
CA SER A 274 19.80 19.29 -22.10
C SER A 274 20.82 20.41 -21.98
N LEU A 275 22.10 20.06 -21.79
CA LEU A 275 23.14 21.09 -21.74
C LEU A 275 23.29 21.80 -23.07
N THR A 276 22.87 21.15 -24.15
CA THR A 276 22.88 21.78 -25.48
C THR A 276 21.49 22.21 -25.93
N LYS A 277 20.51 22.25 -25.04
CA LYS A 277 19.16 22.66 -25.41
C LYS A 277 19.16 24.11 -25.89
N TYR A 278 18.49 24.34 -27.02
CA TYR A 278 18.43 25.67 -27.61
C TYR A 278 17.02 25.93 -28.10
N THR A 279 16.58 27.18 -27.96
CA THR A 279 15.24 27.61 -28.37
C THR A 279 15.37 28.68 -29.43
N ALA A 280 14.81 28.42 -30.61
CA ALA A 280 14.85 29.39 -31.69
C ALA A 280 13.79 30.48 -31.48
N VAL A 281 14.15 31.71 -31.82
CA VAL A 281 13.25 32.86 -31.70
C VAL A 281 12.89 33.32 -33.10
N GLU A 282 11.58 33.25 -33.42
CA GLU A 282 11.13 33.65 -34.75
C GLU A 282 11.35 35.14 -35.04
N PRO A 283 10.94 36.08 -34.17
CA PRO A 283 11.19 37.49 -34.52
C PRO A 283 12.64 37.91 -34.40
N GLY A 284 13.39 37.33 -33.46
CA GLY A 284 14.79 37.64 -33.31
C GLY A 284 15.18 38.28 -32.00
N GLU A 285 14.25 38.50 -31.08
CA GLU A 285 14.61 39.03 -29.77
C GLU A 285 15.38 38.00 -28.97
N GLU A 286 16.35 38.47 -28.19
CA GLU A 286 17.24 37.60 -27.42
C GLU A 286 16.80 37.58 -25.96
N ALA A 287 16.53 36.38 -25.44
CA ALA A 287 16.21 36.17 -24.05
C ALA A 287 16.88 34.88 -23.58
N SER A 288 16.87 34.66 -22.26
CA SER A 288 17.48 33.44 -21.72
C SER A 288 16.81 32.20 -22.29
N ASP A 289 15.55 31.97 -21.93
CA ASP A 289 14.72 30.90 -22.51
C ASP A 289 15.44 29.54 -22.51
N LYS A 290 16.41 29.37 -21.61
CA LYS A 290 17.24 28.18 -21.50
C LYS A 290 17.99 27.86 -22.78
N ASN A 291 18.14 28.83 -23.69
CA ASN A 291 18.77 28.54 -24.98
C ASN A 291 20.29 28.43 -24.85
N GLY A 292 20.91 29.26 -24.00
CA GLY A 292 22.35 29.25 -23.89
C GLY A 292 22.90 27.96 -23.33
N ALA A 293 22.65 27.71 -22.04
CA ALA A 293 23.07 26.48 -21.36
C ALA A 293 24.57 26.28 -21.58
N LEU A 294 25.00 25.17 -22.19
CA LEU A 294 26.41 24.88 -22.41
C LEU A 294 26.73 24.76 -23.89
N LEU A 295 26.16 25.64 -24.71
CA LEU A 295 26.39 25.56 -26.15
C LEU A 295 27.81 26.01 -26.50
N GLY A 296 28.40 25.34 -27.48
CA GLY A 296 29.73 25.67 -27.95
C GLY A 296 30.87 25.10 -27.16
N ASP A 297 30.59 24.32 -26.10
CA ASP A 297 31.65 23.74 -25.30
C ASP A 297 32.18 22.48 -25.95
N SER A 298 33.51 22.37 -26.05
CA SER A 298 34.11 21.22 -26.71
C SER A 298 34.13 20.01 -25.80
N VAL A 299 33.88 20.20 -24.50
CA VAL A 299 33.95 19.09 -23.55
C VAL A 299 32.88 18.05 -23.87
N VAL A 300 31.63 18.49 -24.04
CA VAL A 300 30.55 17.55 -24.31
C VAL A 300 30.78 16.86 -25.66
N ARG A 301 31.26 17.61 -26.64
CA ARG A 301 31.57 17.03 -27.95
C ARG A 301 32.60 15.93 -27.82
N THR A 302 33.69 16.19 -27.08
CA THR A 302 34.75 15.21 -26.94
C THR A 302 34.26 13.98 -26.21
N ILE A 303 33.48 14.17 -25.14
CA ILE A 303 32.97 13.03 -24.38
C ILE A 303 32.10 12.15 -25.27
N GLN A 304 31.14 12.75 -25.97
CA GLN A 304 30.24 11.97 -26.81
C GLN A 304 31.00 11.27 -27.93
N THR A 305 31.93 11.97 -28.58
CA THR A 305 32.69 11.36 -29.66
C THR A 305 33.52 10.18 -29.15
N GLY A 306 34.16 10.33 -28.00
CA GLY A 306 34.96 9.25 -27.46
C GLY A 306 34.13 8.02 -27.12
N ILE A 307 32.99 8.23 -26.45
CA ILE A 307 32.15 7.10 -26.09
C ILE A 307 31.62 6.40 -27.35
N ARG A 308 31.12 7.18 -28.31
CA ARG A 308 30.55 6.58 -29.51
C ARG A 308 31.61 5.88 -30.34
N ALA A 309 32.85 6.40 -30.33
CA ALA A 309 33.94 5.69 -30.99
C ALA A 309 34.21 4.38 -30.30
N GLN A 310 34.17 4.36 -28.97
CA GLN A 310 34.38 3.11 -28.24
C GLN A 310 33.26 2.11 -28.46
N PHE A 311 32.07 2.57 -28.85
CA PHE A 311 31.00 1.63 -29.21
C PHE A 311 31.44 0.66 -30.30
N ALA A 312 32.30 1.10 -31.20
CA ALA A 312 32.87 0.19 -32.20
C ALA A 312 34.10 -0.49 -31.62
N ASN A 313 34.01 -1.80 -31.41
CA ASN A 313 35.07 -2.51 -30.71
C ASN A 313 36.30 -2.67 -31.60
N SER A 314 37.45 -2.82 -30.94
CA SER A 314 38.73 -3.00 -31.62
C SER A 314 39.37 -4.29 -31.12
N GLY A 315 39.82 -5.12 -32.06
CA GLY A 315 40.49 -6.37 -31.71
C GLY A 315 39.61 -7.37 -31.02
N SER A 316 38.35 -7.48 -31.43
CA SER A 316 37.46 -8.46 -30.84
C SER A 316 37.55 -9.78 -31.60
N ASN A 317 37.84 -10.86 -30.88
CA ASN A 317 37.99 -12.16 -31.53
C ASN A 317 36.64 -12.75 -31.91
N SER A 318 35.56 -12.24 -31.30
CA SER A 318 34.23 -12.77 -31.58
C SER A 318 33.78 -12.39 -32.99
N ALA A 319 32.81 -13.15 -33.50
CA ALA A 319 32.26 -12.85 -34.81
C ALA A 319 31.58 -11.48 -34.82
N PHE A 320 30.88 -11.16 -33.73
CA PHE A 320 30.23 -9.86 -33.63
C PHE A 320 31.28 -8.76 -33.52
N LYS A 321 31.11 -7.71 -34.32
CA LYS A 321 32.03 -6.57 -34.31
C LYS A 321 31.40 -5.31 -33.73
N THR A 322 30.10 -5.31 -33.48
CA THR A 322 29.43 -4.16 -32.89
C THR A 322 28.36 -4.64 -31.92
N MET A 323 27.62 -3.69 -31.38
CA MET A 323 26.62 -4.01 -30.37
C MET A 323 25.26 -4.35 -30.99
N ALA A 324 25.14 -4.24 -32.31
CA ALA A 324 23.86 -4.55 -32.96
C ALA A 324 23.51 -6.03 -32.82
N GLU A 325 24.51 -6.91 -32.96
CA GLU A 325 24.24 -8.35 -32.92
C GLU A 325 23.71 -8.76 -31.56
N ILE A 326 24.27 -8.20 -30.48
CA ILE A 326 23.79 -8.52 -29.15
C ILE A 326 22.35 -8.06 -28.96
N GLY A 327 21.97 -7.00 -29.67
CA GLY A 327 20.59 -6.53 -29.66
C GLY A 327 20.40 -5.11 -29.19
N ILE A 328 21.45 -4.32 -28.99
CA ILE A 328 21.32 -2.94 -28.56
C ILE A 328 21.58 -2.05 -29.77
N THR A 329 20.52 -1.38 -30.24
CA THR A 329 20.59 -0.53 -31.42
C THR A 329 20.03 0.84 -31.08
N GLN A 330 20.45 1.84 -31.85
CA GLN A 330 20.08 3.23 -31.58
C GLN A 330 19.20 3.76 -32.70
N ASP A 331 18.12 4.44 -32.32
CA ASP A 331 17.30 5.13 -33.30
C ASP A 331 18.08 6.27 -33.94
N GLY A 332 17.94 6.41 -35.26
CA GLY A 332 18.72 7.41 -35.97
C GLY A 332 18.43 8.82 -35.51
N THR A 333 17.15 9.15 -35.36
CA THR A 333 16.78 10.52 -34.98
C THR A 333 17.12 10.79 -33.52
N SER A 334 16.79 9.87 -32.62
CA SER A 334 16.96 10.14 -31.20
C SER A 334 18.42 10.04 -30.78
N GLY A 335 19.15 9.06 -31.32
CA GLY A 335 20.51 8.83 -30.89
C GLY A 335 20.66 8.14 -29.55
N LYS A 336 19.62 7.44 -29.09
CA LYS A 336 19.62 6.78 -27.80
C LYS A 336 19.51 5.27 -28.00
N LEU A 337 20.05 4.51 -27.06
CA LEU A 337 20.08 3.06 -27.20
C LEU A 337 18.78 2.43 -26.73
N LYS A 338 18.37 1.37 -27.43
CA LYS A 338 17.24 0.54 -27.04
C LYS A 338 17.55 -0.90 -27.43
N ILE A 339 16.98 -1.85 -26.69
CA ILE A 339 17.30 -3.26 -26.85
C ILE A 339 16.06 -4.04 -27.22
N ASP A 340 16.27 -5.20 -27.83
CA ASP A 340 15.20 -6.17 -28.08
C ASP A 340 15.42 -7.38 -27.19
N ASP A 341 14.47 -7.64 -26.29
CA ASP A 341 14.68 -8.63 -25.24
C ASP A 341 14.81 -10.04 -25.82
N ASP A 342 14.01 -10.38 -26.83
CA ASP A 342 14.02 -11.73 -27.37
C ASP A 342 15.37 -12.07 -28.01
N LYS A 343 15.87 -11.19 -28.88
CA LYS A 343 17.15 -11.44 -29.53
C LYS A 343 18.29 -11.45 -28.52
N LEU A 344 18.26 -10.53 -27.55
CA LEU A 344 19.30 -10.49 -26.53
C LEU A 344 19.32 -11.79 -25.73
N THR A 345 18.14 -12.26 -25.32
CA THR A 345 18.06 -13.50 -24.56
C THR A 345 18.56 -14.69 -25.39
N LYS A 346 18.17 -14.74 -26.67
CA LYS A 346 18.64 -15.83 -27.50
C LYS A 346 20.15 -15.81 -27.66
N VAL A 347 20.72 -14.63 -27.88
CA VAL A 347 22.18 -14.52 -28.04
C VAL A 347 22.89 -14.94 -26.76
N LEU A 348 22.35 -14.53 -25.61
CA LEU A 348 22.96 -14.96 -24.34
C LEU A 348 22.88 -16.47 -24.19
N LYS A 349 21.77 -17.08 -24.61
CA LYS A 349 21.62 -18.52 -24.47
C LYS A 349 22.56 -19.29 -25.39
N ASP A 350 22.71 -18.84 -26.64
CA ASP A 350 23.47 -19.62 -27.61
C ASP A 350 24.97 -19.38 -27.46
N ASN A 351 25.40 -18.11 -27.52
CA ASN A 351 26.81 -17.76 -27.49
C ASN A 351 27.07 -16.78 -26.34
N THR A 352 27.34 -17.33 -25.16
CA THR A 352 27.67 -16.48 -24.02
C THR A 352 29.15 -16.11 -24.01
N ALA A 353 30.00 -17.03 -24.46
CA ALA A 353 31.43 -16.75 -24.52
C ALA A 353 31.74 -15.61 -25.49
N ALA A 354 31.10 -15.62 -26.65
CA ALA A 354 31.32 -14.55 -27.63
C ALA A 354 30.88 -13.20 -27.06
N ALA A 355 29.71 -13.15 -26.43
CA ALA A 355 29.25 -11.90 -25.83
C ALA A 355 30.18 -11.43 -24.74
N ARG A 356 30.67 -12.35 -23.91
CA ARG A 356 31.57 -11.98 -22.83
C ARG A 356 32.88 -11.41 -23.39
N GLU A 357 33.42 -12.05 -24.41
CA GLU A 357 34.69 -11.58 -24.96
C GLU A 357 34.50 -10.34 -25.83
N LEU A 358 33.25 -10.05 -26.21
CA LEU A 358 32.99 -8.79 -26.90
C LEU A 358 32.87 -7.63 -25.90
N LEU A 359 32.07 -7.81 -24.86
CA LEU A 359 31.80 -6.72 -23.93
C LEU A 359 32.90 -6.63 -22.88
N VAL A 360 33.03 -7.68 -22.07
CA VAL A 360 34.08 -7.69 -21.04
C VAL A 360 35.45 -7.84 -21.68
N GLY A 361 35.57 -8.74 -22.65
CA GLY A 361 36.84 -8.98 -23.29
C GLY A 361 37.83 -9.58 -22.31
N ASP A 362 39.12 -9.31 -22.55
CA ASP A 362 40.14 -9.78 -21.63
C ASP A 362 40.04 -9.07 -20.28
N GLY A 363 39.33 -7.95 -20.23
CA GLY A 363 39.17 -7.20 -19.00
C GLY A 363 40.23 -6.14 -18.75
N LYS A 364 41.24 -6.04 -19.61
CA LYS A 364 42.31 -5.08 -19.39
C LYS A 364 42.32 -4.00 -20.47
N GLU A 365 42.42 -4.40 -21.74
CA GLU A 365 42.53 -3.45 -22.84
C GLU A 365 41.74 -3.87 -24.07
N THR A 366 40.98 -4.97 -24.01
CA THR A 366 40.24 -5.45 -25.15
C THR A 366 38.77 -5.65 -24.78
N GLY A 367 37.89 -5.08 -25.57
CA GLY A 367 36.46 -5.15 -25.31
C GLY A 367 35.84 -3.77 -25.21
N ILE A 368 34.55 -3.70 -25.52
CA ILE A 368 33.83 -2.42 -25.51
C ILE A 368 33.84 -1.82 -24.10
N THR A 369 33.43 -2.63 -23.12
CA THR A 369 33.26 -2.11 -21.76
C THR A 369 34.58 -1.65 -21.17
N THR A 370 35.65 -2.43 -21.36
CA THR A 370 36.93 -2.06 -20.77
C THR A 370 37.52 -0.83 -21.45
N LYS A 371 37.33 -0.69 -22.78
CA LYS A 371 37.82 0.51 -23.45
C LYS A 371 37.04 1.74 -23.02
N ILE A 372 35.72 1.60 -22.88
CA ILE A 372 34.91 2.72 -22.37
C ILE A 372 35.39 3.11 -20.98
N ALA A 373 35.61 2.12 -20.11
CA ALA A 373 36.07 2.43 -18.75
C ALA A 373 37.44 3.09 -18.76
N THR A 374 38.34 2.61 -19.62
CA THR A 374 39.68 3.19 -19.69
C THR A 374 39.63 4.64 -20.14
N GLU A 375 38.87 4.94 -21.19
CA GLU A 375 38.82 6.32 -21.68
C GLU A 375 38.09 7.23 -20.69
N VAL A 376 37.03 6.73 -20.07
CA VAL A 376 36.33 7.55 -19.07
C VAL A 376 37.24 7.84 -17.89
N LYS A 377 38.00 6.84 -17.44
CA LYS A 377 38.95 7.06 -16.35
C LYS A 377 40.03 8.05 -16.75
N SER A 378 40.51 7.96 -18.00
CA SER A 378 41.48 8.94 -18.48
C SER A 378 40.90 10.35 -18.44
N TYR A 379 39.63 10.49 -18.83
CA TYR A 379 38.98 11.79 -18.77
C TYR A 379 38.87 12.30 -17.34
N LEU A 380 38.55 11.41 -16.40
CA LEU A 380 38.26 11.85 -15.04
C LEU A 380 39.52 11.98 -14.19
N ALA A 381 40.56 11.19 -14.48
CA ALA A 381 41.68 11.08 -13.54
C ALA A 381 42.49 12.36 -13.46
N ASP A 382 43.14 12.74 -14.56
CA ASP A 382 43.97 13.93 -14.56
C ASP A 382 44.28 14.31 -16.00
N ASP A 383 44.24 15.63 -16.27
CA ASP A 383 44.46 16.18 -17.60
C ASP A 383 43.49 15.60 -18.63
N GLY A 384 42.46 14.88 -18.16
CA GLY A 384 41.45 14.38 -19.05
C GLY A 384 40.43 15.43 -19.38
N ILE A 385 39.73 15.22 -20.50
CA ILE A 385 38.93 16.29 -21.10
C ILE A 385 37.94 16.86 -20.10
N ILE A 386 37.32 16.00 -19.29
CA ILE A 386 36.39 16.50 -18.29
C ILE A 386 37.13 16.98 -17.05
N ASP A 387 38.21 16.29 -16.66
CA ASP A 387 38.98 16.76 -15.51
C ASP A 387 39.82 17.98 -15.85
N ASN A 388 40.46 17.97 -17.02
CA ASN A 388 41.12 19.18 -17.49
C ASN A 388 40.11 20.30 -17.73
N ALA A 389 38.90 19.94 -18.14
CA ALA A 389 37.84 20.93 -18.27
C ALA A 389 37.50 21.54 -16.92
N GLN A 390 37.38 20.70 -15.89
CA GLN A 390 37.11 21.21 -14.55
C GLN A 390 38.23 22.13 -14.08
N ASP A 391 39.48 21.72 -14.31
CA ASP A 391 40.62 22.54 -13.90
C ASP A 391 40.64 23.88 -14.63
N ASN A 392 40.48 23.85 -15.95
CA ASN A 392 40.54 25.06 -16.75
C ASN A 392 39.37 25.99 -16.45
N VAL A 393 38.19 25.42 -16.26
CA VAL A 393 37.01 26.24 -15.96
C VAL A 393 37.07 26.76 -14.52
N ASN A 394 37.77 26.05 -13.64
CA ASN A 394 37.98 26.58 -12.29
C ASN A 394 38.97 27.74 -12.31
N ALA A 395 40.02 27.63 -13.12
CA ALA A 395 40.93 28.76 -13.32
C ALA A 395 40.19 29.93 -13.96
N THR A 396 39.33 29.64 -14.93
CA THR A 396 38.51 30.69 -15.55
C THR A 396 37.56 31.31 -14.53
N LEU A 397 37.01 30.50 -13.63
CA LEU A 397 36.14 31.02 -12.58
C LEU A 397 36.91 31.93 -11.63
N LYS A 398 38.14 31.55 -11.28
CA LYS A 398 38.97 32.41 -10.44
C LYS A 398 39.27 33.73 -11.13
N SER A 399 39.63 33.67 -12.42
CA SER A 399 39.89 34.89 -13.18
C SER A 399 38.64 35.75 -13.28
N LEU A 400 37.48 35.11 -13.48
CA LEU A 400 36.23 35.85 -13.60
C LEU A 400 35.81 36.46 -12.27
N THR A 401 36.11 35.76 -11.16
CA THR A 401 35.83 36.32 -9.83
C THR A 401 36.72 37.53 -9.57
N LYS A 402 37.99 37.45 -9.96
CA LYS A 402 38.85 38.62 -9.90
C LYS A 402 38.30 39.74 -10.77
N GLN A 403 37.74 39.39 -11.93
CA GLN A 403 37.12 40.39 -12.80
C GLN A 403 35.92 41.04 -12.13
N TYR A 404 35.09 40.24 -11.45
CA TYR A 404 33.93 40.79 -10.75
C TYR A 404 34.36 41.70 -9.62
N LEU A 405 35.42 41.34 -8.91
CA LEU A 405 35.97 42.23 -7.89
C LEU A 405 36.47 43.53 -8.51
N SER A 406 37.11 43.44 -9.68
CA SER A 406 37.55 44.64 -10.38
C SER A 406 36.36 45.50 -10.81
N VAL A 407 35.27 44.86 -11.23
CA VAL A 407 34.07 45.61 -11.61
C VAL A 407 33.46 46.30 -10.40
N SER A 408 33.46 45.62 -9.25
CA SER A 408 33.00 46.26 -8.01
C SER A 408 33.87 47.45 -7.67
N ASN A 409 35.19 47.32 -7.81
CA ASN A 409 36.08 48.45 -7.58
C ASN A 409 35.79 49.59 -8.55
N SER A 410 35.51 49.27 -9.81
CA SER A 410 35.17 50.29 -10.80
C SER A 410 33.87 51.00 -10.44
N ILE A 411 32.90 50.25 -9.94
CA ILE A 411 31.65 50.87 -9.47
C ILE A 411 31.94 51.81 -8.31
N ASP A 412 32.79 51.38 -7.37
CA ASP A 412 33.14 52.25 -6.25
C ASP A 412 33.83 53.53 -6.73
N GLU A 413 34.76 53.40 -7.68
CA GLU A 413 35.49 54.57 -8.17
C GLU A 413 34.57 55.52 -8.93
N THR A 414 33.71 54.98 -9.81
CA THR A 414 32.81 55.82 -10.58
C THR A 414 31.79 56.51 -9.67
N VAL A 415 31.25 55.79 -8.69
CA VAL A 415 30.29 56.36 -7.76
C VAL A 415 31.01 57.11 -6.65
N VAL B 1 26.31 62.92 -27.75
CA VAL B 1 26.68 62.00 -28.82
C VAL B 1 26.67 60.57 -28.32
N LEU B 2 26.22 60.39 -27.07
CA LEU B 2 26.11 59.05 -26.50
C LEU B 2 25.13 58.19 -27.29
N SER B 3 23.98 58.77 -27.66
CA SER B 3 22.91 57.99 -28.29
C SER B 3 23.35 57.43 -29.64
N GLN B 4 24.05 58.23 -30.45
CA GLN B 4 24.39 57.79 -31.80
C GLN B 4 25.44 56.66 -31.78
N ALA B 5 26.48 56.82 -30.99
CA ALA B 5 27.50 55.77 -30.90
C ALA B 5 26.92 54.53 -30.24
N GLN B 6 26.04 54.71 -29.24
CA GLN B 6 25.37 53.56 -28.65
C GLN B 6 24.48 52.84 -29.67
N ALA B 7 23.85 53.60 -30.56
CA ALA B 7 23.03 52.98 -31.60
C ALA B 7 23.87 52.23 -32.62
N GLN B 8 25.05 52.77 -32.95
CA GLN B 8 25.98 52.05 -33.82
C GLN B 8 26.45 50.74 -33.18
N ASN B 9 26.85 50.81 -31.91
CA ASN B 9 27.23 49.59 -31.20
C ASN B 9 26.04 48.65 -31.07
N SER B 10 24.83 49.19 -30.99
CA SER B 10 23.65 48.35 -30.83
C SER B 10 23.26 47.67 -32.14
N GLN B 11 23.54 48.32 -33.27
CA GLN B 11 23.25 47.66 -34.55
C GLN B 11 24.30 46.59 -34.85
N TYR B 12 25.56 46.85 -34.50
CA TYR B 12 26.53 45.75 -34.49
C TYR B 12 26.11 44.65 -33.53
N ALA B 13 25.51 45.01 -32.39
CA ALA B 13 25.07 44.02 -31.42
C ALA B 13 23.90 43.21 -31.96
N LEU B 14 23.00 43.84 -32.72
CA LEU B 14 21.91 43.11 -33.35
C LEU B 14 22.44 42.14 -34.40
N ALA B 15 23.43 42.58 -35.19
CA ALA B 15 24.11 41.66 -36.10
C ALA B 15 24.73 40.50 -35.34
N ARG B 16 25.34 40.79 -34.18
CA ARG B 16 25.91 39.75 -33.35
C ARG B 16 24.84 38.77 -32.86
N THR B 17 23.69 39.29 -32.42
CA THR B 17 22.63 38.41 -31.92
C THR B 17 22.10 37.51 -33.02
N PHE B 18 21.90 38.07 -34.22
CA PHE B 18 21.47 37.23 -35.34
C PHE B 18 22.52 36.19 -35.67
N ALA B 19 23.80 36.56 -35.65
CA ALA B 19 24.86 35.61 -35.91
C ALA B 19 24.89 34.51 -34.84
N THR B 20 24.71 34.88 -33.57
CA THR B 20 24.71 33.88 -32.50
C THR B 20 23.52 32.93 -32.63
N GLN B 21 22.35 33.45 -32.97
CA GLN B 21 21.21 32.57 -33.19
C GLN B 21 21.46 31.63 -34.36
N LYS B 22 22.05 32.15 -35.44
CA LYS B 22 22.35 31.33 -36.59
C LYS B 22 23.35 30.23 -36.25
N VAL B 23 24.38 30.57 -35.49
CA VAL B 23 25.41 29.58 -35.18
C VAL B 23 24.94 28.62 -34.10
N SER B 24 23.96 29.04 -33.28
CA SER B 24 23.34 28.10 -32.36
C SER B 24 22.52 27.06 -33.12
N LEU B 25 21.77 27.51 -34.13
CA LEU B 25 21.11 26.56 -35.02
C LEU B 25 22.13 25.67 -35.72
N GLU B 26 23.27 26.25 -36.10
CA GLU B 26 24.36 25.46 -36.69
C GLU B 26 24.85 24.39 -35.72
N GLU B 27 25.01 24.75 -34.46
CA GLU B 27 25.46 23.78 -33.46
C GLU B 27 24.45 22.65 -33.30
N SER B 28 23.17 22.97 -33.23
CA SER B 28 22.15 21.92 -33.11
C SER B 28 22.16 21.00 -34.32
N VAL B 29 22.16 21.58 -35.52
CA VAL B 29 22.12 20.78 -36.73
C VAL B 29 23.39 19.94 -36.85
N LEU B 30 24.54 20.51 -36.51
CA LEU B 30 25.79 19.77 -36.62
C LEU B 30 25.89 18.67 -35.57
N SER B 31 25.28 18.88 -34.39
CA SER B 31 25.21 17.81 -33.40
C SER B 31 24.38 16.64 -33.93
N GLN B 32 23.25 16.98 -34.56
CA GLN B 32 22.42 15.91 -35.16
C GLN B 32 23.20 15.31 -36.32
N VAL B 33 24.03 16.12 -36.98
CA VAL B 33 24.91 15.55 -38.06
C VAL B 33 25.87 14.55 -37.42
N THR B 34 26.45 14.90 -36.27
CA THR B 34 27.42 14.00 -35.58
C THR B 34 26.72 12.70 -35.14
N THR B 35 25.50 12.80 -34.60
CA THR B 35 24.79 11.59 -34.12
C THR B 35 24.53 10.68 -35.33
N ALA B 36 24.17 11.26 -36.48
CA ALA B 36 23.88 10.46 -37.68
C ALA B 36 25.16 9.81 -38.20
N ILE B 37 26.26 10.56 -38.26
CA ILE B 37 27.52 10.02 -38.75
C ILE B 37 27.96 8.84 -37.89
N GLN B 38 27.80 8.96 -36.56
CA GLN B 38 28.17 7.86 -35.69
C GLN B 38 27.30 6.64 -35.94
N THR B 39 25.99 6.85 -36.15
CA THR B 39 25.11 5.74 -36.49
C THR B 39 25.53 5.09 -37.80
N ALA B 40 25.91 5.91 -38.78
CA ALA B 40 26.38 5.37 -40.06
C ALA B 40 27.66 4.57 -39.88
N GLN B 41 28.58 5.04 -39.05
CA GLN B 41 29.81 4.30 -38.78
C GLN B 41 29.50 2.96 -38.13
N GLU B 42 28.57 2.94 -37.17
CA GLU B 42 28.18 1.68 -36.56
C GLU B 42 27.58 0.74 -37.60
N LYS B 43 26.74 1.27 -38.49
CA LYS B 43 26.14 0.44 -39.53
C LYS B 43 27.19 -0.14 -40.47
N ILE B 44 28.18 0.67 -40.84
CA ILE B 44 29.22 0.20 -41.74
C ILE B 44 30.09 -0.85 -41.06
N VAL B 45 30.40 -0.66 -39.77
CA VAL B 45 31.18 -1.66 -39.05
C VAL B 45 30.40 -2.97 -38.95
N TYR B 46 29.09 -2.88 -38.73
CA TYR B 46 28.24 -4.07 -38.81
C TYR B 46 28.37 -4.72 -40.19
N ALA B 47 28.31 -3.91 -41.25
CA ALA B 47 28.53 -4.43 -42.60
C ALA B 47 29.97 -4.86 -42.82
N GLY B 48 30.89 -4.48 -41.94
CA GLY B 48 32.28 -4.86 -42.10
C GLY B 48 32.52 -6.35 -41.94
N ASN B 49 31.51 -7.09 -41.47
CA ASN B 49 31.65 -8.53 -41.30
C ASN B 49 31.95 -9.21 -42.62
N GLY B 50 32.81 -10.22 -42.58
CA GLY B 50 33.22 -10.88 -43.82
C GLY B 50 32.08 -11.60 -44.51
N THR B 51 31.25 -12.31 -43.75
CA THR B 51 30.14 -13.06 -44.29
C THR B 51 28.82 -12.42 -43.87
N LEU B 52 27.91 -12.25 -44.83
CA LEU B 52 26.58 -11.73 -44.57
C LEU B 52 25.63 -12.27 -45.65
N SER B 53 24.35 -12.33 -45.30
CA SER B 53 23.34 -12.73 -46.26
C SER B 53 22.88 -11.53 -47.08
N ASP B 54 22.13 -11.82 -48.14
CA ASP B 54 21.60 -10.75 -48.98
C ASP B 54 20.60 -9.89 -48.22
N ASP B 55 19.78 -10.52 -47.36
CA ASP B 55 18.82 -9.77 -46.56
C ASP B 55 19.53 -8.81 -45.62
N ASP B 56 20.63 -9.25 -45.00
CA ASP B 56 21.35 -8.40 -44.06
C ASP B 56 21.89 -7.16 -44.74
N ARG B 57 22.52 -7.32 -45.91
CA ARG B 57 23.07 -6.18 -46.62
C ARG B 57 21.97 -5.29 -47.17
N ALA B 58 20.86 -5.87 -47.61
CA ALA B 58 19.73 -5.05 -48.06
C ALA B 58 19.17 -4.21 -46.92
N SER B 59 19.04 -4.80 -45.73
CA SER B 59 18.57 -4.05 -44.57
C SER B 59 19.55 -2.96 -44.18
N LEU B 60 20.85 -3.26 -44.24
CA LEU B 60 21.84 -2.23 -43.96
C LEU B 60 21.75 -1.10 -44.97
N ALA B 61 21.54 -1.43 -46.25
CA ALA B 61 21.42 -0.42 -47.30
C ALA B 61 20.20 0.47 -47.08
N THR B 62 19.06 -0.12 -46.72
CA THR B 62 17.88 0.71 -46.51
C THR B 62 18.01 1.56 -45.24
N ASP B 63 18.66 1.03 -44.20
CA ASP B 63 18.93 1.83 -43.01
C ASP B 63 19.85 3.00 -43.34
N LEU B 64 20.87 2.75 -44.17
CA LEU B 64 21.76 3.84 -44.59
C LEU B 64 21.01 4.86 -45.43
N GLN B 65 20.08 4.40 -46.27
CA GLN B 65 19.26 5.32 -47.04
C GLN B 65 18.43 6.21 -46.12
N GLY B 66 17.85 5.63 -45.07
CA GLY B 66 17.14 6.44 -44.09
C GLY B 66 18.05 7.45 -43.40
N ILE B 67 19.27 7.01 -43.06
CA ILE B 67 20.22 7.92 -42.43
C ILE B 67 20.57 9.08 -43.35
N ARG B 68 20.79 8.79 -44.64
CA ARG B 68 21.03 9.87 -45.59
C ARG B 68 19.82 10.79 -45.71
N ASP B 69 18.61 10.23 -45.68
CA ASP B 69 17.42 11.06 -45.73
C ASP B 69 17.39 12.04 -44.58
N GLN B 70 17.65 11.55 -43.36
CA GLN B 70 17.72 12.43 -42.20
C GLN B 70 18.84 13.45 -42.36
N LEU B 71 19.97 13.04 -42.90
CA LEU B 71 21.12 13.93 -43.01
C LEU B 71 20.86 15.07 -43.99
N MET B 72 20.27 14.77 -45.16
CA MET B 72 19.96 15.86 -46.08
C MET B 72 18.82 16.72 -45.56
N ASN B 73 17.83 16.10 -44.89
CA ASN B 73 16.76 16.89 -44.28
C ASN B 73 17.32 17.88 -43.28
N LEU B 74 18.31 17.48 -42.50
CA LEU B 74 19.00 18.42 -41.62
C LEU B 74 19.77 19.45 -42.41
N ALA B 75 20.40 19.03 -43.51
CA ALA B 75 21.15 19.96 -44.35
C ALA B 75 20.22 20.93 -45.06
N ASN B 76 19.04 20.47 -45.46
CA ASN B 76 18.05 21.31 -46.11
C ASN B 76 17.08 21.96 -45.15
N SER B 77 17.44 22.04 -43.86
CA SER B 77 16.55 22.62 -42.86
C SER B 77 16.30 24.09 -43.16
N THR B 78 15.05 24.51 -42.97
CA THR B 78 14.63 25.89 -43.20
C THR B 78 14.59 26.62 -41.86
N ASP B 79 15.20 27.80 -41.82
CA ASP B 79 15.18 28.61 -40.61
C ASP B 79 13.77 29.14 -40.35
N GLY B 80 13.56 29.61 -39.12
CA GLY B 80 12.23 30.07 -38.72
C GLY B 80 11.71 31.19 -39.60
N ASN B 81 12.58 32.10 -40.01
CA ASN B 81 12.16 33.19 -40.89
C ASN B 81 11.84 32.71 -42.30
N GLY B 82 12.13 31.45 -42.61
CA GLY B 82 11.95 30.91 -43.94
C GLY B 82 13.23 30.80 -44.75
N ARG B 83 14.33 31.38 -44.27
CA ARG B 83 15.59 31.29 -44.97
C ARG B 83 16.25 29.92 -44.71
N TYR B 84 17.37 29.69 -45.39
CA TYR B 84 18.19 28.52 -45.14
C TYR B 84 19.49 28.96 -44.48
N ILE B 85 19.78 28.40 -43.31
CA ILE B 85 20.95 28.81 -42.54
C ILE B 85 22.23 28.45 -43.29
N PHE B 86 22.28 27.25 -43.85
CA PHE B 86 23.46 26.77 -44.55
C PHE B 86 23.45 27.13 -46.04
N ALA B 87 22.53 27.98 -46.48
CA ALA B 87 22.50 28.37 -47.88
C ALA B 87 23.77 29.12 -48.28
N GLY B 88 24.28 29.95 -47.39
CA GLY B 88 25.47 30.72 -47.68
C GLY B 88 25.22 32.21 -47.73
N TYR B 89 25.79 32.89 -48.73
CA TYR B 89 25.59 34.33 -48.84
C TYR B 89 24.13 34.66 -49.16
N LYS B 90 23.52 33.90 -50.06
CA LYS B 90 22.13 34.12 -50.46
C LYS B 90 21.24 33.15 -49.68
N THR B 91 20.40 33.70 -48.80
CA THR B 91 19.56 32.86 -47.94
C THR B 91 18.38 32.28 -48.71
N GLU B 92 17.87 33.02 -49.69
CA GLU B 92 16.67 32.58 -50.40
C GLU B 92 16.92 31.29 -51.19
N ALA B 93 18.09 31.17 -51.81
CA ALA B 93 18.38 29.99 -52.62
C ALA B 93 18.45 28.74 -51.77
N ALA B 94 18.00 27.62 -52.34
CA ALA B 94 18.06 26.35 -51.63
C ALA B 94 19.51 25.90 -51.52
N PRO B 95 19.94 25.37 -50.37
CA PRO B 95 21.35 25.00 -50.21
C PRO B 95 21.73 23.72 -50.95
N PHE B 96 20.88 22.69 -50.87
CA PHE B 96 21.18 21.41 -51.50
C PHE B 96 19.95 20.90 -52.22
N ASP B 97 20.17 20.11 -53.26
CA ASP B 97 19.08 19.45 -53.95
C ASP B 97 18.71 18.17 -53.23
N GLN B 98 17.44 17.77 -53.38
CA GLN B 98 16.97 16.56 -52.70
C GLN B 98 17.67 15.32 -53.23
N ALA B 99 17.94 15.27 -54.53
CA ALA B 99 18.56 14.11 -55.15
C ALA B 99 20.05 14.27 -55.36
N THR B 100 20.48 15.29 -56.10
CA THR B 100 21.90 15.46 -56.37
C THR B 100 22.63 15.99 -55.14
N GLY B 101 22.02 16.90 -54.41
CA GLY B 101 22.65 17.46 -53.23
C GLY B 101 23.74 18.47 -53.51
N GLY B 102 23.79 19.01 -54.72
CA GLY B 102 24.79 20.02 -55.03
C GLY B 102 24.52 21.32 -54.30
N TYR B 103 25.59 22.12 -54.15
CA TYR B 103 25.51 23.39 -53.45
C TYR B 103 25.10 24.48 -54.44
N HIS B 104 23.91 25.04 -54.24
CA HIS B 104 23.37 26.07 -55.12
C HIS B 104 23.46 27.47 -54.52
N GLY B 105 23.99 27.61 -53.31
CA GLY B 105 24.14 28.91 -52.71
C GLY B 105 25.38 29.63 -53.19
N GLY B 106 25.62 30.79 -52.59
CA GLY B 106 26.78 31.59 -52.92
C GLY B 106 28.11 30.92 -52.62
N GLU B 107 28.96 30.78 -53.64
CA GLU B 107 30.27 30.18 -53.42
C GLU B 107 31.13 31.04 -52.51
N LYS B 108 31.10 32.35 -52.70
CA LYS B 108 31.83 33.26 -51.82
C LYS B 108 31.24 33.20 -50.42
N SER B 109 32.07 32.86 -49.45
CA SER B 109 31.60 32.71 -48.07
C SER B 109 31.01 34.01 -47.57
N VAL B 110 29.88 33.91 -46.86
CA VAL B 110 29.20 35.09 -46.36
C VAL B 110 30.09 35.80 -45.36
N THR B 111 30.21 37.12 -45.51
CA THR B 111 31.04 37.93 -44.64
C THR B 111 30.16 38.88 -43.85
N GLN B 112 30.01 38.61 -42.56
CA GLN B 112 29.24 39.45 -41.65
C GLN B 112 30.19 40.08 -40.65
N GLN B 113 30.15 41.40 -40.55
CA GLN B 113 31.06 42.15 -39.69
C GLN B 113 30.53 42.12 -38.26
N VAL B 114 31.16 41.30 -37.41
CA VAL B 114 30.81 41.28 -36.00
C VAL B 114 31.16 42.61 -35.34
N ASP B 115 32.23 43.24 -35.80
CA ASP B 115 32.62 44.57 -35.34
C ASP B 115 33.37 45.26 -36.46
N SER B 116 33.53 46.58 -36.32
CA SER B 116 34.28 47.34 -37.31
C SER B 116 35.74 46.90 -37.33
N ALA B 117 36.33 46.67 -36.17
CA ALA B 117 37.75 46.30 -36.11
C ALA B 117 37.96 44.86 -36.58
N ARG B 118 37.13 43.93 -36.12
CA ARG B 118 37.32 42.51 -36.40
C ARG B 118 36.27 42.05 -37.42
N THR B 119 36.74 41.49 -38.53
CA THR B 119 35.88 40.91 -39.55
C THR B 119 36.39 39.52 -39.88
N MET B 120 35.51 38.53 -39.86
CA MET B 120 35.86 37.16 -40.15
C MET B 120 34.67 36.44 -40.76
N VAL B 121 34.88 35.17 -41.11
CA VAL B 121 33.84 34.35 -41.72
C VAL B 121 32.99 33.82 -40.58
N ILE B 122 31.91 34.54 -40.27
CA ILE B 122 31.00 34.11 -39.21
C ILE B 122 30.14 32.94 -39.69
N GLY B 123 29.32 33.17 -40.71
CA GLY B 123 28.57 32.09 -41.30
C GLY B 123 29.40 31.28 -42.27
N HIS B 124 29.19 29.96 -42.26
CA HIS B 124 29.97 29.05 -43.08
C HIS B 124 29.14 28.57 -44.26
N THR B 125 29.82 28.28 -45.36
CA THR B 125 29.15 27.70 -46.52
C THR B 125 28.59 26.32 -46.18
N GLY B 126 27.43 26.01 -46.77
CA GLY B 126 26.80 24.73 -46.50
C GLY B 126 27.63 23.56 -47.00
N ALA B 127 28.52 23.83 -47.95
CA ALA B 127 29.39 22.77 -48.46
C ALA B 127 30.39 22.32 -47.40
N GLN B 128 30.97 23.27 -46.66
CA GLN B 128 32.10 22.97 -45.78
C GLN B 128 31.77 21.83 -44.81
N ILE B 129 30.52 21.72 -44.38
CA ILE B 129 30.17 20.72 -43.39
C ILE B 129 30.02 19.33 -44.02
N PHE B 130 29.91 19.26 -45.35
CA PHE B 130 30.06 17.99 -46.04
C PHE B 130 31.16 17.97 -47.11
N ASN B 131 31.43 19.10 -47.75
CA ASN B 131 32.21 19.12 -48.99
C ASN B 131 33.64 19.64 -48.76
N SER B 132 34.25 19.27 -47.64
CA SER B 132 35.64 19.63 -47.36
C SER B 132 36.29 18.52 -46.58
N ILE B 133 37.53 18.17 -46.95
CA ILE B 133 38.30 17.12 -46.30
C ILE B 133 39.59 17.73 -45.79
N THR B 134 39.88 17.50 -44.52
CA THR B 134 41.10 18.02 -43.91
C THR B 134 42.33 17.26 -44.40
N SER B 135 43.49 17.92 -44.31
CA SER B 135 44.73 17.30 -44.78
C SER B 135 45.46 16.62 -43.63
N ASN B 136 45.26 17.10 -42.40
CA ASN B 136 45.98 16.52 -41.26
C ASN B 136 45.54 15.09 -40.99
N ALA B 137 44.35 14.71 -41.42
CA ALA B 137 43.89 13.34 -41.24
C ALA B 137 44.71 12.38 -42.08
N VAL B 138 44.77 11.13 -41.63
CA VAL B 138 45.53 10.11 -42.37
C VAL B 138 44.87 9.88 -43.74
N PRO B 139 45.64 9.82 -44.81
CA PRO B 139 45.04 9.57 -46.13
C PRO B 139 44.50 8.16 -46.24
N GLU B 140 43.51 8.00 -47.11
CA GLU B 140 42.99 6.67 -47.42
C GLU B 140 43.99 5.91 -48.29
N PRO B 141 44.42 4.72 -47.88
CA PRO B 141 45.41 3.99 -48.69
C PRO B 141 44.94 3.61 -50.09
N ASP B 142 43.63 3.37 -50.26
CA ASP B 142 43.14 2.84 -51.53
C ASP B 142 43.36 3.82 -52.68
N GLY B 143 43.12 5.11 -52.44
CA GLY B 143 43.27 6.10 -53.48
C GLY B 143 43.81 7.43 -53.00
N SER B 144 44.69 8.05 -53.79
CA SER B 144 45.20 9.37 -53.43
C SER B 144 44.09 10.40 -53.37
N ASP B 145 43.19 10.38 -54.35
CA ASP B 145 42.07 11.32 -54.36
C ASP B 145 40.96 10.82 -53.42
N SER B 146 40.45 11.75 -52.62
CA SER B 146 39.34 11.46 -51.72
C SER B 146 38.21 12.44 -52.00
N GLU B 147 37.09 11.90 -52.47
CA GLU B 147 35.95 12.70 -52.88
C GLU B 147 35.42 13.47 -51.68
N LYS B 148 35.25 14.79 -51.84
CA LYS B 148 35.12 15.70 -50.71
C LYS B 148 33.78 15.53 -49.99
N ASN B 149 32.70 15.39 -50.74
CA ASN B 149 31.37 15.42 -50.14
C ASN B 149 31.16 14.21 -49.22
N LEU B 150 30.50 14.46 -48.09
CA LEU B 150 30.08 13.37 -47.21
C LEU B 150 28.99 12.54 -47.85
N PHE B 151 28.08 13.17 -48.58
CA PHE B 151 26.98 12.45 -49.21
C PHE B 151 27.49 11.37 -50.16
N VAL B 152 28.39 11.75 -51.08
CA VAL B 152 28.81 10.83 -52.13
C VAL B 152 29.61 9.66 -51.54
N MET B 153 30.26 9.87 -50.39
CA MET B 153 30.95 8.77 -49.72
C MET B 153 30.00 7.62 -49.42
N LEU B 154 28.96 7.89 -48.63
CA LEU B 154 28.08 6.80 -48.23
C LEU B 154 27.16 6.41 -49.38
N ASP B 155 27.01 7.30 -50.38
CA ASP B 155 26.34 6.91 -51.61
C ASP B 155 27.12 5.82 -52.35
N THR B 156 28.44 5.98 -52.44
CA THR B 156 29.27 4.93 -53.00
C THR B 156 29.21 3.68 -52.13
N ALA B 157 29.11 3.87 -50.81
CA ALA B 157 28.93 2.73 -49.91
C ALA B 157 27.68 1.93 -50.26
N ILE B 158 26.54 2.61 -50.40
CA ILE B 158 25.30 1.91 -50.75
C ILE B 158 25.38 1.35 -52.16
N ALA B 159 26.10 2.02 -53.05
CA ALA B 159 26.26 1.50 -54.40
C ALA B 159 26.97 0.15 -54.38
N ALA B 160 28.02 0.04 -53.56
CA ALA B 160 28.70 -1.24 -53.40
C ALA B 160 27.81 -2.25 -52.68
N LEU B 161 27.04 -1.78 -51.69
CA LEU B 161 26.28 -2.69 -50.83
C LEU B 161 25.09 -3.30 -51.55
N LYS B 162 24.35 -2.48 -52.31
CA LYS B 162 23.12 -2.93 -52.94
C LYS B 162 23.38 -4.05 -53.95
N THR B 163 24.45 -3.92 -54.73
CA THR B 163 24.73 -4.92 -55.75
C THR B 163 25.15 -6.24 -55.09
N PRO B 164 24.47 -7.35 -55.40
CA PRO B 164 24.85 -8.64 -54.84
C PRO B 164 26.26 -9.02 -55.32
N VAL B 165 27.19 -9.09 -54.38
CA VAL B 165 28.59 -9.35 -54.70
C VAL B 165 28.98 -10.81 -54.46
N GLU B 166 28.07 -11.63 -53.98
CA GLU B 166 28.40 -13.02 -53.69
C GLU B 166 28.61 -13.80 -54.99
N GLY B 167 29.48 -14.80 -54.93
CA GLY B 167 29.71 -15.70 -56.04
C GLY B 167 30.94 -15.41 -56.88
N ASN B 168 31.50 -14.20 -56.80
CA ASN B 168 32.67 -13.84 -57.58
C ASN B 168 33.75 -13.31 -56.64
N ASN B 169 34.93 -13.94 -56.67
CA ASN B 169 36.00 -13.54 -55.77
C ASN B 169 36.47 -12.13 -56.06
N VAL B 170 36.59 -11.77 -57.34
CA VAL B 170 37.00 -10.42 -57.70
C VAL B 170 35.96 -9.41 -57.25
N GLU B 171 34.68 -9.75 -57.42
CA GLU B 171 33.61 -8.84 -57.02
C GLU B 171 33.56 -8.70 -55.50
N LYS B 172 33.77 -9.81 -54.77
CA LYS B 172 33.84 -9.71 -53.32
C LYS B 172 35.03 -8.84 -52.89
N GLU B 173 36.17 -8.97 -53.58
CA GLU B 173 37.32 -8.15 -53.27
C GLU B 173 37.05 -6.67 -53.51
N LYS B 174 36.38 -6.35 -54.63
CA LYS B 174 36.07 -4.95 -54.90
C LYS B 174 35.07 -4.41 -53.88
N ALA B 175 34.11 -5.23 -53.47
CA ALA B 175 33.16 -4.79 -52.45
C ALA B 175 33.87 -4.54 -51.13
N ALA B 176 34.80 -5.43 -50.76
CA ALA B 176 35.55 -5.23 -49.52
C ALA B 176 36.41 -3.98 -49.58
N ALA B 177 37.06 -3.73 -50.72
CA ALA B 177 37.86 -2.52 -50.87
C ALA B 177 36.99 -1.27 -50.78
N ALA B 178 35.83 -1.29 -51.43
CA ALA B 178 34.92 -0.16 -51.38
C ALA B 178 34.44 0.10 -49.94
N ILE B 179 34.11 -0.97 -49.22
CA ILE B 179 33.66 -0.82 -47.84
C ILE B 179 34.79 -0.25 -46.98
N ASP B 180 36.02 -0.74 -47.18
CA ASP B 180 37.14 -0.22 -46.42
C ASP B 180 37.35 1.26 -46.67
N LYS B 181 37.43 1.66 -47.94
CA LYS B 181 37.67 3.06 -48.25
C LYS B 181 36.52 3.93 -47.79
N THR B 182 35.28 3.44 -47.86
CA THR B 182 34.15 4.27 -47.45
C THR B 182 34.11 4.43 -45.94
N ASN B 183 34.55 3.41 -45.19
CA ASN B 183 34.57 3.58 -43.74
C ASN B 183 35.67 4.56 -43.32
N ARG B 184 36.86 4.46 -43.92
CA ARG B 184 37.89 5.43 -43.55
C ARG B 184 37.55 6.82 -44.09
N GLY B 185 36.80 6.89 -45.18
CA GLY B 185 36.27 8.17 -45.61
C GLY B 185 35.26 8.74 -44.64
N LEU B 186 34.46 7.88 -44.02
CA LEU B 186 33.57 8.32 -42.95
C LEU B 186 34.36 8.85 -41.76
N LYS B 187 35.46 8.18 -41.41
CA LYS B 187 36.29 8.68 -40.32
C LYS B 187 36.90 10.04 -40.66
N ASN B 188 37.38 10.20 -41.89
CA ASN B 188 37.93 11.49 -42.30
C ASN B 188 36.84 12.57 -42.32
N SER B 189 35.63 12.21 -42.76
CA SER B 189 34.52 13.16 -42.74
C SER B 189 34.16 13.54 -41.31
N LEU B 190 34.18 12.58 -40.39
CA LEU B 190 33.89 12.88 -38.99
C LEU B 190 34.97 13.78 -38.40
N ASN B 191 36.21 13.61 -38.86
CA ASN B 191 37.30 14.52 -38.43
C ASN B 191 36.97 15.92 -38.93
N ASN B 192 36.54 16.02 -40.20
CA ASN B 192 36.23 17.35 -40.80
C ASN B 192 35.08 18.00 -40.01
N VAL B 193 34.06 17.21 -39.69
CA VAL B 193 32.87 17.76 -38.97
C VAL B 193 33.33 18.24 -37.59
N LEU B 194 34.20 17.47 -36.92
CA LEU B 194 34.70 17.85 -35.58
C LEU B 194 35.48 19.16 -35.67
N THR B 195 36.35 19.30 -36.68
CA THR B 195 37.14 20.55 -36.85
C THR B 195 36.20 21.72 -37.13
N VAL B 196 35.16 21.47 -37.94
CA VAL B 196 34.18 22.56 -38.28
C VAL B 196 33.50 23.00 -36.98
N ARG B 197 33.12 22.04 -36.14
CA ARG B 197 32.45 22.39 -34.85
C ARG B 197 33.44 23.18 -34.00
N ALA B 198 34.72 22.80 -33.99
CA ALA B 198 35.68 23.49 -33.12
C ALA B 198 35.79 24.96 -33.54
N GLU B 199 35.91 25.21 -34.86
CA GLU B 199 36.03 26.61 -35.35
C GLU B 199 34.74 27.37 -35.05
N LEU B 200 33.59 26.75 -35.34
CA LEU B 200 32.28 27.41 -35.09
C LEU B 200 32.09 27.59 -33.58
N GLY B 201 32.45 26.56 -32.80
CA GLY B 201 32.27 26.62 -31.34
C GLY B 201 33.08 27.75 -30.73
N THR B 202 34.31 27.93 -31.20
CA THR B 202 35.15 29.05 -30.70
C THR B 202 34.48 30.38 -31.07
N GLN B 203 33.89 30.46 -32.26
CA GLN B 203 33.24 31.72 -32.72
C GLN B 203 32.09 32.07 -31.77
N LEU B 204 31.29 31.08 -31.36
CA LEU B 204 30.11 31.38 -30.50
C LEU B 204 30.48 31.24 -29.01
N SER B 205 31.72 30.84 -28.70
CA SER B 205 32.12 30.78 -27.27
C SER B 205 33.21 31.82 -26.97
N GLU B 206 34.48 31.49 -27.25
CA GLU B 206 35.58 32.43 -26.89
C GLU B 206 35.46 33.73 -27.70
N LEU B 207 35.17 33.64 -29.00
CA LEU B 207 34.99 34.87 -29.84
C LEU B 207 33.75 35.65 -29.39
N SER B 208 32.65 34.95 -29.06
CA SER B 208 31.46 35.67 -28.54
C SER B 208 31.82 36.35 -27.23
N THR B 209 32.60 35.67 -26.38
CA THR B 209 33.07 36.31 -25.12
C THR B 209 33.99 37.46 -25.49
N LEU B 210 34.81 37.29 -26.54
CA LEU B 210 35.66 38.37 -27.00
C LEU B 210 34.83 39.56 -27.46
N ASP B 211 33.71 39.29 -28.14
CA ASP B 211 32.82 40.37 -28.55
C ASP B 211 32.22 41.08 -27.34
N SER B 212 31.80 40.30 -26.34
CA SER B 212 31.26 40.90 -25.12
C SER B 212 32.33 41.73 -24.40
N LEU B 213 33.57 41.22 -24.35
CA LEU B 213 34.65 41.95 -23.73
C LEU B 213 34.99 43.22 -24.50
N GLY B 214 34.92 43.16 -25.83
CA GLY B 214 35.14 44.34 -26.63
C GLY B 214 34.06 45.38 -26.44
N SER B 215 32.81 44.93 -26.30
CA SER B 215 31.73 45.86 -25.97
C SER B 215 31.97 46.51 -24.61
N ASP B 216 32.42 45.73 -23.63
CA ASP B 216 32.73 46.29 -22.32
C ASP B 216 33.89 47.30 -22.42
N ARG B 217 34.90 46.98 -23.22
CA ARG B 217 36.02 47.89 -23.39
C ARG B 217 35.60 49.18 -24.08
N ALA B 218 34.70 49.08 -25.07
CA ALA B 218 34.17 50.27 -25.72
C ALA B 218 33.35 51.11 -24.75
N LEU B 219 32.57 50.44 -23.88
CA LEU B 219 31.83 51.17 -22.86
C LEU B 219 32.77 51.90 -21.91
N GLY B 220 33.86 51.24 -21.50
CA GLY B 220 34.81 51.89 -20.63
C GLY B 220 35.53 53.04 -21.30
N GLN B 221 35.91 52.88 -22.57
CA GLN B 221 36.56 53.95 -23.32
C GLN B 221 35.64 55.15 -23.48
N LYS B 222 34.35 54.90 -23.76
CA LYS B 222 33.38 55.98 -23.82
C LYS B 222 33.20 56.63 -22.45
N LEU B 223 33.20 55.83 -21.39
CA LEU B 223 33.04 56.34 -20.03
C LEU B 223 34.30 57.07 -19.57
N LEU C 1 -1.49 54.79 -36.43
CA LEU C 1 -1.02 53.43 -36.66
C LEU C 1 -1.84 52.43 -35.83
N THR C 2 -2.36 52.90 -34.69
CA THR C 2 -3.11 52.04 -33.80
C THR C 2 -4.36 51.50 -34.49
N ASP C 3 -5.09 52.36 -35.20
CA ASP C 3 -6.27 51.91 -35.93
C ASP C 3 -5.90 50.98 -37.08
N LEU C 4 -4.82 51.29 -37.79
CA LEU C 4 -4.38 50.42 -38.88
C LEU C 4 -3.95 49.05 -38.37
N THR C 5 -3.19 49.03 -37.27
CA THR C 5 -2.79 47.75 -36.67
C THR C 5 -4.00 46.99 -36.15
N LYS C 6 -4.97 47.70 -35.60
CA LYS C 6 -6.20 47.06 -35.13
C LYS C 6 -6.97 46.43 -36.29
N ASN C 7 -7.03 47.13 -37.43
CA ASN C 7 -7.72 46.57 -38.59
C ASN C 7 -6.95 45.37 -39.16
N GLU C 8 -5.62 45.44 -39.14
CA GLU C 8 -4.81 44.31 -39.57
C GLU C 8 -5.05 43.10 -38.67
N LYS C 9 -5.12 43.32 -37.35
CA LYS C 9 -5.43 42.23 -36.43
C LYS C 9 -6.84 41.72 -36.63
N GLY C 10 -7.77 42.61 -36.99
CA GLY C 10 -9.13 42.17 -37.28
C GLY C 10 -9.20 41.27 -38.50
N ARG C 11 -8.46 41.63 -39.56
CA ARG C 11 -8.37 40.74 -40.71
C ARG C 11 -7.67 39.43 -40.36
N LEU C 12 -6.64 39.51 -39.52
CA LEU C 12 -5.91 38.30 -39.12
C LEU C 12 -6.73 37.44 -38.18
N THR C 13 -7.78 37.99 -37.57
CA THR C 13 -8.58 37.23 -36.62
C THR C 13 -9.11 35.93 -37.22
N PRO C 14 -9.73 35.91 -38.41
CA PRO C 14 -9.93 34.61 -39.07
C PRO C 14 -8.62 33.88 -39.34
N ILE C 15 -7.57 34.61 -39.73
CA ILE C 15 -6.31 33.98 -40.09
C ILE C 15 -5.62 33.41 -38.85
N THR C 16 -5.56 34.18 -37.76
CA THR C 16 -4.89 33.69 -36.57
C THR C 16 -5.73 32.64 -35.85
N LYS C 17 -7.06 32.76 -35.93
CA LYS C 17 -7.93 31.72 -35.40
C LYS C 17 -7.74 30.43 -36.20
N GLN C 18 -7.55 30.54 -37.52
CA GLN C 18 -7.27 29.36 -38.32
C GLN C 18 -5.90 28.79 -38.01
N GLN C 19 -4.93 29.64 -37.68
CA GLN C 19 -3.62 29.14 -37.28
C GLN C 19 -3.69 28.37 -35.96
N SER C 20 -4.40 28.93 -34.98
CA SER C 20 -4.59 28.21 -33.71
C SER C 20 -5.39 26.93 -33.93
N ALA C 21 -6.40 26.98 -34.81
CA ALA C 21 -7.19 25.79 -35.10
C ALA C 21 -6.36 24.76 -35.85
N ASN C 22 -5.37 25.20 -36.63
CA ASN C 22 -4.51 24.26 -37.34
C ASN C 22 -3.52 23.62 -36.38
N SER C 23 -3.03 24.37 -35.40
CA SER C 23 -2.24 23.76 -34.34
C SER C 23 -3.07 22.74 -33.57
N ALA C 24 -4.32 23.09 -33.26
CA ALA C 24 -5.22 22.16 -32.58
C ALA C 24 -5.49 20.94 -33.45
N LYS C 25 -5.64 21.14 -34.76
CA LYS C 25 -5.85 20.02 -35.68
C LYS C 25 -4.63 19.12 -35.74
N LEU C 26 -3.43 19.69 -35.71
CA LEU C 26 -2.22 18.88 -35.71
C LEU C 26 -2.11 18.07 -34.42
N THR C 27 -2.43 18.69 -33.27
CA THR C 27 -2.46 17.94 -32.02
C THR C 27 -3.53 16.86 -32.05
N ALA C 28 -4.68 17.16 -32.62
CA ALA C 28 -5.76 16.19 -32.72
C ALA C 28 -5.36 15.02 -33.61
N TYR C 29 -4.67 15.31 -34.71
CA TYR C 29 -4.18 14.25 -35.59
C TYR C 29 -3.13 13.40 -34.89
N GLY C 30 -2.24 14.03 -34.11
CA GLY C 30 -1.28 13.26 -33.34
C GLY C 30 -1.96 12.33 -32.35
N THR C 31 -2.93 12.85 -31.59
CA THR C 31 -3.65 12.02 -30.63
C THR C 31 -4.47 10.95 -31.33
N LEU C 32 -5.08 11.29 -32.47
CA LEU C 32 -5.86 10.31 -33.23
C LEU C 32 -4.97 9.20 -33.76
N LYS C 33 -3.78 9.55 -34.23
CA LYS C 33 -2.85 8.52 -34.72
C LYS C 33 -2.32 7.68 -33.57
N SER C 34 -2.14 8.28 -32.39
CA SER C 34 -1.76 7.50 -31.22
C SER C 34 -2.85 6.49 -30.85
N ALA C 35 -4.11 6.94 -30.81
CA ALA C 35 -5.21 6.03 -30.53
C ALA C 35 -5.37 4.99 -31.63
N LEU C 36 -5.15 5.40 -32.88
CA LEU C 36 -5.28 4.47 -34.01
C LEU C 36 -4.21 3.40 -33.98
N GLU C 37 -2.97 3.77 -33.62
CA GLU C 37 -1.92 2.77 -33.54
C GLU C 37 -2.10 1.88 -32.32
N LYS C 38 -2.67 2.42 -31.23
CA LYS C 38 -3.04 1.58 -30.10
C LYS C 38 -4.10 0.57 -30.51
N PHE C 39 -5.10 1.01 -31.27
CA PHE C 39 -6.14 0.10 -31.73
C PHE C 39 -5.58 -0.92 -32.71
N GLN C 40 -4.64 -0.51 -33.56
CA GLN C 40 -4.01 -1.46 -34.47
C GLN C 40 -3.22 -2.50 -33.69
N THR C 41 -2.53 -2.08 -32.62
CA THR C 41 -1.85 -3.02 -31.75
C THR C 41 -2.82 -4.01 -31.14
N ALA C 42 -3.95 -3.53 -30.62
CA ALA C 42 -4.93 -4.43 -30.04
C ALA C 42 -5.51 -5.39 -31.08
N ASN C 43 -5.80 -4.87 -32.28
CA ASN C 43 -6.36 -5.69 -33.34
C ASN C 43 -5.38 -6.79 -33.75
N THR C 44 -4.11 -6.45 -33.93
CA THR C 44 -3.13 -7.46 -34.32
C THR C 44 -2.90 -8.45 -33.19
N ALA C 45 -2.99 -7.99 -31.93
CA ALA C 45 -2.95 -8.92 -30.81
C ALA C 45 -4.11 -9.90 -30.88
N LEU C 46 -5.26 -9.45 -31.37
CA LEU C 46 -6.38 -10.37 -31.58
C LEU C 46 -6.17 -11.25 -32.80
N ASN C 47 -5.41 -10.79 -33.79
CA ASN C 47 -5.29 -11.50 -35.05
C ASN C 47 -4.55 -12.82 -34.93
N LYS C 48 -3.86 -13.07 -33.81
CA LYS C 48 -3.15 -14.32 -33.62
C LYS C 48 -4.13 -15.44 -33.29
N ALA C 49 -4.00 -16.57 -33.98
CA ALA C 49 -4.94 -17.68 -33.84
C ALA C 49 -4.60 -18.62 -32.70
N ASP C 50 -3.35 -18.65 -32.25
CA ASP C 50 -2.96 -19.58 -31.19
C ASP C 50 -3.67 -19.32 -29.87
N LEU C 51 -4.30 -18.15 -29.73
CA LEU C 51 -5.09 -17.88 -28.53
C LEU C 51 -6.29 -18.81 -28.45
N PHE C 52 -6.86 -19.19 -29.59
CA PHE C 52 -8.02 -20.05 -29.59
C PHE C 52 -7.64 -21.51 -29.34
N LYS C 53 -6.42 -21.90 -29.72
CA LYS C 53 -5.90 -23.22 -29.39
C LYS C 53 -4.95 -23.09 -28.19
N SER C 54 -5.54 -22.91 -27.03
CA SER C 54 -4.80 -22.73 -25.78
C SER C 54 -5.30 -23.72 -24.75
N THR C 55 -4.37 -24.42 -24.10
CA THR C 55 -4.70 -25.44 -23.12
C THR C 55 -3.72 -25.33 -21.96
N VAL C 56 -4.08 -25.97 -20.84
CA VAL C 56 -3.22 -26.03 -19.67
C VAL C 56 -3.15 -27.49 -19.21
N ALA C 57 -1.96 -27.88 -18.76
CA ALA C 57 -1.70 -29.26 -18.39
C ALA C 57 -1.34 -29.35 -16.92
N SER C 58 -1.65 -30.49 -16.33
CA SER C 58 -1.35 -30.76 -14.93
C SER C 58 -0.89 -32.19 -14.78
N SER C 59 -0.07 -32.44 -13.76
CA SER C 59 0.48 -33.76 -13.49
C SER C 59 0.17 -34.16 -12.05
N THR C 60 -0.08 -35.45 -11.85
CA THR C 60 -0.33 -35.93 -10.49
C THR C 60 0.96 -35.97 -9.68
N THR C 61 2.04 -36.49 -10.27
CA THR C 61 3.31 -36.67 -9.58
C THR C 61 4.15 -35.40 -9.69
N GLU C 62 4.95 -35.13 -8.66
CA GLU C 62 5.82 -33.96 -8.70
C GLU C 62 7.12 -34.26 -9.45
N ASP C 63 7.49 -35.54 -9.55
CA ASP C 63 8.71 -35.89 -10.26
C ASP C 63 8.62 -35.52 -11.74
N LEU C 64 7.50 -35.82 -12.38
CA LEU C 64 7.31 -35.45 -13.77
C LEU C 64 6.82 -34.01 -13.84
N LYS C 65 7.36 -33.25 -14.79
CA LYS C 65 6.91 -31.88 -15.02
C LYS C 65 6.36 -31.77 -16.44
N VAL C 66 5.28 -31.02 -16.60
CA VAL C 66 4.60 -30.92 -17.90
C VAL C 66 4.32 -29.46 -18.21
N SER C 67 4.60 -29.08 -19.45
CA SER C 67 4.28 -27.76 -19.98
C SER C 67 3.62 -27.94 -21.34
N THR C 68 2.81 -26.98 -21.75
CA THR C 68 2.03 -27.11 -22.97
C THR C 68 2.40 -26.03 -23.96
N THR C 69 2.89 -26.43 -25.12
CA THR C 69 3.03 -25.55 -26.27
C THR C 69 1.69 -25.45 -26.98
N ALA C 70 1.48 -24.33 -27.68
CA ALA C 70 0.21 -24.11 -28.37
C ALA C 70 -0.02 -25.19 -29.42
N GLY C 71 -1.28 -25.62 -29.54
CA GLY C 71 -1.67 -26.65 -30.48
C GLY C 71 -1.95 -28.00 -29.88
N ALA C 72 -1.81 -28.16 -28.56
CA ALA C 72 -2.07 -29.45 -27.93
C ALA C 72 -3.55 -29.77 -27.95
N ALA C 73 -3.85 -31.07 -27.92
CA ALA C 73 -5.22 -31.56 -27.88
C ALA C 73 -5.52 -32.01 -26.46
N ALA C 74 -6.70 -31.62 -25.95
CA ALA C 74 -7.07 -31.95 -24.58
C ALA C 74 -7.23 -33.45 -24.42
N GLY C 75 -6.88 -33.95 -23.23
CA GLY C 75 -6.98 -35.39 -23.02
C GLY C 75 -6.32 -35.78 -21.72
N THR C 76 -6.19 -37.10 -21.55
CA THR C 76 -5.52 -37.69 -20.40
C THR C 76 -4.50 -38.71 -20.89
N TYR C 77 -3.27 -38.62 -20.37
CA TYR C 77 -2.17 -39.46 -20.81
C TYR C 77 -1.60 -40.22 -19.62
N LYS C 78 -1.29 -41.50 -19.84
CA LYS C 78 -0.69 -42.36 -18.84
C LYS C 78 0.77 -42.59 -19.19
N ILE C 79 1.67 -42.19 -18.31
CA ILE C 79 3.09 -42.07 -18.63
C ILE C 79 3.88 -42.97 -17.69
N ASN C 80 4.76 -43.79 -18.26
CA ASN C 80 5.68 -44.65 -17.52
C ASN C 80 7.08 -44.33 -17.98
N VAL C 81 7.91 -43.80 -17.07
CA VAL C 81 9.27 -43.42 -17.40
C VAL C 81 10.19 -44.59 -17.04
N THR C 82 10.47 -45.45 -18.02
CA THR C 82 11.27 -46.63 -17.76
C THR C 82 12.72 -46.28 -17.40
N GLN C 83 13.32 -45.34 -18.14
CA GLN C 83 14.74 -45.05 -18.00
C GLN C 83 14.95 -43.55 -18.01
N LEU C 84 16.16 -43.14 -17.67
CA LEU C 84 16.57 -41.74 -17.68
C LEU C 84 17.89 -41.61 -18.42
N ALA C 85 18.07 -40.48 -19.10
CA ALA C 85 19.26 -40.28 -19.91
C ALA C 85 20.40 -39.75 -19.07
N ALA C 86 21.61 -40.19 -19.40
CA ALA C 86 22.80 -39.79 -18.68
C ALA C 86 23.91 -39.48 -19.67
N ALA C 87 24.85 -38.63 -19.24
CA ALA C 87 25.90 -38.11 -20.09
C ALA C 87 27.22 -38.75 -19.70
N GLN C 88 27.96 -39.22 -20.71
CA GLN C 88 29.22 -39.90 -20.45
C GLN C 88 30.18 -38.98 -19.71
N SER C 89 30.97 -39.56 -18.80
CA SER C 89 32.01 -38.80 -18.11
C SER C 89 33.30 -39.59 -18.13
N LEU C 90 34.41 -38.91 -18.41
CA LEU C 90 35.72 -39.54 -18.51
C LEU C 90 36.67 -38.86 -17.54
N ALA C 91 37.34 -39.64 -16.70
CA ALA C 91 38.26 -39.10 -15.73
C ALA C 91 39.65 -39.69 -15.95
N THR C 92 40.68 -38.86 -15.75
CA THR C 92 42.04 -39.32 -15.92
C THR C 92 42.35 -40.44 -14.93
N LYS C 93 43.17 -41.40 -15.37
CA LYS C 93 43.43 -42.56 -14.53
C LYS C 93 44.24 -42.20 -13.30
N THR C 94 45.14 -41.22 -13.43
CA THR C 94 46.01 -40.84 -12.33
C THR C 94 45.51 -39.58 -11.63
N THR C 95 46.26 -39.16 -10.61
CA THR C 95 45.98 -37.96 -9.85
C THR C 95 47.23 -37.09 -9.81
N PHE C 96 47.04 -35.78 -9.81
CA PHE C 96 48.15 -34.83 -9.94
C PHE C 96 48.31 -34.02 -8.67
N ALA C 97 49.55 -33.59 -8.40
CA ALA C 97 49.85 -32.89 -7.16
C ALA C 97 49.13 -31.55 -7.09
N THR C 98 49.07 -30.80 -8.19
CA THR C 98 48.37 -29.52 -8.20
C THR C 98 48.07 -29.13 -9.64
N THR C 99 47.13 -28.20 -9.80
CA THR C 99 46.74 -27.75 -11.14
C THR C 99 47.89 -27.05 -11.84
N LYS C 100 48.65 -26.24 -11.11
CA LYS C 100 49.70 -25.43 -11.73
C LYS C 100 50.79 -26.29 -12.37
N GLU C 101 50.94 -27.53 -11.93
CA GLU C 101 51.89 -28.43 -12.54
C GLU C 101 51.51 -28.67 -14.01
N GLN C 102 52.52 -28.64 -14.88
CA GLN C 102 52.29 -28.80 -16.32
C GLN C 102 52.17 -30.28 -16.65
N LEU C 103 51.20 -30.65 -17.49
CA LEU C 103 50.98 -32.08 -17.80
C LEU C 103 51.68 -32.45 -19.11
N GLY C 104 51.70 -31.55 -20.09
CA GLY C 104 52.31 -31.84 -21.41
C GLY C 104 53.82 -31.70 -21.44
N ASP C 105 54.46 -32.14 -22.53
CA ASP C 105 55.94 -32.06 -22.67
C ASP C 105 56.40 -30.61 -22.75
N THR C 106 57.59 -30.29 -22.23
CA THR C 106 58.13 -28.91 -22.34
C THR C 106 58.47 -28.54 -23.80
N SER C 107 59.02 -29.47 -24.58
CA SER C 107 59.51 -29.15 -25.96
C SER C 107 58.44 -28.69 -26.96
N VAL C 108 57.25 -29.32 -26.97
CA VAL C 108 56.24 -28.99 -28.03
C VAL C 108 55.74 -27.55 -27.86
N THR C 109 55.44 -26.86 -28.97
CA THR C 109 55.00 -25.44 -28.92
C THR C 109 53.54 -25.28 -29.38
N SER C 110 53.01 -26.22 -30.17
CA SER C 110 51.62 -26.19 -30.63
C SER C 110 51.00 -27.56 -30.43
N ARG C 111 49.76 -27.59 -29.91
CA ARG C 111 49.07 -28.82 -29.54
C ARG C 111 47.63 -28.76 -30.00
N THR C 112 47.07 -29.90 -30.41
CA THR C 112 45.68 -29.97 -30.82
C THR C 112 45.01 -31.15 -30.13
N ILE C 113 43.75 -30.97 -29.76
CA ILE C 113 42.90 -32.02 -29.20
C ILE C 113 41.75 -32.23 -30.16
N LYS C 114 41.65 -33.42 -30.74
CA LYS C 114 40.63 -33.74 -31.72
C LYS C 114 39.63 -34.70 -31.08
N ILE C 115 38.37 -34.27 -31.05
CA ILE C 115 37.29 -35.02 -30.41
C ILE C 115 36.25 -35.34 -31.46
N GLU C 116 35.93 -36.62 -31.61
CA GLU C 116 34.97 -37.10 -32.59
C GLU C 116 33.78 -37.73 -31.88
N GLN C 117 32.58 -37.33 -32.27
CA GLN C 117 31.37 -37.90 -31.73
C GLN C 117 30.47 -38.41 -32.85
N PRO C 118 29.66 -39.44 -32.60
CA PRO C 118 28.74 -39.92 -33.65
C PRO C 118 27.76 -38.86 -34.13
N GLY C 119 27.31 -37.97 -33.25
CA GLY C 119 26.35 -36.96 -33.66
C GLY C 119 27.01 -35.75 -34.30
N ARG C 120 28.31 -35.60 -34.12
CA ARG C 120 29.02 -34.43 -34.60
C ARG C 120 29.60 -34.68 -35.98
N LYS C 121 29.35 -33.76 -36.91
CA LYS C 121 29.79 -33.96 -38.28
C LYS C 121 31.30 -33.78 -38.42
N GLU C 122 31.81 -32.58 -38.14
CA GLU C 122 33.22 -32.28 -38.26
C GLU C 122 33.89 -32.35 -36.89
N PRO C 123 34.96 -33.13 -36.75
CA PRO C 123 35.57 -33.31 -35.43
C PRO C 123 36.04 -31.99 -34.83
N LEU C 124 35.89 -31.87 -33.52
CA LEU C 124 36.25 -30.64 -32.83
C LEU C 124 37.75 -30.58 -32.60
N GLU C 125 38.33 -29.41 -32.86
CA GLU C 125 39.76 -29.15 -32.67
C GLU C 125 39.94 -28.12 -31.58
N ILE C 126 40.75 -28.46 -30.58
CA ILE C 126 41.11 -27.55 -29.49
C ILE C 126 42.58 -27.19 -29.65
N LYS C 127 42.88 -25.89 -29.62
CA LYS C 127 44.22 -25.39 -29.87
C LYS C 127 44.88 -25.00 -28.55
N LEU C 128 46.11 -25.47 -28.34
CA LEU C 128 46.88 -25.16 -27.15
C LEU C 128 48.26 -24.63 -27.56
N ASP C 129 48.68 -23.54 -26.91
CA ASP C 129 49.99 -22.95 -27.16
C ASP C 129 51.06 -23.74 -26.40
N LYS C 130 52.27 -23.17 -26.35
CA LYS C 130 53.37 -23.85 -25.69
C LYS C 130 53.20 -23.87 -24.18
N GLY C 131 52.76 -22.77 -23.59
CA GLY C 131 52.68 -22.64 -22.16
C GLY C 131 51.36 -23.04 -21.54
N ASP C 132 50.50 -23.76 -22.26
CA ASP C 132 49.17 -24.08 -21.79
C ASP C 132 48.99 -25.55 -21.42
N THR C 133 50.09 -26.27 -21.14
CA THR C 133 49.96 -27.66 -20.72
C THR C 133 49.45 -27.79 -19.28
N SER C 134 49.28 -26.68 -18.57
CA SER C 134 48.71 -26.73 -17.23
C SER C 134 47.27 -27.20 -17.28
N MET C 135 46.86 -27.91 -16.22
CA MET C 135 45.53 -28.50 -16.19
C MET C 135 44.45 -27.43 -16.22
N GLU C 136 44.68 -26.32 -15.53
CA GLU C 136 43.74 -25.20 -15.60
C GLU C 136 43.65 -24.65 -17.02
N ALA C 137 44.79 -24.61 -17.72
CA ALA C 137 44.78 -24.14 -19.09
C ALA C 137 43.98 -25.06 -20.00
N ILE C 138 44.10 -26.38 -19.79
CA ILE C 138 43.32 -27.33 -20.59
C ILE C 138 41.84 -27.18 -20.30
N ARG C 139 41.48 -27.00 -19.03
CA ARG C 139 40.07 -26.75 -18.71
C ARG C 139 39.56 -25.51 -19.42
N ASP C 140 40.33 -24.42 -19.39
CA ASP C 140 39.88 -23.19 -20.01
C ASP C 140 39.79 -23.33 -21.52
N ALA C 141 40.73 -24.06 -22.13
CA ALA C 141 40.68 -24.28 -23.57
C ALA C 141 39.43 -25.06 -23.97
N ILE C 142 39.11 -26.12 -23.22
CA ILE C 142 37.97 -26.96 -23.59
C ILE C 142 36.67 -26.26 -23.30
N ASN C 143 36.62 -25.43 -22.25
CA ASN C 143 35.39 -24.72 -21.94
C ASN C 143 35.15 -23.56 -22.90
N ASP C 144 36.20 -22.83 -23.28
CA ASP C 144 36.02 -21.60 -24.06
C ASP C 144 35.54 -21.90 -25.48
N ALA C 145 35.83 -23.10 -25.98
CA ALA C 145 35.39 -23.44 -27.33
C ALA C 145 33.87 -23.56 -27.41
N ASP C 146 33.21 -23.82 -26.29
CA ASP C 146 31.74 -23.86 -26.22
C ASP C 146 31.16 -24.86 -27.22
N SER C 147 31.71 -26.07 -27.24
CA SER C 147 31.28 -27.10 -28.18
C SER C 147 30.26 -28.06 -27.58
N GLY C 148 29.88 -27.90 -26.31
CA GLY C 148 29.03 -28.85 -25.63
C GLY C 148 29.77 -29.82 -24.73
N ILE C 149 31.09 -29.91 -24.84
CA ILE C 149 31.91 -30.75 -23.99
C ILE C 149 32.42 -29.88 -22.85
N ALA C 150 32.13 -30.28 -21.62
CA ALA C 150 32.48 -29.50 -20.44
C ALA C 150 33.60 -30.19 -19.67
N ALA C 151 34.72 -29.49 -19.49
CA ALA C 151 35.83 -30.00 -18.71
C ALA C 151 35.81 -29.38 -17.32
N SER C 152 36.20 -30.16 -16.32
CA SER C 152 36.13 -29.75 -14.93
C SER C 152 37.28 -30.38 -14.16
N ILE C 153 37.54 -29.84 -12.97
CA ILE C 153 38.60 -30.33 -12.11
C ILE C 153 37.99 -30.71 -10.76
N VAL C 154 38.25 -31.94 -10.33
CA VAL C 154 37.73 -32.46 -9.07
C VAL C 154 38.91 -32.88 -8.23
N LYS C 155 39.05 -32.29 -7.04
CA LYS C 155 40.11 -32.68 -6.12
C LYS C 155 39.57 -33.76 -5.20
N VAL C 156 40.12 -34.97 -5.32
CA VAL C 156 39.62 -36.09 -4.53
C VAL C 156 39.85 -35.84 -3.05
N LYS C 157 41.03 -35.35 -2.69
CA LYS C 157 41.32 -34.94 -1.33
C LYS C 157 42.47 -33.94 -1.38
N GLU C 158 42.87 -33.48 -0.20
CA GLU C 158 43.90 -32.46 -0.12
C GLU C 158 45.19 -32.92 -0.80
N ASN C 159 45.66 -32.10 -1.74
CA ASN C 159 46.88 -32.29 -2.55
C ASN C 159 46.75 -33.34 -3.65
N GLU C 160 45.53 -33.64 -4.12
CA GLU C 160 45.33 -34.53 -5.26
C GLU C 160 44.23 -33.96 -6.14
N PHE C 161 44.42 -34.02 -7.46
CA PHE C 161 43.47 -33.45 -8.41
C PHE C 161 43.25 -34.40 -9.57
N GLN C 162 42.06 -34.30 -10.18
CA GLN C 162 41.66 -35.11 -11.32
C GLN C 162 40.94 -34.24 -12.33
N LEU C 163 41.04 -34.61 -13.60
CA LEU C 163 40.41 -33.90 -14.71
C LEU C 163 39.25 -34.74 -15.22
N VAL C 164 38.09 -34.12 -15.41
CA VAL C 164 36.87 -34.80 -15.82
C VAL C 164 36.34 -34.14 -17.07
N LEU C 165 35.97 -34.94 -18.07
CA LEU C 165 35.38 -34.46 -19.31
C LEU C 165 33.98 -35.03 -19.43
N THR C 166 32.97 -34.17 -19.52
CA THR C 166 31.58 -34.60 -19.58
C THR C 166 30.96 -34.15 -20.88
N ALA C 167 30.40 -35.09 -21.63
CA ALA C 167 29.70 -34.76 -22.85
C ALA C 167 28.25 -34.39 -22.54
N ASN C 168 27.42 -34.29 -23.57
CA ASN C 168 26.01 -34.03 -23.37
C ASN C 168 25.24 -35.34 -23.20
N SER C 169 23.97 -35.20 -22.83
CA SER C 169 23.11 -36.34 -22.60
C SER C 169 22.79 -37.06 -23.90
N GLY C 170 22.93 -38.38 -23.91
CA GLY C 170 22.56 -39.19 -25.05
C GLY C 170 23.67 -40.16 -25.40
N THR C 171 23.30 -41.19 -26.17
CA THR C 171 24.25 -42.20 -26.60
C THR C 171 24.85 -41.90 -27.97
N ASP C 172 24.42 -40.83 -28.62
CA ASP C 172 25.05 -40.35 -29.84
C ASP C 172 26.19 -39.38 -29.57
N ASN C 173 26.48 -39.12 -28.29
CA ASN C 173 27.49 -38.14 -27.91
C ASN C 173 28.65 -38.79 -27.15
N THR C 174 28.94 -40.05 -27.42
CA THR C 174 30.14 -40.66 -26.87
C THR C 174 31.37 -40.07 -27.54
N MET C 175 32.42 -39.82 -26.74
CA MET C 175 33.58 -39.08 -27.18
C MET C 175 34.68 -40.02 -27.63
N LYS C 176 35.39 -39.62 -28.68
CA LYS C 176 36.62 -40.27 -29.12
C LYS C 176 37.71 -39.20 -29.16
N ILE C 177 38.67 -39.30 -28.26
CA ILE C 177 39.65 -38.23 -28.01
C ILE C 177 41.00 -38.67 -28.54
N THR C 178 41.66 -37.78 -29.29
CA THR C 178 43.03 -38.01 -29.75
C THR C 178 43.79 -36.70 -29.69
N VAL C 179 44.98 -36.71 -29.09
CA VAL C 179 45.82 -35.53 -29.01
C VAL C 179 46.88 -35.60 -30.10
N GLU C 180 46.97 -34.55 -30.90
CA GLU C 180 47.87 -34.48 -32.04
C GLU C 180 48.90 -33.38 -31.81
N GLY C 181 50.15 -33.67 -32.14
CA GLY C 181 51.25 -32.77 -31.94
C GLY C 181 52.12 -33.09 -30.74
N ASP C 182 51.65 -33.95 -29.84
CA ASP C 182 52.37 -34.28 -28.61
C ASP C 182 52.18 -35.77 -28.33
N THR C 183 53.12 -36.36 -27.59
CA THR C 183 52.99 -37.76 -27.21
C THR C 183 52.60 -37.91 -25.74
N LYS C 184 53.04 -36.98 -24.89
CA LYS C 184 52.71 -37.08 -23.47
C LYS C 184 51.23 -36.78 -23.23
N LEU C 185 50.73 -35.71 -23.83
CA LEU C 185 49.32 -35.37 -23.66
C LEU C 185 48.43 -36.45 -24.26
N ASN C 186 48.84 -37.02 -25.38
CA ASN C 186 48.11 -38.16 -25.95
C ASN C 186 48.17 -39.37 -25.02
N ASP C 187 49.30 -39.55 -24.33
CA ASP C 187 49.39 -40.61 -23.34
C ASP C 187 48.45 -40.35 -22.16
N LEU C 188 48.14 -39.08 -21.90
CA LEU C 188 47.27 -38.76 -20.78
C LEU C 188 45.81 -38.66 -21.21
N LEU C 189 45.55 -38.18 -22.42
CA LEU C 189 44.19 -37.95 -22.93
C LEU C 189 44.00 -38.76 -24.21
N ALA C 190 43.52 -40.00 -24.08
CA ALA C 190 43.28 -40.86 -25.22
C ALA C 190 42.19 -41.85 -24.89
N TYR C 191 41.08 -41.79 -25.62
CA TYR C 191 39.97 -42.71 -25.42
C TYR C 191 39.33 -43.04 -26.75
N ASP C 192 39.05 -44.32 -26.97
CA ASP C 192 38.33 -44.80 -28.15
C ASP C 192 37.02 -45.42 -27.67
N SER C 193 35.95 -44.64 -27.72
CA SER C 193 34.67 -45.12 -27.19
C SER C 193 34.06 -46.19 -28.07
N THR C 194 34.46 -46.23 -29.35
CA THR C 194 33.99 -47.30 -30.23
C THR C 194 34.51 -48.66 -29.77
N THR C 195 35.77 -48.70 -29.34
CA THR C 195 36.40 -49.92 -28.82
C THR C 195 36.30 -50.01 -27.31
N ASN C 196 35.93 -48.92 -26.63
CA ASN C 196 35.82 -48.86 -25.16
C ASN C 196 37.16 -49.10 -24.48
N THR C 197 38.24 -48.59 -25.06
CA THR C 197 39.57 -48.68 -24.48
C THR C 197 40.26 -47.34 -24.59
N GLY C 198 41.11 -47.02 -23.62
CA GLY C 198 41.84 -45.76 -23.64
C GLY C 198 42.56 -45.53 -22.35
N ASN C 199 43.30 -44.41 -22.31
CA ASN C 199 44.05 -44.06 -21.12
C ASN C 199 43.14 -43.49 -20.02
N MET C 200 42.08 -42.81 -20.41
CA MET C 200 41.09 -42.35 -19.44
C MET C 200 40.14 -43.48 -19.07
N GLN C 201 39.42 -43.30 -17.98
CA GLN C 201 38.43 -44.27 -17.54
C GLN C 201 37.06 -43.62 -17.56
N GLU C 202 36.03 -44.44 -17.75
CA GLU C 202 34.66 -43.96 -17.89
C GLU C 202 33.97 -44.11 -16.54
N LEU C 203 33.50 -42.98 -16.00
CA LEU C 203 32.81 -43.01 -14.71
C LEU C 203 31.32 -43.19 -14.90
N VAL C 204 30.73 -42.46 -15.84
CA VAL C 204 29.30 -42.50 -16.11
C VAL C 204 29.10 -42.85 -17.58
N LYS C 205 28.20 -43.81 -17.83
CA LYS C 205 27.93 -44.34 -19.15
C LYS C 205 26.71 -43.65 -19.75
N ALA C 206 26.69 -43.54 -21.07
CA ALA C 206 25.67 -42.76 -21.75
C ALA C 206 24.43 -43.59 -22.04
N GLU C 207 23.26 -42.99 -21.85
CA GLU C 207 22.00 -43.68 -22.01
C GLU C 207 20.95 -42.75 -22.60
N ASN C 208 19.97 -43.34 -23.28
CA ASN C 208 18.84 -42.61 -23.85
C ASN C 208 17.66 -42.69 -22.90
N ALA C 209 16.86 -41.63 -22.87
CA ALA C 209 15.61 -41.68 -22.13
C ALA C 209 14.64 -42.59 -22.84
N LYS C 210 13.95 -43.43 -22.09
CA LYS C 210 12.94 -44.33 -22.63
C LYS C 210 11.69 -44.21 -21.78
N LEU C 211 10.56 -43.96 -22.44
CA LEU C 211 9.30 -43.90 -21.72
C LEU C 211 8.19 -44.50 -22.58
N ASN C 212 6.98 -44.40 -22.08
CA ASN C 212 5.82 -45.07 -22.68
C ASN C 212 4.61 -44.18 -22.44
N VAL C 213 4.05 -43.64 -23.51
CA VAL C 213 2.91 -42.73 -23.43
C VAL C 213 1.72 -43.40 -24.09
N ASN C 214 0.69 -43.70 -23.29
CA ASN C 214 -0.56 -44.30 -23.77
C ASN C 214 -0.30 -45.55 -24.60
N GLY C 215 0.65 -46.36 -24.17
CA GLY C 215 0.97 -47.59 -24.86
C GLY C 215 1.87 -47.46 -26.06
N ILE C 216 2.50 -46.30 -26.26
CA ILE C 216 3.47 -46.10 -27.34
C ILE C 216 4.86 -45.94 -26.73
N ASP C 217 5.82 -46.72 -27.22
CA ASP C 217 7.18 -46.69 -26.70
C ASP C 217 7.98 -45.58 -27.37
N ILE C 218 8.69 -44.79 -26.56
CA ILE C 218 9.34 -43.57 -27.01
C ILE C 218 10.77 -43.58 -26.49
N GLU C 219 11.72 -43.25 -27.36
CA GLU C 219 13.13 -43.19 -26.99
C GLU C 219 13.74 -41.88 -27.46
N ARG C 220 14.14 -41.04 -26.50
CA ARG C 220 14.77 -39.77 -26.79
C ARG C 220 16.19 -39.80 -26.26
N GLN C 221 16.93 -38.72 -26.53
CA GLN C 221 18.32 -38.62 -26.08
C GLN C 221 18.51 -37.62 -24.96
N SER C 222 17.44 -37.05 -24.44
CA SER C 222 17.52 -36.09 -23.36
C SER C 222 16.34 -36.29 -22.43
N ASN C 223 16.39 -35.62 -21.28
CA ASN C 223 15.30 -35.72 -20.32
C ASN C 223 14.23 -34.67 -20.55
N THR C 224 14.24 -34.01 -21.69
CA THR C 224 13.16 -33.11 -22.10
C THR C 224 12.52 -33.67 -23.35
N VAL C 225 11.45 -34.46 -23.18
CA VAL C 225 10.74 -35.10 -24.33
C VAL C 225 9.69 -34.10 -24.82
N THR C 226 9.72 -33.73 -26.11
CA THR C 226 8.81 -32.65 -26.55
C THR C 226 7.81 -33.04 -27.65
N ASP C 227 8.09 -34.07 -28.45
CA ASP C 227 7.18 -34.33 -29.60
C ASP C 227 6.23 -35.51 -29.40
N ALA C 228 6.02 -35.97 -28.17
CA ALA C 228 5.00 -37.02 -27.94
C ALA C 228 4.04 -36.59 -26.83
N PRO C 229 2.71 -36.56 -27.06
CA PRO C 229 2.12 -36.12 -28.32
C PRO C 229 2.61 -34.73 -28.75
N GLN C 230 2.57 -34.42 -30.05
CA GLN C 230 3.15 -33.11 -30.46
C GLN C 230 2.40 -32.01 -29.73
N GLY C 231 3.12 -31.09 -29.10
CA GLY C 231 2.48 -29.98 -28.38
C GLY C 231 2.66 -30.05 -26.88
N ILE C 232 3.34 -31.07 -26.35
CA ILE C 232 3.45 -31.19 -24.90
C ILE C 232 4.90 -31.47 -24.54
N THR C 233 5.48 -30.63 -23.69
CA THR C 233 6.87 -30.75 -23.28
C THR C 233 6.93 -31.39 -21.90
N LEU C 234 7.59 -32.53 -21.79
CA LEU C 234 7.73 -33.27 -20.55
C LEU C 234 9.16 -33.20 -20.06
N THR C 235 9.35 -32.81 -18.81
CA THR C 235 10.64 -32.85 -18.15
C THR C 235 10.64 -34.03 -17.19
N LEU C 236 11.57 -34.96 -17.41
CA LEU C 236 11.67 -36.18 -16.63
C LEU C 236 12.72 -35.96 -15.54
N THR C 237 12.37 -36.25 -14.29
CA THR C 237 13.32 -36.13 -13.19
C THR C 237 13.71 -37.48 -12.59
N LYS C 238 12.74 -38.37 -12.40
CA LYS C 238 13.01 -39.70 -11.86
C LYS C 238 12.03 -40.68 -12.49
N LYS C 239 12.34 -41.97 -12.36
CA LYS C 239 11.47 -43.01 -12.89
C LYS C 239 10.11 -42.98 -12.22
N VAL C 240 9.06 -43.14 -13.01
CA VAL C 240 7.68 -43.01 -12.56
C VAL C 240 6.90 -44.21 -13.08
N THR C 241 5.82 -44.54 -12.39
CA THR C 241 4.90 -45.59 -12.84
C THR C 241 3.48 -45.04 -12.88
N ASP C 242 2.84 -45.16 -14.04
CA ASP C 242 1.43 -44.82 -14.22
C ASP C 242 1.11 -43.41 -13.76
N ALA C 243 1.95 -42.45 -14.14
CA ALA C 243 1.60 -41.05 -13.90
C ALA C 243 0.50 -40.62 -14.85
N THR C 244 -0.27 -39.63 -14.44
CA THR C 244 -1.37 -39.12 -15.23
C THR C 244 -1.12 -37.65 -15.54
N VAL C 245 -1.18 -37.31 -16.83
CA VAL C 245 -1.09 -35.92 -17.28
C VAL C 245 -2.42 -35.55 -17.91
N THR C 246 -3.05 -34.50 -17.38
CA THR C 246 -4.35 -34.07 -17.86
C THR C 246 -4.21 -32.71 -18.53
N VAL C 247 -4.65 -32.62 -19.78
CA VAL C 247 -4.62 -31.38 -20.54
C VAL C 247 -6.07 -30.94 -20.78
N THR C 248 -6.40 -29.73 -20.34
CA THR C 248 -7.74 -29.20 -20.45
C THR C 248 -7.71 -27.82 -21.09
N LYS C 249 -8.74 -27.51 -21.87
CA LYS C 249 -8.73 -26.29 -22.66
C LYS C 249 -9.10 -25.08 -21.80
N ASP C 250 -8.33 -24.01 -21.95
CA ASP C 250 -8.60 -22.74 -21.28
C ASP C 250 -8.79 -21.65 -22.33
N ASP C 251 -9.79 -20.81 -22.13
CA ASP C 251 -10.13 -19.72 -23.04
C ASP C 251 -9.84 -18.34 -22.46
N THR C 252 -9.03 -18.25 -21.41
CA THR C 252 -8.76 -16.97 -20.79
C THR C 252 -8.03 -16.02 -21.74
N LYS C 253 -7.07 -16.56 -22.50
CA LYS C 253 -6.29 -15.70 -23.40
C LYS C 253 -7.17 -15.02 -24.44
N ALA C 254 -8.10 -15.78 -25.03
CA ALA C 254 -8.99 -15.22 -26.03
C ALA C 254 -9.90 -14.15 -25.45
N LYS C 255 -10.44 -14.40 -24.24
CA LYS C 255 -11.36 -13.42 -23.66
C LYS C 255 -10.62 -12.16 -23.24
N GLU C 256 -9.38 -12.28 -22.76
CA GLU C 256 -8.59 -11.09 -22.46
C GLU C 256 -8.29 -10.31 -23.73
N ALA C 257 -7.96 -11.00 -24.83
CA ALA C 257 -7.72 -10.29 -26.07
C ALA C 257 -8.98 -9.58 -26.55
N ILE C 258 -10.14 -10.24 -26.43
CA ILE C 258 -11.40 -9.61 -26.83
C ILE C 258 -11.67 -8.37 -25.98
N LYS C 259 -11.48 -8.48 -24.66
CA LYS C 259 -11.76 -7.36 -23.77
C LYS C 259 -10.84 -6.18 -24.08
N SER C 260 -9.55 -6.45 -24.29
CA SER C 260 -8.63 -5.36 -24.61
C SER C 260 -8.97 -4.73 -25.95
N TRP C 261 -9.36 -5.55 -26.94
CA TRP C 261 -9.75 -5.00 -28.23
C TRP C 261 -10.97 -4.11 -28.11
N VAL C 262 -11.97 -4.55 -27.33
CA VAL C 262 -13.17 -3.75 -27.12
C VAL C 262 -12.83 -2.45 -26.40
N ASP C 263 -11.98 -2.52 -25.38
CA ASP C 263 -11.59 -1.31 -24.65
C ASP C 263 -10.87 -0.33 -25.56
N ALA C 264 -9.96 -0.83 -26.40
CA ALA C 264 -9.26 0.05 -27.33
C ALA C 264 -10.24 0.69 -28.30
N TYR C 265 -11.21 -0.08 -28.80
CA TYR C 265 -12.18 0.50 -29.72
C TYR C 265 -13.03 1.56 -29.04
N ASN C 266 -13.44 1.31 -27.80
CA ASN C 266 -14.24 2.29 -27.07
C ASN C 266 -13.46 3.57 -26.83
N SER C 267 -12.18 3.46 -26.48
CA SER C 267 -11.35 4.65 -26.32
C SER C 267 -11.22 5.40 -27.65
N LEU C 268 -11.05 4.67 -28.74
CA LEU C 268 -10.96 5.30 -30.06
C LEU C 268 -12.24 6.05 -30.38
N VAL C 269 -13.40 5.44 -30.09
CA VAL C 269 -14.68 6.09 -30.38
C VAL C 269 -14.87 7.32 -29.50
N ASP C 270 -14.42 7.25 -28.25
CA ASP C 270 -14.48 8.43 -27.39
C ASP C 270 -13.67 9.58 -27.96
N THR C 271 -12.45 9.29 -28.42
CA THR C 271 -11.62 10.34 -29.02
C THR C 271 -12.26 10.87 -30.30
N PHE C 272 -12.83 9.98 -31.12
CA PHE C 272 -13.47 10.41 -32.36
C PHE C 272 -14.65 11.31 -32.09
N SER C 273 -15.45 10.98 -31.07
CA SER C 273 -16.59 11.83 -30.71
C SER C 273 -16.11 13.16 -30.14
N SER C 274 -15.01 13.15 -29.38
CA SER C 274 -14.46 14.39 -28.86
C SER C 274 -14.02 15.31 -29.99
N LEU C 275 -13.44 14.74 -31.05
CA LEU C 275 -13.06 15.57 -32.19
C LEU C 275 -14.27 16.17 -32.87
N THR C 276 -15.44 15.56 -32.71
CA THR C 276 -16.69 16.10 -33.23
C THR C 276 -17.56 16.72 -32.16
N LYS C 277 -17.03 16.95 -30.97
CA LYS C 277 -17.81 17.54 -29.89
C LYS C 277 -18.25 18.94 -30.26
N TYR C 278 -19.54 19.23 -30.03
CA TYR C 278 -20.11 20.53 -30.36
C TYR C 278 -21.01 20.98 -29.22
N THR C 279 -21.06 22.30 -29.01
CA THR C 279 -21.88 22.91 -27.97
C THR C 279 -22.88 23.86 -28.61
N ALA C 280 -24.16 23.62 -28.39
CA ALA C 280 -25.20 24.50 -28.94
C ALA C 280 -25.33 25.75 -28.10
N VAL C 281 -25.69 26.85 -28.76
CA VAL C 281 -25.86 28.15 -28.11
C VAL C 281 -27.32 28.56 -28.23
N GLU C 282 -27.98 28.75 -27.09
CA GLU C 282 -29.39 29.15 -27.11
C GLU C 282 -29.60 30.55 -27.71
N PRO C 283 -28.88 31.60 -27.30
CA PRO C 283 -29.15 32.91 -27.91
C PRO C 283 -28.57 33.05 -29.31
N GLY C 284 -27.44 32.40 -29.59
CA GLY C 284 -26.82 32.48 -30.89
C GLY C 284 -25.44 33.11 -30.94
N GLU C 285 -24.89 33.50 -29.80
CA GLU C 285 -23.53 34.05 -29.78
C GLU C 285 -22.53 32.96 -30.12
N GLU C 286 -21.51 33.34 -30.90
CA GLU C 286 -20.50 32.40 -31.38
C GLU C 286 -19.22 32.56 -30.56
N ALA C 287 -18.78 31.48 -29.92
CA ALA C 287 -17.54 31.45 -29.18
C ALA C 287 -16.87 30.10 -29.42
N SER C 288 -15.62 29.98 -28.97
CA SER C 288 -14.89 28.72 -29.14
C SER C 288 -15.61 27.58 -28.44
N ASP C 289 -15.67 27.62 -27.10
CA ASP C 289 -16.45 26.68 -26.29
C ASP C 289 -16.22 25.22 -26.70
N LYS C 290 -15.06 24.93 -27.29
CA LYS C 290 -14.70 23.62 -27.82
C LYS C 290 -15.68 23.12 -28.86
N ASN C 291 -16.48 24.00 -29.46
CA ASN C 291 -17.52 23.55 -30.38
C ASN C 291 -16.95 23.16 -31.74
N GLY C 292 -15.93 23.87 -32.21
CA GLY C 292 -15.39 23.59 -33.53
C GLY C 292 -14.68 22.26 -33.60
N ALA C 293 -13.53 22.16 -32.92
CA ALA C 293 -12.70 20.93 -32.87
C ALA C 293 -12.44 20.47 -34.30
N LEU C 294 -12.85 19.26 -34.69
CA LEU C 294 -12.62 18.73 -36.02
C LEU C 294 -13.92 18.50 -36.77
N LEU C 295 -14.88 19.40 -36.61
CA LEU C 295 -16.16 19.26 -37.30
C LEU C 295 -15.99 19.48 -38.79
N GLY C 296 -16.68 18.67 -39.59
CA GLY C 296 -16.66 18.81 -41.02
C GLY C 296 -15.55 18.09 -41.75
N ASP C 297 -14.70 17.35 -41.05
CA ASP C 297 -13.62 16.63 -41.69
C ASP C 297 -14.14 15.30 -42.23
N SER C 298 -13.80 14.99 -43.49
CA SER C 298 -14.27 13.74 -44.09
C SER C 298 -13.44 12.55 -43.64
N VAL C 299 -12.28 12.82 -43.04
CA VAL C 299 -11.39 11.74 -42.62
C VAL C 299 -12.05 10.87 -41.56
N VAL C 300 -12.60 11.50 -40.52
CA VAL C 300 -13.21 10.75 -39.43
C VAL C 300 -14.41 9.98 -39.94
N ARG C 301 -15.22 10.62 -40.80
CA ARG C 301 -16.41 9.97 -41.37
C ARG C 301 -15.97 8.72 -42.13
N THR C 302 -14.97 8.85 -43.02
CA THR C 302 -14.55 7.75 -43.85
C THR C 302 -13.99 6.60 -43.03
N ILE C 303 -13.13 6.92 -42.05
CA ILE C 303 -12.52 5.85 -41.25
C ILE C 303 -13.57 5.13 -40.41
N GLN C 304 -14.49 5.87 -39.78
CA GLN C 304 -15.52 5.22 -38.98
C GLN C 304 -16.43 4.36 -39.86
N THR C 305 -16.81 4.86 -41.04
CA THR C 305 -17.65 4.06 -41.92
C THR C 305 -16.95 2.78 -42.35
N GLY C 306 -15.65 2.88 -42.67
CA GLY C 306 -14.92 1.69 -43.07
C GLY C 306 -14.83 0.65 -41.97
N ILE C 307 -14.47 1.09 -40.76
CA ILE C 307 -14.36 0.15 -39.65
C ILE C 307 -15.72 -0.48 -39.34
N ARG C 308 -16.78 0.33 -39.32
CA ARG C 308 -18.09 -0.21 -38.99
C ARG C 308 -18.59 -1.16 -40.06
N ALA C 309 -18.23 -0.90 -41.31
CA ALA C 309 -18.52 -1.87 -42.37
C ALA C 309 -17.76 -3.16 -42.14
N GLN C 310 -16.52 -3.06 -41.67
CA GLN C 310 -15.73 -4.27 -41.42
C GLN C 310 -16.23 -5.07 -40.22
N PHE C 311 -16.95 -4.45 -39.29
CA PHE C 311 -17.54 -5.23 -38.19
C PHE C 311 -18.46 -6.32 -38.73
N ALA C 312 -19.10 -6.10 -39.87
CA ALA C 312 -19.90 -7.14 -40.49
C ALA C 312 -19.00 -7.99 -41.37
N ASN C 313 -18.88 -9.28 -41.06
CA ASN C 313 -17.92 -10.13 -41.73
C ASN C 313 -18.38 -10.45 -43.15
N SER C 314 -17.42 -10.79 -43.99
CA SER C 314 -17.66 -11.18 -45.38
C SER C 314 -17.03 -12.55 -45.62
N GLY C 315 -17.80 -13.45 -46.20
CA GLY C 315 -17.30 -14.79 -46.49
C GLY C 315 -16.98 -15.60 -45.26
N SER C 316 -17.82 -15.54 -44.23
CA SER C 316 -17.60 -16.33 -43.04
C SER C 316 -18.21 -17.72 -43.20
N ASN C 317 -17.37 -18.75 -43.03
CA ASN C 317 -17.86 -20.12 -43.17
C ASN C 317 -18.76 -20.50 -41.99
N SER C 318 -18.50 -19.95 -40.82
CA SER C 318 -19.32 -20.24 -39.65
C SER C 318 -20.71 -19.67 -39.82
N ALA C 319 -21.68 -20.28 -39.13
CA ALA C 319 -23.04 -19.74 -39.12
C ALA C 319 -23.06 -18.34 -38.53
N PHE C 320 -22.12 -18.04 -37.64
CA PHE C 320 -22.03 -16.72 -37.05
C PHE C 320 -21.62 -15.70 -38.11
N LYS C 321 -22.35 -14.60 -38.19
CA LYS C 321 -22.05 -13.53 -39.13
C LYS C 321 -21.76 -12.20 -38.45
N THR C 322 -21.90 -12.13 -37.12
CA THR C 322 -21.56 -10.93 -36.37
C THR C 322 -21.21 -11.35 -34.95
N MET C 323 -20.91 -10.35 -34.12
CA MET C 323 -20.54 -10.64 -32.74
C MET C 323 -21.73 -10.68 -31.81
N ALA C 324 -22.96 -10.55 -32.33
CA ALA C 324 -24.13 -10.77 -31.51
C ALA C 324 -24.15 -12.19 -30.97
N GLU C 325 -23.84 -13.17 -31.83
CA GLU C 325 -23.71 -14.55 -31.38
C GLU C 325 -22.55 -14.69 -30.39
N ILE C 326 -21.41 -14.07 -30.69
CA ILE C 326 -20.27 -14.12 -29.79
C ILE C 326 -20.59 -13.40 -28.49
N GLY C 327 -21.29 -12.27 -28.59
CA GLY C 327 -21.71 -11.52 -27.42
C GLY C 327 -21.28 -10.06 -27.40
N ILE C 328 -20.70 -9.52 -28.47
CA ILE C 328 -20.31 -8.12 -28.50
C ILE C 328 -21.38 -7.35 -29.28
N THR C 329 -22.04 -6.42 -28.60
CA THR C 329 -23.19 -5.73 -29.16
C THR C 329 -23.04 -4.23 -28.97
N GLN C 330 -23.73 -3.47 -29.82
CA GLN C 330 -23.71 -2.01 -29.79
C GLN C 330 -24.97 -1.49 -29.15
N ASP C 331 -24.81 -0.66 -28.12
CA ASP C 331 -25.95 0.08 -27.60
C ASP C 331 -26.43 1.07 -28.65
N GLY C 332 -27.75 1.14 -28.83
CA GLY C 332 -28.29 1.93 -29.92
C GLY C 332 -27.94 3.41 -29.83
N THR C 333 -28.13 4.00 -28.65
CA THR C 333 -27.87 5.42 -28.49
C THR C 333 -26.38 5.72 -28.47
N SER C 334 -25.61 4.94 -27.71
CA SER C 334 -24.19 5.26 -27.53
C SER C 334 -23.37 4.93 -28.78
N GLY C 335 -23.63 3.77 -29.39
CA GLY C 335 -22.82 3.32 -30.51
C GLY C 335 -21.49 2.71 -30.13
N LYS C 336 -21.33 2.28 -28.89
CA LYS C 336 -20.08 1.72 -28.40
C LYS C 336 -20.26 0.24 -28.11
N LEU C 337 -19.17 -0.52 -28.21
CA LEU C 337 -19.22 -1.95 -28.02
C LEU C 337 -19.34 -2.30 -26.54
N LYS C 338 -20.12 -3.34 -26.24
CA LYS C 338 -20.24 -3.90 -24.91
C LYS C 338 -20.36 -5.41 -25.01
N ILE C 339 -19.99 -6.10 -23.94
CA ILE C 339 -19.92 -7.56 -23.95
C ILE C 339 -20.76 -8.12 -22.81
N ASP C 340 -21.22 -9.36 -23.00
CA ASP C 340 -21.83 -10.14 -21.92
C ASP C 340 -20.91 -11.33 -21.62
N ASP C 341 -20.39 -11.37 -20.41
CA ASP C 341 -19.33 -12.32 -20.08
C ASP C 341 -19.83 -13.76 -20.12
N ASP C 342 -21.05 -14.01 -19.65
CA ASP C 342 -21.56 -15.37 -19.58
C ASP C 342 -21.73 -15.97 -20.96
N LYS C 343 -22.38 -15.24 -21.87
CA LYS C 343 -22.58 -15.75 -23.23
C LYS C 343 -21.26 -15.90 -23.96
N LEU C 344 -20.34 -14.94 -23.78
CA LEU C 344 -19.03 -15.05 -24.42
C LEU C 344 -18.29 -16.28 -23.94
N THR C 345 -18.29 -16.52 -22.63
CA THR C 345 -17.62 -17.70 -22.08
C THR C 345 -18.26 -18.98 -22.62
N LYS C 346 -19.60 -19.03 -22.66
CA LYS C 346 -20.26 -20.21 -23.19
C LYS C 346 -19.89 -20.45 -24.64
N VAL C 347 -19.88 -19.39 -25.46
CA VAL C 347 -19.56 -19.56 -26.88
C VAL C 347 -18.13 -20.03 -27.05
N LEU C 348 -17.20 -19.48 -26.25
CA LEU C 348 -15.82 -19.94 -26.31
C LEU C 348 -15.71 -21.41 -25.93
N LYS C 349 -16.48 -21.84 -24.93
CA LYS C 349 -16.41 -23.23 -24.48
C LYS C 349 -16.98 -24.19 -25.52
N ASP C 350 -18.12 -23.83 -26.13
CA ASP C 350 -18.79 -24.78 -27.01
C ASP C 350 -18.16 -24.81 -28.40
N ASN C 351 -18.05 -23.64 -29.06
CA ASN C 351 -17.57 -23.56 -30.43
C ASN C 351 -16.40 -22.57 -30.49
N THR C 352 -15.20 -23.09 -30.26
CA THR C 352 -14.01 -22.24 -30.36
C THR C 352 -13.55 -22.14 -31.81
N ALA C 353 -13.68 -23.24 -32.57
CA ALA C 353 -13.27 -23.21 -33.98
C ALA C 353 -14.11 -22.22 -34.78
N ALA C 354 -15.42 -22.18 -34.53
CA ALA C 354 -16.28 -21.24 -35.24
C ALA C 354 -15.90 -19.80 -34.94
N ALA C 355 -15.67 -19.49 -33.66
CA ALA C 355 -15.27 -18.14 -33.29
C ALA C 355 -13.92 -17.78 -33.91
N ARG C 356 -12.97 -18.72 -33.91
CA ARG C 356 -11.67 -18.44 -34.49
C ARG C 356 -11.78 -18.16 -35.98
N GLU C 357 -12.58 -18.95 -36.69
CA GLU C 357 -12.70 -18.75 -38.14
C GLU C 357 -13.55 -17.53 -38.46
N LEU C 358 -14.37 -17.08 -37.51
CA LEU C 358 -15.09 -15.84 -37.69
C LEU C 358 -14.18 -14.63 -37.52
N LEU C 359 -13.38 -14.61 -36.45
CA LEU C 359 -12.59 -13.44 -36.14
C LEU C 359 -11.23 -13.50 -36.83
N VAL C 360 -10.43 -14.50 -36.49
CA VAL C 360 -9.12 -14.64 -37.11
C VAL C 360 -9.27 -15.11 -38.56
N GLY C 361 -10.16 -16.07 -38.79
CA GLY C 361 -10.35 -16.59 -40.13
C GLY C 361 -9.10 -17.28 -40.63
N ASP C 362 -8.89 -17.23 -41.94
CA ASP C 362 -7.67 -17.79 -42.52
C ASP C 362 -6.45 -16.99 -42.11
N GLY C 363 -6.65 -15.77 -41.61
CA GLY C 363 -5.56 -14.92 -41.20
C GLY C 363 -4.98 -14.05 -42.30
N LYS C 364 -5.48 -14.16 -43.53
CA LYS C 364 -4.94 -13.38 -44.62
C LYS C 364 -5.96 -12.38 -45.16
N GLU C 365 -7.13 -12.87 -45.59
CA GLU C 365 -8.14 -12.03 -46.21
C GLU C 365 -9.56 -12.38 -45.78
N THR C 366 -9.75 -13.29 -44.83
CA THR C 366 -11.07 -13.69 -44.39
C THR C 366 -11.17 -13.60 -42.87
N GLY C 367 -12.18 -12.91 -42.40
CA GLY C 367 -12.39 -12.72 -40.98
C GLY C 367 -12.49 -11.25 -40.61
N ILE C 368 -13.21 -10.97 -39.52
CA ILE C 368 -13.40 -9.60 -39.08
C ILE C 368 -12.07 -8.94 -38.74
N THR C 369 -11.27 -9.62 -37.90
CA THR C 369 -10.04 -9.02 -37.41
C THR C 369 -9.04 -8.77 -38.53
N THR C 370 -8.89 -9.73 -39.44
CA THR C 370 -7.92 -9.56 -40.51
C THR C 370 -8.35 -8.48 -41.50
N LYS C 371 -9.66 -8.38 -41.78
CA LYS C 371 -10.13 -7.32 -42.67
C LYS C 371 -9.97 -5.95 -42.02
N ILE C 372 -10.25 -5.85 -40.71
CA ILE C 372 -10.03 -4.59 -40.01
C ILE C 372 -8.56 -4.21 -40.06
N ALA C 373 -7.68 -5.18 -39.82
CA ALA C 373 -6.24 -4.90 -39.87
C ALA C 373 -5.81 -4.47 -41.26
N THR C 374 -6.33 -5.14 -42.29
CA THR C 374 -5.96 -4.79 -43.66
C THR C 374 -6.39 -3.37 -44.00
N GLU C 375 -7.62 -3.00 -43.63
CA GLU C 375 -8.09 -1.65 -43.94
C GLU C 375 -7.35 -0.59 -43.13
N VAL C 376 -7.08 -0.87 -41.85
CA VAL C 376 -6.35 0.09 -41.04
C VAL C 376 -4.94 0.27 -41.57
N LYS C 377 -4.30 -0.83 -41.99
CA LYS C 377 -2.96 -0.73 -42.58
C LYS C 377 -3.01 0.05 -43.89
N SER C 378 -4.05 -0.17 -44.69
CA SER C 378 -4.19 0.61 -45.92
C SER C 378 -4.32 2.09 -45.62
N TYR C 379 -5.06 2.44 -44.57
CA TYR C 379 -5.16 3.84 -44.18
C TYR C 379 -3.81 4.39 -43.74
N LEU C 380 -3.06 3.60 -42.96
CA LEU C 380 -1.84 4.13 -42.36
C LEU C 380 -0.66 4.10 -43.34
N ALA C 381 -0.60 3.08 -44.21
CA ALA C 381 0.63 2.84 -44.97
C ALA C 381 0.95 4.00 -45.91
N ASP C 382 0.11 4.22 -46.92
CA ASP C 382 0.37 5.28 -47.89
C ASP C 382 -0.89 5.53 -48.69
N ASP C 383 -1.16 6.82 -48.96
CA ASP C 383 -2.34 7.26 -49.70
C ASP C 383 -3.63 6.78 -49.04
N GLY C 384 -3.53 6.28 -47.81
CA GLY C 384 -4.70 5.89 -47.07
C GLY C 384 -5.33 7.07 -46.36
N ILE C 385 -6.63 6.92 -46.06
CA ILE C 385 -7.43 8.07 -45.67
C ILE C 385 -6.79 8.84 -44.52
N ILE C 386 -6.19 8.13 -43.57
CA ILE C 386 -5.53 8.82 -42.46
C ILE C 386 -4.12 9.26 -42.88
N ASP C 387 -3.40 8.43 -43.63
CA ASP C 387 -2.07 8.84 -44.08
C ASP C 387 -2.16 9.87 -45.20
N ASN C 388 -3.07 9.66 -46.15
CA ASN C 388 -3.33 10.71 -47.13
C ASN C 388 -3.88 11.95 -46.45
N ALA C 389 -4.65 11.78 -45.37
CA ALA C 389 -5.11 12.92 -44.59
C ALA C 389 -3.94 13.68 -43.99
N GLN C 390 -2.98 12.95 -43.41
CA GLN C 390 -1.81 13.60 -42.84
C GLN C 390 -1.02 14.33 -43.91
N ASP C 391 -0.83 13.70 -45.07
CA ASP C 391 -0.09 14.32 -46.16
C ASP C 391 -0.79 15.58 -46.67
N ASN C 392 -2.10 15.49 -46.94
CA ASN C 392 -2.83 16.62 -47.48
C ASN C 392 -2.95 17.75 -46.47
N VAL C 393 -3.17 17.41 -45.19
CA VAL C 393 -3.27 18.41 -44.15
C VAL C 393 -1.91 19.05 -43.89
N ASN C 394 -0.82 18.30 -44.08
CA ASN C 394 0.51 18.89 -43.94
C ASN C 394 0.81 19.83 -45.09
N ALA C 395 0.39 19.46 -46.30
CA ALA C 395 0.52 20.38 -47.43
C ALA C 395 -0.32 21.63 -47.21
N THR C 396 -1.54 21.45 -46.69
CA THR C 396 -2.39 22.59 -46.36
C THR C 396 -1.75 23.45 -45.27
N LEU C 397 -1.12 22.82 -44.29
CA LEU C 397 -0.43 23.56 -43.23
C LEU C 397 0.75 24.35 -43.79
N LYS C 398 1.49 23.77 -44.73
CA LYS C 398 2.58 24.49 -45.36
C LYS C 398 2.07 25.69 -46.16
N SER C 399 0.99 25.48 -46.91
CA SER C 399 0.38 26.59 -47.64
C SER C 399 -0.12 27.67 -46.69
N LEU C 400 -0.71 27.25 -45.56
CA LEU C 400 -1.23 28.21 -44.59
C LEU C 400 -0.10 28.95 -43.89
N THR C 401 1.03 28.28 -43.66
CA THR C 401 2.19 28.93 -43.07
C THR C 401 2.78 29.96 -44.05
N LYS C 402 2.82 29.60 -45.34
CA LYS C 402 3.20 30.59 -46.34
C LYS C 402 2.23 31.76 -46.36
N GLN C 403 0.94 31.48 -46.16
CA GLN C 403 -0.06 32.54 -46.08
C GLN C 403 0.19 33.43 -44.86
N TYR C 404 0.55 32.84 -43.72
CA TYR C 404 0.84 33.63 -42.53
C TYR C 404 2.07 34.50 -42.74
N LEU C 405 3.09 33.95 -43.43
CA LEU C 405 4.25 34.76 -43.78
C LEU C 405 3.87 35.91 -44.70
N SER C 406 2.97 35.65 -45.66
CA SER C 406 2.49 36.71 -46.54
C SER C 406 1.72 37.77 -45.76
N VAL C 407 0.93 37.34 -44.76
CA VAL C 407 0.20 38.29 -43.93
C VAL C 407 1.17 39.14 -43.11
N SER C 408 2.23 38.52 -42.61
CA SER C 408 3.26 39.28 -41.90
C SER C 408 3.92 40.30 -42.83
N ASN C 409 4.19 39.90 -44.08
CA ASN C 409 4.74 40.82 -45.05
C ASN C 409 3.78 41.97 -45.34
N SER C 410 2.48 41.66 -45.43
CA SER C 410 1.49 42.70 -45.67
C SER C 410 1.41 43.66 -44.49
N ILE C 411 1.54 43.14 -43.27
CA ILE C 411 1.59 44.01 -42.09
C ILE C 411 2.81 44.91 -42.15
N ASP C 412 3.96 44.36 -42.54
CA ASP C 412 5.16 45.17 -42.67
C ASP C 412 4.98 46.26 -43.72
N GLU C 413 4.37 45.93 -44.86
CA GLU C 413 4.14 46.93 -45.90
C GLU C 413 3.18 48.01 -45.43
N THR C 414 2.08 47.61 -44.77
CA THR C 414 1.11 48.59 -44.26
C THR C 414 1.71 49.41 -43.13
N VAL C 415 2.43 48.76 -42.22
CA VAL C 415 3.06 49.46 -41.11
C VAL C 415 4.46 49.91 -41.50
N VAL D 1 -21.36 54.72 -50.73
CA VAL D 1 -22.15 53.54 -50.40
C VAL D 1 -21.28 52.49 -49.73
N LEU D 2 -20.06 52.90 -49.35
CA LEU D 2 -19.17 51.97 -48.66
C LEU D 2 -19.72 51.57 -47.30
N SER D 3 -20.39 52.50 -46.61
CA SER D 3 -21.05 52.16 -45.36
C SER D 3 -22.14 51.13 -45.58
N GLN D 4 -22.89 51.26 -46.67
CA GLN D 4 -23.89 50.25 -47.00
C GLN D 4 -23.23 48.91 -47.28
N ALA D 5 -22.11 48.91 -48.00
CA ALA D 5 -21.40 47.66 -48.25
C ALA D 5 -20.95 47.01 -46.95
N GLN D 6 -20.47 47.82 -46.00
CA GLN D 6 -20.11 47.29 -44.69
C GLN D 6 -21.31 46.72 -43.96
N ALA D 7 -22.45 47.40 -44.04
CA ALA D 7 -23.66 46.89 -43.39
C ALA D 7 -24.06 45.54 -43.96
N GLN D 8 -24.07 45.42 -45.29
CA GLN D 8 -24.44 44.15 -45.92
C GLN D 8 -23.42 43.05 -45.62
N ASN D 9 -22.13 43.36 -45.63
CA ASN D 9 -21.16 42.30 -45.37
C ASN D 9 -21.19 41.86 -43.91
N SER D 10 -21.46 42.80 -42.99
CA SER D 10 -21.58 42.44 -41.58
C SER D 10 -22.82 41.59 -41.34
N GLN D 11 -23.96 41.95 -41.93
CA GLN D 11 -25.15 41.12 -41.75
C GLN D 11 -24.98 39.77 -42.43
N TYR D 12 -24.24 39.73 -43.54
CA TYR D 12 -23.95 38.46 -44.18
C TYR D 12 -23.05 37.60 -43.31
N ALA D 13 -22.10 38.22 -42.60
CA ALA D 13 -21.25 37.48 -41.68
C ALA D 13 -22.06 36.92 -40.51
N LEU D 14 -23.01 37.70 -39.99
CA LEU D 14 -23.88 37.19 -38.95
C LEU D 14 -24.72 36.02 -39.47
N ALA D 15 -25.23 36.14 -40.69
CA ALA D 15 -25.94 35.02 -41.30
C ALA D 15 -25.02 33.82 -41.48
N ARG D 16 -23.74 34.06 -41.78
CA ARG D 16 -22.79 32.96 -41.88
C ARG D 16 -22.61 32.25 -40.56
N THR D 17 -22.52 33.01 -39.46
CA THR D 17 -22.40 32.38 -38.14
C THR D 17 -23.66 31.57 -37.81
N PHE D 18 -24.83 32.12 -38.12
CA PHE D 18 -26.06 31.37 -37.89
C PHE D 18 -26.10 30.10 -38.73
N ALA D 19 -25.64 30.19 -39.97
CA ALA D 19 -25.61 29.02 -40.84
C ALA D 19 -24.60 27.99 -40.33
N THR D 20 -23.49 28.44 -39.77
CA THR D 20 -22.53 27.51 -39.18
C THR D 20 -23.14 26.76 -38.00
N GLN D 21 -23.88 27.47 -37.15
CA GLN D 21 -24.59 26.78 -36.07
C GLN D 21 -25.62 25.80 -36.63
N LYS D 22 -26.33 26.21 -37.69
CA LYS D 22 -27.28 25.32 -38.36
C LYS D 22 -26.61 24.04 -38.82
N VAL D 23 -25.50 24.16 -39.53
CA VAL D 23 -24.86 22.98 -40.12
C VAL D 23 -24.11 22.19 -39.07
N SER D 24 -23.74 22.82 -37.95
CA SER D 24 -23.16 22.05 -36.85
C SER D 24 -24.20 21.17 -36.19
N LEU D 25 -25.40 21.70 -35.96
CA LEU D 25 -26.49 20.86 -35.50
C LEU D 25 -26.80 19.76 -36.50
N GLU D 26 -26.75 20.10 -37.80
CA GLU D 26 -26.96 19.10 -38.84
C GLU D 26 -25.92 17.99 -38.74
N GLU D 27 -24.65 18.36 -38.53
CA GLU D 27 -23.59 17.36 -38.40
C GLU D 27 -23.81 16.46 -37.19
N SER D 28 -24.15 17.04 -36.04
CA SER D 28 -24.38 16.21 -34.87
C SER D 28 -25.50 15.21 -35.13
N VAL D 29 -26.64 15.69 -35.63
CA VAL D 29 -27.77 14.81 -35.85
C VAL D 29 -27.43 13.74 -36.90
N LEU D 30 -26.78 14.16 -37.99
CA LEU D 30 -26.50 13.23 -39.08
C LEU D 30 -25.44 12.20 -38.69
N SER D 31 -24.51 12.58 -37.82
CA SER D 31 -23.57 11.61 -37.28
C SER D 31 -24.29 10.56 -36.45
N GLN D 32 -25.24 11.00 -35.62
CA GLN D 32 -26.02 10.03 -34.87
C GLN D 32 -26.88 9.17 -35.81
N VAL D 33 -27.32 9.75 -36.93
CA VAL D 33 -28.00 8.96 -37.96
C VAL D 33 -27.08 7.88 -38.51
N THR D 34 -25.82 8.25 -38.78
CA THR D 34 -24.88 7.27 -39.31
C THR D 34 -24.65 6.13 -38.33
N THR D 35 -24.49 6.45 -37.05
CA THR D 35 -24.35 5.40 -36.04
C THR D 35 -25.58 4.50 -36.01
N ALA D 36 -26.78 5.10 -36.06
CA ALA D 36 -28.00 4.31 -36.06
C ALA D 36 -28.10 3.42 -37.30
N ILE D 37 -27.69 3.94 -38.46
CA ILE D 37 -27.74 3.14 -39.69
C ILE D 37 -26.78 1.97 -39.59
N GLN D 38 -25.58 2.19 -39.05
CA GLN D 38 -24.65 1.09 -38.87
C GLN D 38 -25.22 0.02 -37.93
N THR D 39 -25.84 0.45 -36.83
CA THR D 39 -26.45 -0.51 -35.92
C THR D 39 -27.57 -1.29 -36.61
N ALA D 40 -28.38 -0.60 -37.42
CA ALA D 40 -29.45 -1.26 -38.14
C ALA D 40 -28.90 -2.27 -39.14
N GLN D 41 -27.82 -1.92 -39.83
CA GLN D 41 -27.21 -2.87 -40.77
C GLN D 41 -26.70 -4.10 -40.04
N GLU D 42 -26.07 -3.91 -38.88
CA GLU D 42 -25.62 -5.06 -38.10
C GLU D 42 -26.79 -5.94 -37.68
N LYS D 43 -27.89 -5.31 -37.23
CA LYS D 43 -29.07 -6.08 -36.82
C LYS D 43 -29.65 -6.86 -37.99
N ILE D 44 -29.72 -6.23 -39.17
CA ILE D 44 -30.29 -6.90 -40.34
C ILE D 44 -29.41 -8.08 -40.76
N VAL D 45 -28.09 -7.89 -40.76
CA VAL D 45 -27.19 -8.98 -41.14
C VAL D 45 -27.30 -10.13 -40.14
N TYR D 46 -27.42 -9.81 -38.85
CA TYR D 46 -27.69 -10.84 -37.85
C TYR D 46 -28.99 -11.57 -38.17
N ALA D 47 -30.04 -10.83 -38.53
CA ALA D 47 -31.31 -11.45 -38.91
C ALA D 47 -31.19 -12.21 -40.23
N GLY D 48 -30.10 -12.00 -40.97
CA GLY D 48 -29.92 -12.68 -42.24
C GLY D 48 -29.74 -14.17 -42.13
N ASN D 49 -29.55 -14.69 -40.92
CA ASN D 49 -29.38 -16.12 -40.71
C ASN D 49 -30.59 -16.88 -41.22
N GLY D 50 -30.34 -18.01 -41.89
CA GLY D 50 -31.42 -18.79 -42.46
C GLY D 50 -32.36 -19.37 -41.42
N THR D 51 -31.79 -19.91 -40.34
CA THR D 51 -32.57 -20.55 -39.28
C THR D 51 -32.65 -19.59 -38.10
N LEU D 52 -33.87 -19.19 -37.76
CA LEU D 52 -34.11 -18.32 -36.62
C LEU D 52 -35.49 -18.62 -36.03
N SER D 53 -35.57 -18.57 -34.71
CA SER D 53 -36.83 -18.83 -34.03
C SER D 53 -37.70 -17.57 -34.02
N ASP D 54 -38.95 -17.75 -33.59
CA ASP D 54 -39.87 -16.61 -33.49
C ASP D 54 -39.41 -15.62 -32.43
N ASP D 55 -38.84 -16.13 -31.33
CA ASP D 55 -38.35 -15.23 -30.29
C ASP D 55 -37.22 -14.34 -30.79
N ASP D 56 -36.28 -14.93 -31.53
CA ASP D 56 -35.15 -14.16 -32.04
C ASP D 56 -35.61 -13.10 -33.02
N ARG D 57 -36.53 -13.46 -33.94
CA ARG D 57 -37.03 -12.50 -34.91
C ARG D 57 -37.86 -11.41 -34.25
N ALA D 58 -38.62 -11.75 -33.21
CA ALA D 58 -39.38 -10.74 -32.48
C ALA D 58 -38.45 -9.77 -31.75
N SER D 59 -37.39 -10.29 -31.13
CA SER D 59 -36.43 -9.42 -30.45
C SER D 59 -35.72 -8.51 -31.45
N LEU D 60 -35.33 -9.05 -32.60
CA LEU D 60 -34.73 -8.23 -33.63
C LEU D 60 -35.70 -7.15 -34.11
N ALA D 61 -36.98 -7.50 -34.27
CA ALA D 61 -37.98 -6.54 -34.71
C ALA D 61 -38.16 -5.43 -33.69
N THR D 62 -38.20 -5.76 -32.40
CA THR D 62 -38.42 -4.72 -31.39
C THR D 62 -37.19 -3.83 -31.24
N ASP D 63 -35.98 -4.40 -31.34
CA ASP D 63 -34.78 -3.59 -31.33
C ASP D 63 -34.73 -2.66 -32.53
N LEU D 64 -35.15 -3.16 -33.70
CA LEU D 64 -35.16 -2.36 -34.91
C LEU D 64 -36.22 -1.27 -34.83
N GLN D 65 -37.35 -1.56 -34.17
CA GLN D 65 -38.35 -0.53 -33.88
C GLN D 65 -37.77 0.56 -33.00
N GLY D 66 -36.99 0.18 -31.99
CA GLY D 66 -36.31 1.17 -31.17
C GLY D 66 -35.35 2.03 -31.97
N ILE D 67 -34.62 1.41 -32.90
CA ILE D 67 -33.72 2.17 -33.76
C ILE D 67 -34.51 3.14 -34.63
N ARG D 68 -35.66 2.70 -35.16
CA ARG D 68 -36.51 3.60 -35.92
C ARG D 68 -36.99 4.77 -35.06
N ASP D 69 -37.34 4.49 -33.81
CA ASP D 69 -37.76 5.56 -32.90
C ASP D 69 -36.63 6.57 -32.71
N GLN D 70 -35.40 6.08 -32.57
CA GLN D 70 -34.26 6.99 -32.48
C GLN D 70 -34.11 7.81 -33.75
N LEU D 71 -34.29 7.19 -34.92
CA LEU D 71 -34.19 7.92 -36.17
C LEU D 71 -35.22 9.04 -36.27
N MET D 72 -36.48 8.75 -35.93
CA MET D 72 -37.51 9.78 -35.99
C MET D 72 -37.28 10.86 -34.94
N ASN D 73 -36.80 10.47 -33.75
CA ASN D 73 -36.48 11.47 -32.74
C ASN D 73 -35.40 12.43 -33.23
N LEU D 74 -34.38 11.90 -33.90
CA LEU D 74 -33.37 12.75 -34.52
C LEU D 74 -33.97 13.62 -35.61
N ALA D 75 -34.86 13.05 -36.42
CA ALA D 75 -35.45 13.80 -37.53
C ALA D 75 -36.38 14.90 -37.00
N ASN D 76 -36.98 14.71 -35.84
CA ASN D 76 -37.87 15.68 -35.23
C ASN D 76 -37.19 16.49 -34.13
N SER D 77 -35.86 16.50 -34.10
CA SER D 77 -35.14 17.23 -33.07
C SER D 77 -35.41 18.73 -33.18
N THR D 78 -35.48 19.39 -32.03
CA THR D 78 -35.73 20.82 -31.96
C THR D 78 -34.43 21.55 -31.67
N ASP D 79 -34.18 22.63 -32.41
CA ASP D 79 -32.99 23.42 -32.20
C ASP D 79 -33.05 24.12 -30.84
N GLY D 80 -31.88 24.51 -30.34
CA GLY D 80 -31.83 25.22 -29.07
C GLY D 80 -32.65 26.49 -29.08
N ASN D 81 -32.66 27.20 -30.20
CA ASN D 81 -33.49 28.39 -30.33
C ASN D 81 -34.98 28.06 -30.29
N GLY D 82 -35.34 26.78 -30.45
CA GLY D 82 -36.72 26.35 -30.46
C GLY D 82 -37.27 26.05 -31.83
N ARG D 83 -36.56 26.42 -32.89
CA ARG D 83 -37.04 26.20 -34.25
C ARG D 83 -36.73 24.78 -34.70
N TYR D 84 -37.34 24.38 -35.82
CA TYR D 84 -37.09 23.09 -36.43
C TYR D 84 -36.08 23.26 -37.56
N ILE D 85 -34.91 22.63 -37.39
CA ILE D 85 -33.82 22.80 -38.35
C ILE D 85 -34.15 22.17 -39.69
N PHE D 86 -34.71 20.96 -39.68
CA PHE D 86 -34.72 20.14 -40.88
C PHE D 86 -35.87 20.51 -41.80
N ALA D 87 -36.89 21.17 -41.27
CA ALA D 87 -38.04 21.54 -42.08
C ALA D 87 -37.67 22.54 -43.18
N GLY D 88 -36.83 23.51 -42.84
CA GLY D 88 -36.44 24.53 -43.80
C GLY D 88 -37.12 25.86 -43.50
N TYR D 89 -37.97 26.30 -44.43
CA TYR D 89 -38.69 27.55 -44.23
C TYR D 89 -39.65 27.46 -43.05
N LYS D 90 -40.35 26.32 -42.92
CA LYS D 90 -41.34 26.14 -41.86
C LYS D 90 -40.66 25.71 -40.56
N THR D 91 -39.94 26.68 -39.98
CA THR D 91 -39.21 26.41 -38.73
C THR D 91 -40.15 26.07 -37.60
N GLU D 92 -41.28 26.79 -37.50
CA GLU D 92 -42.25 26.49 -36.45
C GLU D 92 -42.89 25.12 -36.66
N ALA D 93 -43.21 24.79 -37.91
CA ALA D 93 -43.87 23.52 -38.21
C ALA D 93 -42.93 22.34 -38.02
N ALA D 94 -43.48 21.24 -37.53
CA ALA D 94 -42.69 20.01 -37.38
C ALA D 94 -42.38 19.43 -38.76
N PRO D 95 -41.16 18.96 -38.99
CA PRO D 95 -40.82 18.47 -40.35
C PRO D 95 -41.38 17.10 -40.67
N PHE D 96 -41.31 16.15 -39.74
CA PHE D 96 -41.76 14.79 -39.96
C PHE D 96 -42.77 14.40 -38.90
N ASP D 97 -43.83 13.72 -39.32
CA ASP D 97 -44.82 13.23 -38.37
C ASP D 97 -44.25 12.06 -37.57
N GLN D 98 -44.79 11.85 -36.38
CA GLN D 98 -44.32 10.77 -35.52
C GLN D 98 -44.60 9.41 -36.14
N ALA D 99 -45.76 9.26 -36.79
CA ALA D 99 -46.15 7.98 -37.39
C ALA D 99 -45.88 7.91 -38.88
N THR D 100 -46.44 8.84 -39.66
CA THR D 100 -46.24 8.79 -41.11
C THR D 100 -44.83 9.18 -41.49
N GLY D 101 -44.28 10.21 -40.85
CA GLY D 101 -42.95 10.66 -41.19
C GLY D 101 -42.85 11.46 -42.46
N GLY D 102 -43.98 11.91 -43.00
CA GLY D 102 -43.93 12.69 -44.22
C GLY D 102 -43.33 14.07 -43.99
N TYR D 103 -42.86 14.68 -45.08
CA TYR D 103 -42.21 15.98 -45.04
C TYR D 103 -43.27 17.07 -45.14
N HIS D 104 -43.36 17.90 -44.11
CA HIS D 104 -44.32 18.99 -44.06
C HIS D 104 -43.68 20.35 -44.27
N GLY D 105 -42.37 20.41 -44.49
CA GLY D 105 -41.70 21.66 -44.74
C GLY D 105 -41.74 22.07 -46.20
N GLY D 106 -41.05 23.16 -46.50
CA GLY D 106 -40.99 23.67 -47.86
C GLY D 106 -40.32 22.73 -48.84
N GLU D 107 -40.99 22.47 -49.96
CA GLU D 107 -40.39 21.63 -51.00
C GLU D 107 -39.15 22.29 -51.59
N LYS D 108 -39.23 23.59 -51.88
CA LYS D 108 -38.06 24.34 -52.30
C LYS D 108 -37.09 24.50 -51.14
N SER D 109 -35.87 24.01 -51.32
CA SER D 109 -34.87 24.05 -50.26
C SER D 109 -34.61 25.49 -49.83
N VAL D 110 -34.43 25.69 -48.52
CA VAL D 110 -34.20 27.02 -47.99
C VAL D 110 -32.90 27.56 -48.55
N THR D 111 -32.94 28.82 -48.98
CA THR D 111 -31.79 29.48 -49.59
C THR D 111 -31.37 30.66 -48.71
N GLN D 112 -30.14 30.61 -48.22
CA GLN D 112 -29.57 31.69 -47.43
C GLN D 112 -28.23 32.08 -48.04
N GLN D 113 -27.98 33.39 -48.13
CA GLN D 113 -26.80 33.91 -48.78
C GLN D 113 -25.72 34.16 -47.74
N VAL D 114 -24.60 33.44 -47.86
CA VAL D 114 -23.44 33.74 -47.02
C VAL D 114 -22.84 35.09 -47.42
N ASP D 115 -22.92 35.43 -48.71
CA ASP D 115 -22.42 36.68 -49.23
C ASP D 115 -23.31 37.14 -50.37
N SER D 116 -23.20 38.43 -50.71
CA SER D 116 -23.98 38.98 -51.81
C SER D 116 -23.60 38.32 -53.14
N ALA D 117 -22.30 38.08 -53.35
CA ALA D 117 -21.86 37.54 -54.64
C ALA D 117 -22.24 36.07 -54.79
N ARG D 118 -22.04 35.27 -53.75
CA ARG D 118 -22.24 33.83 -53.82
C ARG D 118 -23.54 33.46 -53.11
N THR D 119 -24.41 32.76 -53.83
CA THR D 119 -25.66 32.24 -53.28
C THR D 119 -25.70 30.73 -53.50
N MET D 120 -25.98 29.99 -52.43
CA MET D 120 -26.00 28.54 -52.49
C MET D 120 -26.99 28.00 -51.47
N VAL D 121 -27.33 26.71 -51.62
CA VAL D 121 -28.30 26.05 -50.76
C VAL D 121 -27.53 25.68 -49.48
N ILE D 122 -27.62 26.55 -48.47
CA ILE D 122 -26.96 26.27 -47.21
C ILE D 122 -27.71 25.19 -46.44
N GLY D 123 -28.97 25.44 -46.10
CA GLY D 123 -29.76 24.44 -45.44
C GLY D 123 -30.52 23.55 -46.41
N HIS D 124 -30.57 22.26 -46.08
CA HIS D 124 -31.19 21.26 -46.93
C HIS D 124 -32.48 20.77 -46.29
N THR D 125 -33.40 20.35 -47.15
CA THR D 125 -34.68 19.83 -46.68
C THR D 125 -34.49 18.53 -45.91
N GLY D 126 -35.42 18.26 -45.00
CA GLY D 126 -35.38 17.01 -44.27
C GLY D 126 -35.53 15.80 -45.17
N ALA D 127 -36.10 16.00 -46.36
CA ALA D 127 -36.26 14.90 -47.30
C ALA D 127 -34.91 14.41 -47.82
N GLN D 128 -34.04 15.33 -48.24
CA GLN D 128 -32.78 14.93 -48.86
C GLN D 128 -31.95 14.04 -47.93
N ILE D 129 -32.13 14.20 -46.62
CA ILE D 129 -31.40 13.38 -45.66
C ILE D 129 -31.93 11.95 -45.67
N PHE D 130 -33.22 11.77 -45.97
CA PHE D 130 -33.82 10.44 -45.96
C PHE D 130 -34.44 10.01 -47.28
N ASN D 131 -34.79 10.96 -48.15
CA ASN D 131 -35.52 10.66 -49.38
C ASN D 131 -34.66 10.79 -50.63
N SER D 132 -33.34 10.72 -50.50
CA SER D 132 -32.44 10.83 -51.64
C SER D 132 -31.88 9.46 -52.00
N ILE D 133 -31.88 9.14 -53.28
CA ILE D 133 -31.29 7.90 -53.79
C ILE D 133 -30.36 8.28 -54.94
N THR D 134 -29.06 7.97 -54.78
CA THR D 134 -28.08 8.40 -55.77
C THR D 134 -28.06 7.43 -56.95
N SER D 135 -27.75 7.99 -58.13
CA SER D 135 -27.67 7.17 -59.34
C SER D 135 -26.36 6.38 -59.39
N ASN D 136 -25.30 6.91 -58.77
CA ASN D 136 -24.00 6.20 -58.73
C ASN D 136 -24.15 4.88 -57.95
N ALA D 137 -25.18 4.76 -57.10
CA ALA D 137 -25.36 3.55 -56.27
C ALA D 137 -25.73 2.35 -57.13
N VAL D 138 -25.30 1.16 -56.72
CA VAL D 138 -25.67 -0.08 -57.47
C VAL D 138 -27.20 -0.26 -57.40
N PRO D 139 -27.89 -0.58 -58.51
CA PRO D 139 -29.34 -0.84 -58.47
C PRO D 139 -29.65 -2.09 -57.65
N GLU D 140 -30.81 -2.11 -56.98
CA GLU D 140 -31.19 -3.27 -56.14
C GLU D 140 -31.85 -4.33 -57.03
N PRO D 141 -31.28 -5.56 -57.13
CA PRO D 141 -31.86 -6.63 -57.95
C PRO D 141 -33.22 -7.15 -57.49
N ASP D 142 -33.40 -7.35 -56.17
CA ASP D 142 -34.67 -7.95 -55.66
C ASP D 142 -35.87 -7.06 -55.97
N GLY D 143 -35.74 -5.74 -55.80
CA GLY D 143 -36.83 -4.81 -56.16
C GLY D 143 -36.39 -3.82 -57.20
N SER D 144 -37.13 -3.74 -58.32
CA SER D 144 -36.79 -2.78 -59.41
C SER D 144 -36.92 -1.35 -58.86
N ASP D 145 -37.94 -1.10 -58.05
CA ASP D 145 -38.12 0.24 -57.43
C ASP D 145 -37.78 0.14 -55.95
N SER D 146 -36.91 1.02 -55.45
CA SER D 146 -36.51 1.01 -54.02
C SER D 146 -37.13 2.21 -53.32
N GLU D 147 -37.78 2.00 -52.17
CA GLU D 147 -38.49 3.11 -51.48
C GLU D 147 -37.47 4.19 -51.10
N LYS D 148 -37.77 5.46 -51.40
CA LYS D 148 -36.81 6.56 -51.13
C LYS D 148 -36.56 6.72 -49.63
N ASN D 149 -37.62 6.67 -48.82
CA ASN D 149 -37.48 6.91 -47.36
C ASN D 149 -36.73 5.76 -46.69
N LEU D 150 -35.81 6.08 -45.78
CA LEU D 150 -35.11 5.02 -44.99
C LEU D 150 -36.12 4.31 -44.08
N PHE D 151 -37.05 5.07 -43.49
CA PHE D 151 -37.99 4.48 -42.49
C PHE D 151 -38.83 3.37 -43.12
N VAL D 152 -39.39 3.61 -44.31
CA VAL D 152 -40.30 2.61 -44.94
C VAL D 152 -39.51 1.33 -45.28
N MET D 153 -38.27 1.47 -45.78
CA MET D 153 -37.47 0.29 -46.17
C MET D 153 -37.19 -0.56 -44.92
N LEU D 154 -36.81 0.08 -43.82
CA LEU D 154 -36.57 -0.66 -42.55
C LEU D 154 -37.90 -1.26 -42.07
N ASP D 155 -39.01 -0.54 -42.24
CA ASP D 155 -40.34 -1.00 -41.78
C ASP D 155 -40.72 -2.29 -42.54
N THR D 156 -40.38 -2.37 -43.82
CA THR D 156 -40.70 -3.58 -44.63
C THR D 156 -40.00 -4.78 -44.00
N ALA D 157 -38.73 -4.61 -43.61
CA ALA D 157 -38.02 -5.71 -42.91
C ALA D 157 -38.68 -6.01 -41.57
N ILE D 158 -39.08 -4.95 -40.83
CA ILE D 158 -39.73 -5.15 -39.50
C ILE D 158 -41.04 -5.90 -39.67
N ALA D 159 -41.81 -5.57 -40.72
CA ALA D 159 -43.10 -6.25 -40.97
C ALA D 159 -42.85 -7.73 -41.26
N ALA D 160 -41.82 -8.04 -42.07
CA ALA D 160 -41.48 -9.45 -42.36
C ALA D 160 -41.05 -10.12 -41.05
N LEU D 161 -40.28 -9.43 -40.23
CA LEU D 161 -39.83 -9.98 -38.92
C LEU D 161 -41.04 -10.20 -38.01
N LYS D 162 -42.00 -9.27 -38.01
CA LYS D 162 -43.16 -9.39 -37.09
C LYS D 162 -43.96 -10.64 -37.45
N THR D 163 -44.17 -10.89 -38.75
CA THR D 163 -44.94 -12.08 -39.20
C THR D 163 -44.12 -13.35 -38.98
N PRO D 164 -44.71 -14.48 -38.52
CA PRO D 164 -43.97 -15.73 -38.40
C PRO D 164 -44.04 -16.47 -39.75
N VAL D 165 -42.92 -16.52 -40.48
CA VAL D 165 -42.92 -17.15 -41.83
C VAL D 165 -42.52 -18.63 -41.72
N GLU D 166 -42.15 -19.07 -40.51
CA GLU D 166 -41.69 -20.47 -40.31
C GLU D 166 -42.82 -21.46 -40.60
N GLY D 167 -42.48 -22.60 -41.20
CA GLY D 167 -43.48 -23.64 -41.50
C GLY D 167 -44.09 -23.50 -42.88
N ASN D 168 -43.80 -22.39 -43.58
CA ASN D 168 -44.27 -22.24 -44.98
C ASN D 168 -43.07 -21.92 -45.86
N ASN D 169 -42.81 -22.74 -46.89
CA ASN D 169 -41.63 -22.53 -47.77
C ASN D 169 -41.79 -21.19 -48.51
N VAL D 170 -42.99 -20.92 -49.02
CA VAL D 170 -43.23 -19.65 -49.79
C VAL D 170 -43.03 -18.46 -48.85
N GLU D 171 -43.56 -18.55 -47.62
CA GLU D 171 -43.45 -17.43 -46.65
C GLU D 171 -41.98 -17.20 -46.29
N LYS D 172 -41.22 -18.28 -46.08
CA LYS D 172 -39.78 -18.14 -45.77
C LYS D 172 -39.07 -17.50 -46.96
N GLU D 173 -39.41 -17.92 -48.17
CA GLU D 173 -38.76 -17.38 -49.40
C GLU D 173 -39.05 -15.88 -49.52
N LYS D 174 -40.30 -15.48 -49.30
CA LYS D 174 -40.68 -14.05 -49.44
C LYS D 174 -39.93 -13.23 -48.38
N ALA D 175 -39.84 -13.75 -47.16
CA ALA D 175 -39.13 -13.02 -46.08
C ALA D 175 -37.65 -12.88 -46.45
N ALA D 176 -37.06 -13.93 -47.00
CA ALA D 176 -35.63 -13.89 -47.39
C ALA D 176 -35.42 -12.83 -48.48
N ALA D 177 -36.32 -12.77 -49.46
CA ALA D 177 -36.23 -11.76 -50.53
C ALA D 177 -36.37 -10.36 -49.92
N ALA D 178 -37.31 -10.20 -48.98
CA ALA D 178 -37.53 -8.88 -48.34
C ALA D 178 -36.26 -8.48 -47.57
N ILE D 179 -35.63 -9.43 -46.87
CA ILE D 179 -34.41 -9.13 -46.07
C ILE D 179 -33.30 -8.67 -47.02
N ASP D 180 -33.18 -9.31 -48.19
CA ASP D 180 -32.10 -8.97 -49.14
C ASP D 180 -32.28 -7.53 -49.65
N LYS D 181 -33.45 -7.21 -50.21
CA LYS D 181 -33.72 -5.89 -50.77
C LYS D 181 -33.59 -4.82 -49.70
N THR D 182 -34.02 -5.12 -48.45
CA THR D 182 -33.94 -4.12 -47.40
C THR D 182 -32.50 -3.86 -46.97
N ASN D 183 -31.67 -4.90 -46.89
CA ASN D 183 -30.29 -4.65 -46.49
C ASN D 183 -29.53 -3.89 -47.57
N ARG D 184 -29.73 -4.25 -48.85
CA ARG D 184 -29.03 -3.51 -49.88
C ARG D 184 -29.61 -2.12 -50.05
N GLY D 185 -30.90 -1.93 -49.73
CA GLY D 185 -31.44 -0.59 -49.65
C GLY D 185 -30.83 0.21 -48.51
N LEU D 186 -30.52 -0.46 -47.40
CA LEU D 186 -29.78 0.19 -46.33
C LEU D 186 -28.41 0.62 -46.81
N LYS D 187 -27.72 -0.23 -47.58
CA LYS D 187 -26.43 0.15 -48.13
C LYS D 187 -26.57 1.36 -49.05
N ASN D 188 -27.59 1.37 -49.92
CA ASN D 188 -27.80 2.49 -50.81
C ASN D 188 -28.15 3.77 -50.04
N SER D 189 -28.95 3.65 -48.99
CA SER D 189 -29.29 4.80 -48.18
C SER D 189 -28.08 5.34 -47.43
N LEU D 190 -27.22 4.44 -46.95
CA LEU D 190 -25.99 4.89 -46.30
C LEU D 190 -25.07 5.58 -47.29
N ASN D 191 -24.99 5.06 -48.52
CA ASN D 191 -24.22 5.74 -49.56
C ASN D 191 -24.81 7.11 -49.85
N ASN D 192 -26.14 7.22 -49.86
CA ASN D 192 -26.79 8.51 -50.01
C ASN D 192 -26.41 9.45 -48.88
N VAL D 193 -26.37 8.93 -47.65
CA VAL D 193 -26.01 9.75 -46.49
C VAL D 193 -24.57 10.22 -46.61
N LEU D 194 -23.67 9.35 -47.07
CA LEU D 194 -22.29 9.77 -47.28
C LEU D 194 -22.18 10.83 -48.36
N THR D 195 -22.94 10.69 -49.45
CA THR D 195 -22.89 11.69 -50.51
C THR D 195 -23.42 13.04 -50.03
N VAL D 196 -24.55 13.04 -49.32
CA VAL D 196 -25.10 14.30 -48.83
C VAL D 196 -24.19 14.89 -47.77
N ARG D 197 -23.55 14.05 -46.96
CA ARG D 197 -22.58 14.54 -46.00
C ARG D 197 -21.36 15.11 -46.69
N ALA D 198 -21.00 14.57 -47.85
CA ALA D 198 -19.89 15.14 -48.60
C ALA D 198 -20.25 16.53 -49.14
N GLU D 199 -21.45 16.67 -49.70
CA GLU D 199 -21.88 17.98 -50.19
C GLU D 199 -21.96 19.00 -49.06
N LEU D 200 -22.59 18.62 -47.94
CA LEU D 200 -22.70 19.55 -46.84
C LEU D 200 -21.35 19.72 -46.14
N GLY D 201 -20.43 18.79 -46.32
CA GLY D 201 -19.09 18.97 -45.80
C GLY D 201 -18.31 20.01 -46.59
N THR D 202 -18.49 20.01 -47.91
CA THR D 202 -18.06 21.16 -48.69
C THR D 202 -18.65 22.44 -48.13
N GLN D 203 -19.99 22.54 -48.12
CA GLN D 203 -20.65 23.75 -47.62
C GLN D 203 -20.34 24.02 -46.16
N LEU D 204 -19.69 23.06 -45.50
CA LEU D 204 -19.48 23.10 -44.05
C LEU D 204 -18.10 23.63 -43.70
N SER D 205 -17.07 22.98 -44.21
CA SER D 205 -15.69 23.37 -43.98
C SER D 205 -15.08 24.10 -45.17
N GLU D 206 -15.26 23.56 -46.38
CA GLU D 206 -14.66 24.21 -47.54
C GLU D 206 -15.32 25.56 -47.78
N LEU D 207 -16.65 25.62 -47.65
CA LEU D 207 -17.35 26.89 -47.84
C LEU D 207 -17.14 27.83 -46.66
N SER D 208 -16.94 27.29 -45.45
CA SER D 208 -16.63 28.16 -44.32
C SER D 208 -15.28 28.83 -44.48
N THR D 209 -14.26 28.04 -44.87
CA THR D 209 -12.96 28.62 -45.16
C THR D 209 -13.04 29.56 -46.36
N LEU D 210 -13.88 29.23 -47.33
CA LEU D 210 -14.08 30.11 -48.48
C LEU D 210 -14.69 31.44 -48.05
N ASP D 211 -15.64 31.40 -47.12
CA ASP D 211 -16.26 32.63 -46.62
C ASP D 211 -15.26 33.46 -45.83
N SER D 212 -14.44 32.79 -45.01
CA SER D 212 -13.40 33.51 -44.27
C SER D 212 -12.41 34.16 -45.23
N LEU D 213 -11.98 33.43 -46.25
CA LEU D 213 -11.04 33.98 -47.23
C LEU D 213 -11.68 35.09 -48.04
N GLY D 214 -12.98 34.97 -48.33
CA GLY D 214 -13.66 36.03 -49.06
C GLY D 214 -13.81 37.29 -48.23
N SER D 215 -14.06 37.13 -46.93
CA SER D 215 -14.07 38.29 -46.03
C SER D 215 -12.70 38.94 -45.99
N ASP D 216 -11.64 38.13 -45.93
CA ASP D 216 -10.28 38.67 -45.95
C ASP D 216 -9.99 39.40 -47.26
N ARG D 217 -10.44 38.84 -48.38
CA ARG D 217 -10.23 39.48 -49.68
C ARG D 217 -11.01 40.78 -49.78
N ALA D 218 -12.23 40.81 -49.23
CA ALA D 218 -13.00 42.05 -49.22
C ALA D 218 -12.33 43.10 -48.35
N LEU D 219 -11.77 42.69 -47.21
CA LEU D 219 -11.04 43.63 -46.37
C LEU D 219 -9.82 44.18 -47.11
N GLY D 220 -9.11 43.32 -47.83
CA GLY D 220 -7.98 43.79 -48.62
C GLY D 220 -8.40 44.71 -49.75
N GLN D 221 -9.56 44.43 -50.35
CA GLN D 221 -10.10 45.31 -51.38
C GLN D 221 -10.42 46.69 -50.80
N LYS D 222 -10.99 46.72 -49.61
CA LYS D 222 -11.18 47.99 -48.92
C LYS D 222 -9.83 48.63 -48.57
N LEU D 223 -8.87 47.80 -48.16
CA LEU D 223 -7.54 48.29 -47.82
C LEU D 223 -6.81 48.83 -49.05
N LEU E 1 -34.15 52.49 -20.26
CA LEU E 1 -34.27 51.05 -20.41
C LEU E 1 -33.77 50.33 -19.16
N THR E 2 -32.90 51.01 -18.40
CA THR E 2 -32.32 50.38 -17.21
C THR E 2 -33.41 50.03 -16.20
N ASP E 3 -34.34 50.95 -15.94
CA ASP E 3 -35.43 50.65 -15.02
C ASP E 3 -36.36 49.58 -15.59
N LEU E 4 -36.65 49.65 -16.89
CA LEU E 4 -37.52 48.65 -17.50
C LEU E 4 -36.87 47.27 -17.47
N THR E 5 -35.59 47.19 -17.81
CA THR E 5 -34.89 45.91 -17.75
C THR E 5 -34.80 45.40 -16.31
N LYS E 6 -34.61 46.31 -15.36
CA LYS E 6 -34.58 45.91 -13.95
C LYS E 6 -35.91 45.34 -13.50
N ASN E 7 -37.01 45.96 -13.92
CA ASN E 7 -38.33 45.45 -13.55
C ASN E 7 -38.63 44.13 -14.25
N GLU E 8 -38.18 43.98 -15.50
CA GLU E 8 -38.34 42.71 -16.19
C GLU E 8 -37.56 41.60 -15.48
N LYS E 9 -36.33 41.90 -15.04
CA LYS E 9 -35.56 40.92 -14.28
C LYS E 9 -36.20 40.65 -12.93
N GLY E 10 -36.84 41.66 -12.33
CA GLY E 10 -37.55 41.43 -11.08
C GLY E 10 -38.73 40.49 -11.25
N ARG E 11 -39.49 40.66 -12.33
CA ARG E 11 -40.57 39.73 -12.63
C ARG E 11 -40.02 38.34 -12.95
N LEU E 12 -38.90 38.28 -13.67
CA LEU E 12 -38.31 36.98 -14.01
C LEU E 12 -37.69 36.30 -12.79
N THR E 13 -37.41 37.07 -11.73
CA THR E 13 -36.78 36.48 -10.54
C THR E 13 -37.59 35.32 -9.98
N PRO E 14 -38.91 35.43 -9.76
CA PRO E 14 -39.68 34.20 -9.50
C PRO E 14 -39.61 33.21 -10.65
N ILE E 15 -39.60 33.70 -11.89
CA ILE E 15 -39.60 32.81 -13.05
C ILE E 15 -38.26 32.10 -13.17
N THR E 16 -37.15 32.83 -13.04
CA THR E 16 -35.84 32.20 -13.15
C THR E 16 -35.54 31.34 -11.93
N LYS E 17 -36.06 31.73 -10.76
CA LYS E 17 -35.93 30.88 -9.59
C LYS E 17 -36.71 29.59 -9.76
N GLN E 18 -37.87 29.66 -10.40
CA GLN E 18 -38.63 28.44 -10.70
C GLN E 18 -37.92 27.60 -11.74
N GLN E 19 -37.25 28.23 -12.69
CA GLN E 19 -36.46 27.47 -13.66
C GLN E 19 -35.31 26.74 -13.00
N SER E 20 -34.58 27.42 -12.12
CA SER E 20 -33.51 26.78 -11.37
C SER E 20 -34.06 25.69 -10.46
N ALA E 21 -35.24 25.92 -9.88
CA ALA E 21 -35.88 24.90 -9.05
C ALA E 21 -36.27 23.68 -9.87
N ASN E 22 -36.73 23.90 -11.11
CA ASN E 22 -37.08 22.78 -11.98
C ASN E 22 -35.83 22.00 -12.38
N SER E 23 -34.73 22.71 -12.65
CA SER E 23 -33.47 22.01 -12.93
C SER E 23 -33.01 21.21 -11.71
N ALA E 24 -33.13 21.78 -10.51
CA ALA E 24 -32.77 21.07 -9.30
C ALA E 24 -33.68 19.87 -9.08
N LYS E 25 -34.97 20.01 -9.37
CA LYS E 25 -35.91 18.90 -9.26
C LYS E 25 -35.55 17.78 -10.24
N LEU E 26 -35.15 18.14 -11.46
CA LEU E 26 -34.77 17.13 -12.43
C LEU E 26 -33.49 16.41 -12.02
N THR E 27 -32.52 17.15 -11.48
CA THR E 27 -31.31 16.51 -10.96
C THR E 27 -31.64 15.62 -9.77
N ALA E 28 -32.55 16.07 -8.91
CA ALA E 28 -32.99 15.26 -7.77
C ALA E 28 -33.67 13.99 -8.25
N TYR E 29 -34.50 14.09 -9.29
CA TYR E 29 -35.15 12.90 -9.85
C TYR E 29 -34.12 11.95 -10.45
N GLY E 30 -33.10 12.48 -11.12
CA GLY E 30 -32.05 11.62 -11.64
C GLY E 30 -31.31 10.88 -10.53
N THR E 31 -30.91 11.62 -9.49
CA THR E 31 -30.22 10.99 -8.37
C THR E 31 -31.13 10.00 -7.64
N LEU E 32 -32.40 10.34 -7.48
CA LEU E 32 -33.34 9.45 -6.81
C LEU E 32 -33.55 8.18 -7.63
N LYS E 33 -33.62 8.31 -8.96
CA LYS E 33 -33.77 7.12 -9.80
C LYS E 33 -32.51 6.27 -9.77
N SER E 34 -31.33 6.90 -9.68
CA SER E 34 -30.09 6.13 -9.54
C SER E 34 -30.09 5.34 -8.23
N ALA E 35 -30.41 6.02 -7.12
CA ALA E 35 -30.44 5.34 -5.83
C ALA E 35 -31.53 4.27 -5.78
N LEU E 36 -32.67 4.55 -6.40
CA LEU E 36 -33.77 3.58 -6.42
C LEU E 36 -33.43 2.38 -7.28
N GLU E 37 -32.70 2.59 -8.38
CA GLU E 37 -32.23 1.45 -9.17
C GLU E 37 -31.21 0.63 -8.39
N LYS E 38 -30.33 1.30 -7.64
CA LYS E 38 -29.41 0.57 -6.79
C LYS E 38 -30.17 -0.28 -5.76
N PHE E 39 -31.21 0.31 -5.15
CA PHE E 39 -32.00 -0.43 -4.18
C PHE E 39 -32.74 -1.58 -4.84
N GLN E 40 -33.25 -1.38 -6.05
CA GLN E 40 -33.93 -2.46 -6.77
C GLN E 40 -32.96 -3.59 -7.09
N THR E 41 -31.73 -3.24 -7.46
CA THR E 41 -30.70 -4.26 -7.68
C THR E 41 -30.44 -5.05 -6.42
N ALA E 42 -30.30 -4.36 -5.28
CA ALA E 42 -30.07 -5.06 -4.01
C ALA E 42 -31.26 -5.94 -3.64
N ASN E 43 -32.48 -5.43 -3.84
CA ASN E 43 -33.67 -6.20 -3.52
C ASN E 43 -33.76 -7.46 -4.36
N THR E 44 -33.52 -7.35 -5.66
CA THR E 44 -33.59 -8.53 -6.52
C THR E 44 -32.45 -9.49 -6.20
N ALA E 45 -31.30 -8.97 -5.81
CA ALA E 45 -30.22 -9.84 -5.34
C ALA E 45 -30.65 -10.62 -4.09
N LEU E 46 -31.49 -10.00 -3.26
CA LEU E 46 -32.04 -10.72 -2.12
C LEU E 46 -33.14 -11.70 -2.53
N ASN E 47 -33.78 -11.47 -3.67
CA ASN E 47 -34.93 -12.28 -4.05
C ASN E 47 -34.54 -13.69 -4.46
N LYS E 48 -33.25 -13.96 -4.65
CA LYS E 48 -32.81 -15.29 -5.03
C LYS E 48 -32.83 -16.22 -3.83
N ALA E 49 -33.49 -17.36 -3.98
CA ALA E 49 -33.68 -18.31 -2.90
C ALA E 49 -32.49 -19.23 -2.66
N ASP E 50 -31.65 -19.44 -3.68
CA ASP E 50 -30.50 -20.33 -3.52
C ASP E 50 -29.52 -19.85 -2.45
N LEU E 51 -29.62 -18.58 -2.05
CA LEU E 51 -28.79 -18.09 -0.96
C LEU E 51 -29.09 -18.82 0.34
N PHE E 52 -30.35 -19.20 0.55
CA PHE E 52 -30.73 -19.85 1.80
C PHE E 52 -30.39 -21.33 1.78
N LYS E 53 -30.37 -21.95 0.60
CA LYS E 53 -29.88 -23.32 0.45
C LYS E 53 -28.45 -23.30 -0.07
N SER E 54 -27.53 -22.96 0.82
CA SER E 54 -26.12 -22.85 0.50
C SER E 54 -25.31 -23.71 1.46
N THR E 55 -24.38 -24.49 0.91
CA THR E 55 -23.57 -25.41 1.70
C THR E 55 -22.15 -25.40 1.15
N VAL E 56 -21.22 -25.91 1.96
CA VAL E 56 -19.83 -26.05 1.56
C VAL E 56 -19.37 -27.46 1.88
N ALA E 57 -18.56 -28.02 1.00
CA ALA E 57 -18.13 -29.40 1.12
C ALA E 57 -16.63 -29.48 1.26
N SER E 58 -16.17 -30.53 1.94
CA SER E 58 -14.75 -30.77 2.15
C SER E 58 -14.48 -32.26 2.03
N SER E 59 -13.26 -32.60 1.62
CA SER E 59 -12.85 -33.97 1.44
C SER E 59 -11.60 -34.24 2.25
N THR E 60 -11.49 -35.46 2.78
CA THR E 60 -10.29 -35.83 3.53
C THR E 60 -9.10 -36.04 2.59
N THR E 61 -9.31 -36.76 1.50
CA THR E 61 -8.26 -37.13 0.56
C THR E 61 -8.08 -36.03 -0.48
N GLU E 62 -6.85 -35.85 -0.95
CA GLU E 62 -6.59 -34.87 -2.00
C GLU E 62 -6.90 -35.44 -3.39
N ASP E 63 -6.89 -36.76 -3.52
CA ASP E 63 -7.18 -37.37 -4.81
C ASP E 63 -8.59 -37.06 -5.27
N LEU E 64 -9.56 -37.16 -4.37
CA LEU E 64 -10.94 -36.83 -4.70
C LEU E 64 -11.16 -35.34 -4.53
N LYS E 65 -11.89 -34.74 -5.46
CA LYS E 65 -12.23 -33.32 -5.38
C LYS E 65 -13.74 -33.18 -5.33
N VAL E 66 -14.24 -32.26 -4.50
CA VAL E 66 -15.67 -32.12 -4.28
C VAL E 66 -16.06 -30.66 -4.41
N SER E 67 -17.16 -30.41 -5.13
CA SER E 67 -17.75 -29.09 -5.26
C SER E 67 -19.24 -29.22 -5.03
N THR E 68 -19.88 -28.14 -4.57
CA THR E 68 -21.29 -28.20 -4.20
C THR E 68 -22.10 -27.24 -5.05
N THR E 69 -23.06 -27.78 -5.79
CA THR E 69 -24.09 -27.00 -6.43
C THR E 69 -25.20 -26.72 -5.42
N ALA E 70 -25.93 -25.62 -5.65
CA ALA E 70 -26.98 -25.23 -4.72
C ALA E 70 -28.05 -26.31 -4.63
N GLY E 71 -28.56 -26.52 -3.41
CA GLY E 71 -29.57 -27.51 -3.17
C GLY E 71 -29.10 -28.77 -2.47
N ALA E 72 -27.81 -28.87 -2.15
CA ALA E 72 -27.29 -30.06 -1.49
C ALA E 72 -27.78 -30.12 -0.05
N ALA E 73 -27.86 -31.35 0.47
CA ALA E 73 -28.25 -31.59 1.85
C ALA E 73 -27.01 -31.91 2.67
N ALA E 74 -26.92 -31.35 3.87
CA ALA E 74 -25.74 -31.55 4.71
C ALA E 74 -25.62 -33.00 5.16
N GLY E 75 -24.39 -33.46 5.35
CA GLY E 75 -24.19 -34.83 5.76
C GLY E 75 -22.75 -35.23 5.59
N THR E 76 -22.50 -36.52 5.79
CA THR E 76 -21.20 -37.12 5.50
C THR E 76 -21.41 -38.32 4.59
N TYR E 77 -20.56 -38.45 3.58
CA TYR E 77 -20.65 -39.51 2.59
C TYR E 77 -19.36 -40.31 2.56
N LYS E 78 -19.49 -41.63 2.45
CA LYS E 78 -18.35 -42.53 2.38
C LYS E 78 -18.22 -43.03 0.95
N ILE E 79 -17.10 -42.71 0.31
CA ILE E 79 -16.94 -42.88 -1.13
C ILE E 79 -15.80 -43.85 -1.39
N ASN E 80 -16.06 -44.84 -2.24
CA ASN E 80 -15.06 -45.81 -2.69
C ASN E 80 -15.05 -45.77 -4.22
N VAL E 81 -13.94 -45.33 -4.79
CA VAL E 81 -13.81 -45.20 -6.24
C VAL E 81 -13.19 -46.49 -6.76
N THR E 82 -14.03 -47.44 -7.14
CA THR E 82 -13.53 -48.73 -7.61
C THR E 82 -12.74 -48.62 -8.89
N GLN E 83 -13.24 -47.85 -9.86
CA GLN E 83 -12.65 -47.81 -11.19
C GLN E 83 -12.57 -46.37 -11.67
N LEU E 84 -11.88 -46.18 -12.78
CA LEU E 84 -11.71 -44.87 -13.39
C LEU E 84 -11.99 -44.98 -14.89
N ALA E 85 -12.59 -43.94 -15.45
CA ALA E 85 -12.99 -43.99 -16.85
C ALA E 85 -11.82 -43.62 -17.75
N ALA E 86 -11.76 -44.28 -18.91
CA ALA E 86 -10.70 -44.05 -19.87
C ALA E 86 -11.30 -44.01 -21.26
N ALA E 87 -10.61 -43.31 -22.15
CA ALA E 87 -11.09 -43.05 -23.50
C ALA E 87 -10.33 -43.91 -24.50
N GLN E 88 -11.06 -44.58 -25.38
CA GLN E 88 -10.43 -45.45 -26.37
C GLN E 88 -9.44 -44.65 -27.20
N SER E 89 -8.33 -45.28 -27.55
CA SER E 89 -7.34 -44.62 -28.39
C SER E 89 -6.80 -45.60 -29.42
N LEU E 90 -6.76 -45.18 -30.68
CA LEU E 90 -6.39 -46.04 -31.78
C LEU E 90 -5.14 -45.49 -32.45
N ALA E 91 -4.22 -46.35 -32.85
CA ALA E 91 -3.00 -45.93 -33.51
C ALA E 91 -2.77 -46.75 -34.77
N THR E 92 -2.22 -46.11 -35.79
CA THR E 92 -1.93 -46.82 -37.04
C THR E 92 -0.91 -47.91 -36.79
N LYS E 93 -1.05 -49.02 -37.52
CA LYS E 93 -0.18 -50.17 -37.28
C LYS E 93 1.25 -49.88 -37.73
N THR E 94 1.42 -49.08 -38.76
CA THR E 94 2.75 -48.81 -39.30
C THR E 94 3.26 -47.46 -38.84
N THR E 95 4.48 -47.12 -39.30
CA THR E 95 5.12 -45.85 -39.02
C THR E 95 5.56 -45.22 -40.33
N PHE E 96 5.49 -43.89 -40.42
CA PHE E 96 5.73 -43.17 -41.66
C PHE E 96 6.99 -42.34 -41.56
N ALA E 97 7.63 -42.10 -42.71
CA ALA E 97 8.90 -41.39 -42.72
C ALA E 97 8.75 -39.95 -42.24
N THR E 98 7.70 -39.27 -42.67
CA THR E 98 7.47 -37.89 -42.24
C THR E 98 6.02 -37.53 -42.49
N THR E 99 5.58 -36.45 -41.84
CA THR E 99 4.20 -36.00 -41.97
C THR E 99 3.89 -35.56 -43.40
N LYS E 100 4.84 -34.86 -44.03
CA LYS E 100 4.61 -34.28 -45.36
C LYS E 100 4.35 -35.36 -46.41
N GLU E 101 4.81 -36.58 -46.17
CA GLU E 101 4.55 -37.68 -47.09
C GLU E 101 3.05 -37.93 -47.19
N GLN E 102 2.58 -38.13 -48.42
CA GLN E 102 1.15 -38.31 -48.69
C GLN E 102 0.77 -39.77 -48.40
N LEU E 103 -0.32 -39.95 -47.66
CA LEU E 103 -0.69 -41.29 -47.22
C LEU E 103 -1.62 -41.98 -48.20
N GLY E 104 -2.67 -41.28 -48.64
CA GLY E 104 -3.68 -41.91 -49.47
C GLY E 104 -3.34 -41.89 -50.95
N ASP E 105 -4.27 -42.43 -51.75
CA ASP E 105 -4.08 -42.49 -53.19
C ASP E 105 -4.16 -41.10 -53.80
N THR E 106 -3.28 -40.85 -54.78
CA THR E 106 -3.21 -39.52 -55.37
C THR E 106 -4.25 -39.33 -56.48
N SER E 107 -4.78 -40.42 -57.03
CA SER E 107 -5.71 -40.31 -58.15
C SER E 107 -7.04 -39.73 -57.71
N VAL E 108 -7.55 -40.17 -56.55
CA VAL E 108 -8.88 -39.74 -56.11
C VAL E 108 -8.86 -38.26 -55.78
N THR E 109 -9.96 -37.57 -56.12
CA THR E 109 -10.01 -36.13 -55.92
C THR E 109 -10.82 -35.75 -54.69
N SER E 110 -11.72 -36.63 -54.23
CA SER E 110 -12.56 -36.36 -53.08
C SER E 110 -12.65 -37.60 -52.20
N ARG E 111 -12.48 -37.41 -50.89
CA ARG E 111 -12.42 -38.52 -49.94
C ARG E 111 -13.25 -38.17 -48.72
N THR E 112 -13.78 -39.18 -48.03
CA THR E 112 -14.59 -38.96 -46.85
C THR E 112 -14.25 -40.00 -45.79
N ILE E 113 -14.35 -39.60 -44.53
CA ILE E 113 -14.16 -40.49 -43.39
C ILE E 113 -15.45 -40.53 -42.60
N LYS E 114 -16.03 -41.72 -42.44
CA LYS E 114 -17.30 -41.90 -41.75
C LYS E 114 -17.04 -42.63 -40.44
N ILE E 115 -17.46 -42.02 -39.34
CA ILE E 115 -17.21 -42.53 -38.00
C ILE E 115 -18.54 -42.80 -37.32
N GLU E 116 -18.73 -44.05 -36.89
CA GLU E 116 -19.94 -44.51 -36.22
C GLU E 116 -19.65 -44.68 -34.74
N GLN E 117 -20.48 -44.10 -33.89
CA GLN E 117 -20.34 -44.37 -32.47
C GLN E 117 -21.68 -44.77 -31.88
N PRO E 118 -21.69 -45.58 -30.81
CA PRO E 118 -22.96 -45.86 -30.13
C PRO E 118 -23.59 -44.63 -29.51
N GLY E 119 -22.82 -43.57 -29.31
CA GLY E 119 -23.37 -42.39 -28.64
C GLY E 119 -24.13 -41.47 -29.57
N ARG E 120 -23.56 -41.19 -30.75
CA ARG E 120 -24.16 -40.20 -31.63
C ARG E 120 -25.13 -40.85 -32.60
N LYS E 121 -26.23 -40.14 -32.88
CA LYS E 121 -27.27 -40.67 -33.76
C LYS E 121 -26.79 -40.74 -35.21
N GLU E 122 -26.23 -39.64 -35.72
CA GLU E 122 -25.83 -39.55 -37.10
C GLU E 122 -24.31 -39.66 -37.22
N PRO E 123 -23.79 -40.54 -38.08
CA PRO E 123 -22.35 -40.73 -38.16
C PRO E 123 -21.63 -39.47 -38.60
N LEU E 124 -20.40 -39.30 -38.14
CA LEU E 124 -19.62 -38.13 -38.51
C LEU E 124 -18.98 -38.33 -39.88
N GLU E 125 -19.05 -37.29 -40.71
CA GLU E 125 -18.47 -37.26 -42.04
C GLU E 125 -17.37 -36.22 -42.09
N ILE E 126 -16.18 -36.64 -42.49
CA ILE E 126 -15.01 -35.77 -42.63
C ILE E 126 -14.67 -35.69 -44.11
N LYS E 127 -14.53 -34.47 -44.63
CA LYS E 127 -14.32 -34.23 -46.05
C LYS E 127 -12.85 -33.91 -46.30
N LEU E 128 -12.26 -34.57 -47.30
CA LEU E 128 -10.88 -34.34 -47.68
C LEU E 128 -10.79 -34.10 -49.18
N ASP E 129 -10.04 -33.07 -49.57
CA ASP E 129 -9.81 -32.75 -50.96
C ASP E 129 -8.80 -33.69 -51.59
N LYS E 130 -8.36 -33.35 -52.80
CA LYS E 130 -7.46 -34.22 -53.53
C LYS E 130 -6.07 -34.26 -52.90
N GLY E 131 -5.54 -33.10 -52.52
CA GLY E 131 -4.18 -33.00 -52.04
C GLY E 131 -3.98 -33.12 -50.54
N ASP E 132 -4.99 -33.55 -49.80
CA ASP E 132 -4.95 -33.55 -48.34
C ASP E 132 -4.66 -34.93 -47.75
N THR E 133 -4.06 -35.83 -48.51
CA THR E 133 -3.68 -37.13 -47.93
C THR E 133 -2.50 -37.02 -46.98
N SER E 134 -1.90 -35.84 -46.84
CA SER E 134 -0.84 -35.66 -45.86
C SER E 134 -1.36 -35.87 -44.45
N MET E 135 -0.50 -36.44 -43.61
CA MET E 135 -0.92 -36.79 -42.25
C MET E 135 -1.32 -35.54 -41.46
N GLU E 136 -0.59 -34.44 -41.67
CA GLU E 136 -0.97 -33.18 -41.04
C GLU E 136 -2.33 -32.71 -41.53
N ALA E 137 -2.62 -32.91 -42.81
CA ALA E 137 -3.92 -32.53 -43.34
C ALA E 137 -5.04 -33.34 -42.70
N ILE E 138 -4.83 -34.64 -42.51
CA ILE E 138 -5.84 -35.49 -41.86
C ILE E 138 -6.04 -35.06 -40.41
N ARG E 139 -4.95 -34.75 -39.70
CA ARG E 139 -5.10 -34.25 -38.35
C ARG E 139 -5.93 -32.97 -38.32
N ASP E 140 -5.65 -32.04 -39.23
CA ASP E 140 -6.39 -30.79 -39.24
C ASP E 140 -7.85 -30.99 -39.62
N ALA E 141 -8.12 -31.91 -40.54
CA ALA E 141 -9.50 -32.19 -40.92
C ALA E 141 -10.28 -32.75 -39.73
N ILE E 142 -9.68 -33.70 -39.01
CA ILE E 142 -10.40 -34.35 -37.91
C ILE E 142 -10.53 -33.41 -36.72
N ASN E 143 -9.55 -32.54 -36.50
CA ASN E 143 -9.65 -31.60 -35.39
C ASN E 143 -10.63 -30.47 -35.68
N ASP E 144 -10.63 -29.96 -36.91
CA ASP E 144 -11.42 -28.75 -37.20
C ASP E 144 -12.92 -29.03 -37.14
N ALA E 145 -13.33 -30.28 -37.33
CA ALA E 145 -14.74 -30.60 -37.27
C ALA E 145 -15.30 -30.45 -35.87
N ASP E 146 -14.44 -30.50 -34.85
CA ASP E 146 -14.83 -30.28 -33.46
C ASP E 146 -15.96 -31.21 -33.03
N SER E 147 -15.80 -32.50 -33.33
CA SER E 147 -16.83 -33.49 -33.05
C SER E 147 -16.62 -34.23 -31.73
N GLY E 148 -15.53 -33.98 -31.03
CA GLY E 148 -15.17 -34.74 -29.85
C GLY E 148 -14.10 -35.78 -30.07
N ILE E 149 -13.80 -36.12 -31.32
CA ILE E 149 -12.73 -37.04 -31.67
C ILE E 149 -11.48 -36.23 -31.97
N ALA E 150 -10.41 -36.49 -31.23
CA ALA E 150 -9.18 -35.71 -31.33
C ALA E 150 -8.10 -36.54 -32.00
N ALA E 151 -7.57 -36.04 -33.11
CA ALA E 151 -6.47 -36.70 -33.81
C ALA E 151 -5.17 -36.01 -33.47
N SER E 152 -4.10 -36.79 -33.38
CA SER E 152 -2.79 -36.31 -32.95
C SER E 152 -1.70 -37.09 -33.66
N ILE E 153 -0.49 -36.54 -33.64
CA ILE E 153 0.67 -37.16 -34.26
C ILE E 153 1.73 -37.37 -33.20
N VAL E 154 2.22 -38.60 -33.08
CA VAL E 154 3.24 -38.96 -32.10
C VAL E 154 4.42 -39.52 -32.86
N LYS E 155 5.59 -38.90 -32.72
CA LYS E 155 6.80 -39.41 -33.33
C LYS E 155 7.48 -40.35 -32.34
N VAL E 156 7.52 -41.64 -32.67
CA VAL E 156 8.09 -42.61 -31.75
C VAL E 156 9.57 -42.34 -31.54
N LYS E 157 10.29 -42.08 -32.63
CA LYS E 157 11.68 -41.66 -32.56
C LYS E 157 11.99 -40.88 -33.83
N GLU E 158 13.21 -40.38 -33.91
CA GLU E 158 13.61 -39.53 -35.03
C GLU E 158 13.41 -40.26 -36.35
N ASN E 159 12.67 -39.63 -37.26
CA ASN E 159 12.30 -40.10 -38.61
C ASN E 159 11.22 -41.16 -38.63
N GLU E 160 10.37 -41.25 -37.59
CA GLU E 160 9.22 -42.15 -37.60
C GLU E 160 8.04 -41.45 -36.94
N PHE E 161 6.85 -41.62 -37.51
CA PHE E 161 5.65 -40.95 -37.01
C PHE E 161 4.47 -41.91 -37.00
N GLN E 162 3.52 -41.66 -36.09
CA GLN E 162 2.26 -42.39 -36.02
C GLN E 162 1.11 -41.41 -35.82
N LEU E 163 -0.07 -41.83 -36.26
CA LEU E 163 -1.31 -41.07 -36.13
C LEU E 163 -2.17 -41.75 -35.06
N VAL E 164 -2.69 -40.95 -34.12
CA VAL E 164 -3.44 -41.46 -33.00
C VAL E 164 -4.79 -40.76 -32.97
N LEU E 165 -5.87 -41.54 -32.88
CA LEU E 165 -7.23 -41.01 -32.78
C LEU E 165 -7.77 -41.35 -31.41
N THR E 166 -8.17 -40.33 -30.65
CA THR E 166 -8.67 -40.53 -29.30
C THR E 166 -10.11 -40.06 -29.21
N ALA E 167 -11.00 -40.94 -28.78
CA ALA E 167 -12.39 -40.58 -28.57
C ALA E 167 -12.55 -39.93 -27.20
N ASN E 168 -13.79 -39.76 -26.77
CA ASN E 168 -14.07 -39.23 -25.45
C ASN E 168 -14.15 -40.36 -24.42
N SER E 169 -14.20 -39.96 -23.16
CA SER E 169 -14.27 -40.91 -22.07
C SER E 169 -15.60 -41.63 -22.04
N GLY E 170 -15.57 -42.95 -21.90
CA GLY E 170 -16.78 -43.74 -21.80
C GLY E 170 -16.78 -44.91 -22.75
N THR E 171 -17.65 -45.88 -22.46
CA THR E 171 -17.72 -47.08 -23.30
C THR E 171 -18.79 -46.94 -24.37
N ASP E 172 -19.58 -45.87 -24.33
CA ASP E 172 -20.52 -45.60 -25.41
C ASP E 172 -19.83 -44.91 -26.57
N ASN E 173 -18.65 -44.34 -26.33
CA ASN E 173 -17.89 -43.61 -27.34
C ASN E 173 -16.77 -44.49 -27.91
N THR E 174 -17.17 -45.57 -28.57
CA THR E 174 -16.22 -46.46 -29.23
C THR E 174 -16.34 -46.27 -30.74
N MET E 175 -15.25 -45.89 -31.37
CA MET E 175 -15.25 -45.48 -32.77
C MET E 175 -15.38 -46.68 -33.69
N LYS E 176 -16.03 -46.47 -34.83
CA LYS E 176 -16.07 -47.42 -35.93
C LYS E 176 -15.80 -46.64 -37.21
N ILE E 177 -14.60 -46.81 -37.77
CA ILE E 177 -14.07 -45.93 -38.80
C ILE E 177 -14.16 -46.64 -40.16
N THR E 178 -14.66 -45.93 -41.17
CA THR E 178 -14.67 -46.43 -42.54
C THR E 178 -14.39 -45.26 -43.48
N VAL E 179 -13.44 -45.44 -44.39
CA VAL E 179 -13.10 -44.41 -45.36
C VAL E 179 -13.80 -44.70 -46.67
N GLU E 180 -14.50 -43.71 -47.20
CA GLU E 180 -15.31 -43.84 -48.41
C GLU E 180 -14.73 -42.95 -49.51
N GLY E 181 -14.63 -43.51 -50.71
CA GLY E 181 -14.08 -42.84 -51.86
C GLY E 181 -12.64 -43.21 -52.19
N ASP E 182 -11.95 -43.85 -51.26
CA ASP E 182 -10.54 -44.19 -51.44
C ASP E 182 -10.30 -45.61 -50.95
N THR E 183 -9.36 -46.31 -51.59
CA THR E 183 -9.03 -47.67 -51.15
C THR E 183 -7.79 -47.68 -50.27
N LYS E 184 -6.81 -46.82 -50.57
CA LYS E 184 -5.58 -46.79 -49.77
C LYS E 184 -5.85 -46.24 -48.38
N LEU E 185 -6.57 -45.12 -48.30
CA LEU E 185 -6.85 -44.53 -47.00
C LEU E 185 -7.73 -45.46 -46.16
N ASN E 186 -8.67 -46.14 -46.80
CA ASN E 186 -9.46 -47.14 -46.08
C ASN E 186 -8.58 -48.31 -45.63
N ASP E 187 -7.58 -48.66 -46.42
CA ASP E 187 -6.62 -49.68 -46.00
C ASP E 187 -5.82 -49.22 -44.79
N LEU E 188 -5.61 -47.90 -44.66
CA LEU E 188 -4.83 -47.39 -43.55
C LEU E 188 -5.69 -47.10 -42.33
N LEU E 189 -6.92 -46.59 -42.54
CA LEU E 189 -7.82 -46.21 -41.46
C LEU E 189 -9.09 -47.05 -41.56
N ALA E 190 -9.13 -48.17 -40.86
CA ALA E 190 -10.30 -49.04 -40.85
C ALA E 190 -10.36 -49.80 -39.54
N TYR E 191 -11.43 -49.60 -38.77
CA TYR E 191 -11.59 -50.29 -37.50
C TYR E 191 -13.07 -50.56 -37.27
N ASP E 192 -13.38 -51.78 -36.84
CA ASP E 192 -14.73 -52.18 -36.45
C ASP E 192 -14.70 -52.54 -34.98
N SER E 193 -15.13 -51.61 -34.13
CA SER E 193 -15.03 -51.85 -32.69
C SER E 193 -16.05 -52.86 -32.22
N THR E 194 -17.17 -53.01 -32.95
CA THR E 194 -18.14 -54.03 -32.60
C THR E 194 -17.55 -55.43 -32.76
N THR E 195 -16.78 -55.65 -33.83
CA THR E 195 -16.09 -56.90 -34.06
C THR E 195 -14.70 -56.93 -33.43
N ASN E 196 -14.20 -55.78 -32.99
CA ASN E 196 -12.87 -55.66 -32.36
C ASN E 196 -11.75 -56.05 -33.32
N THR E 197 -11.90 -55.73 -34.60
CA THR E 197 -10.88 -56.01 -35.60
C THR E 197 -10.77 -54.81 -36.53
N GLY E 198 -9.59 -54.62 -37.11
CA GLY E 198 -9.39 -53.52 -38.04
C GLY E 198 -7.94 -53.35 -38.38
N ASN E 199 -7.66 -52.38 -39.25
CA ASN E 199 -6.29 -52.10 -39.66
C ASN E 199 -5.53 -51.34 -38.59
N MET E 200 -6.21 -50.48 -37.84
CA MET E 200 -5.59 -49.81 -36.71
C MET E 200 -5.56 -50.74 -35.50
N GLN E 201 -4.76 -50.37 -34.51
CA GLN E 201 -4.67 -51.14 -33.27
C GLN E 201 -5.14 -50.26 -32.12
N GLU E 202 -5.67 -50.91 -31.08
CA GLU E 202 -6.25 -50.21 -29.93
C GLU E 202 -5.20 -50.14 -28.84
N LEU E 203 -4.82 -48.92 -28.46
CA LEU E 203 -3.80 -48.73 -27.44
C LEU E 203 -4.42 -48.68 -26.05
N VAL E 204 -5.50 -47.93 -25.90
CA VAL E 204 -6.21 -47.75 -24.64
C VAL E 204 -7.66 -48.14 -24.85
N LYS E 205 -8.18 -48.95 -23.92
CA LYS E 205 -9.52 -49.49 -23.97
C LYS E 205 -10.47 -48.61 -23.15
N ALA E 206 -11.73 -48.57 -23.57
CA ALA E 206 -12.69 -47.65 -22.98
C ALA E 206 -13.36 -48.26 -21.76
N GLU E 207 -13.54 -47.45 -20.72
CA GLU E 207 -14.11 -47.92 -19.47
C GLU E 207 -15.00 -46.85 -18.86
N ASN E 208 -15.95 -47.28 -18.05
CA ASN E 208 -16.85 -46.40 -17.32
C ASN E 208 -16.35 -46.23 -15.90
N ALA E 209 -16.55 -45.04 -15.34
CA ALA E 209 -16.26 -44.84 -13.92
C ALA E 209 -17.25 -45.61 -13.08
N LYS E 210 -16.76 -46.28 -12.05
CA LYS E 210 -17.59 -47.01 -11.12
C LYS E 210 -17.20 -46.65 -9.72
N LEU E 211 -18.17 -46.24 -8.91
CA LEU E 211 -17.91 -45.92 -7.53
C LEU E 211 -19.08 -46.36 -6.67
N ASN E 212 -19.00 -46.02 -5.39
CA ASN E 212 -19.95 -46.49 -4.38
C ASN E 212 -20.10 -45.41 -3.33
N VAL E 213 -21.28 -44.83 -3.25
CA VAL E 213 -21.55 -43.73 -2.32
C VAL E 213 -22.57 -44.22 -1.29
N ASN E 214 -22.14 -44.28 -0.03
CA ASN E 214 -22.99 -44.68 1.10
C ASN E 214 -23.71 -46.01 0.82
N GLY E 215 -23.00 -46.95 0.21
CA GLY E 215 -23.58 -48.24 -0.06
C GLY E 215 -24.43 -48.33 -1.31
N ILE E 216 -24.41 -47.32 -2.17
CA ILE E 216 -25.12 -47.36 -3.44
C ILE E 216 -24.10 -47.41 -4.57
N ASP E 217 -24.25 -48.37 -5.48
CA ASP E 217 -23.32 -48.54 -6.59
C ASP E 217 -23.69 -47.62 -7.74
N ILE E 218 -22.69 -46.95 -8.31
CA ILE E 218 -22.89 -45.88 -9.28
C ILE E 218 -21.95 -46.10 -10.45
N GLU E 219 -22.47 -45.98 -11.67
CA GLU E 219 -21.67 -46.15 -12.87
C GLU E 219 -21.91 -44.99 -13.83
N ARG E 220 -20.88 -44.19 -14.05
CA ARG E 220 -20.94 -43.06 -14.96
C ARG E 220 -19.99 -43.31 -16.12
N GLN E 221 -20.00 -42.40 -17.09
CA GLN E 221 -19.14 -42.52 -18.26
C GLN E 221 -18.01 -41.51 -18.27
N SER E 222 -17.83 -40.75 -17.20
CA SER E 222 -16.77 -39.76 -17.12
C SER E 222 -16.27 -39.70 -15.68
N ASN E 223 -15.16 -39.00 -15.49
CA ASN E 223 -14.58 -38.84 -14.16
C ASN E 223 -15.13 -37.64 -13.43
N THR E 224 -16.24 -37.08 -13.89
CA THR E 224 -16.94 -36.02 -13.19
C THR E 224 -18.35 -36.51 -12.90
N VAL E 225 -18.56 -37.00 -11.68
CA VAL E 225 -19.84 -37.57 -11.25
C VAL E 225 -20.65 -36.45 -10.61
N THR E 226 -21.88 -36.27 -11.07
CA THR E 226 -22.69 -35.14 -10.66
C THR E 226 -23.91 -35.49 -9.84
N ASP E 227 -24.82 -36.32 -10.33
CA ASP E 227 -26.09 -36.55 -9.66
C ASP E 227 -26.04 -37.74 -8.70
N ALA E 228 -25.20 -37.68 -7.68
CA ALA E 228 -25.10 -38.75 -6.70
C ALA E 228 -24.42 -38.25 -5.44
N PRO E 229 -25.15 -37.66 -4.49
CA PRO E 229 -26.57 -37.32 -4.54
C PRO E 229 -26.78 -36.12 -5.42
N GLN E 230 -28.01 -35.80 -5.80
CA GLN E 230 -28.21 -34.64 -6.66
C GLN E 230 -27.77 -33.37 -5.94
N GLY E 231 -26.80 -32.69 -6.52
CA GLY E 231 -26.30 -31.44 -5.98
C GLY E 231 -24.88 -31.45 -5.47
N ILE E 232 -24.10 -32.50 -5.76
CA ILE E 232 -22.70 -32.56 -5.38
C ILE E 232 -21.90 -33.07 -6.57
N THR E 233 -20.88 -32.32 -6.99
CA THR E 233 -20.06 -32.67 -8.13
C THR E 233 -18.73 -33.22 -7.64
N LEU E 234 -18.41 -34.45 -8.04
CA LEU E 234 -17.19 -35.13 -7.63
C LEU E 234 -16.28 -35.28 -8.83
N THR E 235 -15.03 -34.88 -8.67
CA THR E 235 -13.99 -35.11 -9.65
C THR E 235 -13.08 -36.21 -9.13
N LEU E 236 -13.02 -37.32 -9.87
CA LEU E 236 -12.23 -38.48 -9.50
C LEU E 236 -10.88 -38.39 -10.20
N THR E 237 -9.80 -38.53 -9.44
CA THR E 237 -8.46 -38.53 -10.02
C THR E 237 -7.76 -39.88 -9.92
N LYS E 238 -7.96 -40.60 -8.82
CA LYS E 238 -7.37 -41.93 -8.66
C LYS E 238 -8.28 -42.76 -7.76
N LYS E 239 -8.06 -44.07 -7.76
CA LYS E 239 -8.86 -44.97 -6.93
C LYS E 239 -8.64 -44.66 -5.46
N VAL E 240 -9.73 -44.69 -4.70
CA VAL E 240 -9.75 -44.28 -3.30
C VAL E 240 -10.48 -45.35 -2.52
N THR E 241 -10.18 -45.46 -1.23
CA THR E 241 -10.90 -46.35 -0.32
C THR E 241 -11.38 -45.56 0.88
N ASP E 242 -12.69 -45.62 1.13
CA ASP E 242 -13.31 -45.05 2.33
C ASP E 242 -12.97 -43.58 2.52
N ALA E 243 -13.06 -42.80 1.45
CA ALA E 243 -12.95 -41.35 1.61
C ALA E 243 -14.21 -40.80 2.25
N THR E 244 -14.06 -39.68 2.95
CA THR E 244 -15.19 -39.03 3.60
C THR E 244 -15.36 -37.64 3.02
N VAL E 245 -16.57 -37.34 2.56
CA VAL E 245 -16.94 -36.01 2.09
C VAL E 245 -17.96 -35.44 3.05
N THR E 246 -17.66 -34.28 3.63
CA THR E 246 -18.53 -33.66 4.60
C THR E 246 -19.11 -32.38 4.02
N VAL E 247 -20.44 -32.28 4.00
CA VAL E 247 -21.14 -31.10 3.52
C VAL E 247 -21.84 -30.45 4.70
N THR E 248 -21.51 -29.18 4.94
CA THR E 248 -22.06 -28.44 6.07
C THR E 248 -22.65 -27.12 5.59
N LYS E 249 -23.72 -26.70 6.25
CA LYS E 249 -24.45 -25.53 5.79
C LYS E 249 -23.72 -24.24 6.15
N ASP E 250 -23.65 -23.32 5.19
CA ASP E 250 -23.08 -21.99 5.40
C ASP E 250 -24.12 -20.94 5.07
N ASP E 251 -24.29 -19.98 5.97
CA ASP E 251 -25.27 -18.91 5.82
C ASP E 251 -24.63 -17.57 5.46
N THR E 252 -23.37 -17.57 5.05
CA THR E 252 -22.68 -16.31 4.79
C THR E 252 -23.31 -15.56 3.61
N LYS E 253 -23.73 -16.29 2.57
CA LYS E 253 -24.28 -15.62 1.39
C LYS E 253 -25.53 -14.83 1.74
N ALA E 254 -26.43 -15.44 2.52
CA ALA E 254 -27.67 -14.75 2.90
C ALA E 254 -27.40 -13.54 3.77
N LYS E 255 -26.46 -13.65 4.72
CA LYS E 255 -26.20 -12.51 5.59
C LYS E 255 -25.55 -11.37 4.82
N GLU E 256 -24.64 -11.67 3.88
CA GLU E 256 -24.07 -10.60 3.07
C GLU E 256 -25.13 -9.94 2.19
N ALA E 257 -26.02 -10.75 1.60
CA ALA E 257 -27.09 -10.17 0.79
C ALA E 257 -27.99 -9.27 1.63
N ILE E 258 -28.35 -9.70 2.84
CA ILE E 258 -29.20 -8.90 3.71
C ILE E 258 -28.49 -7.61 4.12
N LYS E 259 -27.19 -7.71 4.45
CA LYS E 259 -26.45 -6.52 4.85
C LYS E 259 -26.37 -5.51 3.71
N SER E 260 -26.10 -5.97 2.49
CA SER E 260 -26.05 -5.05 1.35
C SER E 260 -27.42 -4.45 1.08
N TRP E 261 -28.49 -5.24 1.24
CA TRP E 261 -29.83 -4.70 1.06
C TRP E 261 -30.12 -3.61 2.09
N VAL E 262 -29.75 -3.83 3.34
CA VAL E 262 -29.96 -2.84 4.40
C VAL E 262 -29.15 -1.58 4.10
N ASP E 263 -27.89 -1.74 3.68
CA ASP E 263 -27.07 -0.59 3.36
C ASP E 263 -27.66 0.22 2.21
N ALA E 264 -28.13 -0.46 1.16
CA ALA E 264 -28.77 0.24 0.06
C ALA E 264 -30.02 0.98 0.52
N TYR E 265 -30.81 0.36 1.39
CA TYR E 265 -32.00 1.03 1.91
C TYR E 265 -31.63 2.28 2.71
N ASN E 266 -30.59 2.17 3.54
CA ASN E 266 -30.17 3.32 4.33
C ASN E 266 -29.67 4.45 3.44
N SER E 267 -28.92 4.12 2.39
CA SER E 267 -28.50 5.16 1.45
C SER E 267 -29.70 5.80 0.76
N LEU E 268 -30.70 4.99 0.39
CA LEU E 268 -31.90 5.55 -0.21
C LEU E 268 -32.62 6.48 0.73
N VAL E 269 -32.70 6.11 2.02
CA VAL E 269 -33.37 6.96 3.00
C VAL E 269 -32.60 8.26 3.21
N ASP E 270 -31.26 8.18 3.20
CA ASP E 270 -30.46 9.39 3.29
C ASP E 270 -30.74 10.33 2.13
N THR E 271 -30.80 9.79 0.92
CA THR E 271 -31.13 10.63 -0.24
C THR E 271 -32.53 11.21 -0.13
N PHE E 272 -33.49 10.39 0.33
CA PHE E 272 -34.87 10.87 0.47
C PHE E 272 -34.97 12.00 1.47
N SER E 273 -34.24 11.89 2.59
CA SER E 273 -34.25 12.96 3.59
C SER E 273 -33.53 14.20 3.05
N SER E 274 -32.47 14.02 2.26
CA SER E 274 -31.79 15.16 1.68
C SER E 274 -32.70 15.92 0.73
N LEU E 275 -33.51 15.20 -0.05
CA LEU E 275 -34.45 15.88 -0.94
C LEU E 275 -35.51 16.64 -0.16
N THR E 276 -35.76 16.24 1.09
CA THR E 276 -36.66 16.96 1.97
C THR E 276 -35.92 17.76 3.04
N LYS E 277 -34.62 17.94 2.90
CA LYS E 277 -33.86 18.71 3.88
C LYS E 277 -34.35 20.15 3.92
N TYR E 278 -34.57 20.64 5.13
CA TYR E 278 -35.09 21.99 5.34
C TYR E 278 -34.32 22.65 6.47
N THR E 279 -33.97 23.92 6.27
CA THR E 279 -33.24 24.71 7.25
C THR E 279 -34.13 25.82 7.78
N ALA E 280 -34.49 25.72 9.06
CA ALA E 280 -35.33 26.75 9.67
C ALA E 280 -34.55 28.06 9.80
N VAL E 281 -35.25 29.17 9.62
CA VAL E 281 -34.67 30.50 9.69
C VAL E 281 -35.23 31.19 10.93
N GLU E 282 -34.33 31.67 11.79
CA GLU E 282 -34.78 32.31 13.03
C GLU E 282 -35.31 33.72 12.79
N PRO E 283 -34.56 34.67 12.22
CA PRO E 283 -35.12 36.02 12.04
C PRO E 283 -36.29 36.06 11.07
N GLY E 284 -36.27 35.23 10.03
CA GLY E 284 -37.36 35.18 9.09
C GLY E 284 -37.02 35.57 7.66
N GLU E 285 -35.75 35.89 7.37
CA GLU E 285 -35.38 36.21 6.01
C GLU E 285 -35.36 34.96 5.14
N GLU E 286 -35.69 35.12 3.86
CA GLU E 286 -35.84 34.00 2.95
C GLU E 286 -34.61 33.87 2.05
N ALA E 287 -34.03 32.68 2.03
CA ALA E 287 -32.92 32.35 1.15
C ALA E 287 -32.99 30.88 0.80
N SER E 288 -32.22 30.47 -0.21
CA SER E 288 -32.23 29.06 -0.63
C SER E 288 -31.79 28.15 0.52
N ASP E 289 -30.52 28.28 0.93
CA ASP E 289 -29.98 27.56 2.09
C ASP E 289 -30.26 26.06 2.02
N LYS E 290 -30.42 25.53 0.81
CA LYS E 290 -30.79 24.13 0.55
C LYS E 290 -32.10 23.73 1.20
N ASN E 291 -32.90 24.68 1.66
CA ASN E 291 -34.12 24.35 2.38
C ASN E 291 -35.23 23.91 1.42
N GLY E 292 -35.24 24.46 0.20
CA GLY E 292 -36.29 24.09 -0.74
C GLY E 292 -36.20 22.65 -1.20
N ALA E 293 -35.17 22.34 -1.98
CA ALA E 293 -34.88 20.98 -2.46
C ALA E 293 -36.13 20.41 -3.12
N LEU E 294 -36.67 19.29 -2.65
CA LEU E 294 -37.82 18.64 -3.25
C LEU E 294 -39.04 18.67 -2.33
N LEU E 295 -39.20 19.76 -1.59
CA LEU E 295 -40.33 19.88 -0.68
C LEU E 295 -41.62 20.05 -1.46
N GLY E 296 -42.70 19.47 -0.94
CA GLY E 296 -44.01 19.57 -1.56
C GLY E 296 -44.31 18.54 -2.63
N ASP E 297 -43.43 17.57 -2.84
CA ASP E 297 -43.69 16.52 -3.82
C ASP E 297 -44.27 15.30 -3.12
N SER E 298 -45.42 14.83 -3.62
CA SER E 298 -46.08 13.68 -3.00
C SER E 298 -45.47 12.37 -3.45
N VAL E 299 -44.59 12.41 -4.45
CA VAL E 299 -43.99 11.19 -4.99
C VAL E 299 -43.14 10.49 -3.93
N VAL E 300 -42.28 11.25 -3.26
CA VAL E 300 -41.41 10.67 -2.25
C VAL E 300 -42.23 10.10 -1.11
N ARG E 301 -43.28 10.83 -0.69
CA ARG E 301 -44.13 10.33 0.37
C ARG E 301 -44.83 9.03 -0.03
N THR E 302 -45.35 8.98 -1.25
CA THR E 302 -46.03 7.79 -1.72
C THR E 302 -45.11 6.58 -1.75
N ILE E 303 -43.90 6.76 -2.29
CA ILE E 303 -42.98 5.63 -2.42
C ILE E 303 -42.49 5.18 -1.04
N GLN E 304 -42.21 6.13 -0.13
CA GLN E 304 -41.79 5.75 1.21
C GLN E 304 -42.90 5.00 1.93
N THR E 305 -44.13 5.47 1.82
CA THR E 305 -45.25 4.78 2.47
C THR E 305 -45.42 3.38 1.89
N GLY E 306 -45.30 3.24 0.56
CA GLY E 306 -45.43 1.92 -0.04
C GLY E 306 -44.39 0.94 0.46
N ILE E 307 -43.12 1.36 0.46
CA ILE E 307 -42.05 0.48 0.92
C ILE E 307 -42.24 0.12 2.39
N ARG E 308 -42.55 1.10 3.22
CA ARG E 308 -42.69 0.83 4.65
C ARG E 308 -43.90 -0.05 4.93
N ALA E 309 -44.95 0.08 4.13
CA ALA E 309 -46.07 -0.85 4.24
C ALA E 309 -45.66 -2.25 3.86
N GLN E 310 -44.83 -2.39 2.81
CA GLN E 310 -44.38 -3.72 2.41
C GLN E 310 -43.43 -4.35 3.41
N PHE E 311 -42.79 -3.56 4.29
CA PHE E 311 -42.06 -4.16 5.39
C PHE E 311 -42.95 -5.05 6.25
N ALA E 312 -44.23 -4.72 6.35
CA ALA E 312 -45.18 -5.55 7.08
C ALA E 312 -45.69 -6.65 6.15
N ASN E 313 -45.24 -7.88 6.37
CA ASN E 313 -45.57 -8.96 5.46
C ASN E 313 -46.98 -9.48 5.71
N SER E 314 -47.53 -10.15 4.70
CA SER E 314 -48.85 -10.74 4.79
C SER E 314 -48.88 -12.01 3.96
N GLY E 315 -49.75 -12.94 4.36
CA GLY E 315 -49.89 -14.19 3.64
C GLY E 315 -48.64 -15.05 3.64
N SER E 316 -47.92 -15.10 4.75
CA SER E 316 -46.71 -15.88 4.87
C SER E 316 -46.93 -17.01 5.87
N ASN E 317 -46.62 -18.24 5.45
CA ASN E 317 -46.84 -19.39 6.32
C ASN E 317 -45.82 -19.42 7.46
N SER E 318 -44.71 -18.71 7.32
CA SER E 318 -43.68 -18.73 8.35
C SER E 318 -44.18 -18.09 9.64
N ALA E 319 -43.61 -18.54 10.76
CA ALA E 319 -44.03 -18.00 12.06
C ALA E 319 -43.73 -16.51 12.16
N PHE E 320 -42.56 -16.09 11.68
CA PHE E 320 -42.18 -14.69 11.75
C PHE E 320 -43.08 -13.87 10.82
N LYS E 321 -43.62 -12.77 11.35
CA LYS E 321 -44.52 -11.91 10.59
C LYS E 321 -43.94 -10.53 10.35
N THR E 322 -42.76 -10.23 10.87
CA THR E 322 -42.11 -8.96 10.60
C THR E 322 -40.60 -9.17 10.62
N MET E 323 -39.88 -8.10 10.31
CA MET E 323 -38.43 -8.19 10.14
C MET E 323 -37.69 -8.11 11.46
N ALA E 324 -38.38 -7.81 12.56
CA ALA E 324 -37.71 -7.70 13.86
C ALA E 324 -37.11 -9.03 14.30
N GLU E 325 -37.84 -10.13 14.07
CA GLU E 325 -37.35 -11.44 14.52
C GLU E 325 -36.04 -11.81 13.83
N ILE E 326 -35.92 -11.49 12.54
CA ILE E 326 -34.68 -11.74 11.82
C ILE E 326 -33.55 -10.90 12.41
N GLY E 327 -33.87 -9.70 12.89
CA GLY E 327 -32.90 -8.87 13.58
C GLY E 327 -32.66 -7.51 12.95
N ILE E 328 -33.56 -6.99 12.11
CA ILE E 328 -33.37 -5.68 11.50
C ILE E 328 -34.43 -4.74 12.08
N THR E 329 -33.97 -3.73 12.83
CA THR E 329 -34.85 -2.75 13.46
C THR E 329 -34.26 -1.36 13.27
N GLN E 330 -35.08 -0.35 13.50
CA GLN E 330 -34.67 1.03 13.24
C GLN E 330 -34.62 1.83 14.54
N ASP E 331 -33.72 2.80 14.60
CA ASP E 331 -33.80 3.81 15.65
C ASP E 331 -34.99 4.71 15.39
N GLY E 332 -35.70 5.07 16.46
CA GLY E 332 -36.94 5.81 16.30
C GLY E 332 -36.75 7.16 15.62
N THR E 333 -35.73 7.90 16.02
CA THR E 333 -35.53 9.24 15.48
C THR E 333 -35.06 9.20 14.02
N SER E 334 -34.08 8.35 13.72
CA SER E 334 -33.47 8.37 12.39
C SER E 334 -34.42 7.78 11.34
N GLY E 335 -35.10 6.68 11.67
CA GLY E 335 -35.93 6.01 10.70
C GLY E 335 -35.20 5.14 9.71
N LYS E 336 -33.94 4.82 9.98
CA LYS E 336 -33.11 4.01 9.10
C LYS E 336 -32.83 2.67 9.78
N LEU E 337 -32.61 1.63 8.98
CA LEU E 337 -32.53 0.28 9.52
C LEU E 337 -31.11 -0.07 9.95
N LYS E 338 -31.01 -0.91 10.99
CA LYS E 338 -29.75 -1.46 11.46
C LYS E 338 -30.03 -2.87 11.97
N ILE E 339 -29.00 -3.71 11.94
CA ILE E 339 -29.14 -5.13 12.24
C ILE E 339 -28.26 -5.50 13.43
N ASP E 340 -28.60 -6.63 14.05
CA ASP E 340 -27.76 -7.23 15.09
C ASP E 340 -27.20 -8.55 14.58
N ASP E 341 -25.87 -8.66 14.57
CA ASP E 341 -25.24 -9.77 13.88
C ASP E 341 -25.46 -11.10 14.61
N ASP E 342 -25.42 -11.08 15.94
CA ASP E 342 -25.51 -12.33 16.70
C ASP E 342 -26.89 -12.97 16.53
N LYS E 343 -27.96 -12.19 16.73
CA LYS E 343 -29.30 -12.73 16.58
C LYS E 343 -29.57 -13.13 15.14
N LEU E 344 -29.10 -12.35 14.17
CA LEU E 344 -29.29 -12.70 12.77
C LEU E 344 -28.62 -14.03 12.45
N THR E 345 -27.38 -14.21 12.90
CA THR E 345 -26.66 -15.46 12.66
C THR E 345 -27.38 -16.63 13.33
N LYS E 346 -27.86 -16.43 14.56
CA LYS E 346 -28.58 -17.50 15.25
C LYS E 346 -29.84 -17.89 14.49
N VAL E 347 -30.62 -16.90 14.03
CA VAL E 347 -31.85 -17.21 13.31
C VAL E 347 -31.54 -17.91 11.99
N LEU E 348 -30.47 -17.50 11.31
CA LEU E 348 -30.09 -18.19 10.09
C LEU E 348 -29.70 -19.63 10.37
N LYS E 349 -29.02 -19.88 11.49
CA LYS E 349 -28.59 -21.24 11.80
C LYS E 349 -29.76 -22.14 12.20
N ASP E 350 -30.68 -21.62 13.00
CA ASP E 350 -31.74 -22.48 13.53
C ASP E 350 -32.84 -22.70 12.52
N ASN E 351 -33.43 -21.62 11.98
CA ASN E 351 -34.57 -21.71 11.07
C ASN E 351 -34.24 -20.94 9.79
N THR E 352 -33.57 -21.61 8.86
CA THR E 352 -33.33 -21.01 7.56
C THR E 352 -34.58 -21.08 6.69
N ALA E 353 -35.37 -22.14 6.83
CA ALA E 353 -36.59 -22.27 6.05
C ALA E 353 -37.58 -21.16 6.38
N ALA E 354 -37.73 -20.83 7.67
CA ALA E 354 -38.64 -19.76 8.05
C ALA E 354 -38.18 -18.41 7.49
N ALA E 355 -36.88 -18.14 7.57
CA ALA E 355 -36.35 -16.89 7.03
C ALA E 355 -36.57 -16.81 5.52
N ARG E 356 -36.33 -17.91 4.80
CA ARG E 356 -36.55 -17.93 3.36
C ARG E 356 -38.02 -17.71 3.04
N GLU E 357 -38.92 -18.32 3.80
CA GLU E 357 -40.35 -18.15 3.57
C GLU E 357 -40.76 -16.70 3.83
N LEU E 358 -40.18 -16.07 4.84
CA LEU E 358 -40.53 -14.69 5.15
C LEU E 358 -40.01 -13.73 4.09
N LEU E 359 -38.73 -13.84 3.74
CA LEU E 359 -38.11 -12.84 2.87
C LEU E 359 -38.34 -13.18 1.41
N VAL E 360 -37.79 -14.31 0.95
CA VAL E 360 -37.94 -14.68 -0.45
C VAL E 360 -39.37 -15.13 -0.73
N GLY E 361 -39.93 -15.94 0.15
CA GLY E 361 -41.26 -16.47 -0.02
C GLY E 361 -41.33 -17.38 -1.23
N ASP E 362 -42.53 -17.51 -1.79
CA ASP E 362 -42.71 -18.31 -2.99
C ASP E 362 -41.99 -17.70 -4.18
N GLY E 363 -41.62 -16.42 -4.09
CA GLY E 363 -40.95 -15.74 -5.17
C GLY E 363 -41.87 -15.05 -6.16
N LYS E 364 -43.18 -15.22 -6.01
CA LYS E 364 -44.11 -14.63 -6.96
C LYS E 364 -44.98 -13.56 -6.30
N GLU E 365 -45.70 -13.93 -5.24
CA GLU E 365 -46.63 -13.03 -4.58
C GLU E 365 -46.61 -13.17 -3.06
N THR E 366 -45.61 -13.85 -2.50
CA THR E 366 -45.52 -14.05 -1.06
C THR E 366 -44.11 -13.74 -0.58
N GLY E 367 -44.02 -12.92 0.46
CA GLY E 367 -42.74 -12.55 1.02
C GLY E 367 -42.48 -11.06 0.93
N ILE E 368 -41.67 -10.56 1.87
CA ILE E 368 -41.36 -9.13 1.91
C ILE E 368 -40.63 -8.71 0.63
N THR E 369 -39.58 -9.44 0.27
CA THR E 369 -38.72 -9.03 -0.83
C THR E 369 -39.48 -9.03 -2.16
N THR E 370 -40.30 -10.05 -2.41
CA THR E 370 -41.02 -10.12 -3.67
C THR E 370 -42.06 -9.02 -3.78
N LYS E 371 -42.75 -8.69 -2.67
CA LYS E 371 -43.73 -7.61 -2.70
C LYS E 371 -43.05 -6.26 -2.89
N ILE E 372 -41.91 -6.05 -2.23
CA ILE E 372 -41.14 -4.81 -2.43
C ILE E 372 -40.72 -4.69 -3.88
N ALA E 373 -40.22 -5.79 -4.47
CA ALA E 373 -39.82 -5.75 -5.87
C ALA E 373 -41.00 -5.48 -6.78
N THR E 374 -42.15 -6.06 -6.46
CA THR E 374 -43.38 -5.84 -7.28
C THR E 374 -43.73 -4.35 -7.26
N GLU E 375 -43.95 -3.77 -6.08
CA GLU E 375 -44.37 -2.35 -5.98
C GLU E 375 -43.28 -1.39 -6.51
N VAL E 376 -42.01 -1.65 -6.20
CA VAL E 376 -40.92 -0.80 -6.74
C VAL E 376 -40.92 -0.92 -8.27
N LYS E 377 -41.10 -2.13 -8.80
CA LYS E 377 -41.19 -2.30 -10.27
C LYS E 377 -42.41 -1.54 -10.78
N SER E 378 -43.52 -1.57 -10.05
CA SER E 378 -44.75 -0.91 -10.53
C SER E 378 -44.48 0.60 -10.70
N TYR E 379 -43.76 1.19 -9.75
CA TYR E 379 -43.42 2.64 -9.87
C TYR E 379 -42.51 2.86 -11.09
N LEU E 380 -41.48 2.04 -11.25
CA LEU E 380 -40.51 2.26 -12.36
C LEU E 380 -41.06 1.92 -13.75
N ALA E 381 -41.78 0.81 -13.92
CA ALA E 381 -42.14 0.35 -15.28
C ALA E 381 -43.12 1.25 -16.04
N ASP E 382 -44.27 1.62 -15.48
CA ASP E 382 -45.24 2.42 -16.28
C ASP E 382 -46.26 3.12 -15.37
N ASP E 383 -46.44 4.43 -15.54
CA ASP E 383 -47.50 5.17 -14.79
C ASP E 383 -47.30 4.95 -13.28
N GLY E 384 -46.07 4.67 -12.86
CA GLY E 384 -45.78 4.51 -11.42
C GLY E 384 -45.65 5.87 -10.81
N ILE E 385 -45.69 6.00 -9.49
CA ILE E 385 -45.66 7.39 -8.96
C ILE E 385 -44.37 8.06 -9.43
N ILE E 386 -43.22 7.38 -9.37
CA ILE E 386 -41.96 7.99 -9.91
C ILE E 386 -42.00 8.08 -11.44
N ASP E 387 -42.44 7.03 -12.15
CA ASP E 387 -42.44 7.04 -13.63
C ASP E 387 -43.50 8.04 -14.14
N ASN E 388 -44.67 8.04 -13.52
CA ASN E 388 -45.72 9.02 -13.89
C ASN E 388 -45.18 10.41 -13.54
N ALA E 389 -44.49 10.54 -12.41
CA ALA E 389 -43.85 11.86 -12.12
C ALA E 389 -42.81 12.12 -13.20
N GLN E 390 -42.04 11.13 -13.61
CA GLN E 390 -41.01 11.44 -14.62
C GLN E 390 -41.74 11.92 -15.87
N ASP E 391 -42.83 11.24 -16.26
CA ASP E 391 -43.65 11.66 -17.42
C ASP E 391 -44.39 12.99 -17.14
N ASN E 392 -44.94 13.15 -15.93
CA ASN E 392 -45.76 14.35 -15.62
C ASN E 392 -44.85 15.53 -15.31
N VAL E 393 -43.84 15.36 -14.46
CA VAL E 393 -42.91 16.45 -14.27
C VAL E 393 -42.20 16.79 -15.58
N ASN E 394 -42.13 15.84 -16.50
CA ASN E 394 -41.60 16.16 -17.83
C ASN E 394 -42.59 16.99 -18.62
N ALA E 395 -43.88 16.67 -18.53
CA ALA E 395 -44.90 17.53 -19.12
C ALA E 395 -44.89 18.91 -18.49
N THR E 396 -44.72 18.96 -17.16
CA THR E 396 -44.62 20.23 -16.46
C THR E 396 -43.38 21.00 -16.91
N LEU E 397 -42.26 20.31 -17.13
CA LEU E 397 -41.05 20.95 -17.61
C LEU E 397 -41.25 21.48 -19.03
N LYS E 398 -41.95 20.74 -19.88
CA LYS E 398 -42.24 21.22 -21.22
C LYS E 398 -43.11 22.48 -21.17
N SER E 399 -44.13 22.47 -20.32
CA SER E 399 -44.97 23.65 -20.14
C SER E 399 -44.17 24.82 -19.60
N LEU E 400 -43.27 24.56 -18.66
CA LEU E 400 -42.46 25.63 -18.07
C LEU E 400 -41.45 26.16 -19.07
N THR E 401 -40.93 25.30 -19.94
CA THR E 401 -40.02 25.75 -20.99
C THR E 401 -40.76 26.61 -22.01
N LYS E 402 -41.99 26.22 -22.36
CA LYS E 402 -42.82 27.10 -23.17
C LYS E 402 -43.07 28.43 -22.46
N GLN E 403 -43.24 28.38 -21.14
CA GLN E 403 -43.41 29.61 -20.36
C GLN E 403 -42.17 30.49 -20.42
N TYR E 404 -40.98 29.89 -20.33
CA TYR E 404 -39.74 30.67 -20.41
C TYR E 404 -39.58 31.25 -21.81
N LEU E 405 -39.96 30.51 -22.84
CA LEU E 405 -39.95 31.06 -24.19
C LEU E 405 -40.90 32.24 -24.31
N SER E 406 -42.09 32.12 -23.71
CA SER E 406 -43.04 33.24 -23.71
C SER E 406 -42.48 34.43 -22.93
N VAL E 407 -41.75 34.16 -21.84
CA VAL E 407 -41.13 35.23 -21.07
C VAL E 407 -40.08 35.95 -21.91
N SER E 408 -39.27 35.19 -22.66
CA SER E 408 -38.31 35.80 -23.56
C SER E 408 -39.00 36.63 -24.63
N ASN E 409 -40.11 36.13 -25.17
CA ASN E 409 -40.88 36.90 -26.14
C ASN E 409 -41.42 38.19 -25.54
N SER E 410 -41.90 38.11 -24.29
CA SER E 410 -42.41 39.31 -23.62
C SER E 410 -41.31 40.31 -23.36
N ILE E 411 -40.11 39.83 -23.02
CA ILE E 411 -38.96 40.72 -22.86
C ILE E 411 -38.63 41.39 -24.19
N ASP E 412 -38.66 40.64 -25.28
CA ASP E 412 -38.40 41.22 -26.60
C ASP E 412 -39.44 42.28 -26.94
N GLU E 413 -40.71 42.00 -26.66
CA GLU E 413 -41.77 42.94 -26.98
C GLU E 413 -41.66 44.21 -26.14
N THR E 414 -41.49 44.06 -24.82
CA THR E 414 -41.35 45.21 -23.95
C THR E 414 -40.08 46.01 -24.26
N VAL E 415 -38.97 45.31 -24.50
CA VAL E 415 -37.73 45.98 -24.85
C VAL E 415 -37.59 46.04 -26.36
N VAL F 1 -48.50 55.95 -6.58
CA VAL F 1 -49.48 54.95 -6.19
C VAL F 1 -48.95 53.55 -6.44
N LEU F 2 -48.00 53.44 -7.38
CA LEU F 2 -47.40 52.15 -7.70
C LEU F 2 -46.61 51.60 -6.51
N SER F 3 -45.89 52.48 -5.81
CA SER F 3 -45.09 52.05 -4.66
C SER F 3 -45.97 51.50 -3.55
N GLN F 4 -47.13 52.14 -3.32
CA GLN F 4 -48.02 51.67 -2.26
C GLN F 4 -48.65 50.33 -2.61
N ALA F 5 -49.05 50.15 -3.87
CA ALA F 5 -49.58 48.86 -4.30
C ALA F 5 -48.52 47.77 -4.19
N GLN F 6 -47.27 48.09 -4.56
CA GLN F 6 -46.19 47.12 -4.41
C GLN F 6 -45.90 46.84 -2.94
N ALA F 7 -46.10 47.83 -2.07
CA ALA F 7 -45.92 47.60 -0.64
C ALA F 7 -47.00 46.68 -0.08
N GLN F 8 -48.23 46.84 -0.57
CA GLN F 8 -49.30 45.90 -0.20
C GLN F 8 -48.99 44.49 -0.69
N ASN F 9 -48.54 44.37 -1.94
CA ASN F 9 -48.13 43.07 -2.46
C ASN F 9 -46.96 42.51 -1.67
N SER F 10 -46.09 43.39 -1.16
CA SER F 10 -44.91 42.92 -0.43
C SER F 10 -45.28 42.46 0.97
N GLN F 11 -46.22 43.14 1.63
CA GLN F 11 -46.68 42.65 2.92
C GLN F 11 -47.40 41.32 2.77
N TYR F 12 -48.20 41.18 1.71
CA TYR F 12 -48.79 39.87 1.43
C TYR F 12 -47.72 38.83 1.13
N ALA F 13 -46.64 39.24 0.45
CA ALA F 13 -45.58 38.30 0.13
C ALA F 13 -44.81 37.86 1.37
N LEU F 14 -44.59 38.76 2.32
CA LEU F 14 -43.98 38.38 3.58
C LEU F 14 -44.90 37.47 4.38
N ALA F 15 -46.20 37.73 4.34
CA ALA F 15 -47.15 36.78 4.93
C ALA F 15 -47.03 35.41 4.28
N ARG F 16 -46.90 35.38 2.96
CA ARG F 16 -46.71 34.10 2.26
C ARG F 16 -45.42 33.42 2.69
N THR F 17 -44.33 34.19 2.83
CA THR F 17 -43.05 33.57 3.21
C THR F 17 -43.14 32.98 4.61
N PHE F 18 -43.75 33.70 5.55
CA PHE F 18 -43.93 33.16 6.89
C PHE F 18 -44.82 31.93 6.86
N ALA F 19 -45.88 31.96 6.05
CA ALA F 19 -46.76 30.80 5.95
C ALA F 19 -46.03 29.59 5.35
N THR F 20 -45.19 29.83 4.34
CA THR F 20 -44.44 28.73 3.73
C THR F 20 -43.43 28.15 4.71
N GLN F 21 -42.76 29.01 5.48
CA GLN F 21 -41.86 28.49 6.50
C GLN F 21 -42.63 27.67 7.53
N LYS F 22 -43.80 28.16 7.95
CA LYS F 22 -44.61 27.44 8.93
C LYS F 22 -45.04 26.08 8.39
N VAL F 23 -45.50 26.04 7.14
CA VAL F 23 -45.99 24.77 6.60
C VAL F 23 -44.82 23.86 6.24
N SER F 24 -43.64 24.42 6.00
CA SER F 24 -42.46 23.57 5.82
C SER F 24 -42.09 22.87 7.12
N LEU F 25 -42.13 23.60 8.23
CA LEU F 25 -41.96 22.96 9.53
C LEU F 25 -43.06 21.94 9.77
N GLU F 26 -44.29 22.25 9.38
CA GLU F 26 -45.39 21.30 9.48
C GLU F 26 -45.09 20.02 8.71
N GLU F 27 -44.57 20.16 7.49
CA GLU F 27 -44.27 19.00 6.66
C GLU F 27 -43.15 18.16 7.26
N SER F 28 -42.11 18.82 7.80
CA SER F 28 -41.03 18.05 8.43
C SER F 28 -41.54 17.30 9.65
N VAL F 29 -42.32 17.97 10.50
CA VAL F 29 -42.87 17.31 11.68
C VAL F 29 -43.79 16.16 11.28
N LEU F 30 -44.59 16.37 10.24
CA LEU F 30 -45.50 15.32 9.78
C LEU F 30 -44.73 14.14 9.19
N SER F 31 -43.60 14.41 8.54
CA SER F 31 -42.76 13.34 8.04
C SER F 31 -42.23 12.49 9.18
N GLN F 32 -41.76 13.14 10.24
CA GLN F 32 -41.29 12.37 11.40
C GLN F 32 -42.45 11.66 12.09
N VAL F 33 -43.65 12.24 12.03
CA VAL F 33 -44.84 11.55 12.51
C VAL F 33 -45.07 10.27 11.71
N THR F 34 -44.94 10.35 10.39
CA THR F 34 -45.13 9.17 9.55
C THR F 34 -44.11 8.09 9.89
N THR F 35 -42.85 8.49 10.09
CA THR F 35 -41.82 7.51 10.48
C THR F 35 -42.19 6.85 11.81
N ALA F 36 -42.61 7.66 12.79
CA ALA F 36 -42.98 7.10 14.09
C ALA F 36 -44.17 6.16 13.99
N ILE F 37 -45.18 6.52 13.17
CA ILE F 37 -46.37 5.69 13.05
C ILE F 37 -46.01 4.38 12.35
N GLN F 38 -45.12 4.41 11.37
CA GLN F 38 -44.70 3.18 10.72
C GLN F 38 -43.93 2.28 11.69
N THR F 39 -43.09 2.88 12.54
CA THR F 39 -42.43 2.10 13.58
C THR F 39 -43.46 1.46 14.51
N ALA F 40 -44.49 2.22 14.89
CA ALA F 40 -45.53 1.68 15.76
C ALA F 40 -46.27 0.53 15.09
N GLN F 41 -46.54 0.65 13.78
CA GLN F 41 -47.21 -0.42 13.06
C GLN F 41 -46.34 -1.67 13.00
N GLU F 42 -45.04 -1.50 12.78
CA GLU F 42 -44.15 -2.66 12.83
C GLU F 42 -44.20 -3.33 14.20
N LYS F 43 -44.18 -2.53 15.26
CA LYS F 43 -44.25 -3.07 16.61
C LYS F 43 -45.54 -3.83 16.85
N ILE F 44 -46.67 -3.26 16.41
CA ILE F 44 -47.96 -3.87 16.69
C ILE F 44 -48.15 -5.15 15.87
N VAL F 45 -47.61 -5.17 14.64
CA VAL F 45 -47.69 -6.39 13.85
C VAL F 45 -46.82 -7.47 14.46
N TYR F 46 -45.65 -7.08 15.01
CA TYR F 46 -44.86 -8.05 15.76
C TYR F 46 -45.64 -8.56 16.97
N ALA F 47 -46.39 -7.68 17.64
CA ALA F 47 -47.26 -8.12 18.72
C ALA F 47 -48.41 -8.98 18.22
N GLY F 48 -48.65 -8.98 16.91
CA GLY F 48 -49.73 -9.77 16.35
C GLY F 48 -49.57 -11.26 16.52
N ASN F 49 -48.36 -11.71 16.89
CA ASN F 49 -48.11 -13.13 17.12
C ASN F 49 -49.03 -13.67 18.21
N GLY F 50 -49.52 -14.90 17.99
CA GLY F 50 -50.46 -15.47 18.93
C GLY F 50 -49.87 -15.71 20.31
N THR F 51 -48.65 -16.24 20.37
CA THR F 51 -47.99 -16.58 21.62
C THR F 51 -46.83 -15.61 21.87
N LEU F 52 -46.75 -15.10 23.09
CA LEU F 52 -45.66 -14.24 23.54
C LEU F 52 -45.54 -14.33 25.05
N SER F 53 -44.34 -14.08 25.55
CA SER F 53 -44.12 -14.04 26.99
C SER F 53 -44.44 -12.66 27.54
N ASP F 54 -44.50 -12.58 28.88
CA ASP F 54 -44.82 -11.31 29.53
C ASP F 54 -43.73 -10.26 29.26
N ASP F 55 -42.46 -10.66 29.34
CA ASP F 55 -41.38 -9.71 29.13
C ASP F 55 -41.35 -9.22 27.68
N ASP F 56 -41.78 -10.05 26.74
CA ASP F 56 -41.85 -9.63 25.35
C ASP F 56 -42.77 -8.43 25.19
N ARG F 57 -44.04 -8.59 25.55
CA ARG F 57 -44.99 -7.50 25.39
C ARG F 57 -44.70 -6.35 26.35
N ALA F 58 -43.99 -6.62 27.46
CA ALA F 58 -43.52 -5.52 28.30
C ALA F 58 -42.50 -4.66 27.57
N SER F 59 -41.56 -5.29 26.87
CA SER F 59 -40.58 -4.54 26.09
C SER F 59 -41.25 -3.80 24.95
N LEU F 60 -42.21 -4.44 24.27
CA LEU F 60 -42.96 -3.73 23.25
C LEU F 60 -43.73 -2.56 23.83
N ALA F 61 -44.28 -2.71 25.03
CA ALA F 61 -45.02 -1.62 25.67
C ALA F 61 -44.10 -0.45 25.99
N THR F 62 -42.90 -0.73 26.50
CA THR F 62 -41.99 0.38 26.83
C THR F 62 -41.45 1.04 25.56
N ASP F 63 -41.24 0.26 24.49
CA ASP F 63 -40.84 0.85 23.22
C ASP F 63 -41.95 1.73 22.66
N LEU F 64 -43.19 1.28 22.76
CA LEU F 64 -44.32 2.10 22.31
C LEU F 64 -44.46 3.35 23.16
N GLN F 65 -44.17 3.25 24.46
CA GLN F 65 -44.18 4.44 25.32
C GLN F 65 -43.13 5.44 24.86
N GLY F 66 -41.94 4.96 24.51
CA GLY F 66 -40.93 5.85 23.96
C GLY F 66 -41.38 6.50 22.65
N ILE F 67 -42.03 5.71 21.78
CA ILE F 67 -42.52 6.25 20.52
C ILE F 67 -43.58 7.32 20.77
N ARG F 68 -44.48 7.09 21.71
CA ARG F 68 -45.47 8.10 22.06
C ARG F 68 -44.82 9.34 22.63
N ASP F 69 -43.76 9.18 23.44
CA ASP F 69 -43.04 10.33 23.95
C ASP F 69 -42.46 11.16 22.81
N GLN F 70 -41.86 10.49 21.83
CA GLN F 70 -41.35 11.20 20.66
C GLN F 70 -42.48 11.89 19.90
N LEU F 71 -43.61 11.21 19.75
CA LEU F 71 -44.73 11.77 18.99
C LEU F 71 -45.30 13.01 19.66
N MET F 72 -45.40 13.00 20.99
CA MET F 72 -45.83 14.19 21.72
C MET F 72 -44.79 15.29 21.64
N ASN F 73 -43.50 14.93 21.70
CA ASN F 73 -42.44 15.93 21.55
C ASN F 73 -42.56 16.64 20.21
N LEU F 74 -42.85 15.89 19.15
CA LEU F 74 -43.17 16.51 17.87
C LEU F 74 -44.44 17.35 17.96
N ALA F 75 -45.45 16.86 18.67
CA ALA F 75 -46.70 17.61 18.80
C ALA F 75 -46.50 18.87 19.63
N ASN F 76 -45.54 18.84 20.56
CA ASN F 76 -45.23 19.98 21.41
C ASN F 76 -44.01 20.75 20.94
N SER F 77 -43.59 20.56 19.70
CA SER F 77 -42.42 21.25 19.18
C SER F 77 -42.65 22.76 19.15
N THR F 78 -41.59 23.50 19.43
CA THR F 78 -41.64 24.97 19.45
C THR F 78 -40.93 25.50 18.22
N ASP F 79 -41.59 26.43 17.52
CA ASP F 79 -40.99 27.05 16.35
C ASP F 79 -39.81 27.92 16.78
N GLY F 80 -38.92 28.19 15.82
CA GLY F 80 -37.75 29.01 16.11
C GLY F 80 -38.11 30.40 16.61
N ASN F 81 -39.23 30.94 16.12
CA ASN F 81 -39.70 32.24 16.61
C ASN F 81 -40.11 32.17 18.07
N GLY F 82 -40.28 30.97 18.60
CA GLY F 82 -40.72 30.77 19.97
C GLY F 82 -42.17 30.41 20.11
N ARG F 83 -42.98 30.63 19.09
CA ARG F 83 -44.40 30.29 19.15
C ARG F 83 -44.59 28.80 18.88
N TYR F 84 -45.81 28.33 19.13
CA TYR F 84 -46.22 26.96 18.82
C TYR F 84 -46.99 26.98 17.51
N ILE F 85 -46.44 26.31 16.49
CA ILE F 85 -47.07 26.30 15.17
C ILE F 85 -48.43 25.60 15.21
N PHE F 86 -48.49 24.44 15.88
CA PHE F 86 -49.71 23.65 15.86
C PHE F 86 -50.77 24.23 16.77
N ALA F 87 -50.42 25.26 17.54
CA ALA F 87 -51.37 25.85 18.48
C ALA F 87 -52.57 26.46 17.75
N GLY F 88 -52.32 27.19 16.66
CA GLY F 88 -53.40 27.87 15.97
C GLY F 88 -53.41 29.36 16.21
N TYR F 89 -54.53 29.89 16.73
CA TYR F 89 -54.57 31.30 17.10
C TYR F 89 -53.68 31.59 18.30
N LYS F 90 -53.83 30.82 19.37
CA LYS F 90 -53.05 31.05 20.60
C LYS F 90 -51.69 30.39 20.47
N THR F 91 -50.84 31.02 19.65
CA THR F 91 -49.52 30.46 19.37
C THR F 91 -48.67 30.37 20.64
N GLU F 92 -48.84 31.32 21.56
CA GLU F 92 -48.10 31.28 22.81
C GLU F 92 -48.49 30.08 23.65
N ALA F 93 -49.78 29.75 23.69
CA ALA F 93 -50.24 28.64 24.50
C ALA F 93 -49.74 27.30 23.94
N ALA F 94 -49.48 26.37 24.85
CA ALA F 94 -49.06 25.03 24.43
C ALA F 94 -50.22 24.29 23.80
N PRO F 95 -50.06 23.69 22.63
CA PRO F 95 -51.23 23.06 21.97
C PRO F 95 -51.64 21.75 22.60
N PHE F 96 -50.69 20.95 23.07
CA PHE F 96 -50.97 19.61 23.58
C PHE F 96 -50.40 19.49 25.00
N ASP F 97 -51.17 18.87 25.88
CA ASP F 97 -50.68 18.58 27.22
C ASP F 97 -49.75 17.37 27.19
N GLN F 98 -48.75 17.38 28.07
CA GLN F 98 -47.81 16.26 28.13
C GLN F 98 -48.48 15.02 28.73
N ALA F 99 -49.53 15.22 29.52
CA ALA F 99 -50.23 14.12 30.16
C ALA F 99 -51.53 13.75 29.44
N THR F 100 -52.41 14.71 29.21
CA THR F 100 -53.69 14.40 28.57
C THR F 100 -53.60 14.51 27.06
N GLY F 101 -52.91 15.52 26.55
CA GLY F 101 -52.79 15.72 25.13
C GLY F 101 -53.96 16.42 24.48
N GLY F 102 -54.82 17.08 25.25
CA GLY F 102 -55.92 17.82 24.67
C GLY F 102 -55.44 19.04 23.90
N TYR F 103 -56.30 19.50 23.00
CA TYR F 103 -55.99 20.67 22.17
C TYR F 103 -56.39 21.93 22.92
N HIS F 104 -55.39 22.73 23.31
CA HIS F 104 -55.64 23.95 24.08
C HIS F 104 -55.60 25.21 23.23
N GLY F 105 -55.36 25.09 21.93
CA GLY F 105 -55.32 26.26 21.07
C GLY F 105 -56.70 26.66 20.56
N GLY F 106 -56.70 27.62 19.65
CA GLY F 106 -57.92 28.10 19.03
C GLY F 106 -58.66 27.03 18.26
N GLU F 107 -59.96 26.85 18.58
CA GLU F 107 -60.76 25.85 17.88
C GLU F 107 -60.94 26.23 16.42
N LYS F 108 -61.19 27.51 16.13
CA LYS F 108 -61.39 27.96 14.75
C LYS F 108 -60.10 27.80 13.96
N SER F 109 -60.23 27.23 12.76
CA SER F 109 -59.07 27.04 11.90
C SER F 109 -58.45 28.39 11.54
N VAL F 110 -57.11 28.40 11.46
CA VAL F 110 -56.41 29.65 11.22
C VAL F 110 -56.73 30.19 9.83
N THR F 111 -57.18 31.43 9.78
CA THR F 111 -57.47 32.12 8.52
C THR F 111 -56.43 33.22 8.32
N GLN F 112 -55.48 32.95 7.42
CA GLN F 112 -54.44 33.92 7.08
C GLN F 112 -54.56 34.27 5.61
N GLN F 113 -54.65 35.57 5.32
CA GLN F 113 -54.86 36.05 3.96
C GLN F 113 -53.56 35.90 3.18
N VAL F 114 -53.46 34.83 2.38
CA VAL F 114 -52.30 34.67 1.51
C VAL F 114 -52.28 35.76 0.45
N ASP F 115 -53.46 36.20 0.01
CA ASP F 115 -53.59 37.29 -0.94
C ASP F 115 -54.93 37.98 -0.69
N SER F 116 -55.06 39.20 -1.23
CA SER F 116 -56.32 39.92 -1.11
C SER F 116 -57.45 39.19 -1.82
N ALA F 117 -57.17 38.67 -3.02
CA ALA F 117 -58.22 38.00 -3.79
C ALA F 117 -58.56 36.63 -3.21
N ARG F 118 -57.54 35.85 -2.86
CA ARG F 118 -57.72 34.48 -2.38
C ARG F 118 -57.43 34.41 -0.88
N THR F 119 -58.42 33.99 -0.12
CA THR F 119 -58.27 33.76 1.31
C THR F 119 -58.76 32.35 1.64
N MET F 120 -57.88 31.55 2.23
CA MET F 120 -58.20 30.17 2.55
C MET F 120 -57.38 29.74 3.76
N VAL F 121 -57.63 28.51 4.22
CA VAL F 121 -57.07 28.00 5.47
C VAL F 121 -55.63 27.59 5.17
N ILE F 122 -54.69 28.39 5.65
CA ILE F 122 -53.27 28.12 5.36
C ILE F 122 -52.75 26.99 6.23
N GLY F 123 -52.75 27.18 7.55
CA GLY F 123 -52.26 26.14 8.45
C GLY F 123 -53.32 25.11 8.74
N HIS F 124 -53.01 24.24 9.70
CA HIS F 124 -53.97 23.24 10.16
C HIS F 124 -54.08 23.32 11.68
N THR F 125 -55.23 22.92 12.20
CA THR F 125 -55.40 22.82 13.64
C THR F 125 -54.50 21.73 14.21
N GLY F 126 -53.99 21.96 15.42
CA GLY F 126 -53.12 20.98 16.04
C GLY F 126 -53.81 19.66 16.29
N ALA F 127 -55.14 19.68 16.40
CA ALA F 127 -55.88 18.44 16.57
C ALA F 127 -55.96 17.66 15.27
N GLN F 128 -56.09 18.35 14.14
CA GLN F 128 -56.36 17.69 12.86
C GLN F 128 -55.31 16.63 12.54
N ILE F 129 -54.06 16.87 12.92
CA ILE F 129 -53.00 15.91 12.61
C ILE F 129 -53.09 14.68 13.48
N PHE F 130 -53.95 14.70 14.50
CA PHE F 130 -54.26 13.52 15.29
C PHE F 130 -55.75 13.27 15.49
N ASN F 131 -56.58 14.31 15.47
CA ASN F 131 -57.99 14.20 15.82
C ASN F 131 -58.92 14.39 14.63
N SER F 132 -58.61 13.80 13.48
CA SER F 132 -59.50 13.83 12.33
C SER F 132 -59.44 12.48 11.62
N ILE F 133 -60.59 11.85 11.44
CA ILE F 133 -60.72 10.59 10.72
C ILE F 133 -61.80 10.75 9.67
N THR F 134 -61.42 10.55 8.40
CA THR F 134 -62.32 10.82 7.29
C THR F 134 -63.19 9.61 6.96
N SER F 135 -64.25 9.87 6.18
CA SER F 135 -65.19 8.81 5.82
C SER F 135 -64.62 7.91 4.72
N ASN F 136 -63.78 8.47 3.84
CA ASN F 136 -63.30 7.70 2.71
C ASN F 136 -62.43 6.51 3.13
N ALA F 137 -61.81 6.58 4.30
CA ALA F 137 -61.02 5.46 4.79
C ALA F 137 -61.95 4.30 5.14
N VAL F 138 -61.38 3.09 5.13
CA VAL F 138 -62.19 1.89 5.41
C VAL F 138 -62.63 1.91 6.87
N PRO F 139 -63.91 1.71 7.16
CA PRO F 139 -64.36 1.63 8.54
C PRO F 139 -63.90 0.36 9.22
N GLU F 140 -63.83 0.40 10.54
CA GLU F 140 -63.49 -0.78 11.30
C GLU F 140 -64.66 -1.75 11.29
N PRO F 141 -64.40 -3.07 11.22
CA PRO F 141 -65.52 -4.03 11.22
C PRO F 141 -66.34 -4.02 12.50
N ASP F 142 -65.77 -3.52 13.61
CA ASP F 142 -66.52 -3.48 14.86
C ASP F 142 -67.74 -2.58 14.75
N GLY F 143 -67.60 -1.45 14.09
CA GLY F 143 -68.69 -0.50 13.96
C GLY F 143 -68.87 0.40 15.15
N SER F 144 -68.05 0.27 16.18
CA SER F 144 -68.14 1.13 17.35
C SER F 144 -67.73 2.55 16.99
N ASP F 145 -68.16 3.50 17.82
CA ASP F 145 -67.82 4.90 17.59
C ASP F 145 -66.31 5.08 17.68
N SER F 146 -65.76 5.81 16.72
CA SER F 146 -64.32 6.00 16.65
C SER F 146 -63.85 6.97 17.73
N GLU F 147 -62.80 6.57 18.43
CA GLU F 147 -62.12 7.49 19.36
C GLU F 147 -61.15 8.34 18.54
N LYS F 148 -61.32 9.65 18.62
CA LYS F 148 -60.83 10.54 17.58
C LYS F 148 -59.31 10.70 17.62
N ASN F 149 -58.74 10.74 18.82
CA ASN F 149 -57.32 11.03 18.95
C ASN F 149 -56.47 9.87 18.43
N LEU F 150 -55.25 10.21 17.96
CA LEU F 150 -54.28 9.18 17.61
C LEU F 150 -53.59 8.63 18.85
N PHE F 151 -53.33 9.48 19.85
CA PHE F 151 -52.63 9.04 21.05
C PHE F 151 -53.41 7.98 21.80
N VAL F 152 -54.75 8.08 21.77
CA VAL F 152 -55.58 7.16 22.56
C VAL F 152 -55.56 5.76 21.96
N MET F 153 -55.40 5.65 20.63
CA MET F 153 -55.21 4.35 20.01
C MET F 153 -54.06 3.58 20.65
N LEU F 154 -52.85 4.11 20.53
CA LEU F 154 -51.69 3.37 20.99
C LEU F 154 -51.62 3.36 22.51
N ASP F 155 -52.31 4.32 23.15
CA ASP F 155 -52.47 4.27 24.60
C ASP F 155 -53.27 3.04 25.02
N THR F 156 -54.39 2.78 24.34
CA THR F 156 -55.16 1.57 24.61
C THR F 156 -54.35 0.32 24.28
N ALA F 157 -53.55 0.39 23.21
CA ALA F 157 -52.68 -0.73 22.88
C ALA F 157 -51.71 -1.03 24.03
N ILE F 158 -51.06 0.01 24.56
CA ILE F 158 -50.11 -0.19 25.66
C ILE F 158 -50.83 -0.66 26.91
N ALA F 159 -52.04 -0.15 27.15
CA ALA F 159 -52.81 -0.59 28.32
C ALA F 159 -53.14 -2.07 28.22
N ALA F 160 -53.54 -2.53 27.04
CA ALA F 160 -53.82 -3.95 26.85
C ALA F 160 -52.55 -4.77 26.98
N LEU F 161 -51.43 -4.26 26.46
CA LEU F 161 -50.17 -4.99 26.54
C LEU F 161 -49.70 -5.14 27.98
N LYS F 162 -49.86 -4.10 28.79
CA LYS F 162 -49.33 -4.13 30.15
C LYS F 162 -49.98 -5.21 30.99
N THR F 163 -51.30 -5.38 30.85
CA THR F 163 -51.99 -6.39 31.65
C THR F 163 -51.66 -7.79 31.13
N PRO F 164 -51.15 -8.67 31.98
CA PRO F 164 -50.85 -10.05 31.56
C PRO F 164 -52.13 -10.78 31.16
N VAL F 165 -52.19 -11.21 29.90
CA VAL F 165 -53.40 -11.83 29.35
C VAL F 165 -53.38 -13.35 29.44
N GLU F 166 -52.26 -13.95 29.84
CA GLU F 166 -52.20 -15.40 29.94
C GLU F 166 -53.08 -15.90 31.07
N GLY F 167 -53.66 -17.09 30.87
CA GLY F 167 -54.44 -17.75 31.89
C GLY F 167 -55.94 -17.59 31.76
N ASN F 168 -56.42 -16.67 30.93
CA ASN F 168 -57.85 -16.45 30.75
C ASN F 168 -58.15 -16.31 29.26
N ASN F 169 -59.01 -17.19 28.75
CA ASN F 169 -59.38 -17.13 27.33
C ASN F 169 -60.14 -15.85 27.02
N VAL F 170 -61.00 -15.41 27.94
CA VAL F 170 -61.73 -14.15 27.74
C VAL F 170 -60.76 -12.98 27.67
N GLU F 171 -59.74 -12.98 28.54
CA GLU F 171 -58.76 -11.90 28.52
C GLU F 171 -57.95 -11.92 27.23
N LYS F 172 -57.57 -13.11 26.77
CA LYS F 172 -56.86 -13.21 25.49
C LYS F 172 -57.73 -12.69 24.35
N GLU F 173 -59.02 -13.04 24.36
CA GLU F 173 -59.91 -12.59 23.29
C GLU F 173 -60.08 -11.07 23.31
N LYS F 174 -60.24 -10.48 24.50
CA LYS F 174 -60.39 -9.04 24.55
C LYS F 174 -59.11 -8.33 24.14
N ALA F 175 -57.95 -8.90 24.50
CA ALA F 175 -56.68 -8.32 24.06
C ALA F 175 -56.55 -8.40 22.55
N ALA F 176 -56.95 -9.53 21.96
CA ALA F 176 -56.91 -9.65 20.50
C ALA F 176 -57.83 -8.65 19.83
N ALA F 177 -59.04 -8.47 20.37
CA ALA F 177 -59.97 -7.50 19.80
C ALA F 177 -59.41 -6.08 19.91
N ALA F 178 -58.83 -5.74 21.05
CA ALA F 178 -58.24 -4.41 21.22
C ALA F 178 -57.10 -4.20 20.25
N ILE F 179 -56.24 -5.21 20.09
CA ILE F 179 -55.11 -5.10 19.17
C ILE F 179 -55.61 -4.92 17.74
N ASP F 180 -56.64 -5.69 17.35
CA ASP F 180 -57.20 -5.57 16.02
C ASP F 180 -57.74 -4.16 15.78
N LYS F 181 -58.58 -3.67 16.70
CA LYS F 181 -59.19 -2.37 16.49
C LYS F 181 -58.13 -1.27 16.48
N THR F 182 -57.10 -1.37 17.32
CA THR F 182 -56.11 -0.31 17.35
C THR F 182 -55.19 -0.36 16.14
N ASN F 183 -54.95 -1.54 15.56
CA ASN F 183 -54.13 -1.56 14.36
C ASN F 183 -54.90 -1.03 13.15
N ARG F 184 -56.19 -1.36 13.05
CA ARG F 184 -56.98 -0.73 11.99
C ARG F 184 -57.09 0.77 12.22
N GLY F 185 -57.12 1.20 13.49
CA GLY F 185 -57.08 2.60 13.78
C GLY F 185 -55.77 3.25 13.35
N LEU F 186 -54.67 2.53 13.48
CA LEU F 186 -53.39 3.04 12.98
C LEU F 186 -53.40 3.16 11.45
N LYS F 187 -54.01 2.19 10.76
CA LYS F 187 -54.10 2.31 9.31
C LYS F 187 -54.96 3.51 8.91
N ASN F 188 -56.08 3.70 9.59
CA ASN F 188 -56.92 4.88 9.32
C ASN F 188 -56.18 6.16 9.67
N SER F 189 -55.37 6.14 10.73
CA SER F 189 -54.60 7.30 11.11
C SER F 189 -53.55 7.64 10.05
N LEU F 190 -52.89 6.63 9.49
CA LEU F 190 -51.99 6.88 8.37
C LEU F 190 -52.73 7.42 7.17
N ASN F 191 -53.94 6.90 6.90
CA ASN F 191 -54.74 7.46 5.82
C ASN F 191 -54.99 8.95 6.05
N ASN F 192 -55.39 9.31 7.27
CA ASN F 192 -55.66 10.72 7.58
C ASN F 192 -54.40 11.56 7.50
N VAL F 193 -53.28 11.05 8.02
CA VAL F 193 -52.04 11.81 7.98
C VAL F 193 -51.57 12.02 6.55
N LEU F 194 -51.69 10.98 5.72
CA LEU F 194 -51.31 11.13 4.32
C LEU F 194 -52.22 12.10 3.60
N THR F 195 -53.53 12.07 3.89
CA THR F 195 -54.42 13.03 3.25
C THR F 195 -54.12 14.46 3.67
N VAL F 196 -53.93 14.69 4.97
CA VAL F 196 -53.66 16.04 5.44
C VAL F 196 -52.31 16.53 4.93
N ARG F 197 -51.33 15.62 4.85
CA ARG F 197 -50.06 15.98 4.25
C ARG F 197 -50.23 16.26 2.77
N ALA F 198 -51.18 15.61 2.12
CA ALA F 198 -51.46 15.91 0.72
C ALA F 198 -51.98 17.34 0.57
N GLU F 199 -52.92 17.73 1.44
CA GLU F 199 -53.45 19.12 1.41
C GLU F 199 -52.29 20.10 1.70
N LEU F 200 -51.51 19.85 2.73
CA LEU F 200 -50.42 20.74 3.08
C LEU F 200 -49.36 20.79 1.99
N GLY F 201 -49.14 19.68 1.28
CA GLY F 201 -48.26 19.69 0.14
C GLY F 201 -48.84 20.52 -1.00
N THR F 202 -50.17 20.50 -1.16
CA THR F 202 -50.79 21.40 -2.12
C THR F 202 -50.49 22.85 -1.77
N GLN F 203 -50.71 23.25 -0.51
CA GLN F 203 -50.42 24.63 -0.15
C GLN F 203 -48.93 24.94 -0.29
N LEU F 204 -48.06 23.95 -0.05
CA LEU F 204 -46.62 24.21 -0.07
C LEU F 204 -46.09 24.30 -1.50
N SER F 205 -46.68 23.55 -2.43
CA SER F 205 -46.16 23.48 -3.80
C SER F 205 -47.10 24.10 -4.82
N GLU F 206 -48.33 23.60 -4.95
CA GLU F 206 -49.18 24.06 -6.04
C GLU F 206 -49.86 25.38 -5.69
N LEU F 207 -50.27 25.55 -4.42
CA LEU F 207 -50.80 26.85 -4.01
C LEU F 207 -49.67 27.87 -3.92
N SER F 208 -48.46 27.43 -3.58
CA SER F 208 -47.32 28.33 -3.63
C SER F 208 -47.03 28.77 -5.07
N THR F 209 -47.19 27.86 -6.03
CA THR F 209 -47.08 28.24 -7.44
C THR F 209 -48.19 29.19 -7.85
N LEU F 210 -49.38 28.99 -7.31
CA LEU F 210 -50.48 29.95 -7.55
C LEU F 210 -50.13 31.33 -7.00
N ASP F 211 -49.56 31.37 -5.80
CA ASP F 211 -49.10 32.65 -5.25
C ASP F 211 -48.01 33.27 -6.09
N SER F 212 -47.08 32.44 -6.60
CA SER F 212 -46.01 32.94 -7.44
C SER F 212 -46.56 33.53 -8.73
N LEU F 213 -47.53 32.86 -9.35
CA LEU F 213 -48.09 33.39 -10.59
C LEU F 213 -48.96 34.61 -10.33
N GLY F 214 -49.59 34.68 -9.15
CA GLY F 214 -50.29 35.91 -8.78
C GLY F 214 -49.34 37.07 -8.60
N SER F 215 -48.18 36.82 -7.99
CA SER F 215 -47.16 37.85 -7.88
C SER F 215 -46.64 38.25 -9.26
N ASP F 216 -46.53 37.28 -10.18
CA ASP F 216 -46.14 37.59 -11.54
C ASP F 216 -47.17 38.49 -12.22
N ARG F 217 -48.46 38.21 -12.01
CA ARG F 217 -49.50 39.06 -12.55
C ARG F 217 -49.44 40.46 -11.96
N ALA F 218 -49.19 40.55 -10.64
CA ALA F 218 -49.07 41.85 -9.99
C ALA F 218 -47.88 42.63 -10.54
N LEU F 219 -46.76 41.95 -10.78
CA LEU F 219 -45.58 42.62 -11.33
C LEU F 219 -45.83 43.07 -12.77
N GLY F 220 -46.56 42.26 -13.54
CA GLY F 220 -46.95 42.69 -14.88
C GLY F 220 -47.84 43.90 -14.86
N GLN F 221 -48.77 43.95 -13.89
CA GLN F 221 -49.60 45.15 -13.73
C GLN F 221 -48.75 46.34 -13.31
N LYS F 222 -47.68 46.09 -12.55
CA LYS F 222 -46.79 47.16 -12.12
C LYS F 222 -46.15 47.85 -13.33
N LEU F 223 -45.71 47.08 -14.30
CA LEU F 223 -45.09 47.63 -15.51
C LEU F 223 -46.12 48.35 -16.37
N LEU G 1 -29.34 56.06 16.17
CA LEU G 1 -29.67 54.66 16.41
C LEU G 1 -28.40 53.82 16.52
N THR G 2 -27.35 54.25 15.81
CA THR G 2 -26.10 53.50 15.82
C THR G 2 -25.50 53.45 17.21
N ASP G 3 -25.51 54.58 17.93
CA ASP G 3 -24.99 54.60 19.29
C ASP G 3 -25.83 53.76 20.22
N LEU G 4 -27.16 53.81 20.09
CA LEU G 4 -28.03 53.02 20.94
C LEU G 4 -27.84 51.53 20.68
N THR G 5 -27.76 51.13 19.42
CA THR G 5 -27.52 49.73 19.10
C THR G 5 -26.14 49.28 19.57
N LYS G 6 -25.15 50.18 19.48
CA LYS G 6 -23.81 49.85 19.96
C LYS G 6 -23.81 49.65 21.48
N ASN G 7 -24.57 50.47 22.20
CA ASN G 7 -24.65 50.30 23.65
C ASN G 7 -25.42 49.03 24.02
N GLU G 8 -26.46 48.70 23.23
CA GLU G 8 -27.16 47.45 23.45
C GLU G 8 -26.23 46.25 23.23
N LYS G 9 -25.41 46.31 22.18
CA LYS G 9 -24.45 45.24 21.93
C LYS G 9 -23.37 45.21 23.02
N GLY G 10 -23.03 46.38 23.56
CA GLY G 10 -22.08 46.41 24.67
C GLY G 10 -22.62 45.75 25.91
N ARG G 11 -23.89 45.98 26.22
CA ARG G 11 -24.53 45.25 27.31
C ARG G 11 -24.59 43.75 27.00
N LEU G 12 -24.91 43.41 25.75
CA LEU G 12 -24.98 42.00 25.37
C LEU G 12 -23.61 41.34 25.37
N THR G 13 -22.53 42.14 25.33
CA THR G 13 -21.20 41.56 25.25
C THR G 13 -20.91 40.56 26.37
N PRO G 14 -21.16 40.86 27.65
CA PRO G 14 -21.16 39.76 28.63
C PRO G 14 -22.21 38.72 28.34
N ILE G 15 -23.40 39.14 27.90
CA ILE G 15 -24.50 38.20 27.65
C ILE G 15 -24.18 37.31 26.45
N THR G 16 -23.72 37.90 25.35
CA THR G 16 -23.43 37.10 24.17
C THR G 16 -22.15 36.29 24.36
N LYS G 17 -21.21 36.80 25.15
CA LYS G 17 -20.03 36.01 25.51
C LYS G 17 -20.43 34.79 26.32
N GLN G 18 -21.37 34.97 27.26
CA GLN G 18 -21.86 33.83 28.03
C GLN G 18 -22.70 32.90 27.17
N GLN G 19 -23.34 33.44 26.13
CA GLN G 19 -24.09 32.58 25.21
C GLN G 19 -23.16 31.70 24.38
N SER G 20 -22.11 32.30 23.83
CA SER G 20 -21.10 31.52 23.13
C SER G 20 -20.41 30.55 24.09
N ALA G 21 -20.25 30.97 25.35
CA ALA G 21 -19.69 30.08 26.36
C ALA G 21 -20.60 28.90 26.63
N ASN G 22 -21.92 29.13 26.64
CA ASN G 22 -22.86 28.04 26.85
C ASN G 22 -22.89 27.10 25.66
N SER G 23 -22.78 27.65 24.44
CA SER G 23 -22.66 26.79 23.27
C SER G 23 -21.38 25.95 23.33
N ALA G 24 -20.27 26.56 23.72
CA ALA G 24 -19.02 25.82 23.88
C ALA G 24 -19.14 24.79 24.98
N LYS G 25 -19.87 25.12 26.05
CA LYS G 25 -20.09 24.17 27.13
C LYS G 25 -20.92 22.98 26.65
N LEU G 26 -21.92 23.23 25.81
CA LEU G 26 -22.74 22.15 25.28
C LEU G 26 -21.94 21.26 24.34
N THR G 27 -21.10 21.86 23.48
CA THR G 27 -20.23 21.07 22.63
C THR G 27 -19.22 20.28 23.45
N ALA G 28 -18.68 20.89 24.49
CA ALA G 28 -17.75 20.20 25.38
C ALA G 28 -18.45 19.07 26.11
N TYR G 29 -19.71 19.27 26.48
CA TYR G 29 -20.46 18.21 27.15
C TYR G 29 -20.74 17.06 26.20
N GLY G 30 -21.03 17.35 24.93
CA GLY G 30 -21.19 16.30 23.95
C GLY G 30 -19.92 15.51 23.75
N THR G 31 -18.79 16.21 23.58
CA THR G 31 -17.51 15.52 23.43
C THR G 31 -17.13 14.76 24.69
N LEU G 32 -17.43 15.33 25.86
CA LEU G 32 -17.12 14.67 27.13
C LEU G 32 -17.97 13.43 27.31
N LYS G 33 -19.24 13.48 26.91
CA LYS G 33 -20.08 12.30 27.00
C LYS G 33 -19.63 11.23 26.01
N SER G 34 -19.15 11.65 24.84
CA SER G 34 -18.59 10.68 23.89
C SER G 34 -17.35 10.00 24.48
N ALA G 35 -16.44 10.79 25.06
CA ALA G 35 -15.24 10.22 25.66
C ALA G 35 -15.60 9.35 26.87
N LEU G 36 -16.59 9.78 27.66
CA LEU G 36 -16.98 9.03 28.85
C LEU G 36 -17.66 7.72 28.47
N GLU G 37 -18.46 7.71 27.40
CA GLU G 37 -19.08 6.46 26.97
C GLU G 37 -18.06 5.54 26.33
N LYS G 38 -17.05 6.11 25.66
CA LYS G 38 -15.94 5.29 25.19
C LYS G 38 -15.19 4.65 26.36
N PHE G 39 -14.95 5.43 27.41
CA PHE G 39 -14.27 4.89 28.58
C PHE G 39 -15.13 3.85 29.29
N GLN G 40 -16.45 4.06 29.33
CA GLN G 40 -17.34 3.07 29.91
C GLN G 40 -17.32 1.78 29.10
N THR G 41 -17.26 1.90 27.77
CA THR G 41 -17.11 0.72 26.92
C THR G 41 -15.82 -0.03 27.25
N ALA G 42 -14.71 0.70 27.37
CA ALA G 42 -13.44 0.06 27.68
C ALA G 42 -13.48 -0.59 29.07
N ASN G 43 -14.07 0.10 30.05
CA ASN G 43 -14.15 -0.43 31.40
C ASN G 43 -14.97 -1.71 31.44
N THR G 44 -16.12 -1.73 30.76
CA THR G 44 -16.95 -2.93 30.76
C THR G 44 -16.28 -4.05 29.99
N ALA G 45 -15.53 -3.70 28.94
CA ALA G 45 -14.72 -4.71 28.25
C ALA G 45 -13.70 -5.33 29.19
N LEU G 46 -13.16 -4.52 30.12
CA LEU G 46 -12.26 -5.07 31.14
C LEU G 46 -13.02 -5.86 32.19
N ASN G 47 -14.29 -5.55 32.42
CA ASN G 47 -15.02 -6.18 33.51
C ASN G 47 -15.31 -7.65 33.27
N LYS G 48 -15.10 -8.16 32.06
CA LYS G 48 -15.34 -9.57 31.78
C LYS G 48 -14.22 -10.42 32.34
N ALA G 49 -14.59 -11.43 33.14
CA ALA G 49 -13.60 -12.27 33.83
C ALA G 49 -13.03 -13.37 32.96
N ASP G 50 -13.72 -13.77 31.88
CA ASP G 50 -13.22 -14.85 31.03
C ASP G 50 -11.90 -14.49 30.37
N LEU G 51 -11.54 -13.21 30.37
CA LEU G 51 -10.24 -12.80 29.83
C LEU G 51 -9.10 -13.40 30.65
N PHE G 52 -9.31 -13.58 31.95
CA PHE G 52 -8.23 -14.09 32.81
C PHE G 52 -8.16 -15.60 32.76
N LYS G 53 -9.27 -16.28 32.46
CA LYS G 53 -9.27 -17.72 32.22
C LYS G 53 -9.30 -17.97 30.71
N SER G 54 -8.15 -17.74 30.08
CA SER G 54 -7.99 -17.88 28.65
C SER G 54 -6.84 -18.84 28.36
N THR G 55 -7.07 -19.77 27.45
CA THR G 55 -6.09 -20.80 27.10
C THR G 55 -6.16 -21.07 25.61
N VAL G 56 -5.10 -21.70 25.10
CA VAL G 56 -5.04 -22.11 23.70
C VAL G 56 -4.59 -23.57 23.64
N ALA G 57 -5.17 -24.32 22.71
CA ALA G 57 -4.92 -25.74 22.60
C ALA G 57 -4.30 -26.06 21.26
N SER G 58 -3.51 -27.13 21.24
CA SER G 58 -2.86 -27.60 20.04
C SER G 58 -2.90 -29.12 20.01
N SER G 59 -2.90 -29.68 18.81
CA SER G 59 -2.95 -31.12 18.61
C SER G 59 -1.79 -31.56 17.73
N THR G 60 -1.24 -32.74 18.04
CA THR G 60 -0.17 -33.28 17.21
C THR G 60 -0.68 -33.72 15.86
N THR G 61 -1.77 -34.48 15.84
CA THR G 61 -2.32 -35.05 14.61
C THR G 61 -3.26 -34.05 13.95
N GLU G 62 -3.29 -34.08 12.62
CA GLU G 62 -4.20 -33.20 11.89
C GLU G 62 -5.60 -33.80 11.79
N ASP G 63 -5.73 -35.11 12.03
CA ASP G 63 -7.06 -35.74 11.95
C ASP G 63 -8.00 -35.21 13.03
N LEU G 64 -7.50 -35.06 14.25
CA LEU G 64 -8.32 -34.56 15.34
C LEU G 64 -8.13 -33.05 15.47
N LYS G 65 -9.23 -32.32 15.64
CA LYS G 65 -9.19 -30.87 15.77
C LYS G 65 -9.64 -30.50 17.17
N VAL G 66 -9.03 -29.48 17.75
CA VAL G 66 -9.30 -29.08 19.13
C VAL G 66 -9.52 -27.57 19.19
N SER G 67 -10.56 -27.17 19.91
CA SER G 67 -10.84 -25.77 20.20
C SER G 67 -11.11 -25.64 21.69
N THR G 68 -10.88 -24.45 22.24
CA THR G 68 -10.97 -24.26 23.68
C THR G 68 -12.01 -23.20 24.01
N THR G 69 -13.07 -23.61 24.68
CA THR G 69 -14.01 -22.68 25.31
C THR G 69 -13.38 -22.15 26.59
N ALA G 70 -13.83 -20.97 27.02
CA ALA G 70 -13.27 -20.35 28.21
C ALA G 70 -13.54 -21.22 29.44
N GLY G 71 -12.55 -21.25 30.33
CA GLY G 71 -12.65 -22.03 31.54
C GLY G 71 -11.86 -23.31 31.57
N ALA G 72 -11.15 -23.65 30.48
CA ALA G 72 -10.37 -24.88 30.45
C ALA G 72 -9.16 -24.77 31.37
N ALA G 73 -8.70 -25.92 31.84
CA ALA G 73 -7.51 -26.02 32.68
C ALA G 73 -6.34 -26.50 31.83
N ALA G 74 -5.18 -25.86 31.99
CA ALA G 74 -4.02 -26.20 31.19
C ALA G 74 -3.56 -27.62 31.51
N GLY G 75 -3.03 -28.31 30.51
CA GLY G 75 -2.58 -29.67 30.74
C GLY G 75 -2.24 -30.36 29.44
N THR G 76 -2.07 -31.67 29.54
CA THR G 76 -1.79 -32.53 28.39
C THR G 76 -2.72 -33.73 28.46
N TYR G 77 -3.38 -34.04 27.34
CA TYR G 77 -4.36 -35.10 27.27
C TYR G 77 -3.97 -36.11 26.20
N LYS G 78 -4.15 -37.39 26.51
CA LYS G 78 -3.86 -38.47 25.58
C LYS G 78 -5.18 -39.07 25.11
N ILE G 79 -5.43 -39.01 23.80
CA ILE G 79 -6.74 -39.26 23.23
C ILE G 79 -6.65 -40.44 22.26
N ASN G 80 -7.55 -41.40 22.42
CA ASN G 80 -7.68 -42.55 21.53
C ASN G 80 -9.10 -42.59 21.03
N VAL G 81 -9.28 -42.38 19.72
CA VAL G 81 -10.62 -42.37 19.13
C VAL G 81 -10.92 -43.76 18.61
N THR G 82 -11.57 -44.57 19.44
CA THR G 82 -11.85 -45.96 19.06
C THR G 82 -12.82 -46.04 17.89
N GLN G 83 -13.88 -45.23 17.91
CA GLN G 83 -14.96 -45.35 16.94
C GLN G 83 -15.38 -43.97 16.47
N LEU G 84 -16.20 -43.96 15.42
CA LEU G 84 -16.76 -42.74 14.86
C LEU G 84 -18.25 -42.90 14.69
N ALA G 85 -18.99 -41.81 14.88
CA ALA G 85 -20.44 -41.86 14.80
C ALA G 85 -20.90 -41.76 13.36
N ALA G 86 -21.98 -42.49 13.04
CA ALA G 86 -22.54 -42.49 11.71
C ALA G 86 -24.05 -42.41 11.81
N ALA G 87 -24.67 -41.89 10.76
CA ALA G 87 -26.10 -41.60 10.74
C ALA G 87 -26.82 -42.63 9.89
N GLN G 88 -27.88 -43.21 10.42
CA GLN G 88 -28.62 -44.22 9.69
C GLN G 88 -29.10 -43.67 8.36
N SER G 89 -29.06 -44.48 7.32
CA SER G 89 -29.53 -44.06 6.01
C SER G 89 -30.35 -45.18 5.38
N LEU G 90 -31.51 -44.82 4.86
CA LEU G 90 -32.46 -45.79 4.32
C LEU G 90 -32.68 -45.51 2.84
N ALA G 91 -32.80 -46.55 2.04
CA ALA G 91 -33.03 -46.38 0.61
C ALA G 91 -34.15 -47.28 0.14
N THR G 92 -34.91 -46.82 -0.84
CA THR G 92 -36.00 -47.60 -1.37
C THR G 92 -35.47 -48.86 -2.02
N LYS G 93 -36.26 -49.94 -1.95
CA LYS G 93 -35.79 -51.23 -2.42
C LYS G 93 -35.70 -51.27 -3.94
N THR G 94 -36.53 -50.49 -4.63
CA THR G 94 -36.64 -50.53 -6.08
C THR G 94 -36.27 -49.18 -6.67
N THR G 95 -35.87 -49.19 -7.94
CA THR G 95 -35.55 -47.96 -8.66
C THR G 95 -36.76 -47.48 -9.46
N PHE G 96 -36.70 -46.23 -9.90
CA PHE G 96 -37.82 -45.60 -10.59
C PHE G 96 -37.36 -45.00 -11.91
N ALA G 97 -38.29 -44.93 -12.87
CA ALA G 97 -37.94 -44.47 -14.21
C ALA G 97 -37.52 -43.00 -14.20
N THR G 98 -38.24 -42.16 -13.46
CA THR G 98 -37.91 -40.74 -13.37
C THR G 98 -38.59 -40.14 -12.16
N THR G 99 -38.12 -38.95 -11.78
CA THR G 99 -38.66 -38.26 -10.61
C THR G 99 -40.11 -37.89 -10.82
N LYS G 100 -40.45 -37.41 -12.02
CA LYS G 100 -41.79 -36.89 -12.28
C LYS G 100 -42.86 -37.97 -12.19
N GLU G 101 -42.46 -39.24 -12.33
CA GLU G 101 -43.42 -40.33 -12.18
C GLU G 101 -43.99 -40.36 -10.77
N GLN G 102 -45.30 -40.53 -10.66
CA GLN G 102 -45.98 -40.51 -9.38
C GLN G 102 -45.84 -41.89 -8.72
N LEU G 103 -45.58 -41.88 -7.41
CA LEU G 103 -45.29 -43.13 -6.71
C LEU G 103 -46.54 -43.71 -6.07
N GLY G 104 -47.30 -42.90 -5.33
CA GLY G 104 -48.43 -43.41 -4.59
C GLY G 104 -49.72 -43.43 -5.39
N ASP G 105 -50.80 -43.81 -4.70
CA ASP G 105 -52.10 -43.91 -5.33
C ASP G 105 -52.69 -42.53 -5.61
N THR G 106 -53.34 -42.39 -6.76
CA THR G 106 -53.86 -41.07 -7.16
C THR G 106 -55.19 -40.77 -6.50
N SER G 107 -55.95 -41.80 -6.12
CA SER G 107 -57.30 -41.58 -5.59
C SER G 107 -57.27 -40.79 -4.29
N VAL G 108 -56.34 -41.13 -3.39
CA VAL G 108 -56.27 -40.49 -2.08
C VAL G 108 -55.87 -39.03 -2.26
N THR G 109 -56.46 -38.15 -1.44
CA THR G 109 -56.20 -36.72 -1.59
C THR G 109 -55.31 -36.19 -0.46
N SER G 110 -55.27 -36.87 0.68
CA SER G 110 -54.49 -36.43 1.83
C SER G 110 -53.58 -37.55 2.30
N ARG G 111 -52.30 -37.24 2.48
CA ARG G 111 -51.27 -38.21 2.81
C ARG G 111 -50.50 -37.72 4.03
N THR G 112 -50.16 -38.64 4.95
CA THR G 112 -49.35 -38.29 6.11
C THR G 112 -48.20 -39.28 6.24
N ILE G 113 -47.04 -38.78 6.62
CA ILE G 113 -45.87 -39.59 6.91
C ILE G 113 -45.50 -39.37 8.36
N LYS G 114 -45.55 -40.43 9.17
CA LYS G 114 -45.28 -40.35 10.59
C LYS G 114 -43.94 -41.02 10.86
N ILE G 115 -43.02 -40.25 11.43
CA ILE G 115 -41.66 -40.71 11.70
C ILE G 115 -41.42 -40.64 13.19
N GLU G 116 -41.08 -41.78 13.79
CA GLU G 116 -40.87 -41.89 15.23
C GLU G 116 -39.41 -42.24 15.50
N GLN G 117 -38.79 -41.51 16.41
CA GLN G 117 -37.42 -41.79 16.80
C GLN G 117 -37.32 -41.93 18.31
N PRO G 118 -36.37 -42.73 18.80
CA PRO G 118 -36.19 -42.83 20.26
C PRO G 118 -35.88 -41.51 20.93
N GLY G 119 -35.14 -40.62 20.27
CA GLY G 119 -34.79 -39.35 20.89
C GLY G 119 -35.86 -38.30 20.75
N ARG G 120 -36.81 -38.52 19.84
CA ARG G 120 -37.84 -37.53 19.56
C ARG G 120 -39.08 -37.80 20.37
N LYS G 121 -39.60 -36.76 21.04
CA LYS G 121 -40.74 -36.94 21.93
C LYS G 121 -42.03 -37.16 21.14
N GLU G 122 -42.44 -36.19 20.34
CA GLU G 122 -43.68 -36.26 19.57
C GLU G 122 -43.38 -36.64 18.14
N PRO G 123 -44.00 -37.70 17.61
CA PRO G 123 -43.67 -38.16 16.26
C PRO G 123 -43.88 -37.08 15.21
N LEU G 124 -43.00 -37.07 14.22
CA LEU G 124 -43.07 -36.05 13.17
C LEU G 124 -44.11 -36.44 12.12
N GLU G 125 -44.93 -35.45 11.73
CA GLU G 125 -45.97 -35.63 10.73
C GLU G 125 -45.64 -34.79 9.50
N ILE G 126 -45.62 -35.43 8.34
CA ILE G 126 -45.39 -34.77 7.06
C ILE G 126 -46.70 -34.83 6.28
N LYS G 127 -47.14 -33.69 5.77
CA LYS G 127 -48.42 -33.56 5.09
C LYS G 127 -48.20 -33.47 3.58
N LEU G 128 -48.93 -34.29 2.82
CA LEU G 128 -48.86 -34.30 1.36
C LEU G 128 -50.25 -34.18 0.78
N ASP G 129 -50.37 -33.39 -0.28
CA ASP G 129 -51.64 -33.17 -0.97
C ASP G 129 -51.93 -34.34 -1.92
N LYS G 130 -52.91 -34.16 -2.79
CA LYS G 130 -53.34 -35.23 -3.68
C LYS G 130 -52.28 -35.52 -4.75
N GLY G 131 -51.76 -34.49 -5.39
CA GLY G 131 -50.88 -34.66 -6.53
C GLY G 131 -49.40 -34.69 -6.21
N ASP G 132 -49.01 -34.89 -4.95
CA ASP G 132 -47.63 -34.78 -4.53
C ASP G 132 -46.93 -36.12 -4.39
N THR G 133 -47.50 -37.20 -4.93
CA THR G 133 -46.77 -38.47 -4.94
C THR G 133 -45.56 -38.45 -5.86
N SER G 134 -45.29 -37.33 -6.54
CA SER G 134 -44.04 -37.18 -7.25
C SER G 134 -42.88 -37.21 -6.26
N MET G 135 -41.84 -37.95 -6.63
CA MET G 135 -40.74 -38.20 -5.71
C MET G 135 -40.00 -36.91 -5.37
N GLU G 136 -39.93 -35.98 -6.32
CA GLU G 136 -39.40 -34.66 -6.01
C GLU G 136 -40.27 -33.95 -4.97
N ALA G 137 -41.58 -34.13 -5.07
CA ALA G 137 -42.48 -33.52 -4.09
C ALA G 137 -42.25 -34.10 -2.70
N ILE G 138 -42.03 -35.41 -2.60
CA ILE G 138 -41.75 -36.02 -1.30
C ILE G 138 -40.43 -35.51 -0.74
N ARG G 139 -39.42 -35.39 -1.59
CA ARG G 139 -38.17 -34.80 -1.13
C ARG G 139 -38.38 -33.40 -0.57
N ASP G 140 -39.14 -32.58 -1.30
CA ASP G 140 -39.34 -31.19 -0.86
C ASP G 140 -40.17 -31.13 0.41
N ALA G 141 -41.15 -32.01 0.55
CA ALA G 141 -41.94 -32.05 1.78
C ALA G 141 -41.08 -32.41 2.98
N ILE G 142 -40.23 -33.43 2.83
CA ILE G 142 -39.44 -33.88 3.97
C ILE G 142 -38.34 -32.88 4.31
N ASN G 143 -37.80 -32.18 3.30
CA ASN G 143 -36.79 -31.17 3.60
C ASN G 143 -37.40 -29.92 4.22
N ASP G 144 -38.57 -29.49 3.73
CA ASP G 144 -39.12 -28.20 4.16
C ASP G 144 -39.56 -28.22 5.62
N ALA G 145 -39.86 -29.41 6.16
CA ALA G 145 -40.27 -29.50 7.54
C ALA G 145 -39.13 -29.16 8.50
N ASP G 146 -37.88 -29.34 8.04
CA ASP G 146 -36.69 -28.99 8.81
C ASP G 146 -36.67 -29.70 10.18
N SER G 147 -36.95 -31.00 10.18
CA SER G 147 -37.01 -31.77 11.41
C SER G 147 -35.71 -32.49 11.74
N GLY G 148 -34.69 -32.42 10.88
CA GLY G 148 -33.49 -33.20 11.04
C GLY G 148 -33.39 -34.40 10.11
N ILE G 149 -34.49 -34.83 9.51
CA ILE G 149 -34.50 -35.89 8.52
C ILE G 149 -34.24 -35.25 7.17
N ALA G 150 -33.21 -35.73 6.46
CA ALA G 150 -32.83 -35.17 5.18
C ALA G 150 -33.13 -36.18 4.09
N ALA G 151 -34.00 -35.81 3.16
CA ALA G 151 -34.34 -36.66 2.02
C ALA G 151 -33.56 -36.22 0.79
N SER G 152 -33.16 -37.18 -0.02
CA SER G 152 -32.32 -36.92 -1.19
C SER G 152 -32.65 -37.93 -2.28
N ILE G 153 -32.24 -37.61 -3.50
CA ILE G 153 -32.45 -38.48 -4.66
C ILE G 153 -31.10 -38.78 -5.29
N VAL G 154 -30.82 -40.07 -5.47
CA VAL G 154 -29.58 -40.54 -6.06
C VAL G 154 -29.94 -41.35 -7.29
N LYS G 155 -29.44 -40.94 -8.45
CA LYS G 155 -29.67 -41.69 -9.68
C LYS G 155 -28.52 -42.68 -9.85
N VAL G 156 -28.83 -43.97 -9.74
CA VAL G 156 -27.80 -44.98 -9.80
C VAL G 156 -27.12 -44.98 -11.16
N LYS G 157 -27.92 -44.91 -12.23
CA LYS G 157 -27.38 -44.73 -13.57
C LYS G 157 -28.47 -44.08 -14.41
N GLU G 158 -28.14 -43.82 -15.67
CA GLU G 158 -29.04 -43.10 -16.55
C GLU G 158 -30.38 -43.83 -16.66
N ASN G 159 -31.46 -43.10 -16.40
CA ASN G 159 -32.86 -43.55 -16.40
C ASN G 159 -33.25 -44.39 -15.20
N GLU G 160 -32.55 -44.28 -14.07
CA GLU G 160 -32.93 -44.97 -12.84
C GLU G 160 -32.69 -44.04 -11.66
N PHE G 161 -33.62 -44.00 -10.71
CA PHE G 161 -33.54 -43.10 -9.57
C PHE G 161 -33.90 -43.85 -8.29
N GLN G 162 -33.35 -43.38 -7.17
CA GLN G 162 -33.59 -43.93 -5.85
C GLN G 162 -33.78 -42.79 -4.86
N LEU G 163 -34.57 -43.05 -3.81
CA LEU G 163 -34.86 -42.09 -2.76
C LEU G 163 -34.14 -42.53 -1.50
N VAL G 164 -33.44 -41.59 -0.85
CA VAL G 164 -32.62 -41.88 0.32
C VAL G 164 -33.07 -40.96 1.45
N LEU G 165 -33.23 -41.52 2.65
CA LEU G 165 -33.62 -40.78 3.83
C LEU G 165 -32.52 -40.93 4.87
N THR G 166 -31.92 -39.82 5.29
CA THR G 166 -30.80 -39.85 6.22
C THR G 166 -31.19 -39.13 7.50
N ALA G 167 -31.04 -39.82 8.63
CA ALA G 167 -31.28 -39.20 9.92
C ALA G 167 -30.03 -38.47 10.39
N ASN G 168 -30.03 -38.05 11.65
CA ASN G 168 -28.84 -37.43 12.22
C ASN G 168 -27.91 -38.47 12.82
N SER G 169 -26.72 -38.01 13.17
CA SER G 169 -25.71 -38.88 13.76
C SER G 169 -26.13 -39.34 15.15
N GLY G 170 -26.01 -40.64 15.40
CA GLY G 170 -26.32 -41.20 16.70
C GLY G 170 -27.21 -42.41 16.62
N THR G 171 -27.22 -43.20 17.70
CA THR G 171 -28.04 -44.40 17.71
C THR G 171 -29.40 -44.14 18.35
N ASP G 172 -29.61 -42.95 18.91
CA ASP G 172 -30.95 -42.59 19.38
C ASP G 172 -31.81 -42.08 18.24
N ASN G 173 -31.19 -41.71 17.13
CA ASN G 173 -31.92 -41.18 15.97
C ASN G 173 -32.09 -42.27 14.91
N THR G 174 -32.84 -43.30 15.27
CA THR G 174 -33.17 -44.38 14.34
C THR G 174 -34.63 -44.24 13.94
N MET G 175 -34.87 -44.06 12.65
CA MET G 175 -36.19 -43.74 12.15
C MET G 175 -37.12 -44.95 12.21
N LYS G 176 -38.39 -44.69 12.48
CA LYS G 176 -39.46 -45.66 12.32
C LYS G 176 -40.57 -44.99 11.53
N ILE G 177 -40.78 -45.44 10.29
CA ILE G 177 -41.57 -44.73 9.31
C ILE G 177 -42.88 -45.47 9.08
N THR G 178 -44.00 -44.73 9.08
CA THR G 178 -45.30 -45.28 8.75
C THR G 178 -46.08 -44.25 7.96
N VAL G 179 -46.66 -44.66 6.82
CA VAL G 179 -47.46 -43.77 5.99
C VAL G 179 -48.93 -44.04 6.27
N GLU G 180 -49.67 -42.97 6.58
CA GLU G 180 -51.07 -43.06 6.96
C GLU G 180 -51.92 -42.29 5.95
N GLY G 181 -53.05 -42.89 5.57
CA GLY G 181 -53.95 -42.33 4.59
C GLY G 181 -53.81 -42.91 3.20
N ASP G 182 -52.69 -43.56 2.89
CA ASP G 182 -52.41 -44.10 1.58
C ASP G 182 -51.81 -45.50 1.74
N THR G 183 -52.14 -46.40 0.81
CA THR G 183 -51.65 -47.77 0.93
C THR G 183 -50.42 -48.01 0.06
N LYS G 184 -50.36 -47.38 -1.12
CA LYS G 184 -49.21 -47.57 -1.99
C LYS G 184 -47.96 -46.92 -1.40
N LEU G 185 -48.11 -45.70 -0.88
CA LEU G 185 -46.97 -45.02 -0.28
C LEU G 185 -46.46 -45.77 0.94
N ASN G 186 -47.39 -46.32 1.74
CA ASN G 186 -46.98 -47.16 2.86
C ASN G 186 -46.29 -48.44 2.37
N ASP G 187 -46.74 -48.97 1.24
CA ASP G 187 -46.05 -50.10 0.64
C ASP G 187 -44.65 -49.73 0.19
N LEU G 188 -44.42 -48.44 -0.10
CA LEU G 188 -43.11 -48.01 -0.57
C LEU G 188 -42.24 -47.49 0.57
N LEU G 189 -42.84 -46.83 1.56
CA LEU G 189 -42.11 -46.19 2.65
C LEU G 189 -42.59 -46.77 3.98
N ALA G 190 -41.96 -47.84 4.43
CA ALA G 190 -42.34 -48.50 5.68
C ALA G 190 -41.13 -49.20 6.27
N TYR G 191 -40.69 -48.76 7.44
CA TYR G 191 -39.56 -49.36 8.12
C TYR G 191 -39.81 -49.36 9.61
N ASP G 192 -39.56 -50.51 10.25
CA ASP G 192 -39.62 -50.65 11.71
C ASP G 192 -38.21 -50.93 12.21
N SER G 193 -37.54 -49.89 12.72
CA SER G 193 -36.15 -50.04 13.11
C SER G 193 -36.00 -50.87 14.37
N THR G 194 -37.03 -50.86 15.24
CA THR G 194 -36.99 -51.69 16.44
C THR G 194 -37.00 -53.17 16.07
N THR G 195 -37.82 -53.54 15.09
CA THR G 195 -37.85 -54.92 14.62
C THR G 195 -36.74 -55.19 13.61
N ASN G 196 -36.26 -54.14 12.95
CA ASN G 196 -35.22 -54.14 11.92
C ASN G 196 -35.70 -54.71 10.59
N THR G 197 -36.99 -54.59 10.27
CA THR G 197 -37.52 -55.05 9.00
C THR G 197 -38.43 -53.97 8.42
N GLY G 198 -38.55 -53.95 7.09
CA GLY G 198 -39.39 -52.98 6.43
C GLY G 198 -39.25 -53.06 4.93
N ASN G 199 -39.98 -52.18 4.24
CA ASN G 199 -39.95 -52.15 2.79
C ASN G 199 -38.67 -51.49 2.28
N MET G 200 -38.18 -50.49 3.00
CA MET G 200 -36.90 -49.87 2.66
C MET G 200 -35.76 -50.74 3.19
N GLN G 201 -34.56 -50.47 2.70
CA GLN G 201 -33.37 -51.17 3.14
C GLN G 201 -32.41 -50.17 3.77
N GLU G 202 -31.58 -50.67 4.69
CA GLU G 202 -30.67 -49.82 5.46
C GLU G 202 -29.29 -49.90 4.81
N LEU G 203 -28.79 -48.74 4.36
CA LEU G 203 -27.48 -48.70 3.74
C LEU G 203 -26.38 -48.45 4.75
N VAL G 204 -26.60 -47.51 5.67
CA VAL G 204 -25.64 -47.14 6.69
C VAL G 204 -26.30 -47.28 8.05
N LYS G 205 -25.60 -47.92 8.98
CA LYS G 205 -26.08 -48.23 10.31
C LYS G 205 -25.61 -47.18 11.30
N ALA G 206 -26.41 -46.91 12.32
CA ALA G 206 -26.15 -45.82 13.24
C ALA G 206 -25.21 -46.24 14.35
N GLU G 207 -24.27 -45.38 14.70
CA GLU G 207 -23.26 -45.69 15.70
C GLU G 207 -22.96 -44.47 16.55
N ASN G 208 -22.47 -44.73 17.76
CA ASN G 208 -22.08 -43.70 18.70
C ASN G 208 -20.58 -43.48 18.62
N ALA G 209 -20.14 -42.24 18.81
CA ALA G 209 -18.71 -41.99 18.92
C ALA G 209 -18.22 -42.52 20.25
N LYS G 210 -17.06 -43.18 20.22
CA LYS G 210 -16.44 -43.71 21.43
C LYS G 210 -14.98 -43.34 21.44
N LEU G 211 -14.53 -42.69 22.50
CA LEU G 211 -13.13 -42.35 22.64
C LEU G 211 -12.70 -42.55 24.08
N ASN G 212 -11.45 -42.20 24.35
CA ASN G 212 -10.82 -42.44 25.64
C ASN G 212 -9.86 -41.30 25.92
N VAL G 213 -10.16 -40.50 26.93
CA VAL G 213 -9.36 -39.35 27.29
C VAL G 213 -8.72 -39.60 28.64
N ASN G 214 -7.38 -39.70 28.67
CA ASN G 214 -6.61 -39.90 29.89
C ASN G 214 -7.11 -41.08 30.71
N GLY G 215 -7.48 -42.15 30.02
CA GLY G 215 -7.95 -43.34 30.71
C GLY G 215 -9.41 -43.33 31.13
N ILE G 216 -10.20 -42.35 30.68
CA ILE G 216 -11.63 -42.30 30.94
C ILE G 216 -12.37 -42.55 29.63
N ASP G 217 -13.34 -43.45 29.66
CA ASP G 217 -14.09 -43.81 28.46
C ASP G 217 -15.25 -42.84 28.25
N ILE G 218 -15.35 -42.30 27.03
CA ILE G 218 -16.34 -41.31 26.67
C ILE G 218 -17.17 -41.86 25.52
N GLU G 219 -18.49 -41.78 25.62
CA GLU G 219 -19.39 -42.18 24.55
C GLU G 219 -20.36 -41.06 24.25
N ARG G 220 -20.40 -40.64 22.98
CA ARG G 220 -21.24 -39.53 22.56
C ARG G 220 -22.08 -39.95 21.36
N GLN G 221 -23.02 -39.09 20.99
CA GLN G 221 -23.91 -39.33 19.86
C GLN G 221 -23.42 -38.69 18.58
N SER G 222 -22.35 -37.89 18.63
CA SER G 222 -21.91 -37.15 17.47
C SER G 222 -20.38 -37.10 17.47
N ASN G 223 -19.83 -36.53 16.40
CA ASN G 223 -18.39 -36.41 16.26
C ASN G 223 -17.86 -35.09 16.77
N THR G 224 -18.64 -34.35 17.54
CA THR G 224 -18.17 -33.15 18.22
C THR G 224 -18.33 -33.37 19.72
N VAL G 225 -17.24 -33.74 20.37
CA VAL G 225 -17.23 -34.03 21.80
C VAL G 225 -16.86 -32.75 22.54
N THR G 226 -17.67 -32.39 23.53
CA THR G 226 -17.56 -31.08 24.16
C THR G 226 -17.22 -31.11 25.65
N ASP G 227 -17.66 -32.11 26.40
CA ASP G 227 -17.55 -32.09 27.85
C ASP G 227 -16.64 -33.17 28.39
N ALA G 228 -15.47 -33.36 27.80
CA ALA G 228 -14.48 -34.31 28.29
C ALA G 228 -13.10 -33.80 27.94
N PRO G 229 -12.47 -32.96 28.78
CA PRO G 229 -12.98 -32.40 30.03
C PRO G 229 -13.95 -31.27 29.73
N GLN G 230 -14.62 -30.72 30.73
CA GLN G 230 -15.50 -29.59 30.46
C GLN G 230 -14.67 -28.37 30.06
N GLY G 231 -14.96 -27.83 28.89
CA GLY G 231 -14.28 -26.66 28.39
C GLY G 231 -13.37 -26.89 27.20
N ILE G 232 -13.40 -28.06 26.58
CA ILE G 232 -12.62 -28.35 25.39
C ILE G 232 -13.53 -29.03 24.37
N THR G 233 -13.52 -28.53 23.14
CA THR G 233 -14.35 -29.05 22.06
C THR G 233 -13.45 -29.80 21.08
N LEU G 234 -13.73 -31.09 20.90
CA LEU G 234 -12.96 -31.94 20.00
C LEU G 234 -13.80 -32.30 18.80
N THR G 235 -13.24 -32.12 17.61
CA THR G 235 -13.85 -32.56 16.38
C THR G 235 -13.07 -33.78 15.89
N LEU G 236 -13.76 -34.92 15.80
CA LEU G 236 -13.16 -36.18 15.39
C LEU G 236 -13.41 -36.38 13.91
N THR G 237 -12.35 -36.67 13.16
CA THR G 237 -12.47 -36.94 11.73
C THR G 237 -12.19 -38.40 11.37
N LYS G 238 -11.16 -39.00 11.98
CA LYS G 238 -10.82 -40.39 11.72
C LYS G 238 -10.27 -41.00 13.00
N LYS G 239 -10.22 -42.34 13.03
CA LYS G 239 -9.69 -43.03 14.19
C LYS G 239 -8.23 -42.68 14.42
N VAL G 240 -7.85 -42.53 15.68
CA VAL G 240 -6.55 -42.04 16.08
C VAL G 240 -6.04 -42.91 17.22
N THR G 241 -4.73 -43.02 17.34
CA THR G 241 -4.09 -43.72 18.46
C THR G 241 -3.10 -42.80 19.14
N ASP G 242 -3.29 -42.62 20.45
CA ASP G 242 -2.36 -41.89 21.31
C ASP G 242 -2.06 -40.49 20.78
N ALA G 243 -3.10 -39.74 20.39
CA ALA G 243 -2.88 -38.34 20.07
C ALA G 243 -2.67 -37.54 21.34
N THR G 244 -1.97 -36.43 21.20
CA THR G 244 -1.68 -35.55 22.34
C THR G 244 -2.30 -34.18 22.08
N VAL G 245 -3.09 -33.72 23.04
CA VAL G 245 -3.65 -32.37 23.00
C VAL G 245 -3.07 -31.59 24.16
N THR G 246 -2.42 -30.47 23.85
CA THR G 246 -1.77 -29.65 24.86
C THR G 246 -2.50 -28.32 24.98
N VAL G 247 -2.90 -27.98 26.19
CA VAL G 247 -3.59 -26.72 26.48
C VAL G 247 -2.69 -25.90 27.38
N THR G 248 -2.37 -24.69 26.93
CA THR G 248 -1.47 -23.79 27.64
C THR G 248 -2.10 -22.42 27.78
N LYS G 249 -1.80 -21.74 28.87
CA LYS G 249 -2.47 -20.48 29.20
C LYS G 249 -1.87 -19.32 28.42
N ASP G 250 -2.74 -18.49 27.85
CA ASP G 250 -2.33 -17.26 27.18
C ASP G 250 -3.01 -16.07 27.86
N ASP G 251 -2.24 -15.00 28.09
CA ASP G 251 -2.71 -13.80 28.74
C ASP G 251 -2.84 -12.62 27.79
N THR G 252 -2.83 -12.85 26.48
CA THR G 252 -2.88 -11.76 25.52
C THR G 252 -4.19 -10.99 25.63
N LYS G 253 -5.31 -11.69 25.81
CA LYS G 253 -6.60 -11.01 25.85
C LYS G 253 -6.68 -10.02 27.00
N ALA G 254 -6.21 -10.43 28.19
CA ALA G 254 -6.25 -9.54 29.35
C ALA G 254 -5.35 -8.33 29.15
N LYS G 255 -4.15 -8.53 28.59
CA LYS G 255 -3.24 -7.40 28.43
C LYS G 255 -3.77 -6.42 27.38
N GLU G 256 -4.38 -6.94 26.31
CA GLU G 256 -5.00 -6.04 25.34
C GLU G 256 -6.15 -5.25 25.95
N ALA G 257 -6.98 -5.91 26.76
CA ALA G 257 -8.08 -5.20 27.41
C ALA G 257 -7.54 -4.12 28.34
N ILE G 258 -6.50 -4.43 29.11
CA ILE G 258 -5.92 -3.44 30.01
C ILE G 258 -5.32 -2.28 29.23
N LYS G 259 -4.63 -2.57 28.13
CA LYS G 259 -4.03 -1.51 27.32
C LYS G 259 -5.09 -0.59 26.74
N SER G 260 -6.18 -1.16 26.22
CA SER G 260 -7.24 -0.32 25.67
C SER G 260 -7.91 0.49 26.78
N TRP G 261 -8.06 -0.09 27.97
CA TRP G 261 -8.64 0.66 29.08
C TRP G 261 -7.74 1.84 29.47
N VAL G 262 -6.43 1.62 29.52
CA VAL G 262 -5.49 2.69 29.84
C VAL G 262 -5.54 3.77 28.76
N ASP G 263 -5.59 3.37 27.49
CA ASP G 263 -5.66 4.35 26.41
C ASP G 263 -6.93 5.19 26.51
N ALA G 264 -8.07 4.56 26.79
CA ALA G 264 -9.30 5.30 26.95
C ALA G 264 -9.21 6.27 28.12
N TYR G 265 -8.61 5.84 29.23
CA TYR G 265 -8.46 6.74 30.37
C TYR G 265 -7.57 7.93 30.03
N ASN G 266 -6.49 7.69 29.30
CA ASN G 266 -5.60 8.77 28.90
C ASN G 266 -6.32 9.76 28.00
N SER G 267 -7.13 9.25 27.06
CA SER G 267 -7.91 10.15 26.21
C SER G 267 -8.89 10.98 27.04
N LEU G 268 -9.53 10.34 28.02
CA LEU G 268 -10.45 11.07 28.88
C LEU G 268 -9.73 12.16 29.67
N VAL G 269 -8.52 11.86 30.16
CA VAL G 269 -7.75 12.86 30.91
C VAL G 269 -7.31 14.00 30.00
N ASP G 270 -6.96 13.68 28.75
CA ASP G 270 -6.63 14.73 27.80
C ASP G 270 -7.83 15.65 27.57
N THR G 271 -9.02 15.09 27.42
CA THR G 271 -10.21 15.92 27.27
C THR G 271 -10.46 16.74 28.53
N PHE G 272 -10.28 16.14 29.70
CA PHE G 272 -10.43 16.87 30.95
C PHE G 272 -9.49 18.08 31.01
N SER G 273 -8.23 17.88 30.63
CA SER G 273 -7.28 18.98 30.64
C SER G 273 -7.65 20.04 29.61
N SER G 274 -8.11 19.62 28.43
CA SER G 274 -8.49 20.57 27.39
C SER G 274 -9.65 21.45 27.84
N LEU G 275 -10.65 20.86 28.51
CA LEU G 275 -11.77 21.66 29.00
C LEU G 275 -11.33 22.60 30.11
N THR G 276 -10.23 22.28 30.78
CA THR G 276 -9.64 23.18 31.77
C THR G 276 -8.40 23.89 31.25
N LYS G 277 -8.14 23.83 29.94
CA LYS G 277 -6.97 24.49 29.38
C LYS G 277 -7.06 25.99 29.58
N TYR G 278 -5.97 26.59 30.05
CA TYR G 278 -5.93 28.02 30.34
C TYR G 278 -4.60 28.59 29.86
N THR G 279 -4.68 29.77 29.25
CA THR G 279 -3.50 30.48 28.75
C THR G 279 -3.37 31.80 29.49
N ALA G 280 -2.34 31.91 30.33
CA ALA G 280 -2.11 33.13 31.09
C ALA G 280 -1.65 34.24 30.17
N VAL G 281 -2.07 35.46 30.47
CA VAL G 281 -1.72 36.66 29.70
C VAL G 281 -0.74 37.48 30.51
N GLU G 282 0.47 37.64 29.98
CA GLU G 282 1.50 38.40 30.70
C GLU G 282 1.13 39.86 30.89
N PRO G 283 0.70 40.62 29.87
CA PRO G 283 0.36 42.03 30.13
C PRO G 283 -0.95 42.20 30.89
N GLY G 284 -1.92 41.32 30.66
CA GLY G 284 -3.20 41.41 31.34
C GLY G 284 -4.41 41.60 30.45
N GLU G 285 -4.23 41.58 29.13
CA GLU G 285 -5.38 41.69 28.23
C GLU G 285 -6.25 40.46 28.32
N GLU G 286 -7.56 40.66 28.18
CA GLU G 286 -8.53 39.58 28.29
C GLU G 286 -9.06 39.21 26.91
N ALA G 287 -8.88 37.95 26.52
CA ALA G 287 -9.40 37.43 25.27
C ALA G 287 -9.73 35.95 25.47
N SER G 288 -10.43 35.37 24.49
CA SER G 288 -10.79 33.96 24.59
C SER G 288 -9.55 33.09 24.67
N ASP G 289 -8.75 33.04 23.60
CA ASP G 289 -7.47 32.33 23.55
C ASP G 289 -7.60 30.89 24.05
N LYS G 290 -8.79 30.32 23.93
CA LYS G 290 -9.14 29.00 24.44
C LYS G 290 -8.93 28.87 25.95
N ASN G 291 -8.74 29.99 26.66
CA ASN G 291 -8.45 29.93 28.08
C ASN G 291 -9.70 29.65 28.90
N GLY G 292 -10.86 30.13 28.46
CA GLY G 292 -12.07 29.93 29.23
C GLY G 292 -12.50 28.48 29.28
N ALA G 293 -12.95 27.95 28.14
CA ALA G 293 -13.33 26.55 27.97
C ALA G 293 -14.35 26.19 29.07
N LEU G 294 -14.07 25.21 29.92
CA LEU G 294 -15.00 24.76 30.95
C LEU G 294 -14.48 25.08 32.36
N LEU G 295 -13.81 26.22 32.51
CA LEU G 295 -13.30 26.60 33.82
C LEU G 295 -14.44 26.94 34.76
N GLY G 296 -14.29 26.56 36.03
CA GLY G 296 -15.29 26.82 37.04
C GLY G 296 -16.40 25.80 37.13
N ASP G 297 -16.33 24.71 36.38
CA ASP G 297 -17.35 23.68 36.44
C ASP G 297 -16.89 22.56 37.38
N SER G 298 -17.74 22.21 38.35
CA SER G 298 -17.37 21.20 39.33
C SER G 298 -17.62 19.79 38.79
N VAL G 299 -18.21 19.68 37.60
CA VAL G 299 -18.53 18.36 37.04
C VAL G 299 -17.26 17.57 36.77
N VAL G 300 -16.30 18.17 36.07
CA VAL G 300 -15.07 17.47 35.75
C VAL G 300 -14.30 17.15 37.02
N ARG G 301 -14.34 18.06 38.00
CA ARG G 301 -13.67 17.81 39.27
C ARG G 301 -14.28 16.59 39.97
N THR G 302 -15.61 16.51 40.00
CA THR G 302 -16.26 15.38 40.65
C THR G 302 -15.96 14.08 39.92
N ILE G 303 -15.98 14.10 38.59
CA ILE G 303 -15.67 12.90 37.81
C ILE G 303 -14.26 12.43 38.12
N GLN G 304 -13.29 13.34 38.07
CA GLN G 304 -11.89 12.99 38.34
C GLN G 304 -11.72 12.45 39.75
N THR G 305 -12.33 13.10 40.73
CA THR G 305 -12.19 12.65 42.12
C THR G 305 -12.79 11.26 42.29
N GLY G 306 -13.97 11.02 41.71
CA GLY G 306 -14.60 9.72 41.85
C GLY G 306 -13.79 8.60 41.21
N ILE G 307 -13.33 8.83 39.98
CA ILE G 307 -12.53 7.81 39.30
C ILE G 307 -11.24 7.53 40.07
N ARG G 308 -10.53 8.57 40.48
CA ARG G 308 -9.27 8.36 41.17
C ARG G 308 -9.48 7.72 42.54
N ALA G 309 -10.58 8.04 43.21
CA ALA G 309 -10.89 7.39 44.47
C ALA G 309 -11.15 5.91 44.26
N GLN G 310 -11.86 5.55 43.19
CA GLN G 310 -12.07 4.15 42.88
C GLN G 310 -10.79 3.45 42.44
N PHE G 311 -9.77 4.20 42.00
CA PHE G 311 -8.50 3.57 41.66
C PHE G 311 -7.92 2.79 42.83
N ALA G 312 -8.13 3.26 44.06
CA ALA G 312 -7.72 2.53 45.24
C ALA G 312 -8.80 1.53 45.62
N ASN G 313 -8.49 0.25 45.54
CA ASN G 313 -9.51 -0.79 45.70
C ASN G 313 -9.94 -0.90 47.16
N SER G 314 -11.15 -1.43 47.34
CA SER G 314 -11.74 -1.64 48.65
C SER G 314 -12.15 -3.10 48.78
N GLY G 315 -11.78 -3.72 49.89
CA GLY G 315 -12.11 -5.12 50.12
C GLY G 315 -11.46 -6.08 49.15
N SER G 316 -10.20 -5.86 48.82
CA SER G 316 -9.48 -6.75 47.92
C SER G 316 -8.81 -7.85 48.71
N ASN G 317 -9.16 -9.10 48.41
CA ASN G 317 -8.57 -10.23 49.12
C ASN G 317 -7.15 -10.49 48.65
N SER G 318 -6.80 -10.01 47.45
CA SER G 318 -5.47 -10.24 46.91
C SER G 318 -4.42 -9.49 47.71
N ALA G 319 -3.17 -9.97 47.62
CA ALA G 319 -2.06 -9.27 48.24
C ALA G 319 -1.91 -7.87 47.66
N PHE G 320 -2.10 -7.73 46.36
CA PHE G 320 -2.03 -6.42 45.74
C PHE G 320 -3.24 -5.59 46.17
N LYS G 321 -3.00 -4.38 46.66
CA LYS G 321 -4.06 -3.51 47.12
C LYS G 321 -4.20 -2.24 46.30
N THR G 322 -3.31 -2.00 45.34
CA THR G 322 -3.43 -0.85 44.45
C THR G 322 -3.03 -1.28 43.06
N MET G 323 -3.03 -0.31 42.14
CA MET G 323 -2.82 -0.60 40.73
C MET G 323 -1.34 -0.70 40.39
N ALA G 324 -0.45 -0.26 41.28
CA ALA G 324 0.97 -0.24 40.97
C ALA G 324 1.54 -1.64 40.77
N GLU G 325 1.08 -2.60 41.58
CA GLU G 325 1.66 -3.94 41.53
C GLU G 325 1.46 -4.58 40.15
N ILE G 326 0.29 -4.40 39.56
CA ILE G 326 0.03 -4.97 38.23
C ILE G 326 0.96 -4.36 37.20
N GLY G 327 1.34 -3.10 37.40
CA GLY G 327 2.30 -2.43 36.53
C GLY G 327 1.83 -1.14 35.90
N ILE G 328 0.69 -0.58 36.29
CA ILE G 328 0.22 0.69 35.74
C ILE G 328 0.45 1.77 36.78
N THR G 329 1.31 2.72 36.47
CA THR G 329 1.66 3.80 37.36
C THR G 329 1.54 5.13 36.64
N GLN G 330 1.33 6.20 37.40
CA GLN G 330 1.10 7.52 36.84
C GLN G 330 2.28 8.44 37.17
N ASP G 331 2.78 9.12 36.14
CA ASP G 331 3.78 10.16 36.37
C ASP G 331 3.18 11.28 37.18
N GLY G 332 3.93 11.76 38.18
CA GLY G 332 3.40 12.75 39.09
C GLY G 332 3.01 14.04 38.40
N THR G 333 3.85 14.53 37.49
CA THR G 333 3.57 15.78 36.81
C THR G 333 2.43 15.63 35.82
N SER G 334 2.46 14.57 35.01
CA SER G 334 1.48 14.43 33.93
C SER G 334 0.11 14.03 34.46
N GLY G 335 0.07 13.09 35.41
CA GLY G 335 -1.18 12.56 35.90
C GLY G 335 -1.82 11.51 35.02
N LYS G 336 -1.08 10.94 34.08
CA LYS G 336 -1.59 9.95 33.14
C LYS G 336 -0.95 8.61 33.44
N LEU G 337 -1.67 7.53 33.16
CA LEU G 337 -1.18 6.20 33.50
C LEU G 337 -0.39 5.59 32.34
N LYS G 338 0.81 5.10 32.66
CA LYS G 338 1.62 4.30 31.75
C LYS G 338 1.89 2.95 32.38
N ILE G 339 2.13 1.95 31.53
CA ILE G 339 2.33 0.58 31.98
C ILE G 339 3.75 0.14 31.65
N ASP G 340 4.22 -0.87 32.37
CA ASP G 340 5.47 -1.56 32.03
C ASP G 340 5.15 -2.98 31.56
N ASP G 341 5.52 -3.29 30.32
CA ASP G 341 5.07 -4.52 29.70
C ASP G 341 5.67 -5.74 30.37
N ASP G 342 6.95 -5.69 30.76
CA ASP G 342 7.61 -6.86 31.30
C ASP G 342 7.01 -7.26 32.64
N LYS G 343 6.87 -6.30 33.56
CA LYS G 343 6.31 -6.60 34.87
C LYS G 343 4.85 -7.02 34.77
N LEU G 344 4.09 -6.36 33.89
CA LEU G 344 2.69 -6.75 33.69
C LEU G 344 2.58 -8.19 33.19
N THR G 345 3.41 -8.54 32.20
CA THR G 345 3.40 -9.90 31.68
C THR G 345 3.78 -10.90 32.75
N LYS G 346 4.81 -10.59 33.54
CA LYS G 346 5.21 -11.50 34.61
C LYS G 346 4.09 -11.68 35.63
N VAL G 347 3.42 -10.59 36.01
CA VAL G 347 2.35 -10.69 36.99
C VAL G 347 1.20 -11.52 36.44
N LEU G 348 0.86 -11.34 35.16
CA LEU G 348 -0.18 -12.14 34.55
C LEU G 348 0.21 -13.62 34.54
N LYS G 349 1.48 -13.91 34.28
CA LYS G 349 1.92 -15.30 34.24
C LYS G 349 1.89 -15.96 35.61
N ASP G 350 2.34 -15.24 36.65
CA ASP G 350 2.50 -15.88 37.95
C ASP G 350 1.17 -15.95 38.70
N ASN G 351 0.50 -14.81 38.90
CA ASN G 351 -0.72 -14.73 39.69
C ASN G 351 -1.82 -14.11 38.83
N THR G 352 -2.52 -14.95 38.07
CA THR G 352 -3.65 -14.46 37.29
C THR G 352 -4.89 -14.34 38.16
N ALA G 353 -5.05 -15.24 39.13
CA ALA G 353 -6.21 -15.18 40.01
C ALA G 353 -6.21 -13.90 40.84
N ALA G 354 -5.05 -13.52 41.37
CA ALA G 354 -4.97 -12.30 42.16
C ALA G 354 -5.32 -11.07 41.33
N ALA G 355 -4.78 -10.99 40.10
CA ALA G 355 -5.10 -9.87 39.23
C ALA G 355 -6.59 -9.85 38.89
N ARG G 356 -7.17 -11.02 38.62
CA ARG G 356 -8.59 -11.08 38.28
C ARG G 356 -9.45 -10.61 39.44
N GLU G 357 -9.12 -11.03 40.66
CA GLU G 357 -9.93 -10.65 41.81
C GLU G 357 -9.64 -9.23 42.24
N LEU G 358 -8.52 -8.66 41.77
CA LEU G 358 -8.27 -7.24 42.01
C LEU G 358 -9.07 -6.37 41.05
N LEU G 359 -9.01 -6.67 39.75
CA LEU G 359 -9.65 -5.80 38.77
C LEU G 359 -11.11 -6.19 38.59
N VAL G 360 -11.36 -7.41 38.11
CA VAL G 360 -12.74 -7.85 37.93
C VAL G 360 -13.41 -8.08 39.27
N GLY G 361 -12.70 -8.71 40.20
CA GLY G 361 -13.28 -8.99 41.51
C GLY G 361 -14.43 -9.95 41.39
N ASP G 362 -15.37 -9.85 42.33
CA ASP G 362 -16.57 -10.68 42.27
C ASP G 362 -17.44 -10.32 41.07
N GLY G 363 -17.22 -9.14 40.50
CA GLY G 363 -17.98 -8.69 39.35
C GLY G 363 -19.23 -7.91 39.68
N LYS G 364 -19.57 -7.76 40.96
CA LYS G 364 -20.79 -7.05 41.33
C LYS G 364 -20.47 -5.77 42.09
N GLU G 365 -19.75 -5.88 43.21
CA GLU G 365 -19.47 -4.72 44.06
C GLU G 365 -18.06 -4.73 44.62
N THR G 366 -17.19 -5.65 44.20
CA THR G 366 -15.83 -5.73 44.69
C THR G 366 -14.85 -5.75 43.53
N GLY G 367 -13.87 -4.86 43.58
CA GLY G 367 -12.88 -4.75 42.53
C GLY G 367 -12.83 -3.35 41.95
N ILE G 368 -11.67 -3.00 41.39
CA ILE G 368 -11.49 -1.66 40.82
C ILE G 368 -12.43 -1.45 39.65
N THR G 369 -12.44 -2.38 38.70
CA THR G 369 -13.20 -2.19 37.48
C THR G 369 -14.70 -2.12 37.76
N THR G 370 -15.21 -2.99 38.63
CA THR G 370 -16.64 -2.99 38.90
C THR G 370 -17.07 -1.73 39.65
N LYS G 371 -16.23 -1.24 40.57
CA LYS G 371 -16.57 0.00 41.28
C LYS G 371 -16.53 1.20 40.34
N ILE G 372 -15.53 1.25 39.46
CA ILE G 372 -15.48 2.31 38.46
C ILE G 372 -16.72 2.27 37.59
N ALA G 373 -17.12 1.08 37.14
CA ALA G 373 -18.31 0.95 36.31
C ALA G 373 -19.56 1.38 37.07
N THR G 374 -19.66 0.99 38.34
CA THR G 374 -20.83 1.35 39.14
C THR G 374 -20.94 2.87 39.30
N GLU G 375 -19.82 3.52 39.62
CA GLU G 375 -19.89 4.97 39.82
C GLU G 375 -20.12 5.71 38.50
N VAL G 376 -19.50 5.25 37.41
CA VAL G 376 -19.73 5.89 36.12
C VAL G 376 -21.19 5.72 35.70
N LYS G 377 -21.76 4.54 35.93
CA LYS G 377 -23.17 4.32 35.63
C LYS G 377 -24.05 5.22 36.50
N SER G 378 -23.71 5.36 37.77
CA SER G 378 -24.46 6.26 38.64
C SER G 378 -24.42 7.70 38.11
N TYR G 379 -23.26 8.13 37.62
CA TYR G 379 -23.17 9.46 37.02
C TYR G 379 -24.03 9.56 35.78
N LEU G 380 -24.01 8.54 34.92
CA LEU G 380 -24.70 8.65 33.64
C LEU G 380 -26.20 8.38 33.77
N ALA G 381 -26.60 7.48 34.66
CA ALA G 381 -27.97 6.97 34.65
C ALA G 381 -29.00 8.08 34.93
N ASP G 382 -28.98 8.63 36.14
CA ASP G 382 -29.96 9.65 36.52
C ASP G 382 -29.49 10.33 37.78
N ASP G 383 -29.64 11.66 37.81
CA ASP G 383 -29.24 12.49 38.95
C ASP G 383 -27.76 12.33 39.28
N GLY G 384 -27.02 11.68 38.39
CA GLY G 384 -25.59 11.59 38.55
C GLY G 384 -24.89 12.83 38.04
N ILE G 385 -23.66 13.03 38.54
CA ILE G 385 -23.00 14.32 38.37
C ILE G 385 -22.96 14.73 36.90
N ILE G 386 -22.75 13.78 36.00
CA ILE G 386 -22.74 14.13 34.58
C ILE G 386 -24.17 14.20 34.04
N ASP G 387 -25.05 13.30 34.48
CA ASP G 387 -26.43 13.37 34.03
C ASP G 387 -27.19 14.50 34.71
N ASN G 388 -26.97 14.69 36.02
CA ASN G 388 -27.50 15.87 36.68
C ASN G 388 -26.88 17.13 36.08
N ALA G 389 -25.62 17.06 35.66
CA ALA G 389 -24.99 18.18 34.98
C ALA G 389 -25.70 18.49 33.68
N GLN G 390 -26.00 17.45 32.89
CA GLN G 390 -26.71 17.66 31.64
C GLN G 390 -28.09 18.26 31.89
N ASP G 391 -28.81 17.74 32.89
CA ASP G 391 -30.15 18.25 33.20
C ASP G 391 -30.09 19.71 33.65
N ASN G 392 -29.20 20.01 34.61
CA ASN G 392 -29.12 21.36 35.14
C ASN G 392 -28.63 22.35 34.10
N VAL G 393 -27.65 21.95 33.28
CA VAL G 393 -27.13 22.83 32.25
C VAL G 393 -28.15 23.02 31.13
N ASN G 394 -28.97 22.00 30.87
CA ASN G 394 -30.03 22.18 29.88
C ASN G 394 -31.11 23.13 30.40
N ALA G 395 -31.45 23.03 31.69
CA ALA G 395 -32.37 23.98 32.28
C ALA G 395 -31.78 25.39 32.26
N THR G 396 -30.49 25.51 32.56
CA THR G 396 -29.81 26.79 32.49
C THR G 396 -29.80 27.33 31.06
N LEU G 397 -29.61 26.45 30.08
CA LEU G 397 -29.65 26.86 28.68
C LEU G 397 -31.03 27.35 28.28
N LYS G 398 -32.08 26.68 28.75
CA LYS G 398 -33.43 27.14 28.47
C LYS G 398 -33.70 28.49 29.11
N SER G 399 -33.26 28.68 30.35
CA SER G 399 -33.42 29.97 31.01
C SER G 399 -32.62 31.05 30.27
N LEU G 400 -31.43 30.70 29.80
CA LEU G 400 -30.60 31.66 29.09
C LEU G 400 -31.19 32.00 27.73
N THR G 401 -31.82 31.02 27.08
CA THR G 401 -32.50 31.29 25.81
C THR G 401 -33.70 32.20 26.02
N LYS G 402 -34.45 31.98 27.11
CA LYS G 402 -35.50 32.93 27.47
C LYS G 402 -34.92 34.31 27.74
N GLN G 403 -33.75 34.37 28.36
CA GLN G 403 -33.08 35.64 28.60
C GLN G 403 -32.69 36.32 27.30
N TYR G 404 -32.19 35.56 26.33
CA TYR G 404 -31.83 36.13 25.03
C TYR G 404 -33.07 36.64 24.30
N LEU G 405 -34.18 35.92 24.41
CA LEU G 405 -35.44 36.40 23.85
C LEU G 405 -35.87 37.70 24.52
N SER G 406 -35.71 37.78 25.84
CA SER G 406 -36.04 39.01 26.56
C SER G 406 -35.13 40.16 26.14
N VAL G 407 -33.85 39.88 25.89
CA VAL G 407 -32.92 40.91 25.44
C VAL G 407 -33.30 41.37 24.04
N SER G 408 -33.71 40.44 23.18
CA SER G 408 -34.20 40.82 21.85
C SER G 408 -35.43 41.71 21.96
N ASN G 409 -36.34 41.37 22.87
CA ASN G 409 -37.51 42.22 23.10
C ASN G 409 -37.10 43.60 23.60
N SER G 410 -36.11 43.66 24.48
CA SER G 410 -35.63 44.94 24.99
C SER G 410 -35.00 45.77 23.87
N ILE G 411 -34.28 45.12 22.97
CA ILE G 411 -33.72 45.81 21.80
C ILE G 411 -34.84 46.36 20.93
N ASP G 412 -35.89 45.56 20.72
CA ASP G 412 -37.03 46.03 19.92
C ASP G 412 -37.69 47.24 20.58
N GLU G 413 -37.86 47.19 21.90
CA GLU G 413 -38.46 48.32 22.61
C GLU G 413 -37.59 49.57 22.53
N THR G 414 -36.28 49.40 22.71
CA THR G 414 -35.36 50.54 22.63
C THR G 414 -35.26 51.07 21.21
N VAL G 415 -35.21 50.18 20.23
CA VAL G 415 -35.13 50.59 18.83
C VAL G 415 -36.54 50.82 18.28
N VAL H 1 -21.12 63.20 32.91
CA VAL H 1 -21.06 62.48 34.18
C VAL H 1 -21.25 60.98 33.94
N LEU H 2 -21.90 60.62 32.83
CA LEU H 2 -22.10 59.22 32.51
C LEU H 2 -20.77 58.53 32.22
N SER H 3 -19.86 59.22 31.53
CA SER H 3 -18.55 58.66 31.26
C SER H 3 -17.77 58.40 32.54
N GLN H 4 -17.97 59.24 33.57
CA GLN H 4 -17.30 59.02 34.84
C GLN H 4 -17.81 57.77 35.55
N ALA H 5 -19.13 57.57 35.56
CA ALA H 5 -19.68 56.35 36.16
C ALA H 5 -19.24 55.12 35.37
N GLN H 6 -19.18 55.24 34.05
CA GLN H 6 -18.68 54.13 33.24
C GLN H 6 -17.21 53.86 33.51
N ALA H 7 -16.43 54.91 33.80
CA ALA H 7 -15.03 54.70 34.14
C ALA H 7 -14.89 54.02 35.50
N GLN H 8 -15.75 54.38 36.45
CA GLN H 8 -15.79 53.67 37.73
C GLN H 8 -16.14 52.20 37.55
N ASN H 9 -17.18 51.92 36.77
CA ASN H 9 -17.54 50.53 36.50
C ASN H 9 -16.42 49.81 35.77
N SER H 10 -15.71 50.51 34.89
CA SER H 10 -14.65 49.88 34.10
C SER H 10 -13.41 49.62 34.95
N GLN H 11 -13.13 50.47 35.93
CA GLN H 11 -11.98 50.22 36.80
C GLN H 11 -12.27 49.09 37.78
N TYR H 12 -13.49 49.02 38.32
CA TYR H 12 -13.86 47.79 39.03
C TYR H 12 -13.87 46.58 38.11
N ALA H 13 -14.20 46.77 36.82
CA ALA H 13 -14.19 45.64 35.90
C ALA H 13 -12.76 45.17 35.62
N LEU H 14 -11.82 46.10 35.57
CA LEU H 14 -10.41 45.74 35.43
C LEU H 14 -9.92 45.01 36.66
N ALA H 15 -10.35 45.45 37.85
CA ALA H 15 -10.08 44.70 39.07
C ALA H 15 -10.66 43.30 38.97
N ARG H 16 -11.86 43.16 38.41
CA ARG H 16 -12.45 41.84 38.19
C ARG H 16 -11.62 41.00 37.23
N THR H 17 -11.10 41.63 36.18
CA THR H 17 -10.30 40.86 35.22
C THR H 17 -9.01 40.35 35.86
N PHE H 18 -8.33 41.19 36.64
CA PHE H 18 -7.16 40.71 37.37
C PHE H 18 -7.54 39.63 38.37
N ALA H 19 -8.67 39.77 39.05
CA ALA H 19 -9.11 38.75 39.98
C ALA H 19 -9.40 37.44 39.27
N THR H 20 -10.02 37.50 38.09
CA THR H 20 -10.33 36.29 37.32
C THR H 20 -9.06 35.61 36.84
N GLN H 21 -8.08 36.38 36.36
CA GLN H 21 -6.81 35.77 35.99
C GLN H 21 -6.12 35.14 37.20
N LYS H 22 -6.17 35.83 38.34
CA LYS H 22 -5.62 35.32 39.58
C LYS H 22 -6.26 33.99 39.95
N VAL H 23 -7.59 33.92 39.94
CA VAL H 23 -8.27 32.72 40.40
C VAL H 23 -8.20 31.63 39.33
N SER H 24 -7.95 32.00 38.07
CA SER H 24 -7.70 31.00 37.04
C SER H 24 -6.36 30.31 37.28
N LEU H 25 -5.32 31.10 37.58
CA LEU H 25 -4.06 30.51 38.01
C LEU H 25 -4.27 29.66 39.27
N GLU H 26 -5.11 30.14 40.18
CA GLU H 26 -5.43 29.40 41.41
C GLU H 26 -6.07 28.05 41.07
N GLU H 27 -7.00 28.04 40.12
CA GLU H 27 -7.68 26.80 39.75
C GLU H 27 -6.73 25.83 39.09
N SER H 28 -5.85 26.32 38.22
CA SER H 28 -4.87 25.42 37.60
C SER H 28 -3.94 24.83 38.66
N VAL H 29 -3.45 25.67 39.57
CA VAL H 29 -2.57 25.19 40.63
C VAL H 29 -3.30 24.18 41.51
N LEU H 30 -4.56 24.46 41.83
CA LEU H 30 -5.34 23.54 42.65
C LEU H 30 -5.59 22.21 41.94
N SER H 31 -5.78 22.26 40.62
CA SER H 31 -5.91 21.01 39.86
C SER H 31 -4.65 20.18 39.96
N GLN H 32 -3.49 20.82 39.80
CA GLN H 32 -2.24 20.08 39.95
C GLN H 32 -2.04 19.60 41.38
N VAL H 33 -2.55 20.36 42.36
CA VAL H 33 -2.55 19.92 43.75
C VAL H 33 -3.37 18.65 43.92
N THR H 34 -4.55 18.62 43.30
CA THR H 34 -5.39 17.43 43.36
C THR H 34 -4.68 16.22 42.75
N THR H 35 -4.06 16.41 41.59
CA THR H 35 -3.32 15.31 40.98
C THR H 35 -2.20 14.81 41.89
N ALA H 36 -1.45 15.74 42.49
CA ALA H 36 -0.36 15.34 43.38
C ALA H 36 -0.88 14.61 44.62
N ILE H 37 -1.96 15.13 45.22
CA ILE H 37 -2.51 14.49 46.41
C ILE H 37 -3.01 13.09 46.09
N GLN H 38 -3.65 12.91 44.93
CA GLN H 38 -4.14 11.59 44.57
C GLN H 38 -2.99 10.63 44.29
N THR H 39 -1.92 11.10 43.66
CA THR H 39 -0.75 10.26 43.48
C THR H 39 -0.16 9.87 44.83
N ALA H 40 -0.12 10.80 45.77
CA ALA H 40 0.38 10.49 47.11
C ALA H 40 -0.51 9.46 47.79
N GLN H 41 -1.83 9.57 47.61
CA GLN H 41 -2.74 8.58 48.19
C GLN H 41 -2.50 7.20 47.60
N GLU H 42 -2.29 7.12 46.28
CA GLU H 42 -1.96 5.84 45.67
C GLU H 42 -0.66 5.27 46.25
N LYS H 43 0.35 6.13 46.41
CA LYS H 43 1.63 5.68 46.96
C LYS H 43 1.47 5.18 48.39
N ILE H 44 0.69 5.88 49.21
CA ILE H 44 0.56 5.50 50.61
C ILE H 44 -0.27 4.23 50.75
N VAL H 45 -1.25 4.03 49.86
CA VAL H 45 -1.99 2.76 49.87
C VAL H 45 -1.10 1.62 49.43
N TYR H 46 -0.21 1.88 48.46
CA TYR H 46 0.79 0.87 48.09
C TYR H 46 1.68 0.54 49.27
N ALA H 47 2.10 1.56 50.03
CA ALA H 47 2.92 1.32 51.21
C ALA H 47 2.11 0.71 52.35
N GLY H 48 0.78 0.67 52.21
CA GLY H 48 -0.06 0.12 53.26
C GLY H 48 0.11 -1.37 53.48
N ASN H 49 0.80 -2.05 52.58
CA ASN H 49 1.03 -3.48 52.73
C ASN H 49 1.82 -3.78 53.99
N GLY H 50 1.45 -4.86 54.68
CA GLY H 50 2.10 -5.18 55.93
C GLY H 50 3.56 -5.56 55.77
N THR H 51 3.87 -6.36 54.76
CA THR H 51 5.22 -6.85 54.52
C THR H 51 5.80 -6.14 53.30
N LEU H 52 6.95 -5.49 53.48
CA LEU H 52 7.64 -4.80 52.40
C LEU H 52 9.13 -4.81 52.69
N SER H 53 9.91 -4.91 51.61
CA SER H 53 11.36 -4.86 51.74
C SER H 53 11.82 -3.42 51.94
N ASP H 54 13.05 -3.27 52.44
CA ASP H 54 13.58 -1.93 52.70
C ASP H 54 13.74 -1.15 51.40
N ASP H 55 14.12 -1.82 50.31
CA ASP H 55 14.28 -1.14 49.03
C ASP H 55 12.97 -0.57 48.53
N ASP H 56 11.87 -1.33 48.68
CA ASP H 56 10.57 -0.83 48.25
C ASP H 56 10.17 0.40 49.06
N ARG H 57 10.42 0.37 50.37
CA ARG H 57 10.10 1.52 51.21
C ARG H 57 10.97 2.73 50.85
N ALA H 58 12.23 2.51 50.53
CA ALA H 58 13.10 3.61 50.10
C ALA H 58 12.64 4.21 48.79
N SER H 59 12.20 3.37 47.84
CA SER H 59 11.70 3.87 46.57
C SER H 59 10.41 4.66 46.78
N LEU H 60 9.50 4.16 47.61
CA LEU H 60 8.31 4.92 47.96
C LEU H 60 8.68 6.23 48.63
N ALA H 61 9.73 6.21 49.44
CA ALA H 61 10.18 7.42 50.14
C ALA H 61 10.69 8.46 49.15
N THR H 62 11.48 8.04 48.16
CA THR H 62 11.99 9.01 47.19
C THR H 62 10.88 9.52 46.29
N ASP H 63 9.90 8.67 45.96
CA ASP H 63 8.74 9.14 45.20
C ASP H 63 7.94 10.16 46.00
N LEU H 64 7.74 9.90 47.29
CA LEU H 64 7.02 10.84 48.14
C LEU H 64 7.80 12.15 48.28
N GLN H 65 9.13 12.07 48.35
CA GLN H 65 9.94 13.27 48.40
C GLN H 65 9.78 14.09 47.13
N GLY H 66 9.75 13.42 45.98
CA GLY H 66 9.46 14.13 44.73
C GLY H 66 8.10 14.79 44.74
N ILE H 67 7.09 14.10 45.29
CA ILE H 67 5.76 14.68 45.38
C ILE H 67 5.77 15.91 46.29
N ARG H 68 6.50 15.84 47.41
CA ARG H 68 6.62 17.01 48.28
C ARG H 68 7.31 18.15 47.56
N ASP H 69 8.31 17.83 46.73
CA ASP H 69 8.96 18.86 45.92
C ASP H 69 7.98 19.52 44.97
N GLN H 70 7.13 18.72 44.32
CA GLN H 70 6.13 19.28 43.41
C GLN H 70 5.15 20.18 44.16
N LEU H 71 4.71 19.74 45.34
CA LEU H 71 3.81 20.57 46.15
C LEU H 71 4.48 21.88 46.55
N MET H 72 5.75 21.83 46.96
CA MET H 72 6.44 23.05 47.35
C MET H 72 6.62 23.99 46.15
N ASN H 73 6.91 23.43 44.98
CA ASN H 73 7.04 24.26 43.78
C ASN H 73 5.71 24.93 43.44
N LEU H 74 4.60 24.19 43.56
CA LEU H 74 3.29 24.80 43.34
C LEU H 74 2.99 25.87 44.37
N ALA H 75 3.39 25.66 45.62
CA ALA H 75 3.18 26.67 46.65
C ALA H 75 4.01 27.92 46.39
N ASN H 76 5.17 27.75 45.75
CA ASN H 76 6.07 28.86 45.45
C ASN H 76 5.98 29.31 44.00
N SER H 77 4.87 29.04 43.32
CA SER H 77 4.73 29.44 41.93
C SER H 77 4.76 30.95 41.79
N THR H 78 5.36 31.42 40.70
CA THR H 78 5.47 32.84 40.41
C THR H 78 4.54 33.20 39.26
N ASP H 79 3.75 34.25 39.45
CA ASP H 79 2.82 34.69 38.41
C ASP H 79 3.60 35.31 37.26
N GLY H 80 2.90 35.48 36.12
CA GLY H 80 3.56 36.02 34.94
C GLY H 80 4.18 37.38 35.16
N ASN H 81 3.49 38.25 35.92
CA ASN H 81 4.04 39.55 36.23
C ASN H 81 5.26 39.47 37.15
N GLY H 82 5.53 38.29 37.72
CA GLY H 82 6.60 38.11 38.68
C GLY H 82 6.14 38.08 40.11
N ARG H 83 4.86 38.32 40.37
CA ARG H 83 4.34 38.35 41.73
C ARG H 83 4.10 36.94 42.24
N TYR H 84 3.90 36.84 43.55
CA TYR H 84 3.51 35.59 44.20
C TYR H 84 2.04 35.70 44.56
N ILE H 85 1.21 34.90 43.89
CA ILE H 85 -0.24 34.99 44.04
C ILE H 85 -0.67 34.63 45.45
N PHE H 86 -0.11 33.56 46.00
CA PHE H 86 -0.69 32.95 47.20
C PHE H 86 -0.39 33.78 48.45
N ALA H 87 0.63 34.63 48.40
CA ALA H 87 0.97 35.43 49.56
C ALA H 87 -0.13 36.43 49.93
N GLY H 88 -0.89 36.91 48.96
CA GLY H 88 -1.93 37.87 49.28
C GLY H 88 -1.41 39.29 49.14
N TYR H 89 -1.17 39.94 50.28
CA TYR H 89 -0.72 41.33 50.26
C TYR H 89 0.67 41.47 49.66
N LYS H 90 1.63 40.67 50.13
CA LYS H 90 3.01 40.78 49.66
C LYS H 90 3.19 39.93 48.40
N THR H 91 2.77 40.52 47.28
CA THR H 91 2.85 39.83 46.00
C THR H 91 4.30 39.58 45.58
N GLU H 92 5.18 40.53 45.90
CA GLU H 92 6.58 40.41 45.48
C GLU H 92 7.28 39.24 46.15
N ALA H 93 7.05 39.06 47.45
CA ALA H 93 7.79 38.06 48.20
C ALA H 93 7.10 36.70 48.16
N ALA H 94 7.91 35.64 48.27
CA ALA H 94 7.38 34.29 48.24
C ALA H 94 6.64 33.97 49.54
N PRO H 95 5.47 33.31 49.48
CA PRO H 95 4.73 33.04 50.72
C PRO H 95 5.24 31.84 51.49
N PHE H 96 5.72 30.81 50.79
CA PHE H 96 6.10 29.55 51.42
C PHE H 96 7.60 29.32 51.24
N ASP H 97 8.27 29.03 52.35
CA ASP H 97 9.71 28.75 52.30
C ASP H 97 9.95 27.39 51.66
N GLN H 98 11.11 27.26 51.01
CA GLN H 98 11.44 26.02 50.33
C GLN H 98 11.69 24.90 51.33
N ALA H 99 12.15 25.23 52.53
CA ALA H 99 12.46 24.24 53.55
C ALA H 99 11.36 24.13 54.60
N THR H 100 11.04 25.24 55.28
CA THR H 100 10.03 25.18 56.34
C THR H 100 8.63 25.09 55.76
N GLY H 101 8.36 25.84 54.70
CA GLY H 101 7.03 25.85 54.11
C GLY H 101 6.00 26.66 54.83
N GLY H 102 6.39 27.43 55.85
CA GLY H 102 5.44 28.24 56.57
C GLY H 102 4.93 29.40 55.75
N TYR H 103 3.80 29.96 56.17
CA TYR H 103 3.18 31.09 55.48
C TYR H 103 3.75 32.38 56.04
N HIS H 104 4.31 33.22 55.17
CA HIS H 104 4.90 34.49 55.58
C HIS H 104 4.05 35.70 55.19
N GLY H 105 3.02 35.51 54.36
CA GLY H 105 2.21 36.63 53.93
C GLY H 105 1.19 37.05 54.97
N GLY H 106 0.37 38.04 54.58
CA GLY H 106 -0.64 38.59 55.46
C GLY H 106 -1.65 37.57 55.95
N GLU H 107 -1.88 37.54 57.26
CA GLU H 107 -2.86 36.62 57.83
C GLU H 107 -4.27 36.95 57.34
N LYS H 108 -4.62 38.24 57.31
CA LYS H 108 -5.92 38.65 56.80
C LYS H 108 -5.97 38.44 55.29
N SER H 109 -6.97 37.69 54.84
CA SER H 109 -7.11 37.40 53.43
C SER H 109 -7.38 38.68 52.65
N VAL H 110 -6.77 38.77 51.45
CA VAL H 110 -6.92 39.97 50.64
C VAL H 110 -8.36 40.10 50.18
N THR H 111 -8.90 41.32 50.31
CA THR H 111 -10.27 41.62 49.91
C THR H 111 -10.25 42.61 48.75
N GLN H 112 -10.91 42.26 47.66
CA GLN H 112 -11.00 43.12 46.49
C GLN H 112 -12.47 43.34 46.15
N GLN H 113 -12.83 44.59 45.90
CA GLN H 113 -14.20 44.96 45.62
C GLN H 113 -14.45 44.90 44.12
N VAL H 114 -15.12 43.84 43.67
CA VAL H 114 -15.53 43.76 42.27
C VAL H 114 -16.56 44.82 41.96
N ASP H 115 -17.39 45.19 42.94
CA ASP H 115 -18.39 46.23 42.78
C ASP H 115 -18.50 47.00 44.08
N SER H 116 -19.01 48.23 43.98
CA SER H 116 -19.23 49.04 45.17
C SER H 116 -20.27 48.42 46.10
N ALA H 117 -21.34 47.88 45.53
CA ALA H 117 -22.42 47.32 46.35
C ALA H 117 -21.98 46.04 47.04
N ARG H 118 -21.36 45.12 46.31
CA ARG H 118 -20.97 43.82 46.84
C ARG H 118 -19.48 43.78 47.11
N THR H 119 -19.11 43.53 48.36
CA THR H 119 -17.72 43.37 48.77
C THR H 119 -17.57 42.06 49.52
N MET H 120 -16.66 41.22 49.05
CA MET H 120 -16.37 39.94 49.68
C MET H 120 -14.96 39.50 49.29
N VAL H 121 -14.47 38.48 49.98
CA VAL H 121 -13.09 38.04 49.84
C VAL H 121 -12.96 37.29 48.52
N ILE H 122 -12.23 37.89 47.57
CA ILE H 122 -12.01 37.24 46.28
C ILE H 122 -10.82 36.30 46.34
N GLY H 123 -9.68 36.79 46.82
CA GLY H 123 -8.50 35.95 46.91
C GLY H 123 -8.55 35.05 48.14
N HIS H 124 -7.54 34.20 48.26
CA HIS H 124 -7.39 33.31 49.39
C HIS H 124 -5.96 33.36 49.89
N THR H 125 -5.79 33.15 51.20
CA THR H 125 -4.45 33.04 51.76
C THR H 125 -3.76 31.80 51.22
N GLY H 126 -2.45 31.92 50.99
CA GLY H 126 -1.69 30.76 50.55
C GLY H 126 -1.71 29.64 51.57
N ALA H 127 -1.95 29.98 52.83
CA ALA H 127 -2.13 28.95 53.85
C ALA H 127 -3.38 28.12 53.59
N GLN H 128 -4.46 28.77 53.16
CA GLN H 128 -5.76 28.10 53.07
C GLN H 128 -5.69 26.86 52.19
N ILE H 129 -4.78 26.85 51.21
CA ILE H 129 -4.65 25.69 50.33
C ILE H 129 -4.15 24.48 51.13
N PHE H 130 -3.27 24.71 52.09
CA PHE H 130 -2.71 23.62 52.87
C PHE H 130 -2.95 23.75 54.37
N ASN H 131 -3.09 24.97 54.90
CA ASN H 131 -3.24 25.20 56.33
C ASN H 131 -4.68 25.42 56.77
N SER H 132 -5.64 24.74 56.15
CA SER H 132 -7.03 24.84 56.55
C SER H 132 -7.66 23.46 56.60
N ILE H 133 -8.38 23.18 57.69
CA ILE H 133 -9.09 21.92 57.88
C ILE H 133 -10.56 22.24 58.13
N THR H 134 -11.42 21.85 57.20
CA THR H 134 -12.84 22.15 57.32
C THR H 134 -13.52 21.18 58.29
N SER H 135 -14.51 21.71 59.03
CA SER H 135 -15.14 20.92 60.08
C SER H 135 -16.19 19.97 59.51
N ASN H 136 -16.76 20.29 58.35
CA ASN H 136 -17.80 19.43 57.78
C ASN H 136 -17.23 18.07 57.37
N ALA H 137 -15.93 18.03 57.08
CA ALA H 137 -15.28 16.76 56.78
C ALA H 137 -15.26 15.87 58.01
N VAL H 138 -15.23 14.57 57.78
CA VAL H 138 -15.26 13.62 58.90
C VAL H 138 -13.98 13.75 59.72
N PRO H 139 -14.07 13.89 61.04
CA PRO H 139 -12.86 13.96 61.87
C PRO H 139 -12.12 12.63 61.87
N GLU H 140 -10.82 12.71 62.10
CA GLU H 140 -10.02 11.51 62.22
C GLU H 140 -10.35 10.82 63.54
N PRO H 141 -10.76 9.54 63.51
CA PRO H 141 -11.21 8.88 64.75
C PRO H 141 -10.14 8.82 65.83
N ASP H 142 -8.89 8.59 65.45
CA ASP H 142 -7.83 8.44 66.44
C ASP H 142 -7.29 9.80 66.85
N GLY H 143 -7.27 10.06 68.16
CA GLY H 143 -6.78 11.34 68.65
C GLY H 143 -7.70 12.48 68.25
N SER H 144 -7.13 13.68 68.18
CA SER H 144 -7.90 14.88 67.75
C SER H 144 -6.88 15.91 67.24
N ASP H 145 -7.35 17.07 66.76
CA ASP H 145 -6.41 18.16 66.35
C ASP H 145 -5.36 17.60 65.38
N SER H 146 -5.79 16.97 64.29
CA SER H 146 -4.83 16.47 63.27
C SER H 146 -4.05 17.66 62.72
N GLU H 147 -2.81 17.45 62.28
CA GLU H 147 -1.97 18.62 61.87
C GLU H 147 -2.72 19.47 60.85
N LYS H 148 -2.80 20.78 61.11
CA LYS H 148 -3.52 21.72 60.21
C LYS H 148 -2.84 21.75 58.85
N ASN H 149 -1.51 21.73 58.82
CA ASN H 149 -0.77 21.86 57.55
C ASN H 149 -0.83 20.56 56.74
N LEU H 150 -0.81 20.66 55.41
CA LEU H 150 -0.79 19.51 54.53
C LEU H 150 0.63 19.00 54.32
N PHE H 151 1.60 19.90 54.19
CA PHE H 151 2.98 19.48 54.02
C PHE H 151 3.47 18.63 55.19
N VAL H 152 3.05 18.96 56.41
CA VAL H 152 3.56 18.24 57.57
C VAL H 152 2.88 16.89 57.71
N MET H 153 1.67 16.75 57.15
CA MET H 153 1.05 15.42 57.06
C MET H 153 1.97 14.42 56.38
N LEU H 154 2.29 14.66 55.11
CA LEU H 154 3.13 13.71 54.39
C LEU H 154 4.59 13.85 54.81
N ASP H 155 4.94 14.92 55.53
CA ASP H 155 6.25 15.00 56.14
C ASP H 155 6.40 14.00 57.28
N THR H 156 5.37 13.89 58.13
CA THR H 156 5.34 12.82 59.12
C THR H 156 5.33 11.46 58.44
N ALA H 157 4.57 11.34 57.35
CA ALA H 157 4.56 10.09 56.61
C ALA H 157 5.95 9.71 56.09
N ILE H 158 6.67 10.67 55.50
CA ILE H 158 7.98 10.38 54.92
C ILE H 158 8.99 10.13 56.03
N ALA H 159 8.83 10.79 57.18
CA ALA H 159 9.71 10.52 58.31
C ALA H 159 9.51 9.09 58.82
N ALA H 160 8.27 8.64 58.92
CA ALA H 160 8.02 7.27 59.34
C ALA H 160 8.52 6.27 58.30
N LEU H 161 8.34 6.59 57.01
CA LEU H 161 8.72 5.67 55.95
C LEU H 161 10.23 5.53 55.84
N LYS H 162 10.96 6.65 55.99
CA LYS H 162 12.41 6.62 55.85
C LYS H 162 13.05 5.74 56.91
N THR H 163 12.58 5.84 58.15
CA THR H 163 13.18 5.06 59.24
C THR H 163 12.89 3.58 59.04
N PRO H 164 13.91 2.73 59.04
CA PRO H 164 13.69 1.28 58.89
C PRO H 164 13.01 0.71 60.12
N VAL H 165 11.73 0.35 59.98
CA VAL H 165 10.94 -0.14 61.11
C VAL H 165 10.92 -1.66 61.21
N GLU H 166 11.50 -2.36 60.24
CA GLU H 166 11.49 -3.81 60.27
C GLU H 166 12.41 -4.33 61.37
N GLY H 167 12.01 -5.43 62.01
CA GLY H 167 12.83 -6.12 62.98
C GLY H 167 12.49 -5.88 64.43
N ASN H 168 11.76 -4.81 64.76
CA ASN H 168 11.33 -4.55 66.13
C ASN H 168 9.82 -4.33 66.11
N ASN H 169 9.10 -5.10 66.95
CA ASN H 169 7.65 -5.15 66.85
C ASN H 169 7.01 -3.81 67.18
N VAL H 170 7.24 -3.31 68.40
CA VAL H 170 6.57 -2.09 68.85
C VAL H 170 6.84 -0.96 67.88
N GLU H 171 8.03 -0.95 67.28
CA GLU H 171 8.30 -0.03 66.20
C GLU H 171 7.37 -0.28 65.01
N LYS H 172 7.07 -1.54 64.72
CA LYS H 172 6.16 -1.82 63.62
C LYS H 172 4.76 -1.28 63.91
N GLU H 173 4.25 -1.46 65.13
CA GLU H 173 2.91 -0.91 65.42
C GLU H 173 2.91 0.62 65.41
N LYS H 174 3.96 1.26 65.93
CA LYS H 174 3.96 2.73 65.90
C LYS H 174 4.04 3.24 64.46
N ALA H 175 4.79 2.55 63.60
CA ALA H 175 4.84 2.95 62.19
C ALA H 175 3.49 2.74 61.53
N ALA H 176 2.81 1.64 61.84
CA ALA H 176 1.48 1.42 61.27
C ALA H 176 0.49 2.48 61.74
N ALA H 177 0.57 2.86 63.02
CA ALA H 177 -0.29 3.92 63.54
C ALA H 177 0.01 5.25 62.86
N ALA H 178 1.29 5.57 62.65
CA ALA H 178 1.65 6.80 61.94
C ALA H 178 1.13 6.77 60.51
N ILE H 179 1.21 5.61 59.86
CA ILE H 179 0.71 5.49 58.48
C ILE H 179 -0.80 5.69 58.45
N ASP H 180 -1.52 5.09 59.39
CA ASP H 180 -2.96 5.28 59.46
C ASP H 180 -3.31 6.74 59.69
N LYS H 181 -2.62 7.38 60.64
CA LYS H 181 -2.86 8.79 60.91
C LYS H 181 -2.63 9.63 59.67
N THR H 182 -1.52 9.40 58.97
CA THR H 182 -1.19 10.27 57.84
C THR H 182 -2.08 9.98 56.64
N ASN H 183 -2.58 8.75 56.48
CA ASN H 183 -3.47 8.51 55.35
C ASN H 183 -4.85 9.11 55.60
N ARG H 184 -5.39 8.98 56.82
CA ARG H 184 -6.65 9.68 57.08
C ARG H 184 -6.45 11.19 57.06
N GLY H 185 -5.24 11.66 57.40
CA GLY H 185 -4.93 13.07 57.23
C GLY H 185 -4.91 13.48 55.77
N LEU H 186 -4.42 12.59 54.89
CA LEU H 186 -4.48 12.86 53.46
C LEU H 186 -5.93 12.92 52.97
N LYS H 187 -6.78 12.03 53.46
CA LYS H 187 -8.19 12.09 53.07
C LYS H 187 -8.83 13.39 53.54
N ASN H 188 -8.58 13.79 54.79
CA ASN H 188 -9.13 15.04 55.30
C ASN H 188 -8.57 16.23 54.53
N SER H 189 -7.30 16.20 54.17
CA SER H 189 -6.69 17.28 53.41
C SER H 189 -7.25 17.35 52.01
N LEU H 190 -7.51 16.19 51.38
CA LEU H 190 -8.13 16.19 50.07
C LEU H 190 -9.54 16.74 50.13
N ASN H 191 -10.28 16.41 51.20
CA ASN H 191 -11.59 17.03 51.42
C ASN H 191 -11.46 18.54 51.59
N ASN H 192 -10.43 18.97 52.32
CA ASN H 192 -10.18 20.40 52.49
C ASN H 192 -9.94 21.08 51.16
N VAL H 193 -9.10 20.47 50.32
CA VAL H 193 -8.78 21.04 49.02
C VAL H 193 -10.02 21.06 48.14
N LEU H 194 -10.82 20.00 48.19
CA LEU H 194 -12.05 19.98 47.39
C LEU H 194 -13.02 21.06 47.86
N THR H 195 -13.13 21.29 49.17
CA THR H 195 -14.03 22.32 49.68
C THR H 195 -13.56 23.71 49.27
N VAL H 196 -12.25 23.97 49.40
CA VAL H 196 -11.74 25.29 49.04
C VAL H 196 -11.84 25.50 47.53
N ARG H 197 -11.59 24.45 46.75
CA ARG H 197 -11.76 24.56 45.31
C ARG H 197 -13.23 24.73 44.95
N ALA H 198 -14.12 24.18 45.77
CA ALA H 198 -15.54 24.36 45.52
C ALA H 198 -15.96 25.81 45.73
N GLU H 199 -15.53 26.41 46.84
CA GLU H 199 -15.88 27.81 47.07
C GLU H 199 -15.22 28.72 46.05
N LEU H 200 -13.96 28.47 45.70
CA LEU H 200 -13.30 29.26 44.67
C LEU H 200 -13.93 29.02 43.30
N GLY H 201 -14.51 27.84 43.09
CA GLY H 201 -15.23 27.60 41.85
C GLY H 201 -16.55 28.35 41.81
N THR H 202 -17.21 28.47 42.96
CA THR H 202 -18.33 29.39 43.05
C THR H 202 -17.89 30.80 42.66
N GLN H 203 -16.77 31.28 43.23
CA GLN H 203 -16.28 32.61 42.90
C GLN H 203 -15.96 32.74 41.41
N LEU H 204 -15.45 31.67 40.79
CA LEU H 204 -14.97 31.78 39.42
C LEU H 204 -16.10 31.60 38.41
N SER H 205 -17.16 30.90 38.77
CA SER H 205 -18.27 30.66 37.85
C SER H 205 -19.55 31.35 38.28
N GLU H 206 -20.09 31.03 39.46
CA GLU H 206 -21.36 31.61 39.88
C GLU H 206 -21.20 33.08 40.23
N LEU H 207 -20.14 33.40 40.99
CA LEU H 207 -19.89 34.80 41.32
C LEU H 207 -19.45 35.59 40.10
N SER H 208 -18.76 34.94 39.16
CA SER H 208 -18.39 35.64 37.93
C SER H 208 -19.62 35.96 37.08
N THR H 209 -20.57 35.02 36.99
CA THR H 209 -21.82 35.32 36.30
C THR H 209 -22.62 36.36 37.05
N LEU H 210 -22.53 36.37 38.39
CA LEU H 210 -23.17 37.42 39.17
C LEU H 210 -22.57 38.78 38.87
N ASP H 211 -21.24 38.84 38.74
CA ASP H 211 -20.58 40.08 38.38
C ASP H 211 -20.97 40.53 36.96
N SER H 212 -21.07 39.56 36.04
CA SER H 212 -21.53 39.89 34.69
C SER H 212 -22.95 40.43 34.70
N LEU H 213 -23.82 39.83 35.53
CA LEU H 213 -25.20 40.32 35.63
C LEU H 213 -25.24 41.71 36.27
N GLY H 214 -24.38 41.96 37.24
CA GLY H 214 -24.30 43.29 37.82
C GLY H 214 -23.81 44.32 36.82
N SER H 215 -22.85 43.94 35.98
CA SER H 215 -22.42 44.82 34.90
C SER H 215 -23.55 45.07 33.91
N ASP H 216 -24.35 44.05 33.63
CA ASP H 216 -25.52 44.22 32.77
C ASP H 216 -26.51 45.20 33.39
N ARG H 217 -26.75 45.08 34.70
CA ARG H 217 -27.64 46.01 35.39
C ARG H 217 -27.09 47.44 35.34
N ALA H 218 -25.77 47.59 35.54
CA ALA H 218 -25.17 48.91 35.48
C ALA H 218 -25.29 49.51 34.08
N LEU H 219 -25.09 48.70 33.05
CA LEU H 219 -25.21 49.20 31.68
C LEU H 219 -26.65 49.54 31.34
N GLY H 220 -27.61 48.78 31.87
CA GLY H 220 -29.01 49.12 31.69
C GLY H 220 -29.38 50.42 32.38
N GLN H 221 -28.86 50.62 33.59
CA GLN H 221 -29.08 51.89 34.30
C GLN H 221 -28.41 53.03 33.57
N LYS H 222 -27.31 52.76 32.86
CA LYS H 222 -26.66 53.76 32.03
C LYS H 222 -27.61 54.25 30.93
N LEU H 223 -28.31 53.31 30.30
CA LEU H 223 -29.22 53.65 29.21
C LEU H 223 -30.52 54.26 29.75
N LEU I 1 6.40 61.65 22.64
CA LEU I 1 6.51 60.33 23.27
C LEU I 1 6.92 59.27 22.26
N THR I 2 6.59 59.52 20.99
CA THR I 2 6.91 58.56 19.95
C THR I 2 8.42 58.36 19.82
N ASP I 3 9.19 59.45 19.87
CA ASP I 3 10.64 59.32 19.77
C ASP I 3 11.22 58.67 21.01
N LEU I 4 10.68 58.96 22.19
CA LEU I 4 11.19 58.36 23.42
C LEU I 4 10.96 56.85 23.43
N THR I 5 9.74 56.42 23.07
CA THR I 5 9.46 54.99 23.02
C THR I 5 10.24 54.33 21.89
N LYS I 6 10.46 55.06 20.78
CA LYS I 6 11.27 54.52 19.70
C LYS I 6 12.70 54.27 20.14
N ASN I 7 13.27 55.21 20.91
CA ASN I 7 14.65 55.03 21.36
C ASN I 7 14.74 53.98 22.47
N GLU I 8 13.69 53.87 23.29
CA GLU I 8 13.64 52.79 24.27
C GLU I 8 13.61 51.43 23.57
N LYS I 9 12.80 51.30 22.52
CA LYS I 9 12.77 50.07 21.75
C LYS I 9 14.09 49.85 21.01
N GLY I 10 14.77 50.93 20.63
CA GLY I 10 16.08 50.79 20.01
C GLY I 10 17.10 50.22 20.98
N ARG I 11 17.08 50.69 22.23
CA ARG I 11 17.93 50.10 23.26
C ARG I 11 17.54 48.65 23.52
N LEU I 12 16.24 48.38 23.56
CA LEU I 12 15.77 47.02 23.82
C LEU I 12 16.06 46.09 22.64
N THR I 13 16.31 46.65 21.45
CA THR I 13 16.55 45.81 20.28
C THR I 13 17.71 44.85 20.47
N PRO I 14 18.89 45.28 20.96
CA PRO I 14 19.85 44.26 21.44
C PRO I 14 19.28 43.41 22.56
N ILE I 15 18.51 44.01 23.47
CA ILE I 15 17.98 43.25 24.62
C ILE I 15 16.91 42.26 24.16
N THR I 16 16.00 42.70 23.30
CA THR I 16 14.95 41.78 22.84
C THR I 16 15.49 40.76 21.85
N LYS I 17 16.52 41.14 21.08
CA LYS I 17 17.20 40.16 20.24
C LYS I 17 17.92 39.13 21.09
N GLN I 18 18.49 39.54 22.22
CA GLN I 18 19.10 38.59 23.14
C GLN I 18 18.03 37.73 23.82
N GLN I 19 16.84 38.28 24.02
CA GLN I 19 15.75 37.48 24.58
C GLN I 19 15.29 36.41 23.59
N SER I 20 15.12 36.79 22.32
CA SER I 20 14.79 35.80 21.30
C SER I 20 15.92 34.80 21.13
N ALA I 21 17.17 35.27 21.27
CA ALA I 21 18.31 34.36 21.20
C ALA I 21 18.34 33.41 22.39
N ASN I 22 17.87 33.88 23.55
CA ASN I 22 17.80 33.01 24.72
C ASN I 22 16.72 31.96 24.55
N SER I 23 15.59 32.35 23.96
CA SER I 23 14.55 31.37 23.64
C SER I 23 15.08 30.35 22.63
N ALA I 24 15.80 30.82 21.61
CA ALA I 24 16.40 29.91 20.64
C ALA I 24 17.44 29.02 21.29
N LYS I 25 18.21 29.55 22.24
CA LYS I 25 19.20 28.76 22.96
C LYS I 25 18.53 27.69 23.82
N LEU I 26 17.41 28.03 24.45
CA LEU I 26 16.69 27.05 25.26
C LEU I 26 16.10 25.95 24.38
N THR I 27 15.56 26.32 23.22
CA THR I 27 15.08 25.31 22.27
C THR I 27 16.24 24.46 21.76
N ALA I 28 17.39 25.07 21.51
CA ALA I 28 18.57 24.34 21.08
C ALA I 28 19.04 23.38 22.16
N TYR I 29 19.01 23.81 23.42
CA TYR I 29 19.36 22.93 24.52
C TYR I 29 18.39 21.75 24.63
N GLY I 30 17.10 22.02 24.45
CA GLY I 30 16.14 20.93 24.47
C GLY I 30 16.36 19.93 23.35
N THR I 31 16.57 20.43 22.13
CA THR I 31 16.81 19.54 21.00
C THR I 31 18.14 18.79 21.15
N LEU I 32 19.17 19.49 21.65
CA LEU I 32 20.46 18.85 21.87
C LEU I 32 20.37 17.77 22.93
N LYS I 33 19.61 18.03 24.00
CA LYS I 33 19.43 17.01 25.03
C LYS I 33 18.62 15.83 24.49
N SER I 34 17.63 16.09 23.64
CA SER I 34 16.88 14.99 23.03
C SER I 34 17.79 14.13 22.15
N ALA I 35 18.61 14.77 21.30
CA ALA I 35 19.53 14.03 20.45
C ALA I 35 20.59 13.31 21.26
N LEU I 36 21.10 13.95 22.32
CA LEU I 36 22.10 13.33 23.16
C LEU I 36 21.54 12.14 23.92
N GLU I 37 20.26 12.21 24.31
CA GLU I 37 19.66 11.08 25.01
C GLU I 37 19.33 9.95 24.04
N LYS I 38 18.98 10.29 22.80
CA LYS I 38 18.87 9.26 21.77
C LYS I 38 20.21 8.56 21.56
N PHE I 39 21.30 9.34 21.52
CA PHE I 39 22.62 8.76 21.39
C PHE I 39 22.99 7.93 22.61
N GLN I 40 22.61 8.37 23.80
CA GLN I 40 22.86 7.57 25.01
C GLN I 40 22.09 6.26 24.96
N THR I 41 20.85 6.30 24.47
CA THR I 41 20.09 5.06 24.28
C THR I 41 20.80 4.12 23.32
N ALA I 42 21.27 4.65 22.18
CA ALA I 42 21.99 3.80 21.23
C ALA I 42 23.27 3.25 21.84
N ASN I 43 24.01 4.08 22.57
CA ASN I 43 25.26 3.65 23.18
C ASN I 43 25.02 2.54 24.20
N THR I 44 24.01 2.69 25.05
CA THR I 44 23.72 1.66 26.04
C THR I 44 23.20 0.39 25.37
N ALA I 45 22.47 0.54 24.27
CA ALA I 45 22.07 -0.63 23.49
C ALA I 45 23.30 -1.36 22.95
N LEU I 46 24.35 -0.61 22.62
CA LEU I 46 25.60 -1.24 22.21
C LEU I 46 26.36 -1.81 23.40
N ASN I 47 26.17 -1.26 24.59
CA ASN I 47 26.98 -1.65 25.74
C ASN I 47 26.68 -3.07 26.22
N LYS I 48 25.58 -3.68 25.77
CA LYS I 48 25.26 -5.04 26.17
C LYS I 48 26.14 -6.03 25.41
N ALA I 49 26.73 -6.98 26.14
CA ALA I 49 27.69 -7.92 25.57
C ALA I 49 27.05 -9.16 24.97
N ASP I 50 25.82 -9.50 25.37
CA ASP I 50 25.20 -10.72 24.88
C ASP I 50 24.95 -10.68 23.38
N LEU I 51 25.04 -9.49 22.77
CA LEU I 51 24.90 -9.39 21.33
C LEU I 51 26.04 -10.10 20.62
N PHE I 52 27.23 -10.08 21.23
CA PHE I 52 28.38 -10.72 20.59
C PHE I 52 28.35 -12.24 20.77
N LYS I 53 27.72 -12.71 21.85
CA LYS I 53 27.48 -14.14 22.05
C LYS I 53 26.03 -14.46 21.67
N SER I 54 25.78 -14.48 20.37
CA SER I 54 24.46 -14.74 19.83
C SER I 54 24.54 -15.83 18.77
N THR I 55 23.66 -16.83 18.88
CA THR I 55 23.65 -17.95 17.96
C THR I 55 22.20 -18.29 17.62
N VAL I 56 22.03 -19.12 16.60
CA VAL I 56 20.73 -19.61 16.19
C VAL I 56 20.80 -21.12 16.02
N ALA I 57 19.72 -21.80 16.40
CA ALA I 57 19.69 -23.26 16.40
C ALA I 57 18.61 -23.75 15.45
N SER I 58 18.83 -24.94 14.91
CA SER I 58 17.89 -25.58 14.02
C SER I 58 17.85 -27.08 14.32
N SER I 59 16.71 -27.69 14.04
CA SER I 59 16.49 -29.11 14.28
C SER I 59 16.04 -29.79 13.00
N THR I 60 16.47 -31.04 12.81
CA THR I 60 16.03 -31.78 11.64
C THR I 60 14.58 -32.22 11.78
N THR I 61 14.21 -32.75 12.95
CA THR I 61 12.88 -33.30 13.17
C THR I 61 11.94 -32.20 13.65
N GLU I 62 10.67 -32.30 13.27
CA GLU I 62 9.68 -31.33 13.71
C GLU I 62 9.18 -31.64 15.12
N ASP I 63 9.31 -32.90 15.55
CA ASP I 63 8.85 -33.27 16.89
C ASP I 63 9.64 -32.53 17.97
N LEU I 64 10.95 -32.46 17.82
CA LEU I 64 11.79 -31.74 18.78
C LEU I 64 11.82 -30.27 18.40
N LYS I 65 11.71 -29.39 19.41
CA LYS I 65 11.82 -27.95 19.19
C LYS I 65 13.00 -27.43 19.97
N VAL I 66 13.74 -26.48 19.39
CA VAL I 66 14.96 -25.98 20.00
C VAL I 66 14.95 -24.45 19.96
N SER I 67 15.34 -23.84 21.08
CA SER I 67 15.50 -22.40 21.20
C SER I 67 16.83 -22.15 21.89
N THR I 68 17.42 -20.99 21.65
CA THR I 68 18.75 -20.69 22.14
C THR I 68 18.75 -19.46 23.02
N THR I 69 19.04 -19.65 24.30
CA THR I 69 19.36 -18.54 25.19
C THR I 69 20.78 -18.07 24.91
N ALA I 70 21.05 -16.81 25.25
CA ALA I 70 22.36 -16.24 24.99
C ALA I 70 23.44 -16.98 25.77
N GLY I 71 24.60 -17.14 25.14
CA GLY I 71 25.72 -17.82 25.74
C GLY I 71 25.98 -19.24 25.25
N ALA I 72 25.18 -19.73 24.30
CA ALA I 72 25.39 -21.07 23.79
C ALA I 72 26.64 -21.14 22.93
N ALA I 73 27.24 -22.32 22.87
CA ALA I 73 28.40 -22.58 22.05
C ALA I 73 27.97 -23.31 20.78
N ALA I 74 28.49 -22.87 19.64
CA ALA I 74 28.10 -23.46 18.36
C ALA I 74 28.53 -24.91 18.29
N GLY I 75 27.75 -25.73 17.58
CA GLY I 75 28.11 -27.13 17.48
C GLY I 75 26.97 -27.94 16.90
N THR I 76 27.13 -29.25 16.99
CA THR I 76 26.12 -30.21 16.55
C THR I 76 25.88 -31.22 17.65
N TYR I 77 24.61 -31.46 17.97
CA TYR I 77 24.22 -32.35 19.05
C TYR I 77 23.33 -33.46 18.54
N LYS I 78 23.56 -34.67 19.02
CA LYS I 78 22.76 -35.84 18.66
C LYS I 78 21.88 -36.21 19.85
N ILE I 79 20.58 -36.17 19.66
CA ILE I 79 19.60 -36.22 20.73
C ILE I 79 18.71 -37.44 20.57
N ASN I 80 18.58 -38.23 21.63
CA ASN I 80 17.68 -39.39 21.68
C ASN I 80 16.75 -39.21 22.86
N VAL I 81 15.46 -39.07 22.59
CA VAL I 81 14.46 -38.84 23.64
C VAL I 81 13.87 -40.19 24.00
N THR I 82 14.43 -40.82 25.03
CA THR I 82 13.97 -42.15 25.43
C THR I 82 12.55 -42.12 25.98
N GLN I 83 12.24 -41.15 26.84
CA GLN I 83 10.97 -41.14 27.55
C GLN I 83 10.40 -39.73 27.55
N LEU I 84 9.15 -39.63 27.98
CA LEU I 84 8.45 -38.36 28.08
C LEU I 84 7.80 -38.27 29.45
N ALA I 85 7.72 -37.05 29.98
CA ALA I 85 7.19 -36.85 31.32
C ALA I 85 5.68 -36.73 31.30
N ALA I 86 5.04 -37.26 32.33
CA ALA I 86 3.59 -37.24 32.44
C ALA I 86 3.19 -36.88 33.86
N ALA I 87 1.99 -36.34 34.00
CA ALA I 87 1.49 -35.82 35.26
C ALA I 87 0.42 -36.75 35.81
N GLN I 88 0.53 -37.07 37.10
CA GLN I 88 -0.42 -37.99 37.72
C GLN I 88 -1.83 -37.45 37.61
N SER I 89 -2.79 -38.35 37.42
CA SER I 89 -4.20 -37.95 37.43
C SER I 89 -4.99 -38.91 38.30
N LEU I 90 -5.88 -38.38 39.11
CA LEU I 90 -6.68 -39.15 40.04
C LEU I 90 -8.15 -38.90 39.78
N ALA I 91 -8.94 -39.96 39.63
CA ALA I 91 -10.35 -39.84 39.36
C ALA I 91 -11.15 -40.56 40.43
N THR I 92 -12.29 -39.99 40.81
CA THR I 92 -13.14 -40.61 41.82
C THR I 92 -13.64 -41.96 41.31
N LYS I 93 -13.75 -42.92 42.23
CA LYS I 93 -14.10 -44.28 41.84
C LYS I 93 -15.53 -44.36 41.32
N THR I 94 -16.43 -43.54 41.85
CA THR I 94 -17.83 -43.60 41.47
C THR I 94 -18.17 -42.48 40.48
N THR I 95 -19.44 -42.45 40.08
CA THR I 95 -19.98 -41.43 39.18
C THR I 95 -21.22 -40.82 39.81
N PHE I 96 -21.41 -39.53 39.60
CA PHE I 96 -22.47 -38.78 40.26
C PHE I 96 -23.53 -38.32 39.26
N ALA I 97 -24.76 -38.19 39.75
CA ALA I 97 -25.88 -37.86 38.88
C ALA I 97 -25.73 -36.48 38.26
N THR I 98 -25.27 -35.50 39.04
CA THR I 98 -25.08 -34.15 38.53
C THR I 98 -24.14 -33.39 39.44
N THR I 99 -23.58 -32.30 38.92
CA THR I 99 -22.65 -31.49 39.69
C THR I 99 -23.34 -30.84 40.89
N LYS I 100 -24.58 -30.38 40.69
CA LYS I 100 -25.28 -29.65 41.75
C LYS I 100 -25.53 -30.50 42.98
N GLU I 101 -25.51 -31.83 42.82
CA GLU I 101 -25.67 -32.71 43.97
C GLU I 101 -24.53 -32.51 44.95
N GLN I 102 -24.88 -32.46 46.24
CA GLN I 102 -23.91 -32.19 47.30
C GLN I 102 -23.20 -33.49 47.67
N LEU I 103 -21.87 -33.44 47.75
CA LEU I 103 -21.10 -34.67 47.93
C LEU I 103 -20.88 -35.00 49.39
N GLY I 104 -20.42 -34.03 50.19
CA GLY I 104 -20.05 -34.31 51.56
C GLY I 104 -21.22 -34.22 52.53
N ASP I 105 -20.87 -34.34 53.81
CA ASP I 105 -21.88 -34.32 54.86
C ASP I 105 -22.44 -32.91 55.05
N THR I 106 -23.76 -32.83 55.26
CA THR I 106 -24.41 -31.54 55.39
C THR I 106 -24.18 -30.92 56.77
N SER I 107 -24.09 -31.76 57.81
CA SER I 107 -24.01 -31.24 59.17
C SER I 107 -22.74 -30.43 59.40
N VAL I 108 -21.61 -30.88 58.87
CA VAL I 108 -20.34 -30.20 59.11
C VAL I 108 -20.37 -28.83 58.45
N THR I 109 -19.84 -27.82 59.15
CA THR I 109 -19.92 -26.46 58.64
C THR I 109 -18.62 -26.02 57.98
N SER I 110 -17.48 -26.64 58.33
CA SER I 110 -16.19 -26.26 57.78
C SER I 110 -15.39 -27.51 57.43
N ARG I 111 -14.75 -27.50 56.26
CA ARG I 111 -14.00 -28.64 55.75
C ARG I 111 -12.65 -28.18 55.25
N THR I 112 -11.64 -29.03 55.34
CA THR I 112 -10.30 -28.73 54.83
C THR I 112 -9.78 -29.90 54.01
N ILE I 113 -9.03 -29.59 52.96
CA ILE I 113 -8.38 -30.58 52.11
C ILE I 113 -6.87 -30.35 52.21
N LYS I 114 -6.14 -31.36 52.65
CA LYS I 114 -4.70 -31.26 52.87
C LYS I 114 -4.00 -32.14 51.85
N ILE I 115 -3.09 -31.53 51.09
CA ILE I 115 -2.40 -32.19 49.99
C ILE I 115 -0.90 -32.20 50.29
N GLU I 116 -0.32 -33.40 50.32
CA GLU I 116 1.09 -33.61 50.63
C GLU I 116 1.80 -33.96 49.33
N GLN I 117 2.87 -33.23 49.01
CA GLN I 117 3.68 -33.68 47.89
C GLN I 117 5.15 -33.73 48.28
N PRO I 118 5.94 -34.60 47.64
CA PRO I 118 7.38 -34.53 47.82
C PRO I 118 8.01 -33.22 47.38
N GLY I 119 7.33 -32.48 46.49
CA GLY I 119 7.93 -31.26 45.96
C GLY I 119 7.86 -30.10 46.91
N ARG I 120 6.68 -29.84 47.49
CA ARG I 120 6.50 -28.67 48.33
C ARG I 120 6.77 -28.98 49.79
N LYS I 121 7.34 -28.01 50.49
CA LYS I 121 7.69 -28.18 51.89
C LYS I 121 6.44 -28.22 52.78
N GLU I 122 5.54 -27.27 52.60
CA GLU I 122 4.37 -27.15 53.46
C GLU I 122 3.12 -27.63 52.74
N PRO I 123 2.38 -28.58 53.32
CA PRO I 123 1.22 -29.15 52.63
C PRO I 123 0.16 -28.09 52.32
N LEU I 124 -0.55 -28.29 51.21
CA LEU I 124 -1.55 -27.32 50.78
C LEU I 124 -2.87 -27.54 51.52
N GLU I 125 -3.48 -26.45 51.96
CA GLU I 125 -4.77 -26.47 52.64
C GLU I 125 -5.82 -25.77 51.81
N ILE I 126 -6.93 -26.44 51.58
CA ILE I 126 -8.08 -25.92 50.85
C ILE I 126 -9.24 -25.79 51.83
N LYS I 127 -9.87 -24.62 51.87
CA LYS I 127 -10.92 -24.33 52.83
C LYS I 127 -12.28 -24.38 52.13
N LEU I 128 -13.23 -25.09 52.73
CA LEU I 128 -14.58 -25.20 52.22
C LEU I 128 -15.57 -24.82 53.30
N ASP I 129 -16.52 -23.96 52.97
CA ASP I 129 -17.58 -23.55 53.89
C ASP I 129 -18.64 -24.65 53.97
N LYS I 130 -19.76 -24.33 54.63
CA LYS I 130 -20.83 -25.31 54.77
C LYS I 130 -21.54 -25.56 53.44
N GLY I 131 -21.77 -24.51 52.67
CA GLY I 131 -22.50 -24.61 51.42
C GLY I 131 -21.69 -24.92 50.19
N ASP I 132 -20.40 -25.23 50.36
CA ASP I 132 -19.51 -25.45 49.23
C ASP I 132 -19.13 -26.91 49.04
N THR I 133 -19.96 -27.85 49.50
CA THR I 133 -19.64 -29.25 49.30
C THR I 133 -20.07 -29.77 47.94
N SER I 134 -20.61 -28.92 47.08
CA SER I 134 -20.96 -29.32 45.72
C SER I 134 -19.70 -29.54 44.89
N MET I 135 -19.83 -30.41 43.88
CA MET I 135 -18.68 -30.77 43.05
C MET I 135 -18.11 -29.55 42.33
N GLU I 136 -18.98 -28.70 41.80
CA GLU I 136 -18.51 -27.48 41.17
C GLU I 136 -17.81 -26.58 42.18
N ALA I 137 -18.31 -26.55 43.42
CA ALA I 137 -17.65 -25.76 44.45
C ALA I 137 -16.27 -26.29 44.78
N ILE I 138 -16.11 -27.63 44.82
CA ILE I 138 -14.80 -28.22 45.07
C ILE I 138 -13.85 -27.90 43.93
N ARG I 139 -14.32 -27.98 42.69
CA ARG I 139 -13.48 -27.61 41.57
C ARG I 139 -13.02 -26.17 41.69
N ASP I 140 -13.94 -25.26 42.02
CA ASP I 140 -13.58 -23.85 42.11
C ASP I 140 -12.62 -23.59 43.27
N ALA I 141 -12.80 -24.29 44.39
CA ALA I 141 -11.90 -24.14 45.52
C ALA I 141 -10.49 -24.59 45.15
N ILE I 142 -10.37 -25.74 44.49
CA ILE I 142 -9.04 -26.26 44.18
C ILE I 142 -8.37 -25.45 43.08
N ASN I 143 -9.15 -24.90 42.15
CA ASN I 143 -8.56 -24.09 41.10
C ASN I 143 -8.15 -22.71 41.61
N ASP I 144 -8.98 -22.10 42.48
CA ASP I 144 -8.74 -20.71 42.86
C ASP I 144 -7.50 -20.57 43.73
N ALA I 145 -7.09 -21.65 44.42
CA ALA I 145 -5.90 -21.58 45.24
C ALA I 145 -4.64 -21.40 44.40
N ASP I 146 -4.69 -21.80 43.14
CA ASP I 146 -3.57 -21.63 42.19
C ASP I 146 -2.29 -22.27 42.73
N SER I 147 -2.39 -23.51 43.19
CA SER I 147 -1.26 -24.20 43.81
C SER I 147 -0.54 -25.14 42.86
N GLY I 148 -1.01 -25.30 41.63
CA GLY I 148 -0.47 -26.28 40.71
C GLY I 148 -1.32 -27.53 40.55
N ILE I 149 -2.23 -27.79 41.47
CA ILE I 149 -3.21 -28.87 41.35
C ILE I 149 -4.37 -28.33 40.53
N ALA I 150 -4.73 -29.02 39.45
CA ALA I 150 -5.82 -28.61 38.60
C ALA I 150 -6.96 -29.61 38.71
N ALA I 151 -8.11 -29.16 39.18
CA ALA I 151 -9.29 -30.00 39.32
C ALA I 151 -10.23 -29.74 38.16
N SER I 152 -10.86 -30.80 37.66
CA SER I 152 -11.71 -30.74 36.48
C SER I 152 -12.86 -31.72 36.62
N ILE I 153 -13.89 -31.53 35.81
CA ILE I 153 -15.06 -32.39 35.80
C ILE I 153 -15.23 -32.97 34.41
N VAL I 154 -15.32 -34.30 34.33
CA VAL I 154 -15.47 -35.01 33.08
C VAL I 154 -16.76 -35.82 33.16
N LYS I 155 -17.69 -35.57 32.25
CA LYS I 155 -18.91 -36.35 32.21
C LYS I 155 -18.70 -37.52 31.26
N VAL I 156 -18.70 -38.73 31.82
CA VAL I 156 -18.43 -39.91 31.00
C VAL I 156 -19.52 -40.08 29.94
N LYS I 157 -20.78 -39.91 30.33
CA LYS I 157 -21.88 -39.88 29.38
C LYS I 157 -23.00 -39.09 30.03
N GLU I 158 -24.08 -38.90 29.27
CA GLU I 158 -25.19 -38.09 29.74
C GLU I 158 -25.75 -38.62 31.05
N ASN I 159 -25.84 -37.73 32.04
CA ASN I 159 -26.30 -37.96 33.42
C ASN I 159 -25.29 -38.68 34.30
N GLU I 160 -23.98 -38.61 33.99
CA GLU I 160 -22.94 -39.17 34.86
C GLU I 160 -21.74 -38.24 34.82
N PHE I 161 -21.11 -38.04 35.98
CA PHE I 161 -19.99 -37.11 36.12
C PHE I 161 -18.90 -37.70 37.00
N GLN I 162 -17.65 -37.30 36.74
CA GLN I 162 -16.51 -37.65 37.56
C GLN I 162 -15.64 -36.42 37.80
N LEU I 163 -14.90 -36.46 38.91
CA LEU I 163 -13.98 -35.40 39.31
C LEU I 163 -12.55 -35.90 39.12
N VAL I 164 -11.73 -35.10 38.46
CA VAL I 164 -10.36 -35.47 38.12
C VAL I 164 -9.42 -34.44 38.69
N LEU I 165 -8.39 -34.89 39.41
CA LEU I 165 -7.36 -34.03 39.97
C LEU I 165 -6.05 -34.34 39.26
N THR I 166 -5.43 -33.33 38.66
CA THR I 166 -4.20 -33.50 37.90
C THR I 166 -3.10 -32.66 38.52
N ALA I 167 -1.99 -33.29 38.86
CA ALA I 167 -0.84 -32.57 39.39
C ALA I 167 0.01 -32.05 38.23
N ASN I 168 1.21 -31.57 38.55
CA ASN I 168 2.13 -31.13 37.52
C ASN I 168 2.99 -32.29 37.02
N SER I 169 3.69 -32.04 35.94
CA SER I 169 4.57 -33.04 35.35
C SER I 169 5.74 -33.35 36.26
N GLY I 170 6.00 -34.63 36.47
CA GLY I 170 7.14 -35.05 37.26
C GLY I 170 6.78 -36.09 38.29
N THR I 171 7.78 -36.81 38.78
CA THR I 171 7.54 -37.85 39.77
C THR I 171 7.70 -37.34 41.19
N ASP I 172 8.17 -36.10 41.35
CA ASP I 172 8.20 -35.49 42.67
C ASP I 172 6.85 -34.91 43.04
N ASN I 173 5.98 -34.71 42.06
CA ASN I 173 4.66 -34.11 42.27
C ASN I 173 3.58 -35.20 42.30
N THR I 174 3.67 -36.07 43.29
CA THR I 174 2.68 -37.11 43.50
C THR I 174 1.84 -36.76 44.71
N MET I 175 0.54 -36.59 44.50
CA MET I 175 -0.35 -36.09 45.53
C MET I 175 -0.61 -37.12 46.62
N LYS I 176 -0.82 -36.63 47.83
CA LYS I 176 -1.32 -37.42 48.95
C LYS I 176 -2.43 -36.62 49.61
N ILE I 177 -3.67 -37.07 49.45
CA ILE I 177 -4.85 -36.27 49.76
C ILE I 177 -5.48 -36.78 51.05
N THR I 178 -5.79 -35.86 51.96
CA THR I 178 -6.53 -36.19 53.18
C THR I 178 -7.51 -35.07 53.48
N VAL I 179 -8.77 -35.43 53.76
CA VAL I 179 -9.79 -34.45 54.08
C VAL I 179 -9.99 -34.44 55.59
N GLU I 180 -9.92 -33.24 56.18
CA GLU I 180 -10.01 -33.07 57.62
C GLU I 180 -11.23 -32.24 57.97
N GLY I 181 -11.98 -32.70 58.98
CA GLY I 181 -13.20 -32.07 59.40
C GLY I 181 -14.47 -32.72 58.90
N ASP I 182 -14.37 -33.54 57.85
CA ASP I 182 -15.53 -34.18 57.24
C ASP I 182 -15.21 -35.65 57.03
N THR I 183 -16.20 -36.52 57.25
CA THR I 183 -15.97 -37.95 57.08
C THR I 183 -16.40 -38.44 55.70
N LYS I 184 -17.49 -37.89 55.16
CA LYS I 184 -17.93 -38.30 53.84
C LYS I 184 -16.96 -37.85 52.76
N LEU I 185 -16.50 -36.60 52.84
CA LEU I 185 -15.57 -36.09 51.85
C LEU I 185 -14.25 -36.85 51.91
N ASN I 186 -13.79 -37.20 53.12
CA ASN I 186 -12.61 -38.03 53.26
C ASN I 186 -12.85 -39.42 52.69
N ASP I 187 -14.08 -39.93 52.83
CA ASP I 187 -14.41 -41.21 52.20
C ASP I 187 -14.37 -41.10 50.69
N LEU I 188 -14.61 -39.90 50.15
CA LEU I 188 -14.62 -39.73 48.70
C LEU I 188 -13.26 -39.32 48.17
N LEU I 189 -12.52 -38.50 48.91
CA LEU I 189 -11.24 -37.95 48.47
C LEU I 189 -10.15 -38.37 49.45
N ALA I 190 -9.53 -39.53 49.20
CA ALA I 190 -8.48 -40.04 50.05
C ALA I 190 -7.53 -40.90 49.22
N TYR I 191 -6.27 -40.48 49.15
CA TYR I 191 -5.26 -41.23 48.41
C TYR I 191 -3.92 -41.11 49.11
N ASP I 192 -3.24 -42.24 49.26
CA ASP I 192 -1.89 -42.30 49.80
C ASP I 192 -0.96 -42.79 48.70
N SER I 193 -0.25 -41.87 48.05
CA SER I 193 0.56 -42.25 46.90
C SER I 193 1.82 -42.98 47.33
N THR I 194 2.25 -42.80 48.59
CA THR I 194 3.41 -43.53 49.07
C THR I 194 3.13 -45.03 49.13
N THR I 195 1.94 -45.41 49.58
CA THR I 195 1.51 -46.80 49.63
C THR I 195 0.63 -47.20 48.44
N ASN I 196 0.32 -46.25 47.55
CA ASN I 196 -0.44 -46.51 46.33
C ASN I 196 -1.82 -47.11 46.60
N THR I 197 -2.48 -46.66 47.65
CA THR I 197 -3.83 -47.11 47.95
C THR I 197 -4.68 -45.92 48.38
N GLY I 198 -5.97 -45.96 48.06
CA GLY I 198 -6.87 -44.88 48.43
C GLY I 198 -8.23 -45.08 47.80
N ASN I 199 -9.12 -44.13 48.09
CA ASN I 199 -10.49 -44.21 47.57
C ASN I 199 -10.53 -43.79 46.10
N MET I 200 -9.69 -42.84 45.70
CA MET I 200 -9.59 -42.49 44.30
C MET I 200 -8.73 -43.51 43.57
N GLN I 201 -8.80 -43.49 42.25
CA GLN I 201 -7.98 -44.35 41.41
C GLN I 201 -7.05 -43.49 40.56
N GLU I 202 -5.94 -44.08 40.14
CA GLU I 202 -4.91 -43.37 39.40
C GLU I 202 -5.07 -43.69 37.92
N LEU I 203 -5.35 -42.67 37.12
CA LEU I 203 -5.58 -42.87 35.71
C LEU I 203 -4.27 -42.78 34.93
N VAL I 204 -3.46 -41.78 35.22
CA VAL I 204 -2.17 -41.54 34.59
C VAL I 204 -1.11 -41.49 35.67
N LYS I 205 -0.01 -42.20 35.42
CA LYS I 205 1.10 -42.34 36.35
C LYS I 205 2.19 -41.34 36.02
N ALA I 206 2.92 -40.89 37.04
CA ALA I 206 3.88 -39.81 36.88
C ALA I 206 5.23 -40.34 36.42
N GLU I 207 5.87 -39.62 35.51
CA GLU I 207 7.13 -40.07 34.94
C GLU I 207 8.04 -38.86 34.70
N ASN I 208 9.35 -39.15 34.67
CA ASN I 208 10.38 -38.15 34.42
C ASN I 208 10.77 -38.21 32.94
N ALA I 209 11.11 -37.06 32.38
CA ALA I 209 11.69 -37.05 31.04
C ALA I 209 13.09 -37.60 31.09
N LYS I 210 13.43 -38.45 30.13
CA LYS I 210 14.78 -39.01 30.04
C LYS I 210 15.25 -38.91 28.60
N LEU I 211 16.41 -38.29 28.40
CA LEU I 211 16.98 -38.19 27.07
C LEU I 211 18.49 -38.38 27.16
N ASN I 212 19.14 -38.24 26.02
CA ASN I 212 20.57 -38.53 25.88
C ASN I 212 21.14 -37.56 24.87
N VAL I 213 22.01 -36.66 25.33
CA VAL I 213 22.62 -35.65 24.48
C VAL I 213 24.10 -35.94 24.35
N ASN I 214 24.54 -36.26 23.13
CA ASN I 214 25.95 -36.53 22.83
C ASN I 214 26.56 -37.56 23.78
N GLY I 215 25.79 -38.58 24.10
CA GLY I 215 26.28 -39.63 24.97
C GLY I 215 26.21 -39.35 26.44
N ILE I 216 25.51 -38.29 26.86
CA ILE I 216 25.31 -37.97 28.27
C ILE I 216 23.84 -38.15 28.61
N ASP I 217 23.55 -38.87 29.68
CA ASP I 217 22.19 -39.16 30.08
C ASP I 217 21.61 -38.02 30.91
N ILE I 218 20.43 -37.53 30.53
CA ILE I 218 19.78 -36.39 31.15
C ILE I 218 18.42 -36.85 31.65
N GLU I 219 18.10 -36.52 32.89
CA GLU I 219 16.79 -36.82 33.47
C GLU I 219 16.20 -35.56 34.08
N ARG I 220 14.99 -35.21 33.66
CA ARG I 220 14.33 -33.99 34.09
C ARG I 220 12.93 -34.33 34.58
N GLN I 221 12.27 -33.34 35.18
CA GLN I 221 10.92 -33.48 35.69
C GLN I 221 9.86 -33.01 34.70
N SER I 222 10.26 -32.40 33.60
CA SER I 222 9.31 -31.81 32.67
C SER I 222 9.79 -32.02 31.24
N ASN I 223 8.96 -31.62 30.30
CA ASN I 223 9.28 -31.77 28.89
C ASN I 223 9.97 -30.54 28.30
N THR I 224 10.41 -29.62 29.13
CA THR I 224 11.22 -28.49 28.71
C THR I 224 12.58 -28.60 29.37
N VAL I 225 13.57 -29.10 28.61
CA VAL I 225 14.92 -29.32 29.11
C VAL I 225 15.74 -28.08 28.79
N THR I 226 16.44 -27.55 29.79
CA THR I 226 17.09 -26.25 29.66
C THR I 226 18.60 -26.27 29.80
N ASP I 227 19.17 -27.12 30.63
CA ASP I 227 20.58 -27.04 30.96
C ASP I 227 21.38 -28.24 30.48
N ALA I 228 21.18 -28.67 29.24
CA ALA I 228 21.96 -29.74 28.66
C ALA I 228 22.07 -29.50 27.16
N PRO I 229 23.08 -28.75 26.68
CA PRO I 229 24.09 -28.04 27.46
C PRO I 229 23.52 -26.77 28.06
N GLN I 230 24.26 -26.07 28.91
CA GLN I 230 23.74 -24.82 29.43
C GLN I 230 23.62 -23.79 28.31
N GLY I 231 22.42 -23.27 28.12
CA GLY I 231 22.18 -22.27 27.11
C GLY I 231 21.33 -22.71 25.93
N ILE I 232 20.71 -23.90 25.99
CA ILE I 232 19.85 -24.38 24.92
C ILE I 232 18.59 -24.94 25.56
N THR I 233 17.43 -24.48 25.11
CA THR I 233 16.15 -24.92 25.62
C THR I 233 15.49 -25.86 24.62
N LEU I 234 15.23 -27.10 25.05
CA LEU I 234 14.62 -28.11 24.20
C LEU I 234 13.21 -28.39 24.68
N THR I 235 12.26 -28.35 23.75
CA THR I 235 10.90 -28.76 24.00
C THR I 235 10.68 -30.11 23.35
N LEU I 236 10.35 -31.11 24.17
CA LEU I 236 10.16 -32.48 23.73
C LEU I 236 8.68 -32.70 23.49
N THR I 237 8.33 -33.19 22.30
CA THR I 237 6.93 -33.48 22.00
C THR I 237 6.65 -34.98 21.91
N LYS I 238 7.54 -35.75 21.29
CA LYS I 238 7.39 -37.20 21.22
C LYS I 238 8.77 -37.82 21.12
N LYS I 239 8.84 -39.14 21.38
CA LYS I 239 10.11 -39.85 21.35
C LYS I 239 10.76 -39.75 19.99
N VAL I 240 12.08 -39.55 19.99
CA VAL I 240 12.86 -39.32 18.79
C VAL I 240 14.09 -40.24 18.86
N THR I 241 14.64 -40.55 17.69
CA THR I 241 15.89 -41.30 17.59
C THR I 241 16.87 -40.53 16.71
N ASP I 242 18.06 -40.26 17.25
CA ASP I 242 19.16 -39.66 16.52
C ASP I 242 18.76 -38.37 15.82
N ALA I 243 18.07 -37.48 16.54
CA ALA I 243 17.84 -36.15 16.00
C ALA I 243 19.13 -35.34 16.05
N THR I 244 19.23 -34.38 15.14
CA THR I 244 20.40 -33.51 15.06
C THR I 244 19.98 -32.07 15.31
N VAL I 245 20.64 -31.42 16.27
CA VAL I 245 20.43 -30.00 16.54
C VAL I 245 21.73 -29.28 16.20
N THR I 246 21.63 -28.30 15.31
CA THR I 246 22.80 -27.55 14.86
C THR I 246 22.69 -26.12 15.34
N VAL I 247 23.71 -25.65 16.05
CA VAL I 247 23.77 -24.29 16.54
C VAL I 247 24.91 -23.57 15.84
N THR I 248 24.59 -22.47 15.17
CA THR I 248 25.57 -21.72 14.41
C THR I 248 25.53 -20.25 14.81
N LYS I 249 26.68 -19.61 14.79
CA LYS I 249 26.78 -18.24 15.30
C LYS I 249 26.24 -17.24 14.29
N ASP I 250 25.46 -16.28 14.78
CA ASP I 250 24.93 -15.19 13.97
C ASP I 250 25.38 -13.86 14.56
N ASP I 251 25.80 -12.95 13.69
CA ASP I 251 26.28 -11.64 14.10
C ASP I 251 25.36 -10.49 13.69
N THR I 252 24.11 -10.81 13.32
CA THR I 252 23.20 -9.76 12.86
C THR I 252 22.89 -8.76 13.97
N LYS I 253 22.69 -9.24 15.20
CA LYS I 253 22.31 -8.35 16.28
C LYS I 253 23.37 -7.29 16.54
N ALA I 254 24.65 -7.70 16.57
CA ALA I 254 25.73 -6.76 16.82
C ALA I 254 25.85 -5.74 15.69
N LYS I 255 25.69 -6.17 14.44
CA LYS I 255 25.84 -5.24 13.33
C LYS I 255 24.69 -4.25 13.27
N GLU I 256 23.46 -4.70 13.57
CA GLU I 256 22.35 -3.75 13.67
C GLU I 256 22.57 -2.76 14.81
N ALA I 257 23.04 -3.21 15.96
CA ALA I 257 23.29 -2.29 17.06
C ALA I 257 24.37 -1.27 16.69
N ILE I 258 25.43 -1.73 16.03
CA ILE I 258 26.51 -0.82 15.63
C ILE I 258 26.00 0.19 14.60
N LYS I 259 25.21 -0.28 13.62
CA LYS I 259 24.68 0.62 12.60
C LYS I 259 23.77 1.67 13.20
N SER I 260 22.89 1.28 14.13
CA SER I 260 22.02 2.25 14.77
C SER I 260 22.83 3.23 15.62
N TRP I 261 23.89 2.75 16.27
CA TRP I 261 24.75 3.64 17.04
C TRP I 261 25.41 4.68 16.14
N VAL I 262 25.91 4.23 14.97
CA VAL I 262 26.52 5.16 14.02
C VAL I 262 25.50 6.16 13.51
N ASP I 263 24.28 5.70 13.20
CA ASP I 263 23.25 6.61 12.73
C ASP I 263 22.91 7.65 13.79
N ALA I 264 22.79 7.24 15.04
CA ALA I 264 22.53 8.20 16.11
C ALA I 264 23.65 9.20 16.25
N TYR I 265 24.91 8.73 16.14
CA TYR I 265 26.03 9.64 16.22
C TYR I 265 26.03 10.65 15.09
N ASN I 266 25.72 10.19 13.87
CA ASN I 266 25.67 11.09 12.72
C ASN I 266 24.58 12.14 12.89
N SER I 267 23.40 11.72 13.40
CA SER I 267 22.35 12.68 13.66
C SER I 267 22.79 13.70 14.72
N LEU I 268 23.47 13.24 15.77
CA LEU I 268 23.97 14.16 16.78
C LEU I 268 24.96 15.15 16.18
N VAL I 269 25.85 14.68 15.31
CA VAL I 269 26.83 15.58 14.69
C VAL I 269 26.13 16.58 13.77
N ASP I 270 25.09 16.15 13.06
CA ASP I 270 24.33 17.07 12.23
C ASP I 270 23.70 18.17 13.08
N THR I 271 23.10 17.80 14.21
CA THR I 271 22.52 18.82 15.09
C THR I 271 23.60 19.74 15.65
N PHE I 272 24.75 19.18 16.04
CA PHE I 272 25.83 20.00 16.58
C PHE I 272 26.34 20.99 15.55
N SER I 273 26.47 20.57 14.29
CA SER I 273 26.89 21.47 13.23
C SER I 273 25.84 22.52 12.95
N SER I 274 24.57 22.15 13.03
CA SER I 274 23.49 23.13 12.83
C SER I 274 23.54 24.20 13.92
N LEU I 275 23.85 23.82 15.16
CA LEU I 275 23.99 24.81 16.22
C LEU I 275 25.16 25.75 15.95
N THR I 276 26.14 25.30 15.17
CA THR I 276 27.25 26.14 14.75
C THR I 276 27.12 26.60 13.30
N LYS I 277 25.97 26.40 12.67
CA LYS I 277 25.79 26.84 11.29
C LYS I 277 25.91 28.36 11.20
N TYR I 278 26.68 28.81 10.22
CA TYR I 278 26.95 30.24 10.06
C TYR I 278 26.95 30.58 8.58
N THR I 279 26.50 31.79 8.27
CA THR I 279 26.41 32.29 6.90
C THR I 279 27.27 33.53 6.76
N ALA I 280 28.22 33.49 5.82
CA ALA I 280 29.08 34.65 5.59
C ALA I 280 28.35 35.68 4.72
N VAL I 281 28.63 36.95 4.98
CA VAL I 281 28.03 38.06 4.24
C VAL I 281 29.13 38.74 3.44
N GLU I 282 29.00 38.72 2.12
CA GLU I 282 30.00 39.36 1.26
C GLU I 282 30.07 40.87 1.44
N PRO I 283 28.97 41.63 1.39
CA PRO I 283 29.11 43.09 1.55
C PRO I 283 29.40 43.51 2.98
N GLY I 284 28.86 42.80 3.97
CA GLY I 284 29.11 43.11 5.36
C GLY I 284 27.89 43.49 6.18
N GLU I 285 26.69 43.47 5.59
CA GLU I 285 25.50 43.75 6.37
C GLU I 285 25.22 42.63 7.36
N GLU I 286 24.70 42.99 8.53
CA GLU I 286 24.45 42.04 9.61
C GLU I 286 22.97 41.71 9.67
N ALA I 287 22.65 40.42 9.58
CA ALA I 287 21.29 39.92 9.73
C ALA I 287 21.35 38.56 10.40
N SER I 288 20.19 38.08 10.85
CA SER I 288 20.14 36.77 11.51
C SER I 288 20.61 35.67 10.57
N ASP I 289 19.83 35.40 9.52
CA ASP I 289 20.20 34.44 8.47
C ASP I 289 20.64 33.09 9.04
N LYS I 290 20.12 32.75 10.22
CA LYS I 290 20.49 31.55 10.97
C LYS I 290 21.98 31.50 11.30
N ASN I 291 22.69 32.62 11.17
CA ASN I 291 24.14 32.60 11.36
C ASN I 291 24.51 32.56 12.84
N GLY I 292 23.68 33.17 13.70
CA GLY I 292 24.02 33.22 15.12
C GLY I 292 23.98 31.86 15.77
N ALA I 293 22.78 31.29 15.91
CA ALA I 293 22.56 29.95 16.47
C ALA I 293 23.27 29.85 17.83
N LEU I 294 24.20 28.92 18.02
CA LEU I 294 24.87 28.72 19.29
C LEU I 294 26.39 28.90 19.16
N LEU I 295 26.82 29.91 18.40
CA LEU I 295 28.24 30.13 18.22
C LEU I 295 28.87 30.69 19.50
N GLY I 296 30.10 30.26 19.78
CA GLY I 296 30.82 30.73 20.95
C GLY I 296 30.54 29.98 22.23
N ASP I 297 29.72 28.95 22.19
CA ASP I 297 29.44 28.18 23.40
C ASP I 297 30.45 27.06 23.57
N SER I 298 30.98 26.91 24.79
CA SER I 298 32.00 25.91 25.04
C SER I 298 31.39 24.53 25.24
N VAL I 299 30.08 24.46 25.42
CA VAL I 299 29.42 23.18 25.66
C VAL I 299 29.58 22.25 24.46
N VAL I 300 29.33 22.77 23.26
CA VAL I 300 29.38 21.92 22.07
C VAL I 300 30.79 21.40 21.84
N ARG I 301 31.79 22.28 21.97
CA ARG I 301 33.17 21.85 21.77
C ARG I 301 33.59 20.85 22.83
N THR I 302 33.15 21.04 24.08
CA THR I 302 33.51 20.11 25.14
C THR I 302 32.90 18.73 24.88
N ILE I 303 31.63 18.68 24.49
CA ILE I 303 30.98 17.41 24.19
C ILE I 303 31.69 16.71 23.04
N GLN I 304 31.96 17.45 21.95
CA GLN I 304 32.59 16.83 20.79
C GLN I 304 33.99 16.33 21.12
N THR I 305 34.77 17.13 21.84
CA THR I 305 36.12 16.70 22.21
C THR I 305 36.09 15.47 23.10
N GLY I 306 35.17 15.43 24.07
CA GLY I 306 35.09 14.27 24.94
C GLY I 306 34.73 13.00 24.18
N ILE I 307 33.71 13.07 23.33
CA ILE I 307 33.30 11.90 22.57
C ILE I 307 34.42 11.43 21.64
N ARG I 308 35.03 12.36 20.91
CA ARG I 308 36.06 11.98 19.95
C ARG I 308 37.31 11.46 20.66
N ALA I 309 37.59 11.96 21.85
CA ALA I 309 38.69 11.42 22.64
C ALA I 309 38.38 10.00 23.08
N GLN I 310 37.12 9.74 23.45
CA GLN I 310 36.73 8.38 23.82
C GLN I 310 36.73 7.44 22.63
N PHE I 311 36.64 7.96 21.40
CA PHE I 311 36.76 7.10 20.22
C PHE I 311 38.06 6.31 20.23
N ALA I 312 39.12 6.88 20.77
CA ALA I 312 40.38 6.16 20.91
C ALA I 312 40.38 5.41 22.25
N ASN I 313 40.42 4.09 22.19
CA ASN I 313 40.24 3.29 23.39
C ASN I 313 41.48 3.35 24.29
N SER I 314 41.27 3.07 25.56
CA SER I 314 42.32 3.05 26.57
C SER I 314 42.32 1.69 27.25
N GLY I 315 43.49 1.09 27.36
CA GLY I 315 43.61 -0.21 28.02
C GLY I 315 42.90 -1.33 27.29
N SER I 316 42.98 -1.36 25.96
CA SER I 316 42.35 -2.41 25.19
C SER I 316 43.31 -3.59 25.04
N ASN I 317 42.86 -4.77 25.49
CA ASN I 317 43.72 -5.95 25.41
C ASN I 317 43.81 -6.47 23.98
N SER I 318 42.80 -6.18 23.17
CA SER I 318 42.81 -6.66 21.78
C SER I 318 43.88 -5.97 20.97
N ALA I 319 44.29 -6.63 19.88
CA ALA I 319 45.23 -5.99 18.96
C ALA I 319 44.64 -4.71 18.38
N PHE I 320 43.32 -4.69 18.19
CA PHE I 320 42.66 -3.49 17.71
C PHE I 320 42.71 -2.40 18.78
N LYS I 321 43.24 -1.24 18.43
CA LYS I 321 43.34 -0.14 19.38
C LYS I 321 42.55 1.08 18.95
N THR I 322 41.89 1.04 17.80
CA THR I 322 40.98 2.11 17.41
C THR I 322 39.78 1.49 16.72
N MET I 323 38.88 2.35 16.25
CA MET I 323 37.64 1.87 15.66
C MET I 323 37.78 1.59 14.18
N ALA I 324 38.94 1.93 13.59
CA ALA I 324 39.14 1.76 12.15
C ALA I 324 39.16 0.29 11.77
N GLU I 325 39.75 -0.57 12.61
CA GLU I 325 39.90 -1.98 12.24
C GLU I 325 38.55 -2.65 12.07
N ILE I 326 37.57 -2.30 12.91
CA ILE I 326 36.23 -2.86 12.78
C ILE I 326 35.63 -2.43 11.43
N GLY I 327 36.07 -1.28 10.92
CA GLY I 327 35.70 -0.85 9.58
C GLY I 327 35.04 0.51 9.49
N ILE I 328 34.69 1.15 10.61
CA ILE I 328 33.98 2.42 10.57
C ILE I 328 35.00 3.54 10.68
N THR I 329 34.99 4.45 9.70
CA THR I 329 36.02 5.46 9.54
C THR I 329 35.40 6.83 9.34
N GLN I 330 36.22 7.86 9.57
CA GLN I 330 35.81 9.25 9.43
C GLN I 330 36.39 9.84 8.15
N ASP I 331 35.52 10.41 7.33
CA ASP I 331 36.00 11.23 6.21
C ASP I 331 36.62 12.51 6.75
N GLY I 332 37.73 12.92 6.14
CA GLY I 332 38.45 14.08 6.64
C GLY I 332 37.62 15.36 6.59
N THR I 333 36.96 15.60 5.46
CA THR I 333 36.19 16.83 5.32
C THR I 333 34.90 16.78 6.14
N SER I 334 34.16 15.68 6.06
CA SER I 334 32.84 15.62 6.69
C SER I 334 32.96 15.51 8.21
N GLY I 335 33.85 14.65 8.69
CA GLY I 335 33.95 14.39 10.12
C GLY I 335 32.88 13.47 10.68
N LYS I 336 32.20 12.71 9.83
CA LYS I 336 31.11 11.83 10.23
C LYS I 336 31.52 10.38 10.01
N LEU I 337 30.93 9.48 10.77
CA LEU I 337 31.24 8.06 10.67
C LEU I 337 30.60 7.46 9.43
N LYS I 338 31.36 6.62 8.73
CA LYS I 338 30.84 5.80 7.64
C LYS I 338 31.32 4.37 7.83
N ILE I 339 30.48 3.42 7.44
CA ILE I 339 30.63 2.01 7.80
C ILE I 339 30.67 1.17 6.53
N ASP I 340 31.60 0.21 6.47
CA ASP I 340 31.66 -0.74 5.39
C ASP I 340 31.12 -2.09 5.87
N ASP I 341 30.09 -2.59 5.19
CA ASP I 341 29.40 -3.78 5.69
C ASP I 341 30.25 -5.04 5.50
N ASP I 342 31.02 -5.12 4.41
CA ASP I 342 31.77 -6.34 4.13
C ASP I 342 32.86 -6.57 5.15
N LYS I 343 33.68 -5.54 5.41
CA LYS I 343 34.76 -5.69 6.38
C LYS I 343 34.20 -5.89 7.79
N LEU I 344 33.10 -5.19 8.11
CA LEU I 344 32.45 -5.40 9.40
C LEU I 344 32.01 -6.85 9.57
N THR I 345 31.37 -7.41 8.55
CA THR I 345 30.92 -8.79 8.63
C THR I 345 32.09 -9.75 8.77
N LYS I 346 33.16 -9.51 8.00
CA LYS I 346 34.34 -10.37 8.12
C LYS I 346 34.93 -10.32 9.52
N VAL I 347 35.07 -9.11 10.08
CA VAL I 347 35.68 -8.98 11.40
C VAL I 347 34.80 -9.64 12.46
N LEU I 348 33.47 -9.49 12.33
CA LEU I 348 32.58 -10.15 13.27
C LEU I 348 32.70 -11.67 13.17
N LYS I 349 32.87 -12.19 11.95
CA LYS I 349 32.95 -13.63 11.79
C LYS I 349 34.27 -14.19 12.32
N ASP I 350 35.38 -13.47 12.09
CA ASP I 350 36.68 -14.04 12.46
C ASP I 350 36.97 -13.86 13.95
N ASN I 351 36.92 -12.61 14.45
CA ASN I 351 37.27 -12.30 15.82
C ASN I 351 36.13 -11.54 16.48
N THR I 352 35.17 -12.29 17.04
CA THR I 352 34.08 -11.67 17.76
C THR I 352 34.50 -11.29 19.18
N ALA I 353 35.38 -12.10 19.79
CA ALA I 353 35.83 -11.79 21.14
C ALA I 353 36.62 -10.49 21.19
N ALA I 354 37.50 -10.28 20.21
CA ALA I 354 38.29 -9.05 20.18
C ALA I 354 37.39 -7.83 20.02
N ALA I 355 36.42 -7.90 19.10
CA ALA I 355 35.50 -6.80 18.92
C ALA I 355 34.69 -6.54 20.17
N ARG I 356 34.23 -7.60 20.84
CA ARG I 356 33.44 -7.43 22.07
C ARG I 356 34.27 -6.76 23.15
N GLU I 357 35.52 -7.18 23.33
CA GLU I 357 36.33 -6.61 24.40
C GLU I 357 36.88 -5.25 24.01
N LEU I 358 36.79 -4.90 22.73
CA LEU I 358 37.13 -3.54 22.32
C LEU I 358 35.96 -2.57 22.56
N LEU I 359 34.76 -2.96 22.13
CA LEU I 359 33.63 -2.06 22.23
C LEU I 359 32.98 -2.14 23.61
N VAL I 360 32.46 -3.32 23.94
CA VAL I 360 31.84 -3.51 25.25
C VAL I 360 32.90 -3.52 26.33
N GLY I 361 33.99 -4.25 26.10
CA GLY I 361 35.03 -4.36 27.10
C GLY I 361 34.53 -5.10 28.32
N ASP I 362 35.13 -4.79 29.48
CA ASP I 362 34.68 -5.40 30.72
C ASP I 362 33.27 -4.93 31.09
N GLY I 363 32.81 -3.85 30.49
CA GLY I 363 31.49 -3.32 30.76
C GLY I 363 31.43 -2.33 31.90
N LYS I 364 32.54 -2.07 32.59
CA LYS I 364 32.53 -1.17 33.72
C LYS I 364 33.36 0.08 33.45
N GLU I 365 34.63 -0.09 33.12
CA GLU I 365 35.54 1.04 32.93
C GLU I 365 36.50 0.84 31.76
N THR I 366 36.38 -0.25 31.01
CA THR I 366 37.29 -0.55 29.91
C THR I 366 36.48 -0.80 28.64
N GLY I 367 36.81 -0.08 27.58
CA GLY I 367 36.12 -0.21 26.31
C GLY I 367 35.61 1.13 25.82
N ILE I 368 35.46 1.23 24.49
CA ILE I 368 35.00 2.48 23.89
C ILE I 368 33.59 2.81 24.35
N THR I 369 32.68 1.84 24.24
CA THR I 369 31.27 2.10 24.52
C THR I 369 31.05 2.45 25.99
N THR I 370 31.71 1.73 26.91
CA THR I 370 31.51 1.99 28.32
C THR I 370 32.12 3.33 28.73
N LYS I 371 33.25 3.71 28.13
CA LYS I 371 33.84 5.02 28.44
C LYS I 371 32.97 6.14 27.90
N ILE I 372 32.44 5.98 26.68
CA ILE I 372 31.52 6.97 26.15
C ILE I 372 30.30 7.11 27.06
N ALA I 373 29.74 5.99 27.50
CA ALA I 373 28.59 6.04 28.38
C ALA I 373 28.92 6.71 29.71
N THR I 374 30.09 6.41 30.27
CA THR I 374 30.48 6.99 31.54
C THR I 374 30.64 8.51 31.42
N GLU I 375 31.30 8.98 30.37
CA GLU I 375 31.52 10.42 30.23
C GLU I 375 30.21 11.13 29.89
N VAL I 376 29.36 10.53 29.06
CA VAL I 376 28.09 11.15 28.74
C VAL I 376 27.21 11.24 29.99
N LYS I 377 27.22 10.18 30.82
CA LYS I 377 26.48 10.22 32.06
C LYS I 377 27.03 11.28 33.01
N SER I 378 28.36 11.42 33.07
CA SER I 378 28.95 12.48 33.88
C SER I 378 28.50 13.85 33.41
N TYR I 379 28.43 14.04 32.08
CA TYR I 379 27.94 15.30 31.54
C TYR I 379 26.48 15.54 31.91
N LEU I 380 25.67 14.48 31.89
CA LEU I 380 24.23 14.66 32.03
C LEU I 380 23.79 14.66 33.49
N ALA I 381 24.49 13.91 34.36
CA ALA I 381 23.95 13.64 35.69
C ALA I 381 23.94 14.89 36.57
N ASP I 382 25.11 15.43 36.88
CA ASP I 382 25.20 16.58 37.77
C ASP I 382 26.57 17.24 37.61
N ASP I 383 26.57 18.57 37.60
CA ASP I 383 27.78 19.37 37.41
C ASP I 383 28.51 19.02 36.12
N GLY I 384 27.86 18.25 35.25
CA GLY I 384 28.42 17.95 33.96
C GLY I 384 28.29 19.12 33.00
N ILE I 385 29.11 19.09 31.96
CA ILE I 385 29.23 20.26 31.08
C ILE I 385 27.87 20.63 30.51
N ILE I 386 27.10 19.65 30.06
CA ILE I 386 25.78 19.96 29.52
C ILE I 386 24.77 20.18 30.65
N ASP I 387 24.87 19.41 31.74
CA ASP I 387 23.93 19.61 32.84
C ASP I 387 24.22 20.90 33.59
N ASN I 388 25.49 21.17 33.90
CA ASN I 388 25.83 22.46 34.48
C ASN I 388 25.56 23.58 33.48
N ALA I 389 25.67 23.28 32.18
CA ALA I 389 25.32 24.27 31.17
C ALA I 389 23.84 24.60 31.23
N GLN I 390 22.99 23.59 31.36
CA GLN I 390 21.56 23.82 31.49
C GLN I 390 21.24 24.59 32.76
N ASP I 391 21.91 24.25 33.86
CA ASP I 391 21.72 24.99 35.11
C ASP I 391 22.12 26.45 34.97
N ASN I 392 23.28 26.70 34.36
CA ASN I 392 23.76 28.07 34.18
C ASN I 392 22.87 28.83 33.21
N VAL I 393 22.38 28.16 32.18
CA VAL I 393 21.48 28.81 31.22
C VAL I 393 20.14 29.15 31.87
N ASN I 394 19.64 28.27 32.74
CA ASN I 394 18.41 28.58 33.46
C ASN I 394 18.61 29.75 34.41
N ALA I 395 19.74 29.77 35.12
CA ALA I 395 20.03 30.91 36.00
C ALA I 395 20.19 32.19 35.20
N THR I 396 20.86 32.13 34.05
CA THR I 396 21.00 33.28 33.18
C THR I 396 19.65 33.72 32.62
N LEU I 397 18.77 32.76 32.33
CA LEU I 397 17.44 33.10 31.87
C LEU I 397 16.63 33.80 32.94
N LYS I 398 16.75 33.35 34.19
CA LYS I 398 16.08 34.03 35.30
C LYS I 398 16.62 35.45 35.48
N SER I 399 17.95 35.60 35.43
CA SER I 399 18.54 36.93 35.54
C SER I 399 18.12 37.82 34.38
N LEU I 400 18.04 37.25 33.17
CA LEU I 400 17.66 38.02 32.00
C LEU I 400 16.19 38.40 32.05
N THR I 401 15.34 37.53 32.61
CA THR I 401 13.94 37.87 32.80
C THR I 401 13.79 39.00 33.80
N LYS I 402 14.58 38.97 34.88
CA LYS I 402 14.62 40.10 35.79
C LYS I 402 15.08 41.37 35.07
N GLN I 403 16.05 41.22 34.17
CA GLN I 403 16.53 42.36 33.38
C GLN I 403 15.43 42.90 32.47
N TYR I 404 14.64 42.02 31.85
CA TYR I 404 13.56 42.47 31.00
C TYR I 404 12.47 43.16 31.81
N LEU I 405 12.20 42.67 33.02
CA LEU I 405 11.28 43.37 33.91
C LEU I 405 11.82 44.75 34.27
N SER I 406 13.12 44.86 34.50
CA SER I 406 13.73 46.15 34.77
C SER I 406 13.64 47.08 33.56
N VAL I 407 13.80 46.51 32.36
CA VAL I 407 13.65 47.31 31.14
C VAL I 407 12.22 47.81 30.99
N SER I 408 11.24 46.95 31.29
CA SER I 408 9.85 47.39 31.26
C SER I 408 9.60 48.49 32.27
N ASN I 409 10.18 48.38 33.47
CA ASN I 409 10.07 49.43 34.46
C ASN I 409 10.69 50.74 33.97
N SER I 410 11.85 50.64 33.30
CA SER I 410 12.50 51.82 32.77
C SER I 410 11.66 52.47 31.67
N ILE I 411 11.01 51.65 30.85
CA ILE I 411 10.10 52.19 29.82
C ILE I 411 8.93 52.91 30.50
N ASP I 412 8.38 52.31 31.56
CA ASP I 412 7.28 52.96 32.28
C ASP I 412 7.73 54.30 32.86
N GLU I 413 8.93 54.35 33.45
CA GLU I 413 9.43 55.59 34.01
C GLU I 413 9.66 56.63 32.94
N THR I 414 10.25 56.23 31.81
CA THR I 414 10.47 57.17 30.71
C THR I 414 9.16 57.62 30.09
N VAL I 415 8.22 56.70 29.92
CA VAL I 415 6.92 57.03 29.36
C VAL I 415 5.97 57.53 30.46
N VAL J 1 24.68 67.14 18.22
CA VAL J 1 25.70 66.41 18.96
C VAL J 1 25.25 64.98 19.23
N LEU J 2 23.93 64.80 19.35
CA LEU J 2 23.38 63.47 19.59
C LEU J 2 23.61 62.57 18.38
N SER J 3 23.31 63.07 17.19
CA SER J 3 23.48 62.27 15.98
C SER J 3 24.95 61.94 15.75
N GLN J 4 25.85 62.88 16.00
CA GLN J 4 27.27 62.64 15.77
C GLN J 4 27.84 61.66 16.79
N ALA J 5 27.42 61.77 18.06
CA ALA J 5 27.86 60.81 19.06
C ALA J 5 27.33 59.41 18.73
N GLN J 6 26.07 59.33 18.28
CA GLN J 6 25.53 58.03 17.87
C GLN J 6 26.26 57.50 16.65
N ALA J 7 26.73 58.39 15.77
CA ALA J 7 27.49 57.94 14.60
C ALA J 7 28.86 57.41 15.00
N GLN J 8 29.49 58.04 15.99
CA GLN J 8 30.74 57.52 16.54
C GLN J 8 30.54 56.15 17.17
N ASN J 9 29.49 56.01 17.99
CA ASN J 9 29.17 54.71 18.56
C ASN J 9 28.85 53.70 17.46
N SER J 10 28.23 54.15 16.38
CA SER J 10 27.83 53.24 15.31
C SER J 10 29.03 52.83 14.46
N GLN J 11 30.04 53.68 14.35
CA GLN J 11 31.23 53.29 13.59
C GLN J 11 32.10 52.33 14.40
N TYR J 12 32.19 52.54 15.72
CA TYR J 12 32.72 51.46 16.55
C TYR J 12 31.85 50.20 16.47
N ALA J 13 30.54 50.37 16.33
CA ALA J 13 29.66 49.21 16.20
C ALA J 13 29.92 48.45 14.90
N LEU J 14 30.19 49.17 13.82
CA LEU J 14 30.55 48.52 12.56
C LEU J 14 31.89 47.82 12.67
N ALA J 15 32.84 48.43 13.39
CA ALA J 15 34.08 47.72 13.70
C ALA J 15 33.79 46.42 14.44
N ARG J 16 32.90 46.48 15.42
CA ARG J 16 32.51 45.27 16.16
C ARG J 16 31.88 44.24 15.23
N THR J 17 31.01 44.68 14.31
CA THR J 17 30.33 43.73 13.43
C THR J 17 31.31 43.02 12.51
N PHE J 18 32.21 43.79 11.86
CA PHE J 18 33.20 43.16 11.00
C PHE J 18 34.13 42.25 11.78
N ALA J 19 34.50 42.65 13.00
CA ALA J 19 35.27 41.77 13.86
C ALA J 19 34.49 40.49 14.16
N THR J 20 33.18 40.60 14.37
CA THR J 20 32.39 39.42 14.68
C THR J 20 32.31 38.46 13.50
N GLN J 21 32.11 38.99 12.28
CA GLN J 21 32.13 38.09 11.13
C GLN J 21 33.50 37.44 10.95
N LYS J 22 34.56 38.23 11.14
CA LYS J 22 35.91 37.68 11.00
C LYS J 22 36.14 36.56 12.01
N VAL J 23 35.77 36.77 13.27
CA VAL J 23 36.01 35.76 14.29
C VAL J 23 35.00 34.62 14.18
N SER J 24 33.88 34.84 13.51
CA SER J 24 32.94 33.75 13.26
C SER J 24 33.50 32.80 12.21
N LEU J 25 34.02 33.34 11.11
CA LEU J 25 34.74 32.51 10.16
C LEU J 25 35.94 31.84 10.82
N GLU J 26 36.61 32.57 11.72
CA GLU J 26 37.73 32.00 12.45
C GLU J 26 37.29 30.81 13.31
N GLU J 27 36.15 30.94 14.00
CA GLU J 27 35.65 29.85 14.82
C GLU J 27 35.25 28.65 13.97
N SER J 28 34.61 28.89 12.83
CA SER J 28 34.24 27.77 11.96
C SER J 28 35.48 27.05 11.44
N VAL J 29 36.48 27.82 10.98
CA VAL J 29 37.71 27.20 10.49
C VAL J 29 38.42 26.46 11.61
N LEU J 30 38.45 27.02 12.82
CA LEU J 30 39.12 26.36 13.92
C LEU J 30 38.39 25.10 14.34
N SER J 31 37.06 25.08 14.25
CA SER J 31 36.30 23.87 14.53
C SER J 31 36.62 22.78 13.52
N GLN J 32 36.70 23.15 12.24
CA GLN J 32 37.07 22.15 11.24
C GLN J 32 38.52 21.69 11.43
N VAL J 33 39.37 22.59 11.93
CA VAL J 33 40.73 22.21 12.33
C VAL J 33 40.68 21.18 13.44
N THR J 34 39.79 21.37 14.43
CA THR J 34 39.66 20.42 15.52
C THR J 34 39.21 19.06 15.01
N THR J 35 38.26 19.04 14.08
CA THR J 35 37.84 17.77 13.49
C THR J 35 38.99 17.09 12.75
N ALA J 36 39.77 17.88 12.00
CA ALA J 36 40.92 17.32 11.29
C ALA J 36 41.95 16.76 12.26
N ILE J 37 42.19 17.47 13.36
CA ILE J 37 43.17 17.00 14.34
C ILE J 37 42.69 15.71 15.01
N GLN J 38 41.39 15.62 15.28
CA GLN J 38 40.85 14.38 15.82
C GLN J 38 41.04 13.22 14.85
N THR J 39 40.77 13.45 13.57
CA THR J 39 41.00 12.41 12.58
C THR J 39 42.48 12.02 12.52
N ALA J 40 43.37 13.01 12.62
CA ALA J 40 44.80 12.73 12.61
C ALA J 40 45.22 11.90 13.82
N GLN J 41 44.67 12.21 14.99
CA GLN J 41 45.00 11.44 16.18
C GLN J 41 44.48 10.00 16.05
N GLU J 42 43.29 9.82 15.47
CA GLU J 42 42.80 8.47 15.22
C GLU J 42 43.74 7.72 14.28
N LYS J 43 44.21 8.39 13.23
CA LYS J 43 45.15 7.76 12.30
C LYS J 43 46.46 7.38 12.99
N ILE J 44 46.96 8.27 13.86
CA ILE J 44 48.23 7.99 14.54
C ILE J 44 48.07 6.82 15.50
N VAL J 45 46.95 6.76 16.21
CA VAL J 45 46.71 5.65 17.13
C VAL J 45 46.57 4.34 16.35
N TYR J 46 45.93 4.40 15.18
CA TYR J 46 45.89 3.24 14.30
C TYR J 46 47.30 2.82 13.89
N ALA J 47 48.16 3.78 13.58
CA ALA J 47 49.55 3.47 13.27
C ALA J 47 50.33 3.05 14.51
N GLY J 48 49.76 3.28 15.70
CA GLY J 48 50.44 2.91 16.93
C GLY J 48 50.65 1.43 17.11
N ASN J 49 49.98 0.61 16.31
CA ASN J 49 50.13 -0.84 16.39
C ASN J 49 51.57 -1.25 16.09
N GLY J 50 52.07 -2.22 16.85
CA GLY J 50 53.46 -2.63 16.69
C GLY J 50 53.74 -3.27 15.34
N THR J 51 52.84 -4.13 14.88
CA THR J 51 53.01 -4.87 13.64
C THR J 51 52.07 -4.32 12.58
N LEU J 52 52.64 -3.82 11.48
CA LEU J 52 51.87 -3.33 10.36
C LEU J 52 52.65 -3.58 9.07
N SER J 53 51.92 -3.76 7.98
CA SER J 53 52.56 -3.94 6.68
C SER J 53 52.97 -2.58 6.10
N ASP J 54 53.85 -2.63 5.09
CA ASP J 54 54.29 -1.41 4.44
C ASP J 54 53.13 -0.72 3.73
N ASP J 55 52.22 -1.49 3.16
CA ASP J 55 51.05 -0.91 2.51
C ASP J 55 50.17 -0.16 3.51
N ASP J 56 50.03 -0.70 4.72
CA ASP J 56 49.21 -0.04 5.73
C ASP J 56 49.80 1.32 6.09
N ARG J 57 51.11 1.39 6.32
CA ARG J 57 51.71 2.67 6.68
C ARG J 57 51.75 3.62 5.49
N ALA J 58 51.87 3.10 4.28
CA ALA J 58 51.79 3.96 3.10
C ALA J 58 50.40 4.59 2.98
N SER J 59 49.36 3.80 3.18
CA SER J 59 48.00 4.34 3.15
C SER J 59 47.79 5.34 4.27
N LEU J 60 48.30 5.04 5.46
CA LEU J 60 48.22 6.01 6.55
C LEU J 60 48.93 7.31 6.19
N ALA J 61 50.10 7.21 5.57
CA ALA J 61 50.85 8.40 5.20
C ALA J 61 50.12 9.23 4.16
N THR J 62 49.50 8.59 3.17
CA THR J 62 48.79 9.36 2.15
C THR J 62 47.51 9.98 2.71
N ASP J 63 46.84 9.28 3.64
CA ASP J 63 45.70 9.88 4.32
C ASP J 63 46.13 11.07 5.16
N LEU J 64 47.27 10.95 5.82
CA LEU J 64 47.82 12.07 6.60
C LEU J 64 48.18 13.24 5.70
N GLN J 65 48.71 12.95 4.51
CA GLN J 65 48.99 14.00 3.53
C GLN J 65 47.71 14.71 3.10
N GLY J 66 46.63 13.95 2.87
CA GLY J 66 45.36 14.57 2.54
C GLY J 66 44.84 15.45 3.67
N ILE J 67 44.99 14.98 4.91
CA ILE J 67 44.58 15.78 6.07
C ILE J 67 45.41 17.06 6.14
N ARG J 68 46.71 16.96 5.87
CA ARG J 68 47.55 18.16 5.86
C ARG J 68 47.10 19.12 4.77
N ASP J 69 46.73 18.60 3.60
CA ASP J 69 46.22 19.47 2.53
C ASP J 69 44.97 20.20 2.98
N GLN J 70 44.04 19.49 3.63
CA GLN J 70 42.85 20.14 4.16
C GLN J 70 43.20 21.19 5.21
N LEU J 71 44.14 20.87 6.09
CA LEU J 71 44.54 21.80 7.15
C LEU J 71 45.14 23.07 6.57
N MET J 72 46.02 22.94 5.58
CA MET J 72 46.59 24.14 4.95
C MET J 72 45.54 24.91 4.18
N ASN J 73 44.62 24.22 3.50
CA ASN J 73 43.56 24.91 2.78
C ASN J 73 42.70 25.74 3.73
N LEU J 74 42.39 25.19 4.90
CA LEU J 74 41.73 25.98 5.93
C LEU J 74 42.60 27.13 6.40
N ALA J 75 43.90 26.87 6.56
CA ALA J 75 44.81 27.91 7.05
C ALA J 75 45.00 29.01 6.01
N ASN J 76 44.90 28.67 4.72
CA ASN J 76 45.05 29.64 3.64
C ASN J 76 43.71 30.10 3.07
N SER J 77 42.61 29.90 3.80
CA SER J 77 41.31 30.32 3.31
C SER J 77 41.24 31.84 3.20
N THR J 78 40.50 32.31 2.20
CA THR J 78 40.33 33.73 1.95
C THR J 78 38.88 34.11 2.22
N ASP J 79 38.69 35.15 3.04
CA ASP J 79 37.36 35.65 3.33
C ASP J 79 36.75 36.25 2.06
N GLY J 80 35.42 36.26 2.01
CA GLY J 80 34.72 36.79 0.85
C GLY J 80 35.08 38.22 0.53
N ASN J 81 35.49 38.99 1.54
CA ASN J 81 35.94 40.35 1.31
C ASN J 81 37.21 40.40 0.45
N GLY J 82 37.90 39.27 0.31
CA GLY J 82 39.13 39.21 -0.44
C GLY J 82 40.39 39.20 0.40
N ARG J 83 40.27 39.35 1.71
CA ARG J 83 41.41 39.33 2.62
C ARG J 83 41.47 37.98 3.30
N TYR J 84 42.67 37.41 3.40
CA TYR J 84 42.83 36.15 4.11
C TYR J 84 42.38 36.31 5.56
N ILE J 85 41.66 35.30 6.06
CA ILE J 85 41.02 35.42 7.37
C ILE J 85 42.06 35.56 8.48
N PHE J 86 43.12 34.76 8.41
CA PHE J 86 44.11 34.71 9.47
C PHE J 86 45.41 35.43 9.11
N ALA J 87 45.36 36.39 8.19
CA ALA J 87 46.57 37.06 7.75
C ALA J 87 47.17 37.93 8.85
N GLY J 88 46.33 38.74 9.50
CA GLY J 88 46.83 39.66 10.50
C GLY J 88 46.82 41.10 10.00
N TYR J 89 47.90 41.84 10.25
CA TYR J 89 47.99 43.21 9.74
C TYR J 89 47.99 43.22 8.22
N LYS J 90 48.85 42.41 7.59
CA LYS J 90 48.94 42.34 6.14
C LYS J 90 47.84 41.41 5.63
N THR J 91 46.62 41.97 5.56
CA THR J 91 45.48 41.19 5.13
C THR J 91 45.62 40.75 3.68
N GLU J 92 46.16 41.62 2.82
CA GLU J 92 46.35 41.26 1.42
C GLU J 92 47.34 40.10 1.28
N ALA J 93 48.41 40.13 2.06
CA ALA J 93 49.44 39.09 1.96
C ALA J 93 48.90 37.76 2.46
N ALA J 94 49.35 36.67 1.83
CA ALA J 94 48.94 35.35 2.26
C ALA J 94 49.60 34.99 3.59
N PRO J 95 48.87 34.36 4.50
CA PRO J 95 49.46 34.06 5.82
C PRO J 95 50.47 32.93 5.80
N PHE J 96 50.18 31.85 5.07
CA PHE J 96 51.04 30.68 5.05
C PHE J 96 51.37 30.30 3.61
N ASP J 97 52.60 29.87 3.39
CA ASP J 97 52.96 29.31 2.10
C ASP J 97 52.44 27.88 1.98
N GLN J 98 52.29 27.41 0.75
CA GLN J 98 51.75 26.07 0.51
C GLN J 98 52.68 25.00 1.08
N ALA J 99 53.99 25.17 0.92
CA ALA J 99 54.96 24.17 1.35
C ALA J 99 55.58 24.48 2.71
N THR J 100 56.23 25.64 2.85
CA THR J 100 56.86 25.97 4.12
C THR J 100 55.83 26.22 5.21
N GLY J 101 54.76 26.94 4.88
CA GLY J 101 53.73 27.23 5.86
C GLY J 101 54.10 28.26 6.89
N GLY J 102 55.18 29.01 6.65
CA GLY J 102 55.57 30.04 7.60
C GLY J 102 54.59 31.20 7.59
N TYR J 103 54.61 31.98 8.66
CA TYR J 103 53.71 33.12 8.82
C TYR J 103 54.33 34.33 8.13
N HIS J 104 53.63 34.86 7.12
CA HIS J 104 54.09 36.03 6.37
C HIS J 104 53.32 37.29 6.71
N GLY J 105 52.37 37.23 7.63
CA GLY J 105 51.62 38.41 8.02
C GLY J 105 52.29 39.19 9.14
N GLY J 106 51.59 40.22 9.60
CA GLY J 106 52.07 41.06 10.68
C GLY J 106 52.29 40.30 11.98
N GLU J 107 53.47 40.47 12.58
CA GLU J 107 53.77 39.80 13.83
C GLU J 107 52.89 40.33 14.96
N LYS J 108 52.72 41.64 15.04
CA LYS J 108 51.86 42.22 16.06
C LYS J 108 50.40 41.92 15.73
N SER J 109 49.70 41.33 16.70
CA SER J 109 48.33 40.91 16.48
C SER J 109 47.42 42.12 16.22
N VAL J 110 46.34 41.88 15.48
CA VAL J 110 45.43 42.96 15.13
C VAL J 110 44.77 43.52 16.38
N THR J 111 44.89 44.83 16.58
CA THR J 111 44.30 45.52 17.71
C THR J 111 43.21 46.46 17.20
N GLN J 112 41.96 46.15 17.54
CA GLN J 112 40.82 46.95 17.10
C GLN J 112 40.10 47.48 18.33
N GLN J 113 39.83 48.78 18.34
CA GLN J 113 39.18 49.43 19.47
C GLN J 113 37.68 49.20 19.38
N VAL J 114 37.18 48.25 20.17
CA VAL J 114 35.75 47.99 20.23
C VAL J 114 35.02 49.21 20.79
N ASP J 115 35.58 49.83 21.82
CA ASP J 115 35.01 51.02 22.42
C ASP J 115 36.13 51.98 22.79
N SER J 116 35.75 53.25 22.99
CA SER J 116 36.74 54.25 23.39
C SER J 116 37.33 53.92 24.76
N ALA J 117 36.50 53.47 25.70
CA ALA J 117 36.98 53.17 27.05
C ALA J 117 37.84 51.91 27.07
N ARG J 118 37.38 50.84 26.44
CA ARG J 118 38.07 49.55 26.49
C ARG J 118 38.78 49.28 25.18
N THR J 119 40.09 49.06 25.26
CA THR J 119 40.90 48.70 24.11
C THR J 119 41.68 47.43 24.43
N MET J 120 41.47 46.38 23.62
CA MET J 120 42.13 45.11 23.82
C MET J 120 42.26 44.40 22.49
N VAL J 121 43.08 43.35 22.46
CA VAL J 121 43.39 42.64 21.22
C VAL J 121 42.24 41.65 20.98
N ILE J 122 41.43 41.94 19.96
CA ILE J 122 40.32 41.06 19.61
C ILE J 122 40.83 39.83 18.89
N GLY J 123 41.48 40.01 17.75
CA GLY J 123 41.93 38.89 16.95
C GLY J 123 43.30 38.39 17.36
N HIS J 124 43.82 37.45 16.57
CA HIS J 124 45.13 36.87 16.80
C HIS J 124 45.80 36.57 15.48
N THR J 125 47.12 36.42 15.53
CA THR J 125 47.89 36.08 14.33
C THR J 125 47.51 34.69 13.84
N GLY J 126 47.72 34.46 12.55
CA GLY J 126 47.50 33.13 12.00
C GLY J 126 48.45 32.11 12.60
N ALA J 127 49.49 32.58 13.28
CA ALA J 127 50.42 31.67 13.95
C ALA J 127 49.73 30.90 15.07
N GLN J 128 48.96 31.59 15.91
CA GLN J 128 48.49 31.00 17.17
C GLN J 128 47.69 29.71 16.94
N ILE J 129 47.05 29.59 15.78
CA ILE J 129 46.21 28.41 15.55
C ILE J 129 47.07 27.19 15.21
N PHE J 130 48.34 27.40 14.88
CA PHE J 130 49.32 26.30 14.85
C PHE J 130 50.63 26.60 15.57
N ASN J 131 51.09 27.85 15.55
CA ASN J 131 52.38 28.24 16.10
C ASN J 131 52.30 28.62 17.56
N SER J 132 51.37 28.05 18.31
CA SER J 132 51.20 28.35 19.72
C SER J 132 51.18 27.04 20.50
N ILE J 133 52.00 26.97 21.55
CA ILE J 133 52.02 25.87 22.50
C ILE J 133 52.02 26.47 23.91
N THR J 134 50.93 26.26 24.64
CA THR J 134 50.75 26.95 25.91
C THR J 134 51.35 26.16 27.07
N SER J 135 51.75 26.90 28.11
CA SER J 135 52.42 26.27 29.24
C SER J 135 51.45 25.53 30.16
N ASN J 136 50.18 25.95 30.18
CA ASN J 136 49.20 25.26 31.02
C ASN J 136 49.00 23.82 30.55
N ALA J 137 49.20 23.56 29.27
CA ALA J 137 49.11 22.22 28.74
C ALA J 137 50.19 21.34 29.35
N VAL J 138 49.86 20.06 29.55
CA VAL J 138 50.80 19.12 30.18
C VAL J 138 52.00 18.91 29.27
N PRO J 139 53.22 19.15 29.75
CA PRO J 139 54.40 18.91 28.91
C PRO J 139 54.62 17.42 28.66
N GLU J 140 55.35 17.14 27.59
CA GLU J 140 55.69 15.76 27.28
C GLU J 140 56.59 15.18 28.37
N PRO J 141 56.24 14.02 28.93
CA PRO J 141 57.08 13.45 30.01
C PRO J 141 58.50 13.14 29.58
N ASP J 142 58.72 12.74 28.32
CA ASP J 142 60.04 12.31 27.90
C ASP J 142 61.05 13.45 27.98
N GLY J 143 60.66 14.64 27.50
CA GLY J 143 61.53 15.79 27.60
C GLY J 143 62.36 16.03 26.36
N SER J 144 61.98 17.03 25.58
CA SER J 144 62.70 17.40 24.36
C SER J 144 62.31 18.82 24.00
N ASP J 145 62.92 19.34 22.94
CA ASP J 145 62.54 20.70 22.45
C ASP J 145 61.29 20.55 21.56
N SER J 146 60.10 20.68 22.15
CA SER J 146 58.85 20.57 21.35
C SER J 146 58.81 21.69 20.33
N GLU J 147 58.43 21.38 19.08
CA GLU J 147 58.45 22.41 18.00
C GLU J 147 57.17 23.26 18.11
N LYS J 148 57.30 24.58 18.07
CA LYS J 148 56.14 25.50 18.28
C LYS J 148 55.06 25.29 17.21
N ASN J 149 55.45 25.08 15.96
CA ASN J 149 54.46 24.92 14.86
C ASN J 149 53.69 23.61 15.05
N LEU J 150 52.43 23.58 14.61
CA LEU J 150 51.68 22.29 14.65
C LEU J 150 51.99 21.54 13.35
N PHE J 151 52.21 22.26 12.24
CA PHE J 151 52.43 21.54 10.99
C PHE J 151 53.66 20.64 11.10
N VAL J 152 54.68 21.09 11.83
CA VAL J 152 55.93 20.34 11.90
C VAL J 152 55.73 19.02 12.64
N MET J 153 54.78 18.97 13.58
CA MET J 153 54.42 17.70 14.22
C MET J 153 54.07 16.64 13.19
N LEU J 154 53.03 16.89 12.40
CA LEU J 154 52.56 15.85 11.50
C LEU J 154 53.51 15.70 10.30
N ASP J 155 54.29 16.75 10.01
CA ASP J 155 55.37 16.61 9.03
C ASP J 155 56.39 15.58 9.48
N THR J 156 56.83 15.65 10.74
CA THR J 156 57.74 14.66 11.28
C THR J 156 57.09 13.28 11.34
N ALA J 157 55.79 13.25 11.66
CA ALA J 157 55.07 11.98 11.68
C ALA J 157 55.11 11.30 10.32
N ILE J 158 54.81 12.05 9.26
CA ILE J 158 54.84 11.48 7.90
C ILE J 158 56.27 11.14 7.51
N ALA J 159 57.24 11.94 7.94
CA ALA J 159 58.64 11.66 7.62
C ALA J 159 59.08 10.33 8.22
N ALA J 160 58.70 10.07 9.47
CA ALA J 160 59.03 8.80 10.09
C ALA J 160 58.19 7.66 9.51
N LEU J 161 56.95 7.97 9.11
CA LEU J 161 56.03 6.94 8.65
C LEU J 161 56.38 6.42 7.27
N LYS J 162 56.75 7.33 6.36
CA LYS J 162 57.02 6.94 4.97
C LYS J 162 58.21 6.00 4.88
N THR J 163 59.26 6.27 5.65
CA THR J 163 60.47 5.47 5.57
C THR J 163 60.20 4.04 6.02
N PRO J 164 60.61 3.03 5.25
CA PRO J 164 60.42 1.64 5.68
C PRO J 164 61.27 1.29 6.89
N VAL J 165 60.61 0.97 8.01
CA VAL J 165 61.32 0.72 9.26
C VAL J 165 61.56 -0.75 9.54
N GLU J 166 60.96 -1.65 8.76
CA GLU J 166 61.11 -3.08 9.02
C GLU J 166 62.55 -3.53 8.80
N GLY J 167 63.01 -4.45 9.63
CA GLY J 167 64.31 -5.05 9.50
C GLY J 167 65.42 -4.39 10.30
N ASN J 168 65.17 -3.23 10.89
CA ASN J 168 66.19 -2.52 11.67
C ASN J 168 65.60 -2.15 13.02
N ASN J 169 66.15 -2.72 14.09
CA ASN J 169 65.61 -2.51 15.42
C ASN J 169 65.74 -1.04 15.86
N VAL J 170 66.89 -0.43 15.58
CA VAL J 170 67.08 0.97 15.96
C VAL J 170 66.15 1.87 15.15
N GLU J 171 65.92 1.53 13.88
CA GLU J 171 64.99 2.30 13.08
C GLU J 171 63.57 2.14 13.59
N LYS J 172 63.20 0.92 14.00
CA LYS J 172 61.88 0.71 14.58
C LYS J 172 61.70 1.50 15.87
N GLU J 173 62.72 1.53 16.73
CA GLU J 173 62.59 2.23 17.99
C GLU J 173 62.57 3.75 17.78
N LYS J 174 63.34 4.26 16.82
CA LYS J 174 63.28 5.69 16.54
C LYS J 174 61.93 6.06 15.93
N ALA J 175 61.36 5.17 15.11
CA ALA J 175 60.02 5.42 14.57
C ALA J 175 58.98 5.43 15.68
N ALA J 176 59.11 4.51 16.63
CA ALA J 176 58.18 4.48 17.76
C ALA J 176 58.29 5.74 18.60
N ALA J 177 59.53 6.18 18.88
CA ALA J 177 59.73 7.40 19.64
C ALA J 177 59.18 8.62 18.89
N ALA J 178 59.38 8.68 17.58
CA ALA J 178 58.84 9.77 16.78
C ALA J 178 57.32 9.78 16.81
N ILE J 179 56.71 8.60 16.69
CA ILE J 179 55.25 8.50 16.72
C ILE J 179 54.72 8.94 18.08
N ASP J 180 55.39 8.52 19.16
CA ASP J 180 54.98 8.94 20.50
C ASP J 180 55.08 10.45 20.65
N LYS J 181 56.19 11.04 20.20
CA LYS J 181 56.35 12.48 20.27
C LYS J 181 55.28 13.19 19.47
N THR J 182 54.96 12.68 18.27
CA THR J 182 53.96 13.33 17.43
C THR J 182 52.58 13.25 18.04
N ASN J 183 52.22 12.11 18.64
CA ASN J 183 50.88 12.03 19.23
C ASN J 183 50.77 12.90 20.48
N ARG J 184 51.83 12.95 21.30
CA ARG J 184 51.80 13.85 22.45
C ARG J 184 51.78 15.31 22.01
N GLY J 185 52.47 15.62 20.92
CA GLY J 185 52.39 16.97 20.37
C GLY J 185 51.00 17.28 19.83
N LEU J 186 50.32 16.28 19.28
CA LEU J 186 48.94 16.47 18.85
C LEU J 186 48.03 16.75 20.03
N LYS J 187 48.23 16.05 21.15
CA LYS J 187 47.45 16.34 22.34
C LYS J 187 47.72 17.76 22.86
N ASN J 188 49.00 18.16 22.88
CA ASN J 188 49.34 19.52 23.29
C ASN J 188 48.73 20.54 22.34
N SER J 189 48.71 20.24 21.04
CA SER J 189 48.13 21.15 20.06
C SER J 189 46.62 21.25 20.23
N LEU J 190 45.96 20.14 20.57
CA LEU J 190 44.54 20.19 20.89
C LEU J 190 44.30 21.06 22.12
N ASN J 191 45.17 20.94 23.12
CA ASN J 191 45.08 21.83 24.28
C ASN J 191 45.21 23.30 23.85
N ASN J 192 46.17 23.58 22.96
CA ASN J 192 46.35 24.94 22.48
C ASN J 192 45.12 25.44 21.73
N VAL J 193 44.55 24.59 20.89
CA VAL J 193 43.37 24.97 20.11
C VAL J 193 42.19 25.22 21.02
N LEU J 194 42.00 24.36 22.03
CA LEU J 194 40.92 24.57 22.98
C LEU J 194 41.11 25.86 23.76
N THR J 195 42.35 26.16 24.16
CA THR J 195 42.59 27.41 24.88
C THR J 195 42.30 28.62 24.00
N VAL J 196 42.84 28.64 22.77
CA VAL J 196 42.64 29.79 21.90
C VAL J 196 41.17 29.93 21.55
N ARG J 197 40.46 28.81 21.39
CA ARG J 197 39.02 28.86 21.23
C ARG J 197 38.36 29.42 22.47
N ALA J 198 38.94 29.17 23.65
CA ALA J 198 38.40 29.76 24.87
C ALA J 198 38.45 31.28 24.83
N GLU J 199 39.61 31.84 24.47
CA GLU J 199 39.65 33.30 24.38
C GLU J 199 38.74 33.82 23.27
N LEU J 200 38.78 33.21 22.08
CA LEU J 200 37.98 33.73 20.98
C LEU J 200 36.49 33.62 21.27
N GLY J 201 36.06 32.51 21.87
CA GLY J 201 34.68 32.41 22.33
C GLY J 201 34.39 33.40 23.43
N THR J 202 35.41 33.79 24.20
CA THR J 202 35.20 34.88 25.14
C THR J 202 34.82 36.17 24.42
N GLN J 203 35.60 36.59 23.42
CA GLN J 203 35.22 37.81 22.71
C GLN J 203 33.91 37.62 21.95
N LEU J 204 33.56 36.39 21.59
CA LEU J 204 32.40 36.18 20.73
C LEU J 204 31.11 36.05 21.53
N SER J 205 31.21 35.62 22.80
CA SER J 205 30.05 35.48 23.65
C SER J 205 30.08 36.43 24.84
N GLU J 206 31.10 36.34 25.70
CA GLU J 206 31.09 37.11 26.94
C GLU J 206 31.47 38.56 26.69
N LEU J 207 32.61 38.79 26.04
CA LEU J 207 32.98 40.15 25.69
C LEU J 207 32.04 40.73 24.65
N SER J 208 31.42 39.87 23.83
CA SER J 208 30.41 40.37 22.89
C SER J 208 29.16 40.83 23.63
N THR J 209 28.77 40.12 24.70
CA THR J 209 27.66 40.58 25.52
C THR J 209 28.04 41.85 26.26
N LEU J 210 29.31 41.99 26.65
CA LEU J 210 29.77 43.24 27.22
C LEU J 210 29.66 44.39 26.22
N ASP J 211 30.02 44.12 24.96
CA ASP J 211 29.87 45.12 23.91
C ASP J 211 28.40 45.47 23.70
N SER J 212 27.53 44.46 23.75
CA SER J 212 26.09 44.71 23.64
C SER J 212 25.59 45.57 24.80
N LEU J 213 26.09 45.32 26.00
CA LEU J 213 25.71 46.14 27.16
C LEU J 213 26.21 47.57 27.01
N GLY J 214 27.42 47.74 26.47
CA GLY J 214 27.90 49.09 26.19
C GLY J 214 27.06 49.78 25.13
N SER J 215 26.58 49.03 24.14
CA SER J 215 25.66 49.58 23.15
C SER J 215 24.34 49.99 23.80
N ASP J 216 23.86 49.19 24.75
CA ASP J 216 22.67 49.57 25.51
C ASP J 216 22.90 50.85 26.29
N ARG J 217 24.08 50.97 26.91
CA ARG J 217 24.41 52.20 27.64
C ARG J 217 24.42 53.40 26.70
N ALA J 218 25.00 53.26 25.52
CA ALA J 218 25.04 54.36 24.56
C ALA J 218 23.64 54.72 24.08
N LEU J 219 22.82 53.71 23.80
CA LEU J 219 21.45 53.97 23.34
C LEU J 219 20.62 54.65 24.43
N GLY J 220 20.83 54.26 25.69
CA GLY J 220 20.17 54.95 26.77
C GLY J 220 20.66 56.38 26.93
N GLN J 221 21.96 56.60 26.71
CA GLN J 221 22.50 57.96 26.74
C GLN J 221 21.92 58.81 25.61
N LYS J 222 21.56 58.17 24.50
CA LYS J 222 20.90 58.89 23.41
C LYS J 222 19.59 59.53 23.89
N LEU J 223 18.92 58.89 24.84
CA LEU J 223 17.71 59.45 25.44
C LEU J 223 18.03 60.63 26.35
#